data_8ZU8
#
_entry.id   8ZU8
#
loop_
_entity.id
_entity.type
_entity.pdbx_description
1 polymer 'Piezo-type mechanosensitive ion channel component 1'
2 non-polymer '(1S)-2-{[(S)-(2-aminoethoxy)(hydroxy)phosphoryl]oxy}-1-[(octadecanoyloxy)methyl]ethyl (9Z)-octadec-9-enoate'
#
_entity_poly.entity_id   1
_entity_poly.type   'polypeptide(L)'
_entity_poly.pdbx_seq_one_letter_code
;ELVKGVYAKYWIYVCAGMFIVVSFAGRLVVYKIVYMFLFLLCLTLFQVYYSLWRKLLKAFWWLVVAYTMLVLIAVYTFQF
QDFPAYWRNLTGFTDEQLGDLGLEQFSVSELFSSILVPGFFLLACILQLHYFHRPFMQLTDMEHVSLPGTRLPRWAHRQD
AVSGTPLLREEQQEHQQQQQEEEEEEEDSRDEGLGVATPHQATQVPEGAAKWGLVAERLLELAAGFSDVLSRVQVFLRRL
LELHVFKLVALYTVWVALKEVSVMNLLLVVLWAFALPYPRFRPMASCLSTVWTCVIIVCKMLYQLKVVNPQEYSSNCTEP
FPNSTNLLPTEISQSLLYRGPVDPANWFGVRKGFPNLGYIQNHLQVLLLLVFEAIVYRRQEHYRRQHQLAPLPAQAVFAS
GTRQQLDQDLLGCLKYFINFFFYKFGLEICFLMAVNVIGQRMNFLVTLHGCWLVAILTRRHRQAIARLWPNYCLFLALFL
LYQYLLCLGMPPALCIDYPWRWSRAVPMNSALIKWLYLPDFFRAPNSTNLISDFLLLLCASQQWQVFSAERTEEWQRMAG
VNTDRLEPLRGEPNPVPNFIHCRSYLDMLKVAVFRYLFWLVLVVVFVTGATRISIFGLGYLLACFYLLLFGTALLQRDTR
ARLVLWDCLILYNVTVIISKNMLSLLACVFVEQMQTGFCWVIQLFSLVCTVKGYYDPKEMMDRDQDCLLPVEEAGIIWDS
VCFFFLLLQRRVFLSHYYLHVRADLQATALLASRGFALYNAANLKSIDFHRRIEEKSLAQLKRQMERIRAKQEKHRQGRV
DRSRPQDTLGPKDPGLEPGPDSPGGSSPPRRQWWRPWLDHATVIHSGDYFLFESDSEEEEEAVPEDPRPSAQSAFQLAYQ
AWVTNAQAVLRRRQQEQEQARQEQAGQLPTGGGPSQEVEPAEGPEEAAAGRSHVVQRVLSTAQFLWMLGQALVDELTRWL
QEFTRHHGTMSDVLRAERYLLTQELLQGGEVHRGVLDQLYTSQAEATLPGPTEAPNAPSTVSSGLGAEEPLSSMTDDMGS
PLSTGYHTRSGSEEAVTDPGEREAGASLYQGLMRTASELLLDRRLRIPELEEAELFAEGQGRALRLLRAVYQCVAAHSEL
LCYFIIILNHMVTASAGSLVLPVLVFLWAMLSIPRPSKRFWMTAIVFTEIAVVVKYLFQFGFFPWNSHVVLRRYENKPYF
PPRILGLEKTDGYIKYDLVQLMALFFHRSQLLCYGLWDHEEDSPSKEHDKSGEEEQGAEEGPGVPAATTEDHIQVEARVG
PTDGTPEPQVELRPRDTRRISLRFRRRKKEGPARKGAAAIEAEDREEEEGEEEKEAPTGREKRPSRSGGRVRAAGRRLQG
FCLSLAQGTYRPLRRFFHDILHTKYRAATDVYALMFLADVVDFIIIIFGFWAFGKHSAVTDITSSLSDDQVPEAFLVMLL
IQFSTMVVDRALYLRKTVLGKLAFQVALVLAIHLWMFFILPAVTERMFNQNVVAQLWYFVKCIYFALSAYQIRCGYPTRI
LGNFLTKKYNHLNLFLFQGFRLVPFLVELRAVMDWVWTDTTLSLSSWMCVEDIYANIFIIKCSRETEKKYPQPKGQKKKK
IVKYGMGGLIILFLIAIIWFPLLFMSLVRSVVGVVNQPIDVTVTLKLGGYEPLFTMSAQQPSIIPFTAQAYEELSRQFDP
QPLAMQFISQYSPEDIVTAQIEGSSGALWRISPPSRAQMKRELYNGTADITLRFTWNFQRDLAKGGTVEYANEKHMLALA
PNSTARRQLASLLEGTSDQSVVIPNLFPKYIRAPNGPEANPVKQLQPNEEADYLGVRIQLRREQGAGATGFLEWWVIELQ
ECRTDCNLLPMVIFSDKVSPPSLGFLAGYGIMGLYVSIVLVIGKFVRGFFSEISHSIMFEELPCVDRILKLCQDIFLVRE
TRELELEEELYAKLIFLYRSPETMIKWTREKE
;
_entity_poly.pdbx_strand_id   A,B,C
#
loop_
_chem_comp.id
_chem_comp.type
_chem_comp.name
_chem_comp.formula
L9Q non-polymer '(1S)-2-{[(S)-(2-aminoethoxy)(hydroxy)phosphoryl]oxy}-1-[(octadecanoyloxy)methyl]ethyl (9Z)-octadec-9-enoate' 'C41 H80 N O8 P'
#
# COMPACT_ATOMS: atom_id res chain seq x y z
N GLU A 1 -8.21 -106.40 -7.13
CA GLU A 1 -6.81 -106.79 -7.26
C GLU A 1 -5.95 -105.63 -7.72
N LEU A 2 -6.57 -104.47 -7.90
CA LEU A 2 -5.82 -103.29 -8.32
C LEU A 2 -4.79 -102.95 -7.26
N VAL A 3 -5.23 -102.89 -6.00
CA VAL A 3 -4.31 -102.55 -4.91
C VAL A 3 -3.37 -103.69 -4.61
N LYS A 4 -3.79 -104.91 -4.92
CA LYS A 4 -2.89 -106.04 -4.74
C LYS A 4 -1.75 -105.92 -5.72
N GLY A 5 -2.04 -105.44 -6.94
CA GLY A 5 -1.00 -105.24 -7.93
C GLY A 5 -0.16 -104.04 -7.60
N VAL A 6 -0.75 -103.05 -6.93
CA VAL A 6 0.01 -101.89 -6.51
C VAL A 6 1.02 -102.39 -5.49
N TYR A 7 0.58 -103.28 -4.62
CA TYR A 7 1.47 -103.84 -3.61
C TYR A 7 2.40 -104.86 -4.23
N ALA A 8 2.09 -105.34 -5.40
CA ALA A 8 3.01 -106.29 -5.94
C ALA A 8 4.07 -105.59 -6.76
N LYS A 9 4.26 -104.29 -6.67
CA LYS A 9 5.22 -103.52 -7.45
C LYS A 9 5.79 -102.36 -6.64
N TYR A 10 4.94 -101.67 -5.89
CA TYR A 10 5.40 -100.50 -5.15
C TYR A 10 5.17 -100.59 -3.65
N TRP A 11 5.68 -101.65 -3.02
CA TRP A 11 5.43 -101.82 -1.60
C TRP A 11 6.44 -102.78 -0.97
N ILE A 12 7.28 -103.37 -1.79
CA ILE A 12 8.32 -104.26 -1.27
C ILE A 12 9.29 -103.35 -0.54
N TYR A 13 9.37 -102.10 -0.97
CA TYR A 13 10.28 -101.14 -0.37
C TYR A 13 9.84 -100.70 1.00
N VAL A 14 8.58 -100.97 1.36
CA VAL A 14 8.13 -100.65 2.70
C VAL A 14 8.86 -101.59 3.65
N CYS A 15 8.97 -102.87 3.27
CA CYS A 15 9.72 -103.81 4.10
C CYS A 15 11.16 -103.38 4.25
N ALA A 16 11.75 -102.90 3.17
CA ALA A 16 13.15 -102.46 3.23
C ALA A 16 13.32 -101.25 4.13
N GLY A 17 12.40 -100.29 4.03
CA GLY A 17 12.49 -99.11 4.86
C GLY A 17 12.34 -99.49 6.32
N MET A 18 11.46 -100.44 6.60
CA MET A 18 11.24 -100.87 7.96
C MET A 18 12.47 -101.55 8.54
N PHE A 19 13.22 -102.25 7.70
CA PHE A 19 14.46 -102.87 8.15
C PHE A 19 15.31 -101.81 8.81
N ILE A 20 15.51 -100.70 8.11
CA ILE A 20 16.29 -99.60 8.65
C ILE A 20 15.71 -99.09 9.97
N VAL A 21 14.40 -98.87 10.02
CA VAL A 21 13.77 -98.35 11.24
C VAL A 21 14.13 -99.20 12.45
N VAL A 22 14.02 -100.53 12.33
CA VAL A 22 14.41 -101.41 13.44
C VAL A 22 15.85 -101.17 13.83
N SER A 23 16.76 -101.24 12.85
CA SER A 23 18.18 -101.06 13.12
C SER A 23 18.52 -99.73 13.78
N PHE A 24 17.71 -98.71 13.53
CA PHE A 24 17.97 -97.40 14.09
C PHE A 24 16.91 -97.02 15.11
N ALA A 25 16.57 -97.93 16.01
CA ALA A 25 15.60 -97.64 17.04
C ALA A 25 16.28 -97.39 18.38
N GLY A 26 16.90 -96.22 18.53
CA GLY A 26 17.58 -95.90 19.76
C GLY A 26 18.97 -96.46 19.81
N ARG A 27 19.48 -96.71 21.01
CA ARG A 27 20.83 -97.24 21.17
C ARG A 27 20.97 -98.52 20.38
N LEU A 28 21.80 -98.48 19.35
CA LEU A 28 22.00 -99.66 18.53
C LEU A 28 23.02 -100.57 19.14
N VAL A 29 22.59 -101.73 19.61
CA VAL A 29 23.55 -102.69 20.13
C VAL A 29 23.79 -103.66 19.00
N VAL A 30 24.65 -104.64 19.22
CA VAL A 30 25.01 -105.59 18.17
C VAL A 30 23.84 -106.08 17.35
N TYR A 31 22.76 -106.52 17.99
CA TYR A 31 21.65 -107.08 17.24
C TYR A 31 21.02 -106.12 16.24
N LYS A 32 20.89 -104.85 16.64
CA LYS A 32 20.32 -103.84 15.75
C LYS A 32 21.28 -103.57 14.60
N ILE A 33 22.57 -103.64 14.87
CA ILE A 33 23.55 -103.46 13.81
C ILE A 33 23.52 -104.65 12.84
N VAL A 34 23.26 -105.85 13.33
CA VAL A 34 23.14 -107.00 12.44
C VAL A 34 21.87 -106.85 11.63
N TYR A 35 20.85 -106.23 12.21
CA TYR A 35 19.63 -105.98 11.45
C TYR A 35 19.99 -105.13 10.24
N MET A 36 20.81 -104.11 10.45
CA MET A 36 21.23 -103.28 9.35
C MET A 36 21.95 -104.12 8.32
N PHE A 37 22.91 -104.95 8.75
CA PHE A 37 23.66 -105.81 7.82
C PHE A 37 22.74 -106.63 6.94
N LEU A 38 21.63 -107.12 7.49
CA LEU A 38 20.68 -107.88 6.70
C LEU A 38 20.01 -107.02 5.65
N PHE A 39 19.60 -105.81 6.02
CA PHE A 39 19.03 -104.90 5.03
C PHE A 39 20.04 -104.70 3.92
N LEU A 40 21.27 -104.38 4.31
CA LEU A 40 22.31 -104.16 3.33
C LEU A 40 22.47 -105.36 2.41
N LEU A 41 22.53 -106.57 2.97
CA LEU A 41 22.75 -107.76 2.16
C LEU A 41 21.74 -107.88 1.05
N CYS A 42 20.47 -107.61 1.37
CA CYS A 42 19.42 -107.68 0.37
C CYS A 42 19.72 -106.74 -0.78
N LEU A 43 19.88 -105.46 -0.48
CA LEU A 43 20.11 -104.48 -1.52
C LEU A 43 21.40 -104.70 -2.31
N THR A 44 22.44 -105.22 -1.65
CA THR A 44 23.68 -105.48 -2.36
C THR A 44 23.54 -106.59 -3.39
N LEU A 45 22.89 -107.68 -3.03
CA LEU A 45 22.70 -108.77 -3.99
C LEU A 45 21.86 -108.32 -5.17
N PHE A 46 20.93 -107.40 -4.95
CA PHE A 46 20.11 -106.88 -6.04
C PHE A 46 21.01 -106.40 -7.16
N GLN A 47 22.02 -105.63 -6.80
CA GLN A 47 22.96 -105.16 -7.81
C GLN A 47 23.81 -106.29 -8.36
N VAL A 48 24.56 -106.96 -7.51
CA VAL A 48 25.48 -108.00 -7.99
C VAL A 48 24.84 -109.06 -8.88
N TYR A 49 23.83 -109.77 -8.38
CA TYR A 49 23.22 -110.84 -9.13
C TYR A 49 21.71 -110.69 -9.10
N TYR A 50 21.13 -110.05 -10.11
CA TYR A 50 19.70 -109.80 -10.10
C TYR A 50 18.90 -111.08 -10.04
N SER A 51 19.28 -112.06 -10.84
CA SER A 51 18.57 -113.34 -10.86
C SER A 51 18.54 -113.97 -9.50
N LEU A 52 19.71 -114.05 -8.85
CA LEU A 52 19.77 -114.65 -7.53
C LEU A 52 19.02 -113.83 -6.49
N TRP A 53 19.02 -112.50 -6.61
CA TRP A 53 18.27 -111.68 -5.68
C TRP A 53 16.82 -112.05 -5.76
N ARG A 54 16.29 -112.13 -6.98
CA ARG A 54 14.91 -112.51 -7.16
C ARG A 54 14.65 -113.91 -6.59
N LYS A 55 15.61 -114.81 -6.73
CA LYS A 55 15.45 -116.15 -6.20
C LYS A 55 15.29 -116.21 -4.68
N LEU A 56 16.00 -115.36 -3.95
CA LEU A 56 15.83 -115.33 -2.49
C LEU A 56 15.16 -114.04 -2.03
N LEU A 57 14.00 -113.72 -2.60
CA LEU A 57 13.32 -112.47 -2.26
C LEU A 57 12.59 -112.56 -0.93
N LYS A 58 11.45 -113.25 -0.97
CA LYS A 58 10.63 -113.40 0.22
C LYS A 58 11.22 -114.43 1.16
N ALA A 59 12.17 -115.22 0.69
CA ALA A 59 12.82 -116.16 1.61
C ALA A 59 13.56 -115.31 2.61
N PHE A 60 14.17 -114.23 2.12
CA PHE A 60 14.88 -113.34 3.02
C PHE A 60 13.92 -112.59 3.94
N TRP A 61 12.72 -112.24 3.49
CA TRP A 61 11.78 -111.60 4.41
C TRP A 61 11.19 -112.60 5.42
N TRP A 62 11.24 -113.88 5.12
CA TRP A 62 10.79 -114.88 6.07
C TRP A 62 11.89 -115.04 7.09
N LEU A 63 13.14 -114.90 6.64
CA LEU A 63 14.24 -114.95 7.58
C LEU A 63 14.15 -113.69 8.43
N VAL A 64 13.51 -112.67 7.87
CA VAL A 64 13.35 -111.43 8.60
C VAL A 64 12.42 -111.70 9.75
N VAL A 65 11.23 -112.23 9.46
CA VAL A 65 10.39 -112.55 10.61
C VAL A 65 11.17 -113.37 11.64
N ALA A 66 11.95 -114.34 11.16
CA ALA A 66 12.76 -115.17 12.07
C ALA A 66 13.61 -114.35 13.05
N TYR A 67 14.40 -113.40 12.53
CA TYR A 67 15.23 -112.56 13.38
C TYR A 67 14.39 -111.75 14.35
N THR A 68 13.40 -111.05 13.82
CA THR A 68 12.57 -110.20 14.68
C THR A 68 11.95 -110.98 15.80
N MET A 69 11.48 -112.20 15.53
CA MET A 69 10.87 -113.04 16.55
C MET A 69 11.77 -113.19 17.77
N LEU A 70 12.95 -113.77 17.57
CA LEU A 70 13.85 -114.02 18.70
C LEU A 70 14.07 -112.78 19.52
N VAL A 71 14.31 -111.67 18.86
CA VAL A 71 14.53 -110.41 19.56
C VAL A 71 13.39 -110.07 20.50
N LEU A 72 12.18 -109.91 19.96
CA LEU A 72 11.08 -109.49 20.81
C LEU A 72 10.81 -110.48 21.94
N ILE A 73 10.91 -111.78 21.66
CA ILE A 73 10.68 -112.78 22.69
C ILE A 73 11.60 -112.57 23.88
N ALA A 74 12.91 -112.49 23.63
CA ALA A 74 13.85 -112.33 24.72
C ALA A 74 13.76 -110.96 25.38
N VAL A 75 13.83 -109.90 24.57
CA VAL A 75 13.79 -108.55 25.12
C VAL A 75 12.35 -108.12 25.34
N SER A 109 6.46 -98.72 27.28
CA SER A 109 7.55 -99.19 28.13
C SER A 109 8.83 -99.30 27.33
N GLU A 110 9.97 -99.14 27.99
CA GLU A 110 11.25 -99.22 27.31
C GLU A 110 11.46 -100.57 26.63
N LEU A 111 11.38 -101.64 27.41
CA LEU A 111 11.59 -102.96 26.85
C LEU A 111 10.52 -103.32 25.84
N PHE A 112 9.30 -102.85 26.07
CA PHE A 112 8.20 -103.17 25.18
C PHE A 112 8.27 -102.38 23.87
N SER A 113 8.97 -101.25 23.88
CA SER A 113 9.13 -100.49 22.65
C SER A 113 10.14 -101.20 21.79
N SER A 114 11.05 -101.94 22.41
CA SER A 114 12.02 -102.72 21.66
C SER A 114 11.41 -104.06 21.22
N ILE A 115 10.12 -104.24 21.46
CA ILE A 115 9.43 -105.46 21.05
C ILE A 115 8.45 -104.96 19.99
N LEU A 116 7.90 -103.78 20.24
CA LEU A 116 6.92 -103.21 19.32
C LEU A 116 7.44 -103.07 17.91
N VAL A 117 8.57 -102.39 17.76
CA VAL A 117 9.13 -102.19 16.43
C VAL A 117 9.45 -103.47 15.65
N PRO A 118 10.12 -104.47 16.28
CA PRO A 118 10.29 -105.70 15.51
C PRO A 118 8.97 -106.32 15.10
N GLY A 119 7.96 -106.23 15.95
CA GLY A 119 6.66 -106.75 15.59
C GLY A 119 6.10 -106.04 14.37
N PHE A 120 6.20 -104.72 14.34
CA PHE A 120 5.68 -103.95 13.21
C PHE A 120 6.37 -104.40 11.95
N PHE A 121 7.68 -104.60 12.04
CA PHE A 121 8.45 -105.02 10.88
C PHE A 121 7.94 -106.33 10.32
N LEU A 122 7.78 -107.35 11.16
CA LEU A 122 7.36 -108.64 10.67
C LEU A 122 5.97 -108.60 10.07
N LEU A 123 5.11 -107.73 10.59
CA LEU A 123 3.75 -107.62 10.07
C LEU A 123 3.77 -107.19 8.61
N ALA A 124 4.57 -106.17 8.29
CA ALA A 124 4.62 -105.69 6.92
C ALA A 124 5.12 -106.78 6.01
N CYS A 125 6.14 -107.51 6.45
CA CYS A 125 6.69 -108.60 5.65
C CYS A 125 5.60 -109.58 5.30
N ILE A 126 4.86 -110.06 6.30
CA ILE A 126 3.79 -111.03 6.08
C ILE A 126 2.91 -110.71 4.89
N LEU A 127 2.43 -109.48 4.82
CA LEU A 127 1.56 -109.09 3.72
C LEU A 127 2.20 -109.33 2.36
N GLN A 128 3.40 -108.81 2.12
CA GLN A 128 4.08 -109.12 0.86
C GLN A 128 4.39 -110.60 0.82
N LEU A 129 5.16 -111.11 1.78
CA LEU A 129 5.56 -112.52 1.84
C LEU A 129 4.70 -113.52 1.11
N HIS A 130 3.44 -113.61 1.47
CA HIS A 130 2.61 -114.63 0.85
C HIS A 130 1.58 -114.10 -0.12
N TYR A 131 1.15 -112.85 0.08
CA TYR A 131 0.06 -112.34 -0.75
C TYR A 131 0.47 -111.52 -1.97
N PHE A 132 1.59 -110.82 -1.91
CA PHE A 132 2.00 -109.98 -3.04
C PHE A 132 3.37 -110.36 -3.59
N HIS A 133 4.07 -111.26 -2.92
CA HIS A 133 5.44 -111.59 -3.36
C HIS A 133 5.45 -112.27 -4.72
N ARG A 134 4.52 -113.19 -4.94
CA ARG A 134 4.49 -113.91 -6.22
C ARG A 134 4.02 -113.05 -7.38
N PRO A 135 2.96 -112.23 -7.19
CA PRO A 135 2.64 -111.35 -8.31
C PRO A 135 3.72 -110.28 -8.52
N PHE A 136 4.58 -110.04 -7.54
CA PHE A 136 5.69 -109.11 -7.74
C PHE A 136 6.74 -109.84 -8.55
N MET A 137 6.96 -111.10 -8.25
CA MET A 137 7.91 -111.88 -9.04
C MET A 137 7.37 -111.97 -10.45
N GLN A 138 6.11 -111.58 -10.63
CA GLN A 138 5.51 -111.59 -11.96
C GLN A 138 5.58 -110.20 -12.57
N LEU A 139 5.67 -109.17 -11.75
CA LEU A 139 5.81 -107.83 -12.28
C LEU A 139 7.25 -107.65 -12.73
N THR A 140 8.18 -108.32 -12.06
CA THR A 140 9.59 -108.24 -12.42
C THR A 140 9.97 -109.25 -13.46
N ASP A 141 9.02 -110.07 -13.88
CA ASP A 141 9.30 -111.07 -14.89
C ASP A 141 9.33 -110.45 -16.28
N MET A 142 10.50 -110.03 -16.73
CA MET A 142 10.61 -109.49 -18.08
C MET A 142 10.90 -110.63 -19.03
N GLU A 143 11.32 -111.76 -18.48
CA GLU A 143 11.59 -112.92 -19.31
C GLU A 143 10.41 -113.88 -19.26
N LEU A 220 -13.16 -88.29 -16.24
CA LEU A 220 -13.51 -89.19 -17.35
C LEU A 220 -12.93 -88.68 -18.66
N GLU A 221 -13.59 -87.68 -19.24
CA GLU A 221 -13.13 -87.13 -20.52
C GLU A 221 -11.69 -86.65 -20.44
N LEU A 222 -11.45 -85.66 -19.59
CA LEU A 222 -10.11 -85.12 -19.46
C LEU A 222 -9.17 -86.07 -18.74
N ALA A 223 -9.71 -87.05 -18.02
CA ALA A 223 -8.87 -88.04 -17.36
C ALA A 223 -8.15 -88.89 -18.38
N ALA A 224 -8.83 -89.27 -19.45
CA ALA A 224 -8.17 -90.02 -20.52
C ALA A 224 -7.11 -89.18 -21.20
N GLY A 225 -7.43 -87.91 -21.45
CA GLY A 225 -6.44 -87.01 -22.03
C GLY A 225 -5.24 -86.87 -21.12
N PHE A 226 -5.49 -86.67 -19.82
CA PHE A 226 -4.40 -86.55 -18.85
C PHE A 226 -3.58 -87.82 -18.85
N SER A 227 -4.23 -88.97 -18.85
CA SER A 227 -3.51 -90.23 -18.83
C SER A 227 -2.55 -90.32 -20.00
N ASP A 228 -2.99 -89.90 -21.18
CA ASP A 228 -2.11 -89.91 -22.34
C ASP A 228 -0.97 -88.92 -22.20
N VAL A 229 -1.26 -87.71 -21.75
CA VAL A 229 -0.21 -86.73 -21.53
C VAL A 229 0.81 -87.29 -20.56
N LEU A 230 0.35 -87.77 -19.41
CA LEU A 230 1.24 -88.32 -18.40
C LEU A 230 2.04 -89.49 -18.96
N SER A 231 1.41 -90.31 -19.80
CA SER A 231 2.12 -91.42 -20.41
C SER A 231 3.31 -90.94 -21.23
N ARG A 232 3.10 -89.93 -22.07
CA ARG A 232 4.19 -89.38 -22.87
C ARG A 232 5.35 -88.95 -21.98
N VAL A 233 5.03 -88.17 -20.95
CA VAL A 233 6.06 -87.71 -20.03
C VAL A 233 6.85 -88.87 -19.47
N GLN A 234 6.15 -89.84 -18.88
CA GLN A 234 6.82 -90.98 -18.27
C GLN A 234 7.82 -91.66 -19.19
N VAL A 235 7.39 -91.99 -20.40
CA VAL A 235 8.28 -92.66 -21.35
C VAL A 235 9.52 -91.84 -21.62
N PHE A 236 9.33 -90.56 -21.92
CA PHE A 236 10.47 -89.70 -22.20
C PHE A 236 11.45 -89.62 -21.04
N LEU A 237 10.95 -89.41 -19.84
CA LEU A 237 11.82 -89.26 -18.69
C LEU A 237 12.61 -90.51 -18.42
N ARG A 238 12.03 -91.67 -18.71
CA ARG A 238 12.78 -92.90 -18.56
C ARG A 238 13.99 -92.90 -19.49
N ARG A 239 13.78 -92.55 -20.76
CA ARG A 239 14.87 -92.57 -21.70
C ARG A 239 16.02 -91.71 -21.18
N LEU A 240 15.71 -90.47 -20.78
CA LEU A 240 16.77 -89.55 -20.32
C LEU A 240 17.53 -90.12 -19.16
N LEU A 241 16.82 -90.62 -18.15
CA LEU A 241 17.48 -91.14 -16.96
C LEU A 241 18.15 -92.47 -17.18
N GLU A 242 18.04 -93.02 -18.37
CA GLU A 242 18.74 -94.25 -18.66
C GLU A 242 20.17 -93.91 -19.02
N LEU A 243 20.36 -92.80 -19.72
CA LEU A 243 21.71 -92.44 -20.14
C LEU A 243 22.40 -91.40 -19.25
N HIS A 244 21.63 -90.60 -18.53
CA HIS A 244 22.21 -89.55 -17.71
C HIS A 244 22.13 -89.90 -16.23
N VAL A 245 22.66 -91.05 -15.83
CA VAL A 245 22.59 -91.47 -14.45
C VAL A 245 23.95 -91.83 -13.90
N PHE A 246 24.89 -92.24 -14.74
CA PHE A 246 26.23 -92.48 -14.23
C PHE A 246 26.76 -91.15 -13.80
N LYS A 247 26.28 -90.06 -14.43
CA LYS A 247 26.68 -88.73 -14.01
C LYS A 247 26.33 -88.45 -12.55
N LEU A 248 25.05 -88.54 -12.20
CA LEU A 248 24.64 -88.23 -10.83
C LEU A 248 25.20 -89.19 -9.80
N VAL A 249 25.41 -90.44 -10.16
CA VAL A 249 26.04 -91.35 -9.21
C VAL A 249 27.43 -90.84 -8.98
N ALA A 250 28.21 -90.69 -10.04
CA ALA A 250 29.59 -90.27 -9.88
C ALA A 250 29.75 -88.95 -9.17
N LEU A 251 28.91 -87.99 -9.48
CA LEU A 251 28.96 -86.71 -8.76
C LEU A 251 28.64 -86.82 -7.27
N TYR A 252 27.60 -87.53 -6.87
CA TYR A 252 27.34 -87.68 -5.46
C TYR A 252 28.43 -88.43 -4.70
N THR A 253 28.92 -89.56 -5.21
CA THR A 253 30.02 -90.19 -4.48
C THR A 253 31.25 -89.35 -4.39
N VAL A 254 31.41 -88.37 -5.28
CA VAL A 254 32.55 -87.48 -5.14
C VAL A 254 32.25 -86.39 -4.10
N TRP A 255 31.09 -85.75 -4.13
CA TRP A 255 30.75 -84.77 -3.09
C TRP A 255 30.83 -85.32 -1.67
N VAL A 256 30.42 -86.57 -1.47
CA VAL A 256 30.54 -87.19 -0.14
C VAL A 256 32.00 -87.37 0.24
N ALA A 257 32.80 -87.94 -0.64
CA ALA A 257 34.19 -88.19 -0.29
C ALA A 257 35.06 -86.99 -0.47
N LEU A 258 34.48 -85.84 -0.77
CA LEU A 258 35.29 -84.63 -0.82
C LEU A 258 35.02 -83.88 0.48
N LYS A 259 33.92 -84.18 1.15
CA LYS A 259 33.66 -83.57 2.43
C LYS A 259 34.32 -84.37 3.54
N GLU A 260 34.12 -85.69 3.57
CA GLU A 260 34.67 -86.51 4.63
C GLU A 260 36.01 -87.12 4.30
N VAL A 261 37.00 -86.29 4.03
CA VAL A 261 38.30 -86.79 3.62
C VAL A 261 38.89 -87.86 4.52
N SER A 262 39.16 -89.04 3.97
CA SER A 262 39.70 -90.12 4.76
C SER A 262 40.50 -91.10 3.93
N VAL A 263 40.72 -92.29 4.46
CA VAL A 263 41.40 -93.32 3.68
C VAL A 263 40.50 -94.54 3.54
N MET A 264 39.20 -94.33 3.64
CA MET A 264 38.27 -95.43 3.42
C MET A 264 37.17 -94.90 2.53
N ASN A 265 37.17 -93.61 2.26
CA ASN A 265 36.23 -93.06 1.30
C ASN A 265 37.08 -92.64 0.13
N LEU A 266 38.41 -92.78 0.26
CA LEU A 266 39.32 -92.45 -0.82
C LEU A 266 39.16 -93.44 -1.94
N LEU A 267 39.08 -94.72 -1.62
CA LEU A 267 38.84 -95.72 -2.64
C LEU A 267 37.62 -95.39 -3.51
N LEU A 268 36.55 -94.84 -2.94
CA LEU A 268 35.40 -94.42 -3.75
C LEU A 268 35.76 -93.34 -4.77
N VAL A 269 36.58 -92.36 -4.39
CA VAL A 269 37.02 -91.38 -5.39
C VAL A 269 37.75 -92.11 -6.50
N VAL A 270 38.79 -92.89 -6.17
CA VAL A 270 39.47 -93.69 -7.17
C VAL A 270 38.51 -94.39 -8.14
N LEU A 271 37.51 -95.10 -7.62
CA LEU A 271 36.56 -95.81 -8.48
C LEU A 271 35.84 -94.88 -9.43
N TRP A 272 35.08 -93.92 -8.93
CA TRP A 272 34.45 -93.00 -9.87
C TRP A 272 35.33 -91.86 -10.37
N ALA A 273 36.58 -92.11 -10.71
CA ALA A 273 37.45 -91.08 -11.29
C ALA A 273 38.46 -91.77 -12.12
N PHE A 274 38.34 -93.08 -12.25
CA PHE A 274 39.22 -93.78 -13.14
C PHE A 274 38.30 -94.64 -13.95
N ALA A 275 37.01 -94.48 -13.74
CA ALA A 275 36.05 -95.21 -14.53
C ALA A 275 35.26 -94.23 -15.34
N LEU A 276 35.44 -92.94 -15.07
CA LEU A 276 34.80 -91.94 -15.91
C LEU A 276 35.65 -91.69 -17.15
N PRO A 277 36.97 -91.56 -17.02
CA PRO A 277 37.74 -91.45 -18.26
C PRO A 277 37.63 -92.69 -19.11
N TYR A 278 38.02 -93.85 -18.60
CA TYR A 278 37.90 -95.11 -19.34
C TYR A 278 36.53 -95.69 -19.06
N PRO A 279 35.59 -95.56 -20.01
CA PRO A 279 34.22 -95.96 -19.73
C PRO A 279 33.85 -97.40 -19.98
N ARG A 280 34.79 -98.32 -19.89
CA ARG A 280 34.46 -99.73 -20.02
C ARG A 280 34.34 -100.29 -18.62
N PHE A 281 34.89 -99.58 -17.64
CA PHE A 281 34.87 -100.04 -16.28
C PHE A 281 33.56 -99.71 -15.59
N ARG A 282 32.71 -98.88 -16.20
CA ARG A 282 31.47 -98.48 -15.52
C ARG A 282 30.66 -99.55 -14.79
N PRO A 283 30.46 -100.74 -15.40
CA PRO A 283 29.80 -101.78 -14.63
C PRO A 283 30.55 -102.19 -13.35
N MET A 284 31.83 -102.51 -13.46
CA MET A 284 32.60 -102.89 -12.29
C MET A 284 32.76 -101.74 -11.30
N ALA A 285 32.72 -100.49 -11.76
CA ALA A 285 32.77 -99.39 -10.82
C ALA A 285 31.58 -99.50 -9.94
N SER A 286 30.40 -99.56 -10.54
CA SER A 286 29.18 -99.67 -9.76
C SER A 286 29.26 -100.80 -8.77
N CYS A 287 29.66 -101.99 -9.22
CA CYS A 287 29.72 -103.15 -8.34
C CYS A 287 30.59 -102.93 -7.13
N LEU A 288 31.83 -102.54 -7.34
CA LEU A 288 32.73 -102.39 -6.22
C LEU A 288 32.34 -101.25 -5.30
N SER A 289 31.75 -100.18 -5.84
CA SER A 289 31.28 -99.10 -5.00
C SER A 289 30.24 -99.64 -4.04
N THR A 290 29.26 -100.41 -4.52
CA THR A 290 28.20 -100.87 -3.63
C THR A 290 28.72 -101.66 -2.44
N VAL A 291 29.57 -102.65 -2.69
CA VAL A 291 30.15 -103.41 -1.59
C VAL A 291 30.91 -102.50 -0.65
N TRP A 292 31.79 -101.66 -1.19
CA TRP A 292 32.61 -100.81 -0.34
C TRP A 292 31.82 -99.77 0.43
N THR A 293 30.82 -99.14 -0.16
CA THR A 293 30.00 -98.22 0.60
C THR A 293 29.39 -98.94 1.78
N CYS A 294 28.97 -100.19 1.59
CA CYS A 294 28.44 -100.96 2.70
C CYS A 294 29.48 -101.35 3.75
N VAL A 295 30.72 -101.57 3.34
CA VAL A 295 31.77 -101.82 4.32
C VAL A 295 31.90 -100.57 5.17
N ILE A 296 31.97 -99.42 4.54
CA ILE A 296 32.03 -98.17 5.28
C ILE A 296 30.86 -98.08 6.26
N ILE A 297 29.63 -98.28 5.79
CA ILE A 297 28.47 -98.15 6.66
C ILE A 297 28.57 -99.08 7.87
N VAL A 298 28.92 -100.34 7.64
CA VAL A 298 29.03 -101.29 8.74
C VAL A 298 30.08 -100.90 9.76
N CYS A 299 31.30 -100.60 9.32
CA CYS A 299 32.37 -100.21 10.24
C CYS A 299 32.01 -98.99 11.07
N LYS A 300 31.51 -97.96 10.42
CA LYS A 300 31.14 -96.74 11.13
C LYS A 300 30.03 -96.98 12.14
N MET A 301 29.17 -97.96 11.88
CA MET A 301 28.14 -98.28 12.87
C MET A 301 28.73 -99.06 14.03
N LEU A 302 29.61 -100.01 13.75
CA LEU A 302 30.26 -100.76 14.81
C LEU A 302 31.27 -99.87 15.49
N TYR A 303 31.08 -98.56 15.41
CA TYR A 303 31.96 -97.65 16.13
C TYR A 303 31.08 -96.80 17.01
N GLN A 304 29.77 -97.03 16.94
CA GLN A 304 28.87 -96.31 17.80
C GLN A 304 28.50 -97.23 18.95
N LEU A 305 29.37 -98.18 19.25
CA LEU A 305 29.10 -99.13 20.33
C LEU A 305 29.64 -98.65 21.66
N LYS A 306 29.37 -99.38 22.73
CA LYS A 306 29.80 -98.95 24.06
C LYS A 306 31.21 -99.39 24.40
N VAL A 307 31.70 -100.43 23.72
CA VAL A 307 33.06 -100.90 23.95
C VAL A 307 34.01 -100.22 22.97
N VAL A 308 33.46 -99.44 22.06
CA VAL A 308 34.27 -98.74 21.08
C VAL A 308 34.38 -97.29 21.45
N ASN A 309 35.31 -96.95 22.35
CA ASN A 309 35.43 -95.57 22.82
C ASN A 309 36.89 -95.15 22.90
N PRO A 310 37.15 -93.83 22.87
CA PRO A 310 38.52 -93.37 23.07
C PRO A 310 39.14 -93.89 24.35
N ASN A 346 40.06 -91.79 13.07
CA ASN A 346 39.42 -90.72 12.32
C ASN A 346 40.04 -90.53 10.95
N TRP A 347 41.35 -90.71 10.84
CA TRP A 347 42.03 -90.61 9.55
C TRP A 347 41.45 -91.65 8.68
N PHE A 348 41.30 -92.86 9.20
CA PHE A 348 40.73 -93.95 8.45
C PHE A 348 39.22 -93.88 8.29
N GLY A 349 38.59 -92.74 8.55
CA GLY A 349 37.16 -92.60 8.32
C GLY A 349 36.30 -92.86 9.53
N VAL A 350 36.39 -94.06 10.09
CA VAL A 350 35.61 -94.43 11.26
C VAL A 350 35.68 -93.44 12.42
N ARG A 351 34.57 -92.80 12.78
CA ARG A 351 34.57 -91.93 13.95
C ARG A 351 33.26 -92.05 14.71
N LYS A 352 33.14 -91.36 15.84
CA LYS A 352 31.94 -91.47 16.67
C LYS A 352 31.05 -90.25 16.56
N GLY A 353 29.73 -90.45 16.63
CA GLY A 353 28.80 -89.35 16.51
C GLY A 353 27.45 -89.66 17.15
N PHE A 354 26.93 -88.73 17.93
CA PHE A 354 25.68 -88.98 18.65
C PHE A 354 24.42 -89.21 17.80
N PRO A 355 24.15 -88.36 16.78
CA PRO A 355 23.05 -88.83 15.93
C PRO A 355 23.52 -89.94 14.99
N ASN A 356 23.13 -91.17 15.24
CA ASN A 356 23.60 -92.29 14.44
C ASN A 356 23.05 -92.27 13.01
N LEU A 357 21.79 -91.89 12.83
CA LEU A 357 21.27 -91.77 11.49
C LEU A 357 21.99 -90.67 10.73
N GLY A 358 22.00 -89.47 11.31
CA GLY A 358 22.66 -88.36 10.66
C GLY A 358 24.10 -88.67 10.30
N TYR A 359 24.75 -89.48 11.11
CA TYR A 359 26.15 -89.79 10.87
C TYR A 359 26.29 -90.70 9.66
N ILE A 360 25.54 -91.79 9.65
CA ILE A 360 25.62 -92.72 8.53
C ILE A 360 24.49 -92.48 7.55
N GLN A 361 24.15 -91.22 7.32
CA GLN A 361 23.12 -90.88 6.37
C GLN A 361 23.77 -90.64 5.02
N ASN A 362 24.86 -89.90 5.02
CA ASN A 362 25.59 -89.63 3.79
C ASN A 362 25.88 -90.88 3.00
N HIS A 363 26.64 -91.79 3.58
CA HIS A 363 27.00 -93.01 2.86
C HIS A 363 25.82 -93.89 2.55
N LEU A 364 24.71 -93.71 3.25
CA LEU A 364 23.51 -94.46 2.94
C LEU A 364 22.86 -93.95 1.67
N GLN A 365 22.81 -92.63 1.51
CA GLN A 365 22.26 -92.09 0.28
C GLN A 365 23.07 -92.52 -0.94
N VAL A 366 24.39 -92.72 -0.81
CA VAL A 366 25.19 -93.21 -1.93
C VAL A 366 24.71 -94.61 -2.30
N LEU A 367 24.58 -95.49 -1.32
CA LEU A 367 24.08 -96.82 -1.59
C LEU A 367 22.78 -96.68 -2.32
N LEU A 368 21.95 -95.73 -1.87
CA LEU A 368 20.68 -95.50 -2.53
C LEU A 368 20.81 -95.11 -3.99
N LEU A 369 21.54 -94.05 -4.28
CA LEU A 369 21.77 -93.67 -5.67
C LEU A 369 22.15 -94.92 -6.46
N LEU A 370 23.24 -95.56 -6.08
CA LEU A 370 23.69 -96.72 -6.83
C LEU A 370 22.56 -97.69 -7.15
N VAL A 371 21.77 -98.08 -6.15
CA VAL A 371 20.71 -99.05 -6.36
C VAL A 371 19.59 -98.49 -7.22
N PHE A 372 19.20 -97.24 -7.00
CA PHE A 372 18.18 -96.61 -7.83
C PHE A 372 18.57 -96.63 -9.30
N GLU A 373 19.84 -96.41 -9.58
CA GLU A 373 20.31 -96.46 -10.96
C GLU A 373 19.99 -97.80 -11.59
N ALA A 374 20.33 -98.89 -10.89
CA ALA A 374 20.04 -100.22 -11.41
C ALA A 374 18.55 -100.45 -11.62
N ILE A 375 17.71 -99.95 -10.71
CA ILE A 375 16.27 -100.07 -10.90
C ILE A 375 15.89 -99.44 -12.24
N VAL A 376 16.34 -98.20 -12.50
CA VAL A 376 15.98 -97.51 -13.74
C VAL A 376 16.44 -98.27 -14.98
N TYR A 377 17.64 -98.81 -14.92
CA TYR A 377 18.13 -99.60 -16.04
C TYR A 377 17.19 -100.75 -16.34
N ARG A 378 16.87 -101.56 -15.34
CA ARG A 378 16.00 -102.71 -15.55
C ARG A 378 14.55 -102.37 -15.83
N ARG A 379 14.06 -101.27 -15.30
CA ARG A 379 12.67 -100.88 -15.53
C ARG A 379 12.53 -100.49 -16.99
N GLN A 380 13.51 -99.74 -17.50
CA GLN A 380 13.46 -99.33 -18.88
C GLN A 380 13.65 -100.56 -19.74
N GLU A 381 14.51 -101.48 -19.31
CA GLU A 381 14.69 -102.72 -20.05
C GLU A 381 13.34 -103.40 -20.17
N HIS A 382 12.64 -103.57 -19.06
CA HIS A 382 11.32 -104.21 -19.06
C HIS A 382 10.35 -103.54 -20.01
N TYR A 383 10.27 -102.22 -19.97
CA TYR A 383 9.35 -101.50 -20.81
C TYR A 383 9.48 -101.94 -22.26
N ARG A 384 10.68 -101.83 -22.82
CA ARG A 384 10.85 -102.18 -24.22
C ARG A 384 10.89 -103.67 -24.46
N ARG A 385 11.32 -104.45 -23.48
CA ARG A 385 11.33 -105.90 -23.61
C ARG A 385 9.91 -106.38 -23.84
N GLN A 386 8.98 -105.85 -23.07
CA GLN A 386 7.60 -106.22 -23.22
C GLN A 386 7.03 -105.49 -24.43
N HIS A 387 6.65 -104.23 -24.25
CA HIS A 387 6.10 -103.45 -25.34
C HIS A 387 7.09 -103.39 -26.50
N GLY A 401 14.28 -85.12 -34.83
CA GLY A 401 15.55 -84.82 -34.18
C GLY A 401 16.74 -85.25 -34.99
N THR A 402 16.64 -85.14 -36.31
CA THR A 402 17.76 -85.48 -37.16
C THR A 402 18.31 -84.23 -37.80
N ARG A 403 19.39 -84.34 -38.56
CA ARG A 403 19.93 -83.19 -39.26
C ARG A 403 18.87 -82.56 -40.13
N GLN A 404 18.13 -83.36 -40.86
CA GLN A 404 17.10 -82.85 -41.75
C GLN A 404 16.07 -82.02 -41.02
N GLN A 405 15.68 -82.48 -39.83
CA GLN A 405 14.69 -81.76 -39.05
C GLN A 405 15.11 -80.35 -38.71
N LEU A 406 16.41 -80.12 -38.56
CA LEU A 406 16.91 -78.80 -38.21
C LEU A 406 16.43 -77.77 -39.21
N ASP A 407 16.48 -78.10 -40.50
CA ASP A 407 16.11 -77.14 -41.52
C ASP A 407 14.65 -77.24 -41.94
N GLN A 408 13.75 -77.34 -40.99
CA GLN A 408 12.33 -77.43 -41.30
C GLN A 408 11.56 -76.43 -40.47
N ASP A 409 11.24 -76.80 -39.25
CA ASP A 409 10.52 -75.89 -38.37
C ASP A 409 11.30 -75.61 -37.10
N LEU A 410 10.82 -74.69 -36.29
CA LEU A 410 11.50 -74.35 -35.06
C LEU A 410 11.58 -75.55 -34.15
N LEU A 411 10.48 -76.28 -34.03
CA LEU A 411 10.46 -77.47 -33.20
C LEU A 411 11.43 -78.51 -33.73
N GLY A 412 11.60 -78.56 -35.05
CA GLY A 412 12.54 -79.49 -35.63
C GLY A 412 13.93 -79.22 -35.11
N CYS A 413 14.33 -77.95 -35.10
CA CYS A 413 15.65 -77.58 -34.61
C CYS A 413 15.78 -77.84 -33.12
N LEU A 414 14.74 -77.53 -32.36
CA LEU A 414 14.77 -77.77 -30.93
C LEU A 414 15.12 -79.20 -30.67
N LYS A 415 14.43 -80.09 -31.35
CA LYS A 415 14.69 -81.51 -31.16
C LYS A 415 16.12 -81.88 -31.50
N TYR A 416 16.68 -81.34 -32.57
CA TYR A 416 18.02 -81.71 -32.96
C TYR A 416 18.99 -81.41 -31.84
N PHE A 417 18.79 -80.32 -31.14
CA PHE A 417 19.72 -79.93 -30.09
C PHE A 417 19.55 -80.68 -28.78
N ILE A 418 18.33 -81.07 -28.45
CA ILE A 418 18.12 -81.87 -27.24
C ILE A 418 18.78 -83.21 -27.50
N ASN A 419 18.69 -83.68 -28.73
CA ASN A 419 19.38 -84.92 -29.07
C ASN A 419 20.86 -84.71 -29.02
N PHE A 420 21.38 -83.76 -29.80
CA PHE A 420 22.81 -83.54 -29.86
C PHE A 420 23.19 -82.10 -29.60
N PHE A 421 23.82 -81.83 -28.46
CA PHE A 421 24.28 -80.49 -28.14
C PHE A 421 25.70 -80.71 -27.76
N PHE A 422 25.93 -81.71 -26.92
CA PHE A 422 27.29 -82.01 -26.55
C PHE A 422 27.95 -82.80 -27.64
N TYR A 423 27.20 -83.18 -28.65
CA TYR A 423 27.86 -83.83 -29.76
C TYR A 423 28.65 -82.77 -30.47
N LYS A 424 28.01 -81.64 -30.78
CA LYS A 424 28.66 -80.59 -31.53
C LYS A 424 29.45 -79.62 -30.69
N PHE A 425 28.76 -78.89 -29.82
CA PHE A 425 29.43 -77.91 -28.97
C PHE A 425 30.07 -78.53 -27.74
N GLY A 426 31.11 -79.31 -27.95
CA GLY A 426 31.73 -80.01 -26.86
C GLY A 426 33.13 -79.56 -26.57
N LEU A 427 33.94 -79.34 -27.58
CA LEU A 427 35.25 -78.81 -27.30
C LEU A 427 35.11 -77.45 -26.66
N GLU A 428 34.08 -76.71 -27.05
CA GLU A 428 33.85 -75.42 -26.47
C GLU A 428 33.46 -75.48 -25.01
N ILE A 429 32.76 -76.52 -24.57
CA ILE A 429 32.30 -76.59 -23.18
C ILE A 429 33.35 -77.16 -22.27
N CYS A 430 34.31 -77.91 -22.78
CA CYS A 430 35.38 -78.37 -21.94
C CYS A 430 36.35 -77.25 -21.69
N PHE A 431 36.36 -76.24 -22.55
CA PHE A 431 37.26 -75.13 -22.39
C PHE A 431 36.59 -74.13 -21.49
N LEU A 432 35.28 -74.04 -21.51
CA LEU A 432 34.63 -73.13 -20.57
C LEU A 432 34.50 -73.74 -19.19
N MET A 433 34.89 -75.00 -19.01
CA MET A 433 34.90 -75.57 -17.67
C MET A 433 36.28 -75.35 -17.11
N ALA A 434 37.32 -75.37 -17.92
CA ALA A 434 38.63 -75.08 -17.38
C ALA A 434 38.72 -73.65 -16.94
N VAL A 435 38.06 -72.72 -17.61
CA VAL A 435 38.03 -71.35 -17.13
C VAL A 435 37.38 -71.26 -15.76
N ASN A 436 36.36 -72.07 -15.48
CA ASN A 436 35.76 -72.09 -14.15
C ASN A 436 36.70 -72.56 -13.03
N VAL A 437 37.48 -73.61 -13.26
CA VAL A 437 38.43 -74.02 -12.24
C VAL A 437 39.31 -72.85 -11.88
N ILE A 438 39.97 -72.22 -12.86
CA ILE A 438 40.87 -71.07 -12.62
C ILE A 438 40.10 -69.79 -12.44
N GLY A 439 39.11 -69.82 -11.57
CA GLY A 439 38.32 -68.64 -11.33
C GLY A 439 37.61 -68.83 -10.03
N GLN A 440 37.58 -70.06 -9.55
CA GLN A 440 36.93 -70.34 -8.29
C GLN A 440 37.96 -70.86 -7.30
N ARG A 441 39.14 -71.23 -7.80
CA ARG A 441 40.14 -71.76 -6.93
C ARG A 441 41.29 -70.78 -6.77
N MET A 442 41.83 -70.27 -7.88
CA MET A 442 42.92 -69.28 -7.85
C MET A 442 44.16 -69.57 -6.99
N ASN A 443 44.53 -70.83 -6.85
CA ASN A 443 45.73 -71.18 -6.11
C ASN A 443 46.92 -71.35 -7.01
N PHE A 444 47.71 -72.37 -6.77
CA PHE A 444 48.91 -72.58 -7.57
C PHE A 444 48.80 -73.88 -8.31
N LEU A 445 48.03 -74.81 -7.76
CA LEU A 445 47.83 -76.03 -8.50
C LEU A 445 46.79 -75.84 -9.61
N VAL A 446 46.15 -74.68 -9.66
CA VAL A 446 45.18 -74.39 -10.69
C VAL A 446 45.86 -73.77 -11.90
N THR A 447 47.13 -73.44 -11.77
CA THR A 447 47.84 -72.86 -12.89
C THR A 447 48.26 -73.88 -13.92
N LEU A 448 48.29 -75.16 -13.57
CA LEU A 448 48.61 -76.16 -14.57
C LEU A 448 47.40 -76.43 -15.42
N HIS A 449 46.20 -76.15 -14.93
CA HIS A 449 45.01 -76.28 -15.75
C HIS A 449 45.09 -75.17 -16.74
N GLY A 450 45.59 -74.02 -16.32
CA GLY A 450 45.79 -72.94 -17.25
C GLY A 450 46.72 -73.31 -18.39
N CYS A 451 47.84 -73.95 -18.11
CA CYS A 451 48.79 -74.24 -19.17
C CYS A 451 48.31 -75.31 -20.11
N TRP A 452 47.37 -76.14 -19.68
CA TRP A 452 46.83 -77.13 -20.57
C TRP A 452 45.88 -76.46 -21.54
N LEU A 453 45.08 -75.52 -21.07
CA LEU A 453 44.18 -74.80 -21.95
C LEU A 453 44.98 -74.14 -23.04
N VAL A 454 46.09 -73.51 -22.73
CA VAL A 454 46.85 -72.78 -23.73
C VAL A 454 47.88 -73.60 -24.44
N ALA A 455 47.66 -74.90 -24.54
CA ALA A 455 48.57 -75.76 -25.29
C ALA A 455 47.67 -76.71 -26.01
N ILE A 456 46.37 -76.60 -25.78
CA ILE A 456 45.42 -77.42 -26.49
C ILE A 456 44.75 -76.45 -27.45
N LEU A 457 44.43 -75.26 -26.96
CA LEU A 457 43.81 -74.27 -27.82
C LEU A 457 44.76 -73.94 -28.94
N THR A 458 46.06 -73.88 -28.70
CA THR A 458 47.00 -73.46 -29.74
C THR A 458 47.09 -74.38 -30.92
N ARG A 459 46.84 -75.67 -30.76
CA ARG A 459 46.78 -76.53 -31.92
C ARG A 459 45.39 -76.27 -32.40
N ARG A 460 45.21 -75.37 -33.35
CA ARG A 460 43.85 -74.96 -33.74
C ARG A 460 42.96 -75.93 -34.49
N HIS A 461 43.45 -77.11 -34.84
CA HIS A 461 42.66 -78.02 -35.64
C HIS A 461 41.98 -79.05 -34.77
N ARG A 462 40.68 -79.30 -35.00
CA ARG A 462 39.95 -80.27 -34.20
C ARG A 462 40.63 -81.62 -34.25
N GLN A 463 41.17 -82.00 -35.40
CA GLN A 463 41.84 -83.28 -35.52
C GLN A 463 43.10 -83.36 -34.68
N ALA A 464 43.92 -82.32 -34.67
CA ALA A 464 45.09 -82.36 -33.80
C ALA A 464 44.71 -82.39 -32.32
N ILE A 465 43.64 -81.71 -31.94
CA ILE A 465 43.21 -81.68 -30.55
C ILE A 465 42.80 -83.09 -30.17
N ALA A 466 42.21 -83.81 -31.10
CA ALA A 466 41.78 -85.18 -30.83
C ALA A 466 42.91 -86.18 -30.61
N ARG A 467 44.14 -85.75 -30.77
CA ARG A 467 45.26 -86.62 -30.47
C ARG A 467 45.87 -86.28 -29.11
N LEU A 468 45.53 -85.12 -28.57
CA LEU A 468 46.01 -84.73 -27.24
C LEU A 468 44.98 -85.01 -26.18
N TRP A 469 43.73 -85.21 -26.56
CA TRP A 469 42.72 -85.58 -25.60
C TRP A 469 43.07 -86.82 -24.80
N PRO A 470 43.74 -87.82 -25.40
CA PRO A 470 44.15 -88.94 -24.53
C PRO A 470 44.93 -88.53 -23.29
N ASN A 471 45.81 -87.56 -23.42
CA ASN A 471 46.57 -87.10 -22.29
C ASN A 471 45.85 -86.08 -21.42
N TYR A 472 45.05 -85.21 -21.99
CA TYR A 472 44.28 -84.28 -21.17
C TYR A 472 43.46 -85.08 -20.20
N CYS A 473 42.82 -86.14 -20.64
CA CYS A 473 41.96 -86.92 -19.75
C CYS A 473 42.74 -87.69 -18.70
N LEU A 474 43.89 -88.25 -19.04
CA LEU A 474 44.67 -88.91 -18.01
C LEU A 474 45.14 -87.91 -16.96
N PHE A 475 45.69 -86.78 -17.39
CA PHE A 475 46.11 -85.74 -16.44
C PHE A 475 44.98 -85.35 -15.51
N LEU A 476 43.81 -84.98 -16.01
CA LEU A 476 42.77 -84.52 -15.11
C LEU A 476 42.35 -85.54 -14.09
N ALA A 477 42.51 -86.83 -14.37
CA ALA A 477 42.19 -87.85 -13.41
C ALA A 477 43.29 -88.10 -12.37
N LEU A 478 44.55 -88.01 -12.76
CA LEU A 478 45.64 -88.16 -11.81
C LEU A 478 45.83 -86.92 -10.99
N PHE A 479 45.30 -85.79 -11.43
CA PHE A 479 45.36 -84.59 -10.63
C PHE A 479 44.28 -84.56 -9.55
N LEU A 480 43.09 -85.05 -9.81
CA LEU A 480 42.09 -85.10 -8.77
C LEU A 480 42.57 -86.04 -7.70
N LEU A 481 43.12 -87.18 -8.04
CA LEU A 481 43.53 -88.05 -6.96
C LEU A 481 44.67 -87.46 -6.17
N TYR A 482 45.67 -86.90 -6.83
CA TYR A 482 46.80 -86.40 -6.10
C TYR A 482 46.42 -85.20 -5.24
N GLN A 483 45.52 -84.36 -5.71
CA GLN A 483 45.09 -83.25 -4.90
C GLN A 483 44.25 -83.72 -3.73
N TYR A 484 43.62 -84.88 -3.81
CA TYR A 484 42.89 -85.38 -2.64
C TYR A 484 43.74 -86.28 -1.77
N LEU A 485 44.98 -86.57 -2.18
CA LEU A 485 45.87 -87.31 -1.32
C LEU A 485 46.50 -86.22 -0.52
N LEU A 486 46.65 -85.04 -1.11
CA LEU A 486 47.18 -83.91 -0.39
C LEU A 486 46.08 -83.16 0.32
N CYS A 487 44.94 -83.79 0.53
CA CYS A 487 43.90 -83.15 1.32
C CYS A 487 43.57 -84.11 2.42
N LEU A 488 44.21 -85.26 2.41
CA LEU A 488 44.01 -86.20 3.50
C LEU A 488 45.30 -86.16 4.28
N GLY A 489 46.39 -85.88 3.58
CA GLY A 489 47.69 -85.81 4.24
C GLY A 489 48.71 -86.72 3.60
N SER A 527 39.05 -78.57 0.07
CA SER A 527 38.77 -79.90 -0.42
C SER A 527 37.32 -79.97 -0.79
N THR A 528 36.72 -78.82 -1.05
CA THR A 528 35.35 -78.82 -1.53
C THR A 528 35.39 -77.83 -2.66
N ASN A 529 36.54 -77.66 -3.27
CA ASN A 529 36.68 -76.79 -4.42
C ASN A 529 37.33 -77.68 -5.42
N LEU A 530 37.70 -78.88 -5.01
CA LEU A 530 38.25 -79.85 -5.94
C LEU A 530 37.10 -80.44 -6.75
N ILE A 531 35.85 -80.05 -6.48
CA ILE A 531 34.74 -80.52 -7.29
C ILE A 531 34.73 -79.85 -8.65
N SER A 532 35.49 -78.78 -8.85
CA SER A 532 35.59 -78.20 -10.17
C SER A 532 36.57 -78.97 -11.01
N ASP A 533 37.49 -79.69 -10.40
CA ASP A 533 38.37 -80.56 -11.16
C ASP A 533 37.62 -81.83 -11.52
N PHE A 534 36.49 -82.09 -10.88
CA PHE A 534 35.70 -83.24 -11.28
C PHE A 534 34.79 -82.79 -12.38
N LEU A 535 33.99 -81.78 -12.15
CA LEU A 535 33.06 -81.44 -13.20
C LEU A 535 33.79 -81.45 -14.53
N LEU A 536 35.10 -81.22 -14.53
CA LEU A 536 35.86 -81.14 -15.81
C LEU A 536 36.45 -82.48 -16.24
N LEU A 537 36.61 -83.43 -15.34
CA LEU A 537 37.06 -84.73 -15.79
C LEU A 537 35.86 -85.37 -16.35
N LEU A 538 34.67 -84.95 -15.93
CA LEU A 538 33.46 -85.50 -16.55
C LEU A 538 33.34 -84.92 -17.95
N CYS A 539 33.25 -83.60 -18.09
CA CYS A 539 33.06 -83.03 -19.40
C CYS A 539 34.08 -83.56 -20.37
N ALA A 540 35.33 -83.69 -19.97
CA ALA A 540 36.32 -84.09 -20.95
C ALA A 540 36.33 -85.56 -21.24
N SER A 541 35.83 -86.40 -20.34
CA SER A 541 35.75 -87.80 -20.68
C SER A 541 34.64 -87.99 -21.67
N GLN A 542 33.63 -87.14 -21.60
CA GLN A 542 32.55 -87.23 -22.56
C GLN A 542 32.92 -86.72 -23.95
N GLN A 543 33.86 -85.77 -24.07
CA GLN A 543 34.32 -85.34 -25.39
C GLN A 543 35.30 -86.30 -25.96
N TRP A 544 35.83 -87.21 -25.15
CA TRP A 544 36.70 -88.20 -25.72
C TRP A 544 35.82 -89.20 -26.38
N GLN A 545 34.57 -89.26 -25.93
CA GLN A 545 33.62 -90.17 -26.56
C GLN A 545 33.15 -89.65 -27.91
N VAL A 546 32.85 -88.36 -28.01
CA VAL A 546 32.47 -87.80 -29.30
C VAL A 546 33.63 -87.96 -30.25
N PHE A 547 34.85 -87.78 -29.76
CA PHE A 547 36.04 -87.87 -30.63
C PHE A 547 36.31 -89.25 -31.20
N SER A 548 35.59 -90.26 -30.72
CA SER A 548 35.73 -91.58 -31.29
C SER A 548 34.39 -92.12 -31.73
N ALA A 549 33.39 -91.26 -31.85
CA ALA A 549 32.08 -91.68 -32.35
C ALA A 549 31.67 -90.91 -33.58
N GLU A 550 32.33 -89.79 -33.83
CA GLU A 550 32.05 -89.04 -35.04
C GLU A 550 32.76 -89.83 -36.12
N ARG A 551 33.77 -90.60 -35.73
CA ARG A 551 34.51 -91.42 -36.69
C ARG A 551 33.69 -92.61 -37.18
N THR A 552 32.60 -92.93 -36.49
CA THR A 552 31.73 -94.01 -36.94
C THR A 552 30.70 -93.48 -37.93
N TYR A 585 9.79 -68.87 -39.57
CA TYR A 585 10.37 -68.06 -38.50
C TYR A 585 11.73 -68.59 -38.08
N LEU A 586 12.05 -69.82 -38.44
CA LEU A 586 13.37 -70.36 -38.13
C LEU A 586 14.34 -69.65 -39.04
N ASP A 587 13.87 -69.24 -40.20
CA ASP A 587 14.72 -68.52 -41.12
C ASP A 587 15.10 -67.17 -40.56
N MET A 588 14.21 -66.55 -39.80
CA MET A 588 14.54 -65.28 -39.16
C MET A 588 15.67 -65.46 -38.15
N LEU A 589 15.57 -66.48 -37.32
CA LEU A 589 16.60 -66.72 -36.32
C LEU A 589 17.95 -66.95 -36.95
N LYS A 590 18.01 -67.68 -38.05
CA LYS A 590 19.30 -68.00 -38.63
C LYS A 590 20.00 -66.77 -39.16
N VAL A 591 19.26 -65.75 -39.57
CA VAL A 591 19.90 -64.50 -39.99
C VAL A 591 20.43 -63.75 -38.78
N ALA A 592 19.66 -63.67 -37.71
CA ALA A 592 20.12 -63.01 -36.50
C ALA A 592 21.11 -63.81 -35.67
N VAL A 593 21.71 -64.84 -36.22
CA VAL A 593 22.73 -65.58 -35.51
C VAL A 593 23.93 -65.63 -36.44
N PHE A 594 23.68 -65.70 -37.74
CA PHE A 594 24.79 -65.82 -38.67
C PHE A 594 25.14 -64.53 -39.36
N ARG A 595 24.53 -63.43 -38.95
CA ARG A 595 24.83 -62.14 -39.54
C ARG A 595 24.97 -61.03 -38.53
N TYR A 596 23.94 -60.80 -37.73
CA TYR A 596 24.02 -59.78 -36.69
C TYR A 596 24.44 -60.31 -35.35
N LEU A 597 25.47 -61.15 -35.30
CA LEU A 597 25.98 -61.61 -34.03
C LEU A 597 27.37 -61.11 -33.91
N PHE A 598 28.11 -61.00 -35.01
CA PHE A 598 29.44 -60.44 -34.94
C PHE A 598 29.33 -59.10 -34.29
N TRP A 599 28.28 -58.37 -34.58
CA TRP A 599 28.09 -57.05 -34.00
C TRP A 599 27.77 -57.06 -32.52
N LEU A 600 27.15 -58.11 -32.01
CA LEU A 600 26.90 -58.21 -30.57
C LEU A 600 28.15 -58.66 -29.83
N VAL A 601 28.96 -59.50 -30.43
CA VAL A 601 30.20 -59.87 -29.79
C VAL A 601 30.99 -58.62 -29.54
N LEU A 602 31.00 -57.70 -30.50
CA LEU A 602 31.78 -56.46 -30.36
C LEU A 602 31.28 -55.54 -29.26
N VAL A 603 29.99 -55.56 -28.93
CA VAL A 603 29.53 -54.76 -27.80
C VAL A 603 29.98 -55.43 -26.52
N VAL A 604 29.85 -56.75 -26.39
CA VAL A 604 30.37 -57.45 -25.21
C VAL A 604 31.86 -57.18 -24.99
N VAL A 605 32.70 -57.17 -26.02
CA VAL A 605 34.11 -56.83 -25.82
C VAL A 605 34.27 -55.47 -25.15
N PHE A 606 33.47 -54.49 -25.52
CA PHE A 606 33.52 -53.19 -24.85
C PHE A 606 33.11 -53.34 -23.41
N VAL A 607 31.96 -53.94 -23.12
CA VAL A 607 31.51 -54.04 -21.73
C VAL A 607 32.22 -55.11 -20.92
N THR A 608 33.29 -55.69 -21.42
CA THR A 608 34.07 -56.64 -20.66
C THR A 608 35.18 -55.80 -20.14
N GLY A 609 35.55 -54.79 -20.90
CA GLY A 609 36.66 -53.95 -20.52
C GLY A 609 36.37 -52.58 -19.97
N ALA A 610 35.10 -52.26 -19.76
CA ALA A 610 34.75 -50.98 -19.16
C ALA A 610 33.92 -51.16 -17.93
N THR A 611 33.82 -52.39 -17.44
CA THR A 611 33.13 -52.63 -16.20
C THR A 611 34.20 -52.95 -15.17
N ARG A 612 35.30 -53.52 -15.64
CA ARG A 612 36.41 -53.85 -14.75
C ARG A 612 37.58 -52.93 -15.04
N ILE A 613 37.67 -51.81 -14.35
CA ILE A 613 38.74 -50.84 -14.60
C ILE A 613 40.12 -51.31 -14.18
N SER A 614 40.95 -51.69 -15.15
CA SER A 614 42.29 -52.14 -14.86
C SER A 614 43.13 -51.85 -16.07
N ILE A 615 44.29 -52.50 -16.19
CA ILE A 615 45.12 -52.31 -17.36
C ILE A 615 44.66 -53.26 -18.42
N PHE A 616 44.23 -54.45 -18.02
CA PHE A 616 43.77 -55.44 -18.96
C PHE A 616 42.51 -54.98 -19.61
N GLY A 617 41.68 -54.30 -18.85
CA GLY A 617 40.46 -53.75 -19.39
C GLY A 617 40.66 -52.76 -20.51
N LEU A 618 41.70 -51.95 -20.47
CA LEU A 618 41.96 -51.04 -21.58
C LEU A 618 42.26 -51.81 -22.83
N GLY A 619 42.94 -52.93 -22.73
CA GLY A 619 43.16 -53.74 -23.92
C GLY A 619 41.90 -54.14 -24.65
N TYR A 620 40.85 -54.50 -23.93
CA TYR A 620 39.59 -54.84 -24.56
C TYR A 620 38.98 -53.63 -25.25
N LEU A 621 38.95 -52.48 -24.57
CA LEU A 621 38.43 -51.27 -25.18
C LEU A 621 39.11 -51.02 -26.51
N LEU A 622 40.42 -51.17 -26.56
CA LEU A 622 41.12 -50.86 -27.79
C LEU A 622 41.00 -51.93 -28.87
N ALA A 623 40.60 -53.13 -28.51
CA ALA A 623 40.37 -54.14 -29.54
C ALA A 623 39.01 -53.94 -30.15
N CYS A 624 38.05 -53.46 -29.38
CA CYS A 624 36.74 -53.17 -29.92
C CYS A 624 36.92 -52.11 -30.98
N PHE A 625 37.71 -51.09 -30.70
CA PHE A 625 37.87 -50.00 -31.66
C PHE A 625 38.47 -50.47 -32.97
N TYR A 626 39.46 -51.34 -32.90
CA TYR A 626 40.06 -51.86 -34.12
C TYR A 626 39.07 -52.67 -34.89
N LEU A 627 38.38 -53.58 -34.23
CA LEU A 627 37.49 -54.47 -34.96
C LEU A 627 36.21 -53.84 -35.41
N LEU A 628 35.92 -52.62 -34.99
CA LEU A 628 34.75 -51.95 -35.48
C LEU A 628 35.14 -51.27 -36.77
N LEU A 629 36.33 -50.70 -36.79
CA LEU A 629 36.81 -49.98 -37.97
C LEU A 629 37.10 -50.89 -39.13
N PHE A 630 37.86 -51.95 -38.88
CA PHE A 630 38.23 -52.87 -39.93
C PHE A 630 37.37 -54.08 -39.85
N GLY A 631 36.09 -53.88 -39.59
CA GLY A 631 35.19 -55.00 -39.43
C GLY A 631 34.56 -55.41 -40.72
N THR A 632 34.13 -54.46 -41.53
CA THR A 632 33.46 -54.80 -42.78
C THR A 632 34.36 -55.63 -43.66
N ALA A 633 35.64 -55.27 -43.70
CA ALA A 633 36.59 -56.02 -44.48
C ALA A 633 36.80 -57.44 -43.94
N LEU A 634 36.76 -57.59 -42.63
CA LEU A 634 36.92 -58.91 -42.05
C LEU A 634 35.76 -59.81 -42.38
N LEU A 635 34.53 -59.30 -42.31
CA LEU A 635 33.37 -60.14 -42.56
C LEU A 635 33.33 -60.58 -44.01
N GLN A 636 34.29 -60.15 -44.82
CA GLN A 636 34.29 -60.48 -46.24
C GLN A 636 35.47 -61.32 -46.65
N ARG A 637 36.59 -61.19 -45.96
CA ARG A 637 37.79 -61.92 -46.35
C ARG A 637 37.60 -63.43 -46.34
N ASP A 638 38.46 -64.14 -47.04
CA ASP A 638 38.38 -65.59 -47.06
C ASP A 638 38.62 -66.14 -45.66
N THR A 639 38.19 -67.38 -45.39
CA THR A 639 38.32 -67.95 -44.04
C THR A 639 39.69 -67.84 -43.42
N ARG A 640 40.72 -68.35 -44.09
CA ARG A 640 42.05 -68.18 -43.55
C ARG A 640 42.11 -66.95 -42.65
N ALA A 641 42.01 -65.76 -43.20
CA ALA A 641 42.14 -64.56 -42.38
C ALA A 641 40.99 -64.34 -41.42
N ARG A 642 39.78 -64.28 -41.94
CA ARG A 642 38.62 -64.11 -41.08
C ARG A 642 39.05 -64.70 -39.75
N LEU A 643 39.48 -65.97 -39.80
CA LEU A 643 39.83 -66.71 -38.59
C LEU A 643 41.08 -66.30 -37.84
N VAL A 644 42.16 -65.97 -38.54
CA VAL A 644 43.35 -65.50 -37.85
C VAL A 644 43.02 -64.43 -36.83
N LEU A 645 42.32 -63.38 -37.25
CA LEU A 645 42.01 -62.29 -36.34
C LEU A 645 41.21 -62.76 -35.13
N TRP A 646 40.19 -63.57 -35.36
CA TRP A 646 39.41 -64.09 -34.25
C TRP A 646 40.28 -64.86 -33.28
N ASP A 647 41.11 -65.76 -33.79
CA ASP A 647 41.97 -66.55 -32.94
C ASP A 647 42.87 -65.67 -32.11
N CYS A 648 43.38 -64.61 -32.72
CA CYS A 648 44.20 -63.70 -31.94
C CYS A 648 43.42 -63.08 -30.79
N LEU A 649 42.21 -62.62 -31.04
CA LEU A 649 41.38 -62.02 -30.00
C LEU A 649 41.12 -63.05 -28.91
N ILE A 650 41.03 -64.31 -29.27
CA ILE A 650 40.82 -65.37 -28.27
C ILE A 650 42.06 -65.48 -27.36
N LEU A 651 43.26 -65.34 -27.91
CA LEU A 651 44.47 -65.39 -27.08
C LEU A 651 44.61 -64.25 -26.10
N TYR A 652 44.07 -63.08 -26.39
CA TYR A 652 44.12 -62.02 -25.39
C TYR A 652 43.24 -62.43 -24.21
N ASN A 653 42.10 -63.03 -24.51
CA ASN A 653 41.21 -63.46 -23.45
C ASN A 653 41.91 -64.48 -22.60
N VAL A 654 42.45 -65.53 -23.21
CA VAL A 654 43.07 -66.57 -22.41
C VAL A 654 44.25 -66.06 -21.62
N THR A 655 45.09 -65.21 -22.22
CA THR A 655 46.19 -64.64 -21.45
C THR A 655 45.70 -63.88 -20.25
N VAL A 656 44.73 -62.99 -20.43
CA VAL A 656 44.17 -62.27 -19.31
C VAL A 656 43.71 -63.25 -18.23
N ILE A 657 42.95 -64.26 -18.62
CA ILE A 657 42.43 -65.19 -17.62
C ILE A 657 43.55 -65.89 -16.86
N ILE A 658 44.59 -66.34 -17.55
CA ILE A 658 45.65 -67.07 -16.89
C ILE A 658 46.58 -66.17 -16.06
N SER A 659 46.60 -64.88 -16.38
CA SER A 659 47.45 -63.95 -15.63
C SER A 659 46.76 -63.35 -14.43
N LYS A 660 45.51 -62.92 -14.58
CA LYS A 660 44.80 -62.43 -13.41
C LYS A 660 45.00 -63.43 -12.29
N ASN A 661 45.26 -64.69 -12.62
CA ASN A 661 45.53 -65.69 -11.58
C ASN A 661 46.98 -65.60 -11.05
N MET A 662 47.98 -65.84 -11.89
CA MET A 662 49.37 -65.74 -11.46
C MET A 662 49.64 -64.53 -10.60
N LEU A 663 48.84 -63.48 -10.75
CA LEU A 663 49.01 -62.30 -9.91
C LEU A 663 47.84 -62.15 -8.97
N SER A 664 47.44 -63.23 -8.32
CA SER A 664 46.37 -63.15 -7.34
C SER A 664 45.86 -64.52 -6.95
N ALA A 714 37.23 -57.50 -8.46
CA ALA A 714 37.62 -57.62 -9.86
C ALA A 714 38.08 -59.05 -10.15
N GLY A 715 37.43 -59.71 -11.10
CA GLY A 715 37.76 -61.10 -11.37
C GLY A 715 37.68 -61.65 -12.77
N ILE A 716 37.18 -62.87 -12.90
CA ILE A 716 37.17 -63.52 -14.19
C ILE A 716 35.77 -63.60 -14.84
N ILE A 717 34.70 -63.27 -14.12
CA ILE A 717 33.35 -63.41 -14.67
C ILE A 717 33.16 -62.72 -16.00
N TRP A 718 33.53 -61.45 -16.12
CA TRP A 718 33.27 -60.76 -17.37
C TRP A 718 34.19 -61.21 -18.48
N ASP A 719 35.34 -61.78 -18.15
CA ASP A 719 36.19 -62.33 -19.19
C ASP A 719 35.73 -63.73 -19.55
N SER A 720 34.76 -64.27 -18.84
CA SER A 720 34.24 -65.57 -19.21
C SER A 720 32.99 -65.43 -20.04
N VAL A 721 32.22 -64.36 -19.89
CA VAL A 721 31.10 -64.15 -20.78
C VAL A 721 31.74 -63.94 -22.13
N CYS A 722 32.81 -63.15 -22.18
CA CYS A 722 33.49 -62.88 -23.42
C CYS A 722 34.08 -64.13 -24.03
N PHE A 723 34.68 -65.03 -23.26
CA PHE A 723 35.30 -66.18 -23.89
C PHE A 723 34.23 -67.03 -24.53
N PHE A 724 33.03 -67.03 -23.99
CA PHE A 724 31.96 -67.77 -24.64
C PHE A 724 31.67 -67.15 -25.98
N PHE A 725 31.26 -65.89 -26.02
CA PHE A 725 30.88 -65.29 -27.28
C PHE A 725 31.90 -65.45 -28.37
N LEU A 726 33.17 -65.31 -28.06
CA LEU A 726 34.17 -65.38 -29.10
C LEU A 726 34.34 -66.80 -29.57
N LEU A 727 34.05 -67.78 -28.75
CA LEU A 727 34.15 -69.14 -29.22
C LEU A 727 32.92 -69.51 -30.02
N LEU A 728 31.81 -68.82 -29.81
CA LEU A 728 30.62 -69.06 -30.61
C LEU A 728 30.80 -68.46 -32.00
N GLN A 729 31.42 -67.30 -32.12
CA GLN A 729 31.58 -66.68 -33.41
C GLN A 729 32.65 -67.37 -34.20
N ARG A 730 33.53 -68.10 -33.58
CA ARG A 730 34.48 -68.84 -34.38
C ARG A 730 33.74 -69.92 -35.10
N ARG A 731 32.66 -70.42 -34.52
CA ARG A 731 31.86 -71.42 -35.18
C ARG A 731 30.96 -70.86 -36.26
N VAL A 732 30.37 -69.68 -36.08
CA VAL A 732 29.60 -69.06 -37.16
C VAL A 732 30.51 -68.80 -38.35
N PHE A 733 31.72 -68.29 -38.15
CA PHE A 733 32.69 -68.00 -39.22
C PHE A 733 33.34 -69.21 -39.81
N LEU A 734 32.88 -70.40 -39.46
CA LEU A 734 33.43 -71.60 -40.06
C LEU A 734 32.30 -72.51 -40.47
N SER A 735 31.13 -71.94 -40.71
CA SER A 735 30.00 -72.77 -41.03
C SER A 735 29.82 -72.83 -42.52
N HIS A 736 28.68 -73.35 -42.96
CA HIS A 736 28.39 -73.41 -44.38
C HIS A 736 27.23 -72.48 -44.60
N TYR A 737 26.62 -72.05 -43.51
CA TYR A 737 25.53 -71.10 -43.62
C TYR A 737 26.09 -69.70 -43.67
N TYR A 738 27.38 -69.53 -43.37
CA TYR A 738 27.98 -68.22 -43.43
C TYR A 738 28.43 -67.99 -44.83
N LEU A 739 28.74 -69.04 -45.55
CA LEU A 739 29.11 -68.85 -46.93
C LEU A 739 28.07 -68.01 -47.65
N HIS A 740 26.80 -68.21 -47.34
CA HIS A 740 25.74 -67.43 -47.96
C HIS A 740 25.73 -65.96 -47.56
N VAL A 741 26.11 -65.65 -46.32
CA VAL A 741 26.15 -64.26 -45.90
C VAL A 741 27.40 -63.61 -46.42
N ARG A 742 28.46 -64.37 -46.65
CA ARG A 742 29.63 -63.77 -47.25
C ARG A 742 29.26 -63.31 -48.63
N ALA A 743 28.49 -64.13 -49.35
CA ALA A 743 28.09 -63.78 -50.71
C ALA A 743 27.37 -62.47 -50.74
N ASP A 744 26.34 -62.32 -49.91
CA ASP A 744 25.59 -61.08 -49.88
C ASP A 744 26.48 -59.89 -49.64
N LEU A 745 27.35 -59.99 -48.65
CA LEU A 745 28.22 -58.86 -48.31
C LEU A 745 29.19 -58.53 -49.44
N GLN A 746 29.69 -59.54 -50.14
CA GLN A 746 30.59 -59.30 -51.25
C GLN A 746 29.86 -58.59 -52.37
N ALA A 747 28.64 -59.01 -52.65
CA ALA A 747 27.86 -58.39 -53.70
C ALA A 747 27.60 -56.93 -53.45
N THR A 748 27.35 -56.53 -52.21
CA THR A 748 27.03 -55.15 -51.95
C THR A 748 28.18 -54.24 -52.27
N ALA A 749 29.40 -54.71 -52.10
CA ALA A 749 30.55 -53.90 -52.45
C ALA A 749 30.68 -53.68 -53.94
N LEU A 750 30.22 -54.64 -54.73
CA LEU A 750 30.25 -54.48 -56.18
C LEU A 750 29.15 -53.54 -56.64
N LEU A 751 27.94 -53.73 -56.14
CA LEU A 751 26.81 -52.89 -56.52
C LEU A 751 26.75 -51.53 -55.84
N ALA A 752 27.86 -51.10 -55.25
CA ALA A 752 27.90 -49.80 -54.61
C ALA A 752 27.78 -48.70 -55.63
N SER A 753 28.44 -48.86 -56.77
CA SER A 753 28.42 -47.84 -57.80
C SER A 753 27.02 -47.59 -58.28
N ARG A 754 26.26 -48.66 -58.50
CA ARG A 754 24.89 -48.50 -58.91
C ARG A 754 24.16 -47.70 -57.84
N GLY A 755 24.32 -48.08 -56.59
CA GLY A 755 23.70 -47.32 -55.52
C GLY A 755 23.94 -45.83 -55.63
N PHE A 756 25.18 -45.42 -55.86
CA PHE A 756 25.50 -44.00 -55.95
C PHE A 756 24.71 -43.38 -57.06
N ALA A 757 24.69 -44.03 -58.22
CA ALA A 757 23.92 -43.53 -59.35
C ALA A 757 22.47 -43.37 -59.00
N LEU A 758 21.83 -44.40 -58.48
CA LEU A 758 20.44 -44.29 -58.08
C LEU A 758 20.22 -43.05 -57.21
N TYR A 759 21.00 -42.91 -56.15
CA TYR A 759 20.87 -41.76 -55.25
C TYR A 759 21.04 -40.45 -56.00
N ASN A 760 22.13 -40.30 -56.74
CA ASN A 760 22.40 -39.04 -57.41
C ASN A 760 21.34 -38.69 -58.42
N ALA A 761 20.80 -39.68 -59.11
CA ALA A 761 19.72 -39.42 -60.04
C ALA A 761 18.54 -38.86 -59.30
N ALA A 762 18.17 -39.49 -58.20
CA ALA A 762 17.05 -38.99 -57.41
C ALA A 762 17.26 -37.56 -56.96
N ASN A 763 18.48 -37.23 -56.55
CA ASN A 763 18.78 -35.88 -56.12
C ASN A 763 18.58 -34.90 -57.25
N LEU A 764 19.14 -35.21 -58.41
CA LEU A 764 19.02 -34.31 -59.55
C LEU A 764 17.58 -34.12 -60.00
N LYS A 765 16.78 -35.18 -59.91
CA LYS A 765 15.39 -35.07 -60.28
C LYS A 765 14.67 -34.08 -59.38
N SER A 766 14.88 -34.19 -58.07
CA SER A 766 14.22 -33.28 -57.15
C SER A 766 14.71 -31.86 -57.34
N ILE A 767 15.99 -31.70 -57.65
CA ILE A 767 16.52 -30.37 -57.91
C ILE A 767 15.73 -29.74 -59.04
N ASP A 768 15.56 -30.48 -60.13
CA ASP A 768 14.86 -29.93 -61.27
C ASP A 768 13.42 -29.56 -60.97
N PHE A 769 12.73 -30.38 -60.20
CA PHE A 769 11.35 -30.10 -59.92
C PHE A 769 11.23 -28.81 -59.12
N HIS A 770 12.11 -28.64 -58.14
CA HIS A 770 12.07 -27.43 -57.34
C HIS A 770 12.42 -26.23 -58.18
N ARG A 771 13.43 -26.35 -59.02
CA ARG A 771 13.85 -25.25 -59.87
C ARG A 771 12.70 -24.83 -60.78
N ARG A 772 11.99 -25.79 -61.35
CA ARG A 772 10.84 -25.46 -62.18
C ARG A 772 9.85 -24.61 -61.44
N ILE A 773 9.46 -25.05 -60.24
CA ILE A 773 8.49 -24.30 -59.46
C ILE A 773 8.90 -22.86 -59.20
N GLU A 774 10.16 -22.63 -58.91
CA GLU A 774 10.64 -21.28 -58.69
C GLU A 774 10.53 -20.42 -59.94
N GLU A 775 10.88 -20.98 -61.09
CA GLU A 775 10.76 -20.24 -62.34
C GLU A 775 9.32 -19.91 -62.67
N LYS A 776 8.40 -20.80 -62.35
CA LYS A 776 6.99 -20.51 -62.56
C LYS A 776 6.58 -19.29 -61.77
N SER A 777 7.00 -19.22 -60.52
CA SER A 777 6.66 -18.08 -59.68
C SER A 777 7.20 -16.81 -60.28
N LEU A 778 8.41 -16.85 -60.81
CA LEU A 778 8.98 -15.61 -61.32
C LEU A 778 8.30 -15.18 -62.59
N ALA A 779 7.75 -16.12 -63.34
CA ALA A 779 7.00 -15.74 -64.51
C ALA A 779 5.72 -15.06 -64.09
N GLN A 780 5.03 -15.65 -63.13
CA GLN A 780 3.79 -15.05 -62.66
C GLN A 780 4.03 -13.66 -62.12
N LEU A 781 5.09 -13.46 -61.37
CA LEU A 781 5.35 -12.16 -60.79
C LEU A 781 5.50 -11.15 -61.89
N LYS A 782 6.24 -11.51 -62.93
CA LYS A 782 6.46 -10.57 -64.01
C LYS A 782 5.20 -10.30 -64.81
N ARG A 783 4.35 -11.30 -64.98
CA ARG A 783 3.10 -11.07 -65.68
C ARG A 783 2.24 -10.12 -64.90
N GLN A 784 2.14 -10.31 -63.60
CA GLN A 784 1.31 -9.46 -62.79
C GLN A 784 1.78 -8.03 -62.87
N MET A 785 3.08 -7.82 -62.88
CA MET A 785 3.55 -6.45 -62.89
C MET A 785 3.28 -5.79 -64.23
N GLU A 786 3.17 -6.56 -65.30
CA GLU A 786 2.81 -5.93 -66.57
C GLU A 786 1.37 -5.45 -66.53
N ARG A 787 0.48 -6.19 -65.90
CA ARG A 787 -0.89 -5.72 -65.77
C ARG A 787 -0.95 -4.40 -65.01
N ILE A 788 -0.24 -4.31 -63.90
CA ILE A 788 -0.22 -3.09 -63.12
C ILE A 788 0.23 -1.95 -64.00
N ARG A 789 1.37 -2.09 -64.66
CA ARG A 789 1.88 -1.00 -65.48
C ARG A 789 0.99 -0.62 -66.64
N ALA A 790 0.23 -1.56 -67.17
CA ALA A 790 -0.69 -1.25 -68.24
C ALA A 790 -1.78 -0.31 -67.77
N LYS A 791 -2.41 -0.63 -66.64
CA LYS A 791 -3.46 0.23 -66.12
C LYS A 791 -2.94 1.61 -65.83
N GLN A 792 -1.74 1.72 -65.27
CA GLN A 792 -1.24 3.03 -64.93
C GLN A 792 -1.05 3.88 -66.16
N GLU A 793 -0.64 3.27 -67.26
CA GLU A 793 -0.46 4.02 -68.49
C GLU A 793 -1.78 4.45 -69.10
N LYS A 794 -2.80 3.61 -69.02
CA LYS A 794 -4.10 3.99 -69.53
C LYS A 794 -4.59 5.23 -68.80
N HIS A 795 -4.40 5.26 -67.49
CA HIS A 795 -4.85 6.39 -66.70
C HIS A 795 -3.97 7.61 -66.92
N ARG A 796 -2.72 7.40 -67.31
CA ARG A 796 -1.86 8.53 -67.60
C ARG A 796 -2.35 9.18 -68.85
N GLN A 797 -2.73 8.37 -69.83
CA GLN A 797 -3.26 8.92 -71.07
C GLN A 797 -4.62 9.53 -70.86
N GLY A 798 -5.39 9.00 -69.92
CA GLY A 798 -6.67 9.59 -69.60
C GLY A 798 -6.49 10.98 -69.05
N ARG A 799 -5.53 11.16 -68.16
CA ARG A 799 -5.23 12.48 -67.62
C ARG A 799 -4.74 13.40 -68.73
N VAL A 800 -3.96 12.86 -69.67
CA VAL A 800 -3.50 13.67 -70.79
C VAL A 800 -4.68 14.18 -71.61
N ASP A 801 -5.62 13.30 -71.93
CA ASP A 801 -6.80 13.72 -72.69
C ASP A 801 -7.67 14.65 -71.86
N ASP A 839 7.26 15.28 -58.07
CA ASP A 839 7.40 15.39 -56.63
C ASP A 839 6.59 14.32 -55.93
N HIS A 840 7.16 13.75 -54.87
CA HIS A 840 6.49 12.66 -54.16
C HIS A 840 5.14 13.07 -53.64
N ALA A 841 5.03 14.21 -52.99
CA ALA A 841 3.77 14.59 -52.38
C ALA A 841 2.75 15.14 -53.33
N THR A 842 3.00 15.12 -54.62
CA THR A 842 2.00 15.54 -55.56
C THR A 842 1.57 14.31 -56.31
N VAL A 843 2.14 13.16 -55.96
CA VAL A 843 1.74 11.90 -56.58
C VAL A 843 0.89 11.19 -55.57
N ILE A 844 1.28 11.27 -54.31
CA ILE A 844 0.50 10.66 -53.25
C ILE A 844 -0.85 11.35 -53.17
N HIS A 845 -0.88 12.67 -53.29
CA HIS A 845 -2.12 13.42 -53.20
C HIS A 845 -2.70 13.78 -54.54
N SER A 846 -2.90 12.82 -55.43
CA SER A 846 -3.51 13.09 -56.70
C SER A 846 -4.30 11.93 -57.25
N GLY A 847 -5.38 11.58 -56.59
CA GLY A 847 -6.22 10.53 -57.10
C GLY A 847 -7.49 11.20 -57.53
N ASP A 848 -8.22 10.65 -58.46
CA ASP A 848 -9.49 11.23 -58.81
C ASP A 848 -10.51 10.14 -58.97
N TYR A 849 -11.65 10.46 -59.54
CA TYR A 849 -12.71 9.50 -59.62
C TYR A 849 -12.63 8.70 -60.87
N PHE A 850 -11.63 8.96 -61.69
CA PHE A 850 -11.52 8.27 -62.97
C PHE A 850 -10.77 6.97 -62.86
N LEU A 851 -9.94 6.84 -61.85
CA LEU A 851 -9.21 5.61 -61.65
C LEU A 851 -10.17 4.55 -61.21
N PHE A 852 -11.11 4.90 -60.37
CA PHE A 852 -12.03 3.91 -59.82
C PHE A 852 -13.16 3.72 -60.76
N GLU A 853 -12.88 3.77 -62.05
CA GLU A 853 -13.92 3.68 -63.05
C GLU A 853 -14.33 2.25 -63.34
N SER A 854 -14.24 1.84 -64.59
CA SER A 854 -14.66 0.49 -64.96
C SER A 854 -13.74 -0.54 -64.34
N PHE A 944 -11.29 -54.15 -24.53
CA PHE A 944 -11.43 -53.43 -25.78
C PHE A 944 -10.24 -52.51 -26.00
N LEU A 945 -9.71 -51.95 -24.91
CA LEU A 945 -8.61 -51.00 -25.03
C LEU A 945 -7.39 -51.57 -25.72
N TRP A 946 -7.11 -52.85 -25.51
CA TRP A 946 -6.00 -53.49 -26.19
C TRP A 946 -6.21 -53.43 -27.71
N MET A 947 -7.41 -53.79 -28.16
CA MET A 947 -7.69 -53.76 -29.59
C MET A 947 -7.73 -52.34 -30.13
N LEU A 948 -8.20 -51.40 -29.31
CA LEU A 948 -8.21 -49.99 -29.72
C LEU A 948 -6.77 -49.54 -29.90
N GLY A 949 -5.89 -49.92 -28.97
CA GLY A 949 -4.49 -49.55 -29.07
C GLY A 949 -3.86 -50.14 -30.30
N GLN A 950 -4.25 -51.36 -30.65
CA GLN A 950 -3.71 -52.01 -31.84
C GLN A 950 -4.06 -51.23 -33.09
N ALA A 951 -5.25 -50.65 -33.14
CA ALA A 951 -5.62 -49.83 -34.29
C ALA A 951 -4.69 -48.64 -34.44
N LEU A 952 -4.38 -47.98 -33.33
CA LEU A 952 -3.46 -46.84 -33.37
C LEU A 952 -2.05 -47.25 -33.76
N VAL A 953 -1.67 -48.46 -33.38
CA VAL A 953 -0.34 -48.96 -33.74
C VAL A 953 -0.28 -49.04 -35.25
N ASP A 954 -1.34 -49.56 -35.86
CA ASP A 954 -1.37 -49.65 -37.31
C ASP A 954 -1.31 -48.29 -37.97
N GLU A 955 -1.96 -47.29 -37.39
CA GLU A 955 -1.87 -45.94 -37.92
C GLU A 955 -0.44 -45.44 -37.91
N LEU A 956 0.26 -45.63 -36.80
CA LEU A 956 1.66 -45.22 -36.72
C LEU A 956 2.48 -45.95 -37.76
N THR A 957 2.30 -47.26 -37.86
CA THR A 957 3.04 -48.04 -38.84
C THR A 957 2.84 -47.49 -40.24
N ARG A 958 1.62 -47.12 -40.58
CA ARG A 958 1.34 -46.54 -41.89
C ARG A 958 2.14 -45.25 -42.11
N TRP A 959 2.14 -44.37 -41.12
CA TRP A 959 2.89 -43.13 -41.24
C TRP A 959 4.37 -43.40 -41.43
N LEU A 960 4.93 -44.31 -40.64
CA LEU A 960 6.34 -44.62 -40.75
C LEU A 960 6.68 -45.21 -42.10
N GLN A 961 5.77 -45.99 -42.66
CA GLN A 961 6.01 -46.57 -43.96
C GLN A 961 6.06 -45.50 -45.03
N GLU A 962 5.26 -44.46 -44.86
CA GLU A 962 5.28 -43.36 -45.81
C GLU A 962 6.53 -42.51 -45.63
N PHE A 963 7.02 -42.44 -44.41
CA PHE A 963 8.22 -41.67 -44.14
C PHE A 963 9.47 -42.34 -44.71
N THR A 964 9.40 -43.64 -44.95
CA THR A 964 10.55 -44.35 -45.49
C THR A 964 10.31 -44.81 -46.91
N ARG A 965 9.28 -44.30 -47.56
CA ARG A 965 8.94 -44.79 -48.88
C ARG A 965 10.05 -44.73 -49.92
N HIS A 966 10.66 -43.55 -50.09
CA HIS A 966 11.68 -43.40 -51.10
C HIS A 966 12.83 -44.37 -50.86
N HIS A 967 13.27 -44.47 -49.62
CA HIS A 967 14.35 -45.40 -49.29
C HIS A 967 13.95 -46.80 -49.66
N GLY A 968 12.73 -47.19 -49.33
CA GLY A 968 12.26 -48.53 -49.67
C GLY A 968 12.41 -48.86 -51.13
N THR A 969 12.01 -47.95 -52.00
CA THR A 969 12.08 -48.21 -53.42
C THR A 969 13.52 -48.42 -53.85
N MET A 970 14.42 -47.56 -53.41
CA MET A 970 15.82 -47.65 -53.80
C MET A 970 16.36 -48.99 -53.37
N SER A 971 16.01 -49.40 -52.16
CA SER A 971 16.47 -50.68 -51.66
C SER A 971 16.01 -51.84 -52.52
N ASP A 972 14.73 -51.87 -52.88
CA ASP A 972 14.19 -52.98 -53.65
C ASP A 972 14.84 -53.14 -55.01
N VAL A 973 15.17 -52.03 -55.65
CA VAL A 973 15.87 -52.11 -56.92
C VAL A 973 17.18 -52.83 -56.69
N LEU A 974 17.90 -52.42 -55.64
CA LEU A 974 19.21 -53.01 -55.39
C LEU A 974 19.16 -54.43 -54.85
N ARG A 975 18.08 -54.81 -54.19
CA ARG A 975 17.95 -56.16 -53.68
C ARG A 975 17.77 -57.14 -54.81
N ALA A 976 16.91 -56.77 -55.76
CA ALA A 976 16.67 -57.63 -56.91
C ALA A 976 17.95 -57.80 -57.69
N GLU A 977 18.69 -56.71 -57.88
CA GLU A 977 19.94 -56.79 -58.58
C GLU A 977 20.91 -57.70 -57.87
N ARG A 978 20.93 -57.62 -56.53
CA ARG A 978 21.85 -58.45 -55.76
C ARG A 978 21.50 -59.92 -55.85
N TYR A 979 20.22 -60.24 -55.93
CA TYR A 979 19.80 -61.63 -56.04
C TYR A 979 20.52 -62.28 -57.20
N LEU A 980 20.44 -61.65 -58.36
CA LEU A 980 21.05 -62.25 -59.52
C LEU A 980 22.55 -62.20 -59.42
N LEU A 981 23.08 -61.10 -58.88
CA LEU A 981 24.53 -60.96 -58.82
C LEU A 981 25.13 -62.12 -58.06
N THR A 982 24.56 -62.44 -56.90
CA THR A 982 25.10 -63.52 -56.09
C THR A 982 25.03 -64.87 -56.77
N GLN A 983 23.98 -65.12 -57.56
CA GLN A 983 23.91 -66.37 -58.30
C GLN A 983 25.16 -66.59 -59.13
N GLU A 984 25.54 -65.59 -59.91
CA GLU A 984 26.72 -65.73 -60.75
C GLU A 984 27.98 -65.93 -59.92
N LEU A 985 28.10 -65.18 -58.83
CA LEU A 985 29.25 -65.34 -57.97
C LEU A 985 29.31 -66.76 -57.43
N LEU A 986 28.18 -67.30 -56.98
CA LEU A 986 28.14 -68.65 -56.43
C LEU A 986 28.45 -69.70 -57.47
N GLN A 987 28.08 -69.45 -58.72
CA GLN A 987 28.42 -70.37 -59.80
C GLN A 987 29.92 -70.44 -59.90
N GLY A 988 30.58 -69.29 -59.81
CA GLY A 988 32.01 -69.25 -59.94
C GLY A 988 32.32 -68.50 -61.21
N GLY A 989 31.30 -67.89 -61.80
CA GLY A 989 31.50 -67.13 -63.02
C GLY A 989 31.61 -65.66 -62.77
N GLU A 990 31.72 -64.87 -63.84
CA GLU A 990 31.87 -63.43 -63.71
C GLU A 990 30.53 -62.71 -63.65
N VAL A 991 30.52 -61.57 -62.98
CA VAL A 991 29.31 -60.77 -62.92
C VAL A 991 29.37 -59.72 -64.02
N HIS A 992 28.67 -59.97 -65.12
CA HIS A 992 28.70 -59.03 -66.24
C HIS A 992 27.54 -58.05 -66.19
N ARG A 993 27.42 -57.21 -67.21
CA ARG A 993 26.31 -56.27 -67.27
C ARG A 993 25.06 -57.01 -67.68
N GLY A 994 25.23 -58.08 -68.45
CA GLY A 994 24.09 -58.88 -68.89
C GLY A 994 23.29 -59.43 -67.74
N VAL A 995 23.93 -59.71 -66.62
CA VAL A 995 23.22 -60.17 -65.44
C VAL A 995 22.14 -59.17 -65.08
N LEU A 996 22.53 -57.91 -64.95
CA LEU A 996 21.58 -56.87 -64.61
C LEU A 996 20.57 -56.62 -65.72
N ASP A 997 20.99 -56.84 -66.96
CA ASP A 997 20.12 -56.60 -68.09
C ASP A 997 18.94 -57.56 -68.14
N GLN A 998 19.11 -58.76 -67.58
CA GLN A 998 18.02 -59.72 -67.52
C GLN A 998 16.82 -59.14 -66.80
N LEU A 999 17.07 -58.39 -65.74
CA LEU A 999 16.00 -57.77 -64.98
C LEU A 999 15.11 -56.91 -65.88
N ALA A 1076 14.87 -44.87 -59.70
CA ALA A 1076 14.53 -45.93 -58.76
C ALA A 1076 13.13 -46.43 -59.02
N SER A 1077 12.15 -45.55 -58.86
CA SER A 1077 10.77 -45.93 -59.11
C SER A 1077 10.62 -46.37 -60.55
N GLU A 1078 11.21 -45.61 -61.47
CA GLU A 1078 11.14 -45.96 -62.87
C GLU A 1078 11.70 -47.33 -63.12
N LEU A 1079 12.87 -47.64 -62.57
CA LEU A 1079 13.52 -48.93 -62.82
C LEU A 1079 12.71 -50.10 -62.32
N LEU A 1080 11.92 -49.88 -61.29
CA LEU A 1080 11.06 -50.94 -60.81
C LEU A 1080 10.06 -51.30 -61.87
N LEU A 1081 9.40 -50.29 -62.44
CA LEU A 1081 8.42 -50.55 -63.49
C LEU A 1081 9.03 -51.18 -64.72
N ASP A 1082 10.17 -50.65 -65.17
CA ASP A 1082 10.81 -51.16 -66.38
C ASP A 1082 11.16 -52.62 -66.25
N ARG A 1083 11.78 -52.99 -65.14
CA ARG A 1083 12.14 -54.38 -64.91
C ARG A 1083 10.87 -55.22 -64.88
N ARG A 1084 10.88 -56.33 -65.61
CA ARG A 1084 9.71 -57.20 -65.62
C ARG A 1084 10.07 -58.63 -65.29
N LEU A 1085 11.35 -58.90 -65.02
CA LEU A 1085 11.76 -60.25 -64.61
C LEU A 1085 11.32 -60.50 -63.18
N ARG A 1086 10.10 -61.01 -63.01
CA ARG A 1086 9.57 -61.24 -61.68
C ARG A 1086 10.29 -62.40 -61.00
N ILE A 1087 10.95 -62.11 -59.87
CA ILE A 1087 11.71 -63.14 -59.17
C ILE A 1087 10.85 -63.92 -58.19
N PRO A 1088 11.22 -65.17 -57.90
CA PRO A 1088 10.40 -66.02 -57.03
C PRO A 1088 10.59 -65.79 -55.54
N GLU A 1089 11.72 -66.19 -55.00
CA GLU A 1089 11.97 -66.07 -53.56
C GLU A 1089 11.58 -64.74 -52.99
N LEU A 1090 12.04 -63.65 -53.60
CA LEU A 1090 11.78 -62.32 -53.05
C LEU A 1090 10.29 -62.02 -52.88
N GLU A 1091 9.46 -62.50 -53.79
CA GLU A 1091 8.02 -62.25 -53.70
C GLU A 1091 7.39 -63.02 -52.55
N GLU A 1092 7.78 -64.27 -52.37
CA GLU A 1092 7.24 -65.05 -51.27
C GLU A 1092 7.68 -64.47 -49.94
N ALA A 1093 8.88 -63.90 -49.92
CA ALA A 1093 9.39 -63.28 -48.70
C ALA A 1093 8.52 -62.11 -48.31
N GLU A 1094 8.12 -61.34 -49.30
CA GLU A 1094 7.26 -60.19 -49.03
C GLU A 1094 5.94 -60.63 -48.44
N LEU A 1095 5.40 -61.74 -48.92
CA LEU A 1095 4.14 -62.25 -48.37
C LEU A 1095 4.29 -62.63 -46.91
N PHE A 1096 5.39 -63.29 -46.57
CA PHE A 1096 5.64 -63.65 -45.17
C PHE A 1096 5.64 -62.39 -44.34
N ALA A 1097 6.31 -61.37 -44.82
CA ALA A 1097 6.38 -60.10 -44.10
C ALA A 1097 5.01 -59.49 -43.88
N GLU A 1098 4.17 -59.48 -44.92
CA GLU A 1098 2.84 -58.92 -44.80
C GLU A 1098 2.01 -59.75 -43.85
N GLY A 1099 2.25 -61.06 -43.83
CA GLY A 1099 1.50 -61.94 -42.97
C GLY A 1099 2.13 -62.15 -41.62
N GLN A 1100 2.84 -61.15 -41.11
CA GLN A 1100 3.41 -61.26 -39.78
C GLN A 1100 2.49 -60.60 -38.80
N GLY A 1101 2.78 -60.73 -37.52
CA GLY A 1101 1.97 -60.09 -36.50
C GLY A 1101 2.18 -58.59 -36.52
N ARG A 1102 1.24 -57.84 -35.96
CA ARG A 1102 1.36 -56.39 -35.94
C ARG A 1102 2.60 -55.95 -35.17
N ALA A 1103 2.93 -56.67 -34.11
CA ALA A 1103 4.11 -56.33 -33.32
C ALA A 1103 5.35 -56.42 -34.18
N LEU A 1104 5.56 -57.55 -34.82
CA LEU A 1104 6.73 -57.72 -35.67
C LEU A 1104 6.78 -56.65 -36.72
N ARG A 1105 5.63 -56.31 -37.30
CA ARG A 1105 5.60 -55.32 -38.36
C ARG A 1105 5.89 -53.92 -37.86
N LEU A 1106 5.43 -53.59 -36.66
CA LEU A 1106 5.72 -52.28 -36.11
C LEU A 1106 7.20 -52.11 -35.84
N LEU A 1107 7.86 -53.18 -35.41
CA LEU A 1107 9.27 -53.08 -35.12
C LEU A 1107 10.05 -52.98 -36.41
N ARG A 1108 9.56 -53.62 -37.47
CA ARG A 1108 10.22 -53.50 -38.75
C ARG A 1108 10.12 -52.08 -39.20
N ALA A 1109 8.98 -51.45 -38.97
CA ALA A 1109 8.79 -50.07 -39.36
C ALA A 1109 9.79 -49.15 -38.68
N VAL A 1110 10.03 -49.39 -37.40
CA VAL A 1110 11.00 -48.57 -36.67
C VAL A 1110 12.42 -48.74 -37.23
N TYR A 1111 12.85 -49.97 -37.45
CA TYR A 1111 14.16 -50.17 -38.03
C TYR A 1111 14.26 -49.48 -39.36
N GLN A 1112 13.20 -49.52 -40.15
CA GLN A 1112 13.26 -48.92 -41.46
C GLN A 1112 13.48 -47.44 -41.35
N CYS A 1113 12.79 -46.80 -40.42
CA CYS A 1113 12.95 -45.37 -40.23
C CYS A 1113 14.36 -44.98 -39.83
N VAL A 1114 14.95 -45.70 -38.88
CA VAL A 1114 16.30 -45.41 -38.44
C VAL A 1114 17.28 -45.59 -39.59
N ALA A 1115 17.15 -46.69 -40.31
CA ALA A 1115 18.07 -46.96 -41.40
C ALA A 1115 17.86 -46.06 -42.58
N ALA A 1116 16.77 -45.32 -42.61
CA ALA A 1116 16.55 -44.38 -43.68
C ALA A 1116 17.23 -43.09 -43.30
N HIS A 1117 16.78 -42.50 -42.21
CA HIS A 1117 17.36 -41.26 -41.75
C HIS A 1117 18.36 -41.52 -40.66
N SER A 1118 19.57 -41.93 -41.03
CA SER A 1118 20.60 -42.22 -40.05
C SER A 1118 21.28 -40.96 -39.59
N GLU A 1119 21.33 -39.95 -40.45
CA GLU A 1119 22.04 -38.74 -40.10
C GLU A 1119 21.40 -38.08 -38.93
N LEU A 1120 20.08 -38.01 -38.92
CA LEU A 1120 19.40 -37.33 -37.85
C LEU A 1120 19.57 -38.07 -36.54
N LEU A 1121 19.90 -39.34 -36.60
CA LEU A 1121 20.17 -40.06 -35.36
C LEU A 1121 21.52 -39.65 -34.83
N CYS A 1122 22.57 -39.83 -35.60
CA CYS A 1122 23.87 -39.39 -35.15
C CYS A 1122 23.78 -38.04 -34.50
N TYR A 1123 23.00 -37.12 -35.05
CA TYR A 1123 22.96 -35.77 -34.52
C TYR A 1123 22.19 -35.72 -33.22
N PHE A 1124 21.06 -36.40 -33.15
CA PHE A 1124 20.28 -36.36 -31.94
C PHE A 1124 21.11 -36.84 -30.79
N ILE A 1125 21.87 -37.91 -30.99
CA ILE A 1125 22.65 -38.48 -29.90
C ILE A 1125 23.83 -37.61 -29.50
N ILE A 1126 24.52 -36.99 -30.44
CA ILE A 1126 25.62 -36.08 -30.10
C ILE A 1126 25.11 -34.97 -29.20
N ILE A 1127 23.95 -34.40 -29.52
CA ILE A 1127 23.39 -33.34 -28.72
C ILE A 1127 22.86 -33.85 -27.38
N LEU A 1128 22.26 -35.04 -27.36
CA LEU A 1128 21.80 -35.60 -26.09
C LEU A 1128 22.92 -35.91 -25.11
N ASN A 1129 24.10 -36.26 -25.61
CA ASN A 1129 25.22 -36.50 -24.72
C ASN A 1129 25.55 -35.23 -23.95
N HIS A 1130 25.57 -34.09 -24.63
CA HIS A 1130 25.89 -32.83 -23.97
C HIS A 1130 24.84 -32.39 -22.99
N MET A 1131 23.62 -32.89 -23.13
CA MET A 1131 22.59 -32.55 -22.17
C MET A 1131 22.76 -33.36 -20.91
N VAL A 1132 23.24 -34.59 -21.03
CA VAL A 1132 23.47 -35.43 -19.86
C VAL A 1132 24.81 -35.15 -19.19
N THR A 1133 25.90 -35.41 -19.89
CA THR A 1133 27.23 -35.19 -19.33
C THR A 1133 27.54 -33.75 -18.97
N ALA A 1134 27.12 -32.81 -19.81
CA ALA A 1134 27.36 -31.39 -19.55
C ALA A 1134 28.77 -31.06 -19.14
N SER A 1135 29.74 -31.45 -19.96
CA SER A 1135 31.14 -31.19 -19.63
C SER A 1135 31.70 -30.12 -20.50
N ALA A 1136 32.97 -30.25 -20.83
CA ALA A 1136 33.60 -29.29 -21.72
C ALA A 1136 34.24 -30.10 -22.81
N GLY A 1137 34.20 -31.41 -22.68
CA GLY A 1137 34.73 -32.27 -23.71
C GLY A 1137 33.59 -32.52 -24.67
N SER A 1138 32.40 -32.70 -24.13
CA SER A 1138 31.24 -32.95 -24.98
C SER A 1138 30.65 -31.66 -25.51
N LEU A 1139 31.47 -30.64 -25.70
CA LEU A 1139 30.99 -29.39 -26.23
C LEU A 1139 31.53 -29.28 -27.62
N VAL A 1140 32.66 -29.92 -27.86
CA VAL A 1140 33.29 -29.79 -29.15
C VAL A 1140 32.40 -30.30 -30.23
N LEU A 1141 31.89 -31.51 -30.07
CA LEU A 1141 31.08 -32.10 -31.12
C LEU A 1141 29.77 -31.36 -31.41
N PRO A 1142 28.99 -30.95 -30.39
CA PRO A 1142 27.81 -30.18 -30.75
C PRO A 1142 28.12 -28.89 -31.51
N VAL A 1143 29.19 -28.18 -31.19
CA VAL A 1143 29.53 -27.01 -31.97
C VAL A 1143 29.81 -27.39 -33.41
N LEU A 1144 30.63 -28.40 -33.61
CA LEU A 1144 30.96 -28.81 -34.97
C LEU A 1144 29.78 -29.34 -35.76
N VAL A 1145 28.77 -29.90 -35.12
CA VAL A 1145 27.58 -30.33 -35.83
C VAL A 1145 26.97 -29.09 -36.44
N PHE A 1146 26.72 -28.06 -35.64
CA PHE A 1146 26.06 -26.86 -36.13
C PHE A 1146 26.86 -25.97 -37.06
N LEU A 1147 28.17 -26.15 -37.14
CA LEU A 1147 29.00 -25.25 -37.95
C LEU A 1147 29.92 -25.90 -38.98
N TRP A 1148 29.87 -27.21 -39.15
CA TRP A 1148 30.67 -27.89 -40.16
C TRP A 1148 29.81 -28.91 -40.87
N ALA A 1149 28.92 -29.54 -40.15
CA ALA A 1149 28.13 -30.58 -40.77
C ALA A 1149 26.93 -29.99 -41.42
N MET A 1150 26.12 -29.31 -40.64
CA MET A 1150 24.88 -28.80 -41.17
C MET A 1150 25.02 -27.66 -42.18
N LEU A 1151 26.20 -27.06 -42.27
CA LEU A 1151 26.42 -25.99 -43.23
C LEU A 1151 27.20 -26.45 -44.44
N SER A 1152 27.38 -27.76 -44.61
CA SER A 1152 28.08 -28.25 -45.80
C SER A 1152 27.08 -28.59 -46.89
N ILE A 1153 27.22 -27.96 -48.05
CA ILE A 1153 26.24 -28.16 -49.12
C ILE A 1153 25.99 -29.60 -49.58
N PRO A 1154 27.01 -30.31 -50.08
CA PRO A 1154 26.56 -31.57 -50.69
C PRO A 1154 26.15 -32.59 -49.63
N ARG A 1155 27.05 -32.93 -48.71
CA ARG A 1155 26.75 -33.89 -47.66
C ARG A 1155 27.90 -33.79 -46.66
N PRO A 1156 27.63 -33.97 -45.32
CA PRO A 1156 28.85 -33.95 -44.49
C PRO A 1156 29.87 -34.94 -44.99
N SER A 1157 31.09 -34.49 -45.19
CA SER A 1157 32.12 -35.34 -45.77
C SER A 1157 32.69 -36.42 -44.90
N LYS A 1158 33.59 -37.22 -45.46
CA LYS A 1158 34.23 -38.27 -44.70
C LYS A 1158 34.90 -37.70 -43.49
N ARG A 1159 35.58 -36.58 -43.64
CA ARG A 1159 36.31 -36.00 -42.54
C ARG A 1159 35.44 -35.64 -41.35
N PHE A 1160 34.19 -35.24 -41.54
CA PHE A 1160 33.36 -35.00 -40.38
C PHE A 1160 33.14 -36.28 -39.65
N TRP A 1161 32.68 -37.30 -40.36
CA TRP A 1161 32.36 -38.52 -39.67
C TRP A 1161 33.59 -39.14 -39.02
N MET A 1162 34.73 -39.12 -39.67
CA MET A 1162 35.93 -39.64 -39.05
C MET A 1162 36.39 -38.84 -37.85
N THR A 1163 36.21 -37.52 -37.87
CA THR A 1163 36.54 -36.72 -36.71
C THR A 1163 35.68 -37.13 -35.54
N ALA A 1164 34.38 -37.29 -35.77
CA ALA A 1164 33.50 -37.63 -34.68
C ALA A 1164 33.84 -38.97 -34.08
N ILE A 1165 34.14 -39.94 -34.91
CA ILE A 1165 34.51 -41.25 -34.42
C ILE A 1165 35.79 -41.14 -33.57
N VAL A 1166 36.82 -40.50 -34.09
CA VAL A 1166 38.08 -40.40 -33.36
C VAL A 1166 37.94 -39.65 -32.04
N PHE A 1167 37.27 -38.51 -32.04
CA PHE A 1167 37.04 -37.79 -30.80
C PHE A 1167 36.29 -38.61 -29.75
N THR A 1168 35.26 -39.34 -30.14
CA THR A 1168 34.49 -40.07 -29.14
C THR A 1168 35.28 -41.23 -28.59
N GLU A 1169 36.17 -41.80 -29.39
CA GLU A 1169 37.03 -42.85 -28.88
C GLU A 1169 37.99 -42.29 -27.88
N ILE A 1170 38.56 -41.14 -28.16
CA ILE A 1170 39.52 -40.53 -27.26
C ILE A 1170 38.87 -40.27 -25.92
N ALA A 1171 37.72 -39.62 -25.91
CA ALA A 1171 37.10 -39.28 -24.65
C ALA A 1171 36.83 -40.52 -23.84
N VAL A 1172 36.44 -41.62 -24.46
CA VAL A 1172 36.24 -42.87 -23.74
C VAL A 1172 37.53 -43.26 -23.03
N VAL A 1173 38.65 -43.33 -23.74
CA VAL A 1173 39.92 -43.70 -23.13
C VAL A 1173 40.33 -42.74 -22.02
N VAL A 1174 40.26 -41.44 -22.26
CA VAL A 1174 40.65 -40.45 -21.27
C VAL A 1174 39.84 -40.57 -19.97
N LYS A 1175 38.53 -40.69 -20.07
CA LYS A 1175 37.74 -40.84 -18.88
C LYS A 1175 37.97 -42.18 -18.21
N TYR A 1176 38.41 -43.17 -18.96
CA TYR A 1176 38.71 -44.48 -18.38
C TYR A 1176 39.95 -44.40 -17.52
N LEU A 1177 40.94 -43.65 -17.98
CA LEU A 1177 42.19 -43.55 -17.26
C LEU A 1177 42.10 -42.69 -16.03
N PHE A 1178 40.99 -41.99 -15.85
CA PHE A 1178 40.83 -41.22 -14.62
C PHE A 1178 39.94 -41.96 -13.63
N THR A 1210 33.53 -41.65 -10.93
CA THR A 1210 32.23 -42.11 -10.46
C THR A 1210 31.83 -43.41 -11.11
N ASP A 1211 30.58 -43.80 -10.94
CA ASP A 1211 30.09 -45.03 -11.55
C ASP A 1211 29.72 -44.78 -13.00
N GLY A 1212 28.87 -43.77 -13.22
CA GLY A 1212 28.45 -43.46 -14.58
C GLY A 1212 29.50 -42.66 -15.30
N TYR A 1213 29.95 -43.17 -16.44
CA TYR A 1213 30.94 -42.44 -17.23
C TYR A 1213 30.92 -42.78 -18.73
N ILE A 1214 30.78 -44.05 -19.07
CA ILE A 1214 30.85 -44.41 -20.48
C ILE A 1214 29.67 -45.26 -20.86
N LYS A 1215 28.47 -44.72 -20.80
CA LYS A 1215 27.30 -45.46 -21.26
C LYS A 1215 26.73 -44.76 -22.48
N TYR A 1216 26.58 -43.44 -22.38
CA TYR A 1216 26.06 -42.68 -23.49
C TYR A 1216 27.07 -42.63 -24.61
N ASP A 1217 28.34 -42.70 -24.28
CA ASP A 1217 29.36 -42.70 -25.30
C ASP A 1217 29.44 -44.02 -26.04
N LEU A 1218 28.91 -45.09 -25.47
CA LEU A 1218 28.88 -46.35 -26.19
C LEU A 1218 27.81 -46.22 -27.24
N VAL A 1219 26.64 -45.71 -26.89
CA VAL A 1219 25.62 -45.49 -27.90
C VAL A 1219 26.16 -44.59 -29.01
N GLN A 1220 26.73 -43.45 -28.67
CA GLN A 1220 27.27 -42.56 -29.68
C GLN A 1220 28.15 -43.30 -30.65
N LEU A 1221 29.21 -43.94 -30.17
CA LEU A 1221 30.16 -44.58 -31.08
C LEU A 1221 29.49 -45.61 -31.98
N MET A 1222 28.48 -46.30 -31.48
CA MET A 1222 27.85 -47.33 -32.29
C MET A 1222 26.88 -46.75 -33.28
N ALA A 1223 26.37 -45.55 -33.03
CA ALA A 1223 25.51 -44.91 -33.98
C ALA A 1223 26.32 -44.36 -35.13
N LEU A 1224 27.52 -43.88 -34.85
CA LEU A 1224 28.35 -43.29 -35.89
C LEU A 1224 28.91 -44.36 -36.79
N PHE A 1225 29.07 -45.55 -36.27
CA PHE A 1225 29.55 -46.64 -37.10
C PHE A 1225 28.40 -47.25 -37.89
N PHE A 1226 27.16 -47.02 -37.49
CA PHE A 1226 26.02 -47.49 -38.28
C PHE A 1226 25.93 -46.62 -39.51
N HIS A 1227 25.95 -45.31 -39.32
CA HIS A 1227 25.93 -44.42 -40.45
C HIS A 1227 26.96 -44.86 -41.46
N ARG A 1228 28.20 -45.03 -41.04
CA ARG A 1228 29.26 -45.40 -41.96
C ARG A 1228 28.86 -46.56 -42.83
N SER A 1229 28.26 -47.58 -42.25
CA SER A 1229 27.85 -48.75 -43.02
C SER A 1229 26.80 -48.45 -44.06
N GLN A 1230 25.84 -47.57 -43.78
CA GLN A 1230 24.89 -47.19 -44.83
C GLN A 1230 25.58 -46.35 -45.89
N LEU A 1231 26.38 -45.38 -45.48
CA LEU A 1231 27.10 -44.53 -46.42
C LEU A 1231 28.23 -45.28 -47.09
N LEU A 1232 28.16 -46.60 -47.11
CA LEU A 1232 29.19 -47.39 -47.77
C LEU A 1232 28.51 -48.46 -48.58
N CYS A 1233 27.23 -48.66 -48.31
CA CYS A 1233 26.47 -49.64 -49.07
C CYS A 1233 25.80 -48.95 -50.24
N TYR A 1234 25.67 -47.63 -50.19
CA TYR A 1234 25.09 -46.89 -51.29
C TYR A 1234 26.16 -46.07 -52.01
N ARG A 1371 43.40 -21.43 -46.40
CA ARG A 1371 42.97 -21.84 -47.74
C ARG A 1371 41.74 -22.75 -47.76
N PRO A 1372 41.76 -23.89 -47.02
CA PRO A 1372 40.52 -24.67 -47.07
C PRO A 1372 39.33 -23.95 -46.46
N LEU A 1373 39.55 -23.13 -45.44
CA LEU A 1373 38.48 -22.38 -44.81
C LEU A 1373 37.82 -21.47 -45.83
N ARG A 1374 38.63 -20.73 -46.58
CA ARG A 1374 38.09 -19.85 -47.59
C ARG A 1374 37.22 -20.61 -48.56
N ARG A 1375 37.72 -21.73 -49.04
CA ARG A 1375 36.97 -22.52 -50.00
C ARG A 1375 35.64 -23.00 -49.43
N PHE A 1376 35.64 -23.53 -48.21
CA PHE A 1376 34.40 -23.96 -47.59
C PHE A 1376 33.39 -22.83 -47.59
N PHE A 1377 33.81 -21.67 -47.09
CA PHE A 1377 32.90 -20.54 -47.01
C PHE A 1377 32.41 -20.12 -48.38
N HIS A 1378 33.30 -20.14 -49.36
CA HIS A 1378 32.93 -19.73 -50.71
C HIS A 1378 31.79 -20.57 -51.23
N ASP A 1379 31.86 -21.88 -51.04
CA ASP A 1379 30.81 -22.75 -51.50
C ASP A 1379 29.49 -22.32 -50.90
N ILE A 1380 29.41 -22.28 -49.57
CA ILE A 1380 28.16 -21.90 -48.92
C ILE A 1380 27.62 -20.61 -49.49
N LEU A 1381 28.46 -19.58 -49.56
CA LEU A 1381 28.01 -18.29 -50.06
C LEU A 1381 27.55 -18.35 -51.51
N HIS A 1382 28.35 -18.98 -52.38
CA HIS A 1382 28.00 -19.04 -53.78
C HIS A 1382 28.03 -20.46 -54.30
N THR A 1383 26.90 -21.15 -54.25
CA THR A 1383 26.84 -22.49 -54.81
C THR A 1383 25.91 -22.49 -56.00
N LYS A 1384 25.40 -23.66 -56.39
CA LYS A 1384 24.45 -23.72 -57.49
C LYS A 1384 23.37 -24.73 -57.19
N TYR A 1385 23.51 -25.43 -56.06
CA TYR A 1385 22.53 -26.43 -55.68
C TYR A 1385 21.66 -25.87 -54.59
N ARG A 1386 21.00 -24.76 -54.86
CA ARG A 1386 20.22 -24.11 -53.83
C ARG A 1386 18.75 -24.01 -54.13
N ALA A 1387 17.99 -25.06 -53.85
CA ALA A 1387 16.55 -24.97 -54.02
C ALA A 1387 16.10 -24.09 -52.88
N ALA A 1388 15.45 -22.97 -53.16
CA ALA A 1388 15.14 -22.03 -52.10
C ALA A 1388 13.87 -22.29 -51.30
N THR A 1389 13.92 -22.06 -49.99
CA THR A 1389 12.79 -22.28 -49.12
C THR A 1389 12.69 -21.18 -48.09
N ASP A 1390 11.54 -21.04 -47.44
CA ASP A 1390 11.36 -20.03 -46.42
C ASP A 1390 10.99 -20.67 -45.12
N VAL A 1391 11.92 -20.74 -44.20
CA VAL A 1391 11.63 -21.31 -42.90
C VAL A 1391 11.70 -20.24 -41.82
N TYR A 1392 11.21 -19.03 -42.07
CA TYR A 1392 11.19 -18.05 -40.99
C TYR A 1392 10.03 -18.33 -40.07
N ALA A 1393 8.84 -18.49 -40.62
CA ALA A 1393 7.74 -18.81 -39.76
C ALA A 1393 8.21 -19.68 -38.61
N LEU A 1394 8.74 -20.86 -38.89
CA LEU A 1394 9.12 -21.79 -37.83
C LEU A 1394 10.34 -21.40 -36.99
N MET A 1395 11.39 -20.88 -37.60
CA MET A 1395 12.53 -20.43 -36.82
C MET A 1395 11.98 -19.53 -35.73
N PHE A 1396 10.91 -18.82 -36.02
CA PHE A 1396 10.36 -17.89 -35.03
C PHE A 1396 9.58 -18.60 -33.96
N LEU A 1397 8.75 -19.55 -34.33
CA LEU A 1397 8.02 -20.31 -33.32
C LEU A 1397 8.95 -20.92 -32.29
N ALA A 1398 10.10 -21.44 -32.69
CA ALA A 1398 11.04 -21.97 -31.71
C ALA A 1398 11.45 -20.87 -30.76
N ASP A 1399 11.74 -19.69 -31.29
CA ASP A 1399 12.09 -18.57 -30.43
C ASP A 1399 10.96 -18.17 -29.48
N VAL A 1400 9.71 -18.24 -29.91
CA VAL A 1400 8.61 -17.95 -29.01
C VAL A 1400 8.61 -18.95 -27.90
N VAL A 1401 8.62 -20.24 -28.23
CA VAL A 1401 8.59 -21.28 -27.22
C VAL A 1401 9.71 -21.07 -26.20
N ASP A 1402 10.92 -20.80 -26.65
CA ASP A 1402 11.97 -20.51 -25.70
C ASP A 1402 11.54 -19.37 -24.78
N PHE A 1403 11.25 -18.20 -25.34
CA PHE A 1403 10.78 -17.09 -24.52
C PHE A 1403 9.91 -17.60 -23.41
N ILE A 1404 8.86 -18.33 -23.74
CA ILE A 1404 7.93 -18.82 -22.72
C ILE A 1404 8.64 -19.62 -21.62
N ILE A 1405 9.47 -20.59 -21.98
CA ILE A 1405 10.22 -21.35 -20.98
C ILE A 1405 10.97 -20.44 -20.01
N ILE A 1406 11.82 -19.54 -20.52
CA ILE A 1406 12.52 -18.60 -19.65
C ILE A 1406 11.56 -17.91 -18.69
N ILE A 1407 10.48 -17.34 -19.21
CA ILE A 1407 9.54 -16.62 -18.36
C ILE A 1407 8.82 -17.53 -17.38
N PHE A 1408 8.11 -18.53 -17.86
CA PHE A 1408 7.33 -19.38 -16.97
C PHE A 1408 8.20 -20.01 -15.92
N GLY A 1409 9.25 -20.68 -16.35
CA GLY A 1409 10.17 -21.26 -15.40
C GLY A 1409 11.26 -20.29 -15.07
N PHE A 1410 10.93 -19.24 -14.32
CA PHE A 1410 11.94 -18.27 -13.91
C PHE A 1410 12.74 -18.82 -12.75
N TRP A 1411 12.21 -19.83 -12.07
CA TRP A 1411 12.90 -20.42 -10.93
C TRP A 1411 14.19 -21.13 -11.34
N PRO A 1432 15.54 -11.79 -10.32
CA PRO A 1432 16.77 -12.56 -10.59
C PRO A 1432 17.51 -12.09 -11.82
N GLU A 1433 18.74 -11.64 -11.65
CA GLU A 1433 19.52 -11.12 -12.77
C GLU A 1433 19.68 -12.10 -13.92
N ALA A 1434 19.92 -13.37 -13.63
CA ALA A 1434 20.07 -14.37 -14.69
C ALA A 1434 18.89 -14.35 -15.64
N PHE A 1435 17.70 -14.57 -15.12
CA PHE A 1435 16.50 -14.56 -15.95
C PHE A 1435 16.38 -13.24 -16.69
N LEU A 1436 16.58 -12.14 -16.00
CA LEU A 1436 16.43 -10.84 -16.62
C LEU A 1436 17.33 -10.68 -17.83
N VAL A 1437 18.60 -10.99 -17.68
CA VAL A 1437 19.53 -10.82 -18.78
C VAL A 1437 19.16 -11.75 -19.93
N MET A 1438 18.84 -13.00 -19.60
CA MET A 1438 18.51 -13.94 -20.66
C MET A 1438 17.28 -13.53 -21.44
N LEU A 1439 16.30 -12.94 -20.77
CA LEU A 1439 15.09 -12.51 -21.46
C LEU A 1439 15.44 -11.46 -22.47
N LEU A 1440 16.23 -10.49 -22.07
CA LEU A 1440 16.66 -9.47 -23.01
C LEU A 1440 17.42 -10.08 -24.18
N ILE A 1441 18.28 -11.05 -23.90
CA ILE A 1441 19.04 -11.68 -24.97
C ILE A 1441 18.09 -12.28 -26.00
N GLN A 1442 17.14 -13.08 -25.55
CA GLN A 1442 16.24 -13.74 -26.50
C GLN A 1442 15.50 -12.71 -27.31
N PHE A 1443 14.99 -11.66 -26.67
CA PHE A 1443 14.32 -10.61 -27.41
C PHE A 1443 15.22 -10.02 -28.47
N SER A 1444 16.45 -9.70 -28.12
CA SER A 1444 17.34 -9.07 -29.08
C SER A 1444 17.73 -9.97 -30.24
N THR A 1445 17.81 -11.28 -30.04
CA THR A 1445 18.10 -12.15 -31.15
C THR A 1445 16.95 -12.14 -32.14
N MET A 1446 15.72 -12.10 -31.65
CA MET A 1446 14.57 -12.10 -32.51
C MET A 1446 14.53 -10.89 -33.42
N VAL A 1447 14.88 -9.73 -32.88
CA VAL A 1447 14.93 -8.53 -33.70
C VAL A 1447 15.96 -8.62 -34.81
N VAL A 1448 17.16 -9.08 -34.50
CA VAL A 1448 18.18 -9.22 -35.52
C VAL A 1448 17.76 -10.21 -36.59
N ASP A 1449 17.11 -11.28 -36.18
CA ASP A 1449 16.63 -12.28 -37.13
C ASP A 1449 15.70 -11.68 -38.15
N ARG A 1450 14.73 -10.89 -37.72
CA ARG A 1450 13.80 -10.25 -38.64
C ARG A 1450 14.56 -9.40 -39.63
N ALA A 1451 15.59 -8.71 -39.18
CA ALA A 1451 16.31 -7.81 -40.06
C ALA A 1451 16.96 -8.54 -41.20
N LEU A 1452 17.61 -9.65 -40.91
CA LEU A 1452 18.26 -10.42 -41.94
C LEU A 1452 17.29 -11.13 -42.87
N TYR A 1453 16.07 -11.35 -42.42
CA TYR A 1453 15.07 -11.95 -43.28
C TYR A 1453 14.63 -10.91 -44.27
N LEU A 1454 14.21 -9.75 -43.79
CA LEU A 1454 13.67 -8.71 -44.68
C LEU A 1454 14.71 -8.13 -45.61
N ARG A 1455 15.98 -8.17 -45.23
CA ARG A 1455 17.03 -7.64 -46.07
C ARG A 1455 17.67 -8.73 -46.89
N LYS A 1456 17.22 -9.97 -46.73
CA LYS A 1456 17.73 -11.11 -47.49
C LYS A 1456 19.24 -11.24 -47.60
N THR A 1457 19.93 -11.46 -46.49
CA THR A 1457 21.36 -11.63 -46.51
C THR A 1457 21.72 -13.02 -46.03
N VAL A 1458 22.46 -13.78 -46.83
CA VAL A 1458 22.88 -15.11 -46.40
C VAL A 1458 24.19 -15.00 -45.66
N LEU A 1459 25.01 -14.05 -46.03
CA LEU A 1459 26.27 -13.85 -45.33
C LEU A 1459 26.02 -13.37 -43.92
N GLY A 1460 25.02 -12.54 -43.74
CA GLY A 1460 24.69 -12.06 -42.42
C GLY A 1460 24.14 -13.17 -41.55
N LYS A 1461 23.34 -14.05 -42.12
CA LYS A 1461 22.82 -15.15 -41.35
C LYS A 1461 23.92 -16.12 -40.98
N LEU A 1462 24.90 -16.32 -41.85
CA LEU A 1462 26.03 -17.17 -41.51
C LEU A 1462 26.75 -16.62 -40.31
N ALA A 1463 27.09 -15.34 -40.33
CA ALA A 1463 27.75 -14.73 -39.20
C ALA A 1463 26.96 -14.77 -37.91
N PHE A 1464 25.65 -14.54 -37.98
CA PHE A 1464 24.82 -14.61 -36.80
C PHE A 1464 24.82 -16.02 -36.24
N GLN A 1465 24.76 -17.03 -37.10
CA GLN A 1465 24.82 -18.40 -36.63
C GLN A 1465 26.13 -18.66 -35.91
N VAL A 1466 27.26 -18.37 -36.55
CA VAL A 1466 28.56 -18.64 -35.95
C VAL A 1466 28.63 -18.01 -34.58
N ALA A 1467 28.34 -16.72 -34.48
CA ALA A 1467 28.37 -16.05 -33.21
C ALA A 1467 27.48 -16.71 -32.19
N LEU A 1468 26.21 -16.85 -32.50
CA LEU A 1468 25.28 -17.40 -31.52
C LEU A 1468 25.61 -18.82 -31.06
N VAL A 1469 26.07 -19.68 -31.96
CA VAL A 1469 26.35 -21.05 -31.58
C VAL A 1469 27.42 -21.01 -30.51
N LEU A 1470 28.52 -20.33 -30.80
CA LEU A 1470 29.62 -20.27 -29.85
C LEU A 1470 29.19 -19.64 -28.55
N ALA A 1471 28.50 -18.52 -28.62
CA ALA A 1471 28.12 -17.80 -27.41
C ALA A 1471 27.22 -18.59 -26.47
N ILE A 1472 26.20 -19.24 -27.01
CA ILE A 1472 25.28 -19.96 -26.15
C ILE A 1472 25.97 -21.18 -25.57
N HIS A 1473 26.79 -21.83 -26.38
CA HIS A 1473 27.47 -23.02 -25.92
C HIS A 1473 28.52 -22.71 -24.87
N LEU A 1474 28.94 -21.45 -24.77
CA LEU A 1474 29.88 -21.08 -23.72
C LEU A 1474 29.12 -20.57 -22.52
N TRP A 1475 28.21 -19.63 -22.72
CA TRP A 1475 27.49 -19.02 -21.60
C TRP A 1475 26.72 -20.02 -20.79
N MET A 1476 26.04 -20.95 -21.44
CA MET A 1476 25.20 -21.87 -20.71
C MET A 1476 25.97 -23.04 -20.15
N PHE A 1477 27.25 -23.14 -20.47
CA PHE A 1477 27.99 -24.32 -20.04
C PHE A 1477 29.25 -23.98 -19.26
N PHE A 1478 29.47 -22.70 -18.99
CA PHE A 1478 30.61 -22.29 -18.19
C PHE A 1478 30.15 -21.20 -17.24
N ILE A 1479 29.72 -20.08 -17.77
CA ILE A 1479 29.29 -18.96 -16.95
C ILE A 1479 28.08 -19.26 -16.10
N LEU A 1480 26.92 -19.37 -16.73
CA LEU A 1480 25.69 -19.66 -15.99
C LEU A 1480 25.79 -20.75 -14.93
N PRO A 1481 26.29 -21.96 -15.29
CA PRO A 1481 26.35 -22.92 -14.19
C PRO A 1481 27.65 -22.78 -13.41
N ASN A 1491 18.49 -29.39 -13.68
CA ASN A 1491 17.80 -28.22 -14.18
C ASN A 1491 17.03 -28.58 -15.45
N VAL A 1492 15.78 -28.97 -15.30
CA VAL A 1492 14.97 -29.34 -16.45
C VAL A 1492 14.67 -28.16 -17.34
N VAL A 1493 14.47 -26.99 -16.75
CA VAL A 1493 14.22 -25.80 -17.54
C VAL A 1493 15.39 -25.53 -18.48
N ALA A 1494 16.60 -25.46 -17.97
CA ALA A 1494 17.71 -25.13 -18.85
C ALA A 1494 18.02 -26.26 -19.79
N GLN A 1495 17.62 -27.47 -19.45
CA GLN A 1495 17.82 -28.59 -20.35
C GLN A 1495 16.92 -28.43 -21.55
N LEU A 1496 15.68 -28.01 -21.33
CA LEU A 1496 14.81 -27.74 -22.46
C LEU A 1496 15.34 -26.55 -23.22
N TRP A 1497 15.36 -25.38 -22.61
CA TRP A 1497 15.80 -24.23 -23.36
C TRP A 1497 16.82 -24.71 -24.35
N TYR A 1498 17.71 -25.59 -23.96
CA TYR A 1498 18.76 -25.98 -24.88
C TYR A 1498 18.23 -26.79 -26.05
N PHE A 1499 17.40 -27.78 -25.79
CA PHE A 1499 16.83 -28.54 -26.88
C PHE A 1499 16.10 -27.67 -27.88
N VAL A 1500 15.32 -26.71 -27.39
CA VAL A 1500 14.55 -25.88 -28.31
C VAL A 1500 15.47 -24.92 -29.05
N LYS A 1501 16.56 -24.47 -28.45
CA LYS A 1501 17.49 -23.63 -29.17
C LYS A 1501 18.30 -24.44 -30.16
N CYS A 1502 18.44 -25.73 -29.93
CA CYS A 1502 19.13 -26.58 -30.90
C CYS A 1502 18.29 -26.73 -32.13
N ILE A 1503 16.98 -26.81 -31.97
CA ILE A 1503 16.11 -26.86 -33.14
C ILE A 1503 16.19 -25.57 -33.93
N TYR A 1504 16.36 -24.43 -33.25
CA TYR A 1504 16.53 -23.17 -33.97
C TYR A 1504 17.79 -23.18 -34.79
N PHE A 1505 18.89 -23.70 -34.24
CA PHE A 1505 20.15 -23.65 -34.96
C PHE A 1505 20.12 -24.59 -36.15
N ALA A 1506 19.32 -25.63 -36.08
CA ALA A 1506 19.20 -26.55 -37.20
C ALA A 1506 18.42 -25.94 -38.34
N LEU A 1507 17.28 -25.33 -38.02
CA LEU A 1507 16.44 -24.73 -39.04
C LEU A 1507 17.15 -23.55 -39.67
N SER A 1508 17.93 -22.81 -38.89
CA SER A 1508 18.66 -21.69 -39.44
C SER A 1508 19.63 -22.17 -40.47
N ALA A 1509 20.35 -23.25 -40.18
CA ALA A 1509 21.33 -23.79 -41.11
C ALA A 1509 20.73 -24.27 -42.39
N TYR A 1510 19.49 -24.74 -42.35
CA TYR A 1510 18.82 -25.13 -43.57
C TYR A 1510 18.66 -23.90 -44.44
N GLN A 1511 18.27 -22.78 -43.87
CA GLN A 1511 18.11 -21.54 -44.64
C GLN A 1511 19.43 -21.00 -45.22
N ILE A 1512 20.53 -21.07 -44.48
CA ILE A 1512 21.82 -20.63 -45.03
C ILE A 1512 22.32 -21.55 -46.12
N ARG A 1513 21.86 -22.79 -46.14
CA ARG A 1513 22.27 -23.72 -47.17
C ARG A 1513 21.34 -23.69 -48.35
N CYS A 1514 20.09 -23.31 -48.14
CA CYS A 1514 19.13 -23.34 -49.23
C CYS A 1514 18.91 -22.00 -49.91
N GLY A 1515 19.08 -20.90 -49.20
CA GLY A 1515 18.93 -19.60 -49.80
C GLY A 1515 17.54 -19.05 -49.63
N TYR A 1516 17.39 -17.73 -49.67
CA TYR A 1516 16.10 -17.10 -49.48
C TYR A 1516 15.38 -17.09 -50.81
N PRO A 1517 14.04 -17.13 -50.79
CA PRO A 1517 13.26 -17.12 -52.03
C PRO A 1517 13.17 -15.75 -52.69
N THR A 1518 12.14 -15.51 -53.50
CA THR A 1518 11.96 -14.20 -54.12
C THR A 1518 10.90 -13.38 -53.42
N ARG A 1519 9.78 -14.01 -53.12
CA ARG A 1519 8.71 -13.34 -52.42
C ARG A 1519 8.73 -13.63 -50.93
N ILE A 1520 9.34 -12.73 -50.16
CA ILE A 1520 9.46 -12.94 -48.73
C ILE A 1520 8.47 -12.12 -47.91
N LEU A 1521 7.97 -11.03 -48.47
CA LEU A 1521 7.07 -10.16 -47.73
C LEU A 1521 5.67 -10.74 -47.65
N GLY A 1522 4.84 -10.18 -46.79
CA GLY A 1522 3.49 -10.68 -46.64
C GLY A 1522 3.28 -11.10 -45.19
N ASN A 1523 2.14 -11.69 -44.90
CA ASN A 1523 1.93 -12.20 -43.55
C ASN A 1523 2.03 -13.70 -43.62
N PHE A 1524 1.44 -14.41 -42.67
CA PHE A 1524 1.60 -15.85 -42.67
C PHE A 1524 0.24 -16.46 -42.49
N LEU A 1525 -0.59 -15.80 -41.71
CA LEU A 1525 -1.91 -16.33 -41.43
C LEU A 1525 -2.91 -15.81 -42.43
N THR A 1526 -2.51 -14.89 -43.29
CA THR A 1526 -3.43 -14.30 -44.23
C THR A 1526 -3.31 -14.89 -45.62
N LYS A 1527 -3.19 -16.21 -45.70
CA LYS A 1527 -3.02 -16.83 -46.99
C LYS A 1527 -4.25 -17.62 -47.33
N LYS A 1528 -4.88 -18.17 -46.31
CA LYS A 1528 -6.11 -18.90 -46.55
C LYS A 1528 -7.18 -18.26 -45.74
N TYR A 1529 -8.39 -18.21 -46.28
CA TYR A 1529 -9.47 -17.51 -45.61
C TYR A 1529 -10.45 -18.45 -44.97
N ASN A 1530 -10.05 -19.12 -43.90
CA ASN A 1530 -10.92 -20.09 -43.28
C ASN A 1530 -11.46 -19.61 -41.96
N HIS A 1531 -11.40 -20.46 -40.96
CA HIS A 1531 -11.89 -20.09 -39.65
C HIS A 1531 -10.74 -20.18 -38.69
N LEU A 1532 -9.84 -21.12 -38.91
CA LEU A 1532 -8.67 -21.22 -38.07
C LEU A 1532 -7.87 -19.96 -38.25
N ASN A 1533 -7.67 -19.56 -39.50
CA ASN A 1533 -6.88 -18.38 -39.76
C ASN A 1533 -7.44 -17.16 -39.07
N LEU A 1534 -8.76 -16.99 -39.07
CA LEU A 1534 -9.36 -15.83 -38.46
C LEU A 1534 -9.03 -15.83 -36.99
N PHE A 1535 -9.17 -16.96 -36.33
CA PHE A 1535 -8.98 -16.97 -34.90
C PHE A 1535 -7.53 -16.82 -34.49
N LEU A 1536 -6.60 -17.27 -35.31
CA LEU A 1536 -5.21 -17.05 -34.99
C LEU A 1536 -4.80 -15.62 -35.27
N PHE A 1537 -5.31 -15.03 -36.34
CA PHE A 1537 -5.02 -13.64 -36.63
C PHE A 1537 -5.48 -12.80 -35.49
N GLN A 1538 -6.73 -12.96 -35.09
CA GLN A 1538 -7.27 -12.13 -34.04
C GLN A 1538 -6.53 -12.34 -32.73
N GLY A 1539 -6.09 -13.56 -32.47
CA GLY A 1539 -5.33 -13.81 -31.27
C GLY A 1539 -3.97 -13.15 -31.25
N PHE A 1540 -3.29 -13.12 -32.39
CA PHE A 1540 -1.99 -12.49 -32.48
C PHE A 1540 -2.12 -10.99 -32.24
N ARG A 1541 -3.25 -10.42 -32.63
CA ARG A 1541 -3.47 -9.01 -32.40
C ARG A 1541 -3.64 -8.70 -30.93
N LEU A 1542 -4.12 -9.66 -30.14
CA LEU A 1542 -4.36 -9.43 -28.72
C LEU A 1542 -3.11 -9.39 -27.84
N VAL A 1543 -2.06 -10.13 -28.20
CA VAL A 1543 -0.81 -10.10 -27.43
C VAL A 1543 -0.31 -8.67 -27.42
N PRO A 1544 -0.09 -8.10 -26.24
CA PRO A 1544 0.29 -6.69 -26.20
C PRO A 1544 1.60 -6.29 -26.86
N PHE A 1545 1.56 -5.48 -27.92
CA PHE A 1545 2.79 -4.97 -28.53
C PHE A 1545 3.26 -5.65 -29.80
N LEU A 1546 2.80 -6.86 -30.05
CA LEU A 1546 3.27 -7.59 -31.22
C LEU A 1546 2.93 -6.88 -32.52
N VAL A 1547 1.67 -6.54 -32.70
CA VAL A 1547 1.25 -5.87 -33.93
C VAL A 1547 2.06 -4.62 -34.20
N GLU A 1548 2.27 -3.81 -33.18
CA GLU A 1548 3.00 -2.58 -33.37
C GLU A 1548 4.45 -2.78 -33.73
N LEU A 1549 5.14 -3.65 -33.02
CA LEU A 1549 6.56 -3.88 -33.27
C LEU A 1549 6.80 -4.46 -34.63
N ARG A 1550 5.92 -5.33 -35.10
CA ARG A 1550 6.04 -5.86 -36.43
C ARG A 1550 6.03 -4.72 -37.40
N ALA A 1551 5.05 -3.84 -37.31
CA ALA A 1551 4.93 -2.76 -38.28
C ALA A 1551 6.15 -1.86 -38.38
N VAL A 1552 6.64 -1.39 -37.25
CA VAL A 1552 7.78 -0.49 -37.27
C VAL A 1552 9.00 -1.22 -37.80
N MET A 1553 9.21 -2.46 -37.36
CA MET A 1553 10.38 -3.20 -37.79
C MET A 1553 10.37 -3.40 -39.29
N ASP A 1554 9.22 -3.72 -39.85
CA ASP A 1554 9.17 -3.96 -41.26
C ASP A 1554 9.41 -2.67 -42.01
N TRP A 1555 9.10 -1.54 -41.41
CA TRP A 1555 9.26 -0.30 -42.11
C TRP A 1555 10.72 0.00 -42.21
N VAL A 1556 11.42 -0.07 -41.10
CA VAL A 1556 12.83 0.29 -41.09
C VAL A 1556 13.61 -0.51 -42.13
N TRP A 1557 13.36 -1.81 -42.25
CA TRP A 1557 14.13 -2.65 -43.16
C TRP A 1557 13.64 -2.82 -44.60
N THR A 1558 12.36 -2.65 -44.88
CA THR A 1558 11.89 -2.74 -46.26
C THR A 1558 12.03 -1.38 -46.93
N ASP A 1559 12.29 -1.36 -48.23
CA ASP A 1559 12.48 -0.10 -48.93
C ASP A 1559 11.16 0.46 -49.40
N THR A 1560 10.77 1.61 -48.87
CA THR A 1560 9.48 2.17 -49.20
C THR A 1560 9.61 3.65 -49.42
N THR A 1561 8.65 4.25 -50.12
CA THR A 1561 8.67 5.68 -50.36
C THR A 1561 7.79 6.38 -49.37
N LEU A 1562 6.99 5.63 -48.62
CA LEU A 1562 6.05 6.23 -47.68
C LEU A 1562 6.65 6.44 -46.31
N SER A 1563 6.01 7.23 -45.47
CA SER A 1563 6.53 7.53 -44.15
C SER A 1563 6.14 6.46 -43.16
N LEU A 1564 5.91 6.84 -41.91
CA LEU A 1564 5.43 5.84 -40.97
C LEU A 1564 3.96 6.00 -40.79
N SER A 1565 3.47 7.22 -40.85
CA SER A 1565 2.04 7.42 -40.75
C SER A 1565 1.38 6.69 -41.88
N SER A 1566 1.90 6.82 -43.08
CA SER A 1566 1.29 6.19 -44.22
C SER A 1566 1.52 4.71 -44.29
N TRP A 1567 2.63 4.22 -43.80
CA TRP A 1567 2.85 2.81 -43.77
C TRP A 1567 1.80 2.23 -42.90
N MET A 1568 1.60 2.78 -41.72
CA MET A 1568 0.67 2.18 -40.79
C MET A 1568 -0.79 2.32 -41.16
N CYS A 1569 -1.11 3.15 -42.14
CA CYS A 1569 -2.47 3.24 -42.58
C CYS A 1569 -2.72 2.21 -43.65
N VAL A 1570 -1.70 1.77 -44.37
CA VAL A 1570 -1.86 0.70 -45.35
C VAL A 1570 -1.97 -0.62 -44.62
N GLU A 1571 -1.25 -0.77 -43.53
CA GLU A 1571 -1.32 -1.99 -42.76
C GLU A 1571 -2.63 -2.16 -42.01
N ASP A 1572 -3.31 -1.07 -41.67
CA ASP A 1572 -4.59 -1.18 -41.00
C ASP A 1572 -5.70 -1.50 -41.97
N ILE A 1573 -5.70 -0.89 -43.14
CA ILE A 1573 -6.69 -1.22 -44.13
C ILE A 1573 -6.60 -2.71 -44.41
N TYR A 1574 -5.41 -3.27 -44.52
CA TYR A 1574 -5.28 -4.69 -44.86
C TYR A 1574 -5.76 -5.61 -43.78
N ALA A 1575 -5.50 -5.31 -42.52
CA ALA A 1575 -6.00 -6.13 -41.45
C ALA A 1575 -7.49 -6.20 -41.44
N ASN A 1576 -8.17 -5.08 -41.62
CA ASN A 1576 -9.62 -5.08 -41.56
C ASN A 1576 -10.28 -5.64 -42.80
N ILE A 1577 -9.66 -5.51 -43.96
CA ILE A 1577 -10.22 -6.11 -45.16
C ILE A 1577 -10.05 -7.61 -45.08
N PHE A 1578 -9.03 -8.10 -44.41
CA PHE A 1578 -8.89 -9.53 -44.23
C PHE A 1578 -10.00 -10.04 -43.37
N ILE A 1579 -10.25 -9.43 -42.23
CA ILE A 1579 -11.27 -9.96 -41.34
C ILE A 1579 -12.64 -9.98 -41.98
N ILE A 1580 -12.98 -8.97 -42.77
CA ILE A 1580 -14.26 -8.99 -43.47
C ILE A 1580 -14.23 -10.13 -44.47
N LYS A 1581 -13.13 -10.36 -45.16
CA LYS A 1581 -13.10 -11.41 -46.18
C LYS A 1581 -13.33 -12.76 -45.56
N CYS A 1582 -12.71 -13.04 -44.43
CA CYS A 1582 -12.93 -14.30 -43.76
C CYS A 1582 -14.38 -14.52 -43.40
N SER A 1583 -15.05 -13.52 -42.87
CA SER A 1583 -16.45 -13.64 -42.52
C SER A 1583 -17.37 -13.79 -43.71
N ARG A 1584 -17.02 -13.18 -44.82
CA ARG A 1584 -17.83 -13.32 -46.02
C ARG A 1584 -17.74 -14.73 -46.53
N GLU A 1585 -16.55 -15.34 -46.44
CA GLU A 1585 -16.41 -16.71 -46.86
C GLU A 1585 -17.25 -17.65 -46.00
N THR A 1586 -17.14 -17.57 -44.68
CA THR A 1586 -17.87 -18.51 -43.85
C THR A 1586 -19.36 -18.46 -44.15
N GLU A 1587 -19.88 -17.31 -44.52
CA GLU A 1587 -21.31 -17.19 -44.75
C GLU A 1587 -21.71 -17.57 -46.15
N LYS A 1588 -20.78 -18.13 -46.91
CA LYS A 1588 -21.12 -18.60 -48.23
C LYS A 1588 -21.04 -20.10 -48.15
N LYS A 1589 -20.19 -20.60 -47.27
CA LYS A 1589 -20.04 -22.03 -47.11
C LYS A 1589 -21.17 -22.56 -46.28
N TYR A 1590 -21.58 -21.80 -45.27
CA TYR A 1590 -22.65 -22.22 -44.39
C TYR A 1590 -23.78 -21.23 -44.39
N PRO A 1591 -24.60 -21.21 -45.44
CA PRO A 1591 -25.63 -20.17 -45.50
C PRO A 1591 -26.75 -20.33 -44.50
N GLN A 1592 -27.51 -19.27 -44.26
CA GLN A 1592 -28.65 -19.34 -43.35
C GLN A 1592 -29.87 -18.87 -44.10
N PRO A 1593 -31.00 -19.57 -43.94
CA PRO A 1593 -32.21 -19.23 -44.69
C PRO A 1593 -32.75 -17.84 -44.38
N LYS A 1594 -33.51 -17.30 -45.33
CA LYS A 1594 -34.11 -16.01 -45.12
C LYS A 1594 -35.15 -16.06 -44.06
N GLY A 1595 -35.04 -15.20 -43.05
CA GLY A 1595 -36.13 -15.10 -42.10
C GLY A 1595 -36.11 -16.20 -41.08
N GLN A 1596 -34.93 -16.63 -40.71
CA GLN A 1596 -34.83 -17.72 -39.76
C GLN A 1596 -34.24 -17.19 -38.48
N LYS A 1597 -34.96 -17.38 -37.38
CA LYS A 1597 -34.50 -16.88 -36.10
C LYS A 1597 -33.19 -17.47 -35.67
N LYS A 1598 -32.35 -16.68 -35.02
CA LYS A 1598 -31.10 -17.19 -34.52
C LYS A 1598 -31.42 -18.24 -33.47
N LYS A 1599 -30.77 -19.39 -33.52
CA LYS A 1599 -31.09 -20.47 -32.61
C LYS A 1599 -30.88 -20.13 -31.15
N LYS A 1600 -31.76 -20.60 -30.29
CA LYS A 1600 -31.68 -20.27 -28.86
C LYS A 1600 -30.37 -20.62 -28.19
N ILE A 1601 -29.74 -21.72 -28.58
CA ILE A 1601 -28.47 -22.11 -27.99
C ILE A 1601 -27.41 -21.02 -28.17
N VAL A 1602 -27.23 -20.52 -29.39
CA VAL A 1602 -26.24 -19.48 -29.65
C VAL A 1602 -26.51 -18.30 -28.77
N LYS A 1603 -27.75 -17.87 -28.73
CA LYS A 1603 -28.11 -16.72 -27.93
C LYS A 1603 -27.77 -16.94 -26.48
N TYR A 1604 -28.25 -18.03 -25.89
CA TYR A 1604 -28.04 -18.25 -24.47
C TYR A 1604 -26.59 -18.45 -24.11
N GLY A 1605 -25.78 -18.91 -25.05
CA GLY A 1605 -24.38 -19.07 -24.79
C GLY A 1605 -23.66 -17.74 -24.75
N MET A 1606 -23.70 -17.01 -25.85
CA MET A 1606 -23.00 -15.73 -25.92
C MET A 1606 -23.52 -14.78 -24.87
N GLY A 1607 -24.82 -14.54 -24.88
CA GLY A 1607 -25.42 -13.66 -23.91
C GLY A 1607 -25.10 -14.08 -22.50
N GLY A 1608 -25.27 -15.36 -22.20
CA GLY A 1608 -25.02 -15.84 -20.87
C GLY A 1608 -23.66 -15.46 -20.33
N LEU A 1609 -22.62 -15.70 -21.11
CA LEU A 1609 -21.28 -15.37 -20.68
C LEU A 1609 -21.15 -13.90 -20.36
N ILE A 1610 -21.65 -13.04 -21.23
CA ILE A 1610 -21.51 -11.60 -21.02
C ILE A 1610 -22.16 -11.20 -19.72
N ILE A 1611 -23.39 -11.63 -19.50
CA ILE A 1611 -24.10 -11.29 -18.27
C ILE A 1611 -23.28 -11.74 -17.06
N LEU A 1612 -22.79 -12.97 -17.08
CA LEU A 1612 -21.99 -13.48 -15.98
C LEU A 1612 -20.76 -12.63 -15.71
N PHE A 1613 -20.06 -12.22 -16.75
CA PHE A 1613 -18.88 -11.39 -16.57
C PHE A 1613 -19.21 -10.13 -15.81
N LEU A 1614 -20.35 -9.52 -16.11
CA LEU A 1614 -20.73 -8.28 -15.45
C LEU A 1614 -21.00 -8.49 -13.97
N ILE A 1615 -21.65 -9.58 -13.62
CA ILE A 1615 -21.86 -9.87 -12.20
C ILE A 1615 -20.53 -10.11 -11.50
N ALA A 1616 -19.61 -10.77 -12.20
CA ALA A 1616 -18.32 -11.07 -11.60
C ALA A 1616 -17.37 -9.90 -11.62
N ILE A 1617 -17.81 -8.74 -12.12
CA ILE A 1617 -16.97 -7.56 -12.07
C ILE A 1617 -17.57 -6.61 -11.06
N ILE A 1618 -18.67 -7.01 -10.45
CA ILE A 1618 -19.29 -6.20 -9.41
C ILE A 1618 -19.30 -6.95 -8.08
N TRP A 1619 -19.99 -8.07 -8.02
CA TRP A 1619 -20.12 -8.80 -6.76
C TRP A 1619 -18.88 -9.55 -6.35
N PHE A 1620 -18.29 -10.32 -7.25
CA PHE A 1620 -17.14 -11.16 -6.87
C PHE A 1620 -15.97 -10.43 -6.18
N PRO A 1621 -15.54 -9.26 -6.69
CA PRO A 1621 -14.48 -8.58 -5.93
C PRO A 1621 -14.86 -8.40 -4.46
N LEU A 1622 -16.04 -7.86 -4.18
CA LEU A 1622 -16.48 -7.70 -2.81
C LEU A 1622 -16.45 -9.00 -2.06
N LEU A 1623 -16.99 -10.06 -2.65
CA LEU A 1623 -17.02 -11.36 -2.00
C LEU A 1623 -15.63 -11.80 -1.56
N PHE A 1624 -14.63 -11.69 -2.43
CA PHE A 1624 -13.27 -12.13 -2.10
C PHE A 1624 -12.68 -11.35 -0.95
N MET A 1625 -12.91 -10.04 -0.93
CA MET A 1625 -12.43 -9.22 0.16
C MET A 1625 -13.06 -9.64 1.47
N SER A 1626 -14.36 -9.94 1.45
CA SER A 1626 -15.05 -10.39 2.65
C SER A 1626 -14.63 -11.79 3.07
N LEU A 1627 -14.17 -12.59 2.12
CA LEU A 1627 -13.68 -13.92 2.47
C LEU A 1627 -12.41 -13.78 3.26
N VAL A 1628 -11.56 -12.83 2.87
CA VAL A 1628 -10.30 -12.60 3.57
C VAL A 1628 -10.61 -12.26 5.02
N ARG A 1629 -11.70 -11.53 5.24
CA ARG A 1629 -12.04 -11.10 6.60
C ARG A 1629 -12.50 -12.21 7.54
N SER A 1630 -12.70 -13.41 7.03
CA SER A 1630 -13.09 -14.53 7.88
C SER A 1630 -11.86 -15.22 8.47
N VAL A 1631 -11.29 -14.65 9.51
CA VAL A 1631 -10.10 -15.22 10.15
C VAL A 1631 -10.29 -15.34 11.66
N VAL A 1632 -9.21 -15.62 12.39
CA VAL A 1632 -9.30 -15.79 13.84
C VAL A 1632 -8.33 -14.91 14.64
N GLY A 1633 -8.47 -14.95 15.96
CA GLY A 1633 -7.54 -14.27 16.87
C GLY A 1633 -6.81 -15.28 17.74
N VAL A 1634 -5.67 -14.89 18.30
CA VAL A 1634 -4.87 -15.83 19.07
C VAL A 1634 -4.88 -15.56 20.58
N VAL A 1635 -5.06 -16.61 21.38
CA VAL A 1635 -5.06 -16.47 22.84
C VAL A 1635 -3.63 -16.18 23.31
N ASN A 1636 -3.29 -14.92 23.54
CA ASN A 1636 -1.99 -14.53 24.09
C ASN A 1636 -2.09 -14.43 25.63
N GLN A 1637 -2.03 -15.59 26.27
CA GLN A 1637 -1.91 -15.71 27.73
C GLN A 1637 -0.57 -15.12 28.18
N PRO A 1638 -0.51 -14.42 29.32
CA PRO A 1638 0.76 -13.98 29.88
C PRO A 1638 1.68 -15.17 30.17
N ILE A 1639 2.98 -14.97 29.93
CA ILE A 1639 4.07 -15.89 30.30
C ILE A 1639 4.48 -15.67 31.75
N ASP A 1640 4.54 -14.40 32.16
CA ASP A 1640 4.88 -13.95 33.51
C ASP A 1640 3.89 -12.88 33.96
N VAL A 1641 3.43 -13.01 35.20
CA VAL A 1641 2.60 -12.04 35.92
C VAL A 1641 3.41 -11.52 37.09
N THR A 1642 4.10 -10.39 36.86
CA THR A 1642 4.94 -9.76 37.88
C THR A 1642 4.14 -8.76 38.68
N VAL A 1643 4.13 -8.93 40.00
CA VAL A 1643 3.36 -8.12 40.95
C VAL A 1643 4.28 -7.55 42.02
N THR A 1644 4.17 -6.25 42.28
CA THR A 1644 4.96 -5.57 43.32
C THR A 1644 4.08 -4.73 44.24
N LEU A 1645 4.37 -4.77 45.54
CA LEU A 1645 3.77 -3.88 46.53
C LEU A 1645 4.85 -2.94 47.06
N LYS A 1646 4.76 -1.66 46.72
CA LYS A 1646 5.75 -0.63 47.07
C LYS A 1646 5.14 0.40 48.02
N LEU A 1647 5.77 0.63 49.16
CA LEU A 1647 5.40 1.73 50.05
C LEU A 1647 6.22 2.99 49.71
N GLY A 1648 5.56 4.01 49.17
CA GLY A 1648 6.13 5.30 48.84
C GLY A 1648 7.37 5.21 47.94
N GLY A 1649 8.42 5.94 48.33
CA GLY A 1649 9.71 5.91 47.65
C GLY A 1649 10.52 4.61 47.83
N TYR A 1650 10.27 3.86 48.91
CA TYR A 1650 11.12 2.78 49.42
C TYR A 1650 11.17 1.53 48.54
N GLU A 1651 12.13 0.65 48.78
CA GLU A 1651 12.21 -0.64 48.08
C GLU A 1651 10.89 -1.43 48.23
N PRO A 1652 10.39 -2.11 47.17
CA PRO A 1652 9.15 -2.87 47.26
C PRO A 1652 9.18 -3.84 48.44
N LEU A 1653 8.09 -3.85 49.21
CA LEU A 1653 7.92 -4.75 50.36
C LEU A 1653 7.81 -6.19 49.87
N PHE A 1654 7.04 -6.37 48.80
CA PHE A 1654 6.77 -7.66 48.17
C PHE A 1654 7.02 -7.56 46.67
N THR A 1655 7.70 -8.57 46.11
CA THR A 1655 7.80 -8.80 44.67
C THR A 1655 7.61 -10.29 44.37
N MET A 1656 6.73 -10.63 43.45
CA MET A 1656 6.54 -12.01 42.98
C MET A 1656 6.28 -12.03 41.47
N SER A 1657 6.82 -13.05 40.80
CA SER A 1657 6.68 -13.32 39.37
C SER A 1657 5.98 -14.67 39.19
N ALA A 1658 4.66 -14.62 39.00
CA ALA A 1658 3.91 -15.83 38.80
C ALA A 1658 4.18 -16.25 37.36
N GLN A 1659 4.95 -17.32 37.20
CA GLN A 1659 5.29 -17.75 35.85
C GLN A 1659 4.37 -18.83 35.34
N GLN A 1660 4.72 -19.42 34.19
CA GLN A 1660 3.86 -20.44 33.57
C GLN A 1660 3.03 -21.43 34.43
N PRO A 1661 3.65 -22.17 35.41
CA PRO A 1661 2.73 -23.08 36.12
C PRO A 1661 1.75 -22.35 37.04
N SER A 1662 2.20 -21.30 37.72
CA SER A 1662 1.32 -20.53 38.58
C SER A 1662 0.21 -19.92 37.74
N ILE A 1663 0.49 -19.65 36.48
CA ILE A 1663 -0.53 -19.10 35.58
C ILE A 1663 -1.40 -20.26 35.07
N ILE A 1664 -2.62 -20.38 35.60
CA ILE A 1664 -3.55 -21.47 35.32
C ILE A 1664 -4.74 -20.94 34.49
N PRO A 1665 -4.97 -21.41 33.25
CA PRO A 1665 -6.16 -21.03 32.48
C PRO A 1665 -7.45 -21.55 33.13
N PHE A 1666 -8.55 -20.83 32.96
CA PHE A 1666 -9.83 -21.23 33.53
C PHE A 1666 -10.31 -22.55 32.93
N THR A 1667 -10.64 -23.51 33.80
CA THR A 1667 -11.40 -24.68 33.39
C THR A 1667 -12.84 -24.28 33.07
N ALA A 1668 -13.57 -25.09 32.31
CA ALA A 1668 -15.00 -24.88 32.11
C ALA A 1668 -15.78 -24.79 33.44
N GLN A 1669 -15.33 -25.54 34.46
CA GLN A 1669 -15.89 -25.46 35.82
C GLN A 1669 -15.60 -24.12 36.49
N ALA A 1670 -14.36 -23.62 36.44
CA ALA A 1670 -14.02 -22.29 36.97
C ALA A 1670 -14.76 -21.15 36.24
N TYR A 1671 -15.03 -21.33 34.93
CA TYR A 1671 -15.84 -20.38 34.15
C TYR A 1671 -17.32 -20.42 34.55
N GLU A 1672 -17.90 -21.61 34.76
CA GLU A 1672 -19.24 -21.77 35.33
C GLU A 1672 -19.34 -21.22 36.76
N GLU A 1673 -18.30 -21.39 37.59
CA GLU A 1673 -18.25 -20.87 38.96
C GLU A 1673 -18.17 -19.34 38.98
N LEU A 1674 -17.35 -18.73 38.12
CA LEU A 1674 -17.31 -17.28 37.94
C LEU A 1674 -18.65 -16.74 37.41
N SER A 1675 -19.25 -17.45 36.45
CA SER A 1675 -20.54 -17.05 35.92
C SER A 1675 -21.59 -17.08 37.02
N ARG A 1676 -21.53 -18.09 37.88
CA ARG A 1676 -22.51 -18.19 38.96
C ARG A 1676 -22.33 -17.04 39.95
N GLN A 1677 -21.09 -16.77 40.31
CA GLN A 1677 -20.81 -15.69 41.26
C GLN A 1677 -21.32 -14.36 40.75
N PHE A 1678 -21.35 -14.19 39.44
CA PHE A 1678 -21.73 -12.89 38.86
C PHE A 1678 -23.10 -12.85 38.17
N ASP A 1679 -23.84 -13.96 38.14
CA ASP A 1679 -25.23 -14.08 37.69
C ASP A 1679 -26.17 -12.95 38.20
N PRO A 1680 -26.02 -12.42 39.44
CA PRO A 1680 -26.80 -11.26 39.90
C PRO A 1680 -26.44 -9.91 39.26
N GLN A 1681 -25.24 -9.74 38.70
CA GLN A 1681 -24.80 -8.52 38.02
C GLN A 1681 -24.88 -8.71 36.48
N PRO A 1682 -25.90 -8.17 35.79
CA PRO A 1682 -26.03 -8.34 34.35
C PRO A 1682 -24.87 -7.72 33.56
N LEU A 1683 -24.27 -6.63 34.06
CA LEU A 1683 -23.07 -6.01 33.46
C LEU A 1683 -21.83 -6.89 33.60
N ALA A 1684 -21.70 -7.62 34.72
CA ALA A 1684 -20.62 -8.58 34.93
C ALA A 1684 -20.77 -9.79 34.00
N MET A 1685 -21.98 -10.34 33.89
CA MET A 1685 -22.26 -11.44 32.95
C MET A 1685 -22.05 -11.03 31.49
N GLN A 1686 -22.46 -9.82 31.10
CA GLN A 1686 -22.14 -9.26 29.79
C GLN A 1686 -20.64 -9.16 29.54
N PHE A 1687 -19.82 -8.82 30.56
CA PHE A 1687 -18.37 -8.81 30.43
C PHE A 1687 -17.77 -10.22 30.37
N ILE A 1688 -18.12 -11.12 31.29
CA ILE A 1688 -17.63 -12.51 31.32
C ILE A 1688 -17.90 -13.22 29.98
N SER A 1689 -19.10 -13.04 29.43
CA SER A 1689 -19.50 -13.64 28.15
C SER A 1689 -18.71 -13.18 26.91
N GLN A 1690 -17.87 -12.15 27.03
CA GLN A 1690 -16.96 -11.70 25.96
C GLN A 1690 -15.66 -12.51 25.89
N TYR A 1691 -15.34 -13.27 26.95
CA TYR A 1691 -14.10 -14.03 27.09
C TYR A 1691 -14.37 -15.54 27.13
N SER A 1692 -13.49 -16.32 26.53
CA SER A 1692 -13.48 -17.79 26.58
C SER A 1692 -12.77 -18.27 27.87
N PRO A 1693 -12.98 -19.51 28.33
CA PRO A 1693 -12.21 -20.07 29.46
C PRO A 1693 -10.69 -20.05 29.24
N GLU A 1694 -10.21 -20.11 27.99
CA GLU A 1694 -8.79 -20.00 27.65
C GLU A 1694 -8.23 -18.57 27.75
N ASP A 1695 -9.09 -17.56 27.60
CA ASP A 1695 -8.71 -16.13 27.66
C ASP A 1695 -8.59 -15.62 29.10
N ILE A 1696 -9.30 -16.26 30.02
CA ILE A 1696 -9.26 -15.95 31.45
C ILE A 1696 -8.22 -16.87 32.11
N VAL A 1697 -7.19 -16.27 32.72
CA VAL A 1697 -6.18 -17.01 33.49
C VAL A 1697 -6.20 -16.58 34.95
N THR A 1698 -6.06 -17.55 35.87
CA THR A 1698 -5.74 -17.27 37.27
C THR A 1698 -4.24 -17.29 37.43
N ALA A 1699 -3.62 -16.14 37.69
CA ALA A 1699 -2.27 -16.10 38.22
C ALA A 1699 -2.33 -16.39 39.73
N GLN A 1700 -1.86 -17.56 40.13
CA GLN A 1700 -1.66 -17.92 41.54
C GLN A 1700 -0.36 -17.29 42.02
N ILE A 1701 -0.45 -16.03 42.45
CA ILE A 1701 0.69 -15.29 42.97
C ILE A 1701 0.99 -15.80 44.38
N GLU A 1702 2.18 -16.37 44.60
CA GLU A 1702 2.63 -16.77 45.94
C GLU A 1702 2.73 -15.56 46.88
N GLY A 1703 2.13 -15.69 48.07
CA GLY A 1703 2.02 -14.62 49.07
C GLY A 1703 3.30 -14.32 49.82
N SER A 1704 4.32 -15.18 49.78
CA SER A 1704 5.65 -14.84 50.28
C SER A 1704 6.44 -14.09 49.21
N SER A 1705 7.07 -12.96 49.55
CA SER A 1705 7.91 -12.23 48.59
C SER A 1705 9.03 -13.12 48.06
N GLY A 1706 9.14 -13.23 46.73
CA GLY A 1706 10.20 -13.99 46.04
C GLY A 1706 11.59 -13.35 46.15
N ALA A 1707 11.67 -12.13 46.70
CA ALA A 1707 12.91 -11.48 47.07
C ALA A 1707 12.92 -11.10 48.56
N LEU A 1708 14.09 -11.27 49.19
CA LEU A 1708 14.41 -10.64 50.48
C LEU A 1708 14.28 -9.11 50.36
N TRP A 1709 13.79 -8.48 51.41
CA TRP A 1709 13.61 -7.04 51.48
C TRP A 1709 14.96 -6.36 51.77
N ARG A 1710 15.66 -5.89 50.74
CA ARG A 1710 17.05 -5.43 50.81
C ARG A 1710 17.24 -4.03 51.40
N ILE A 1711 16.19 -3.50 52.03
CA ILE A 1711 16.10 -2.09 52.41
C ILE A 1711 17.29 -1.67 53.27
N SER A 1712 17.92 -0.55 52.91
CA SER A 1712 19.04 -0.05 53.72
C SER A 1712 18.56 0.28 55.15
N PRO A 1713 19.35 0.01 56.21
CA PRO A 1713 19.00 0.41 57.57
C PRO A 1713 18.56 1.88 57.75
N PRO A 1714 19.20 2.90 57.11
CA PRO A 1714 18.68 4.27 57.16
C PRO A 1714 17.36 4.43 56.40
N SER A 1715 17.15 3.78 55.24
CA SER A 1715 15.86 3.78 54.54
C SER A 1715 14.74 3.17 55.38
N ARG A 1716 15.01 2.05 56.08
CA ARG A 1716 14.06 1.42 57.02
C ARG A 1716 13.76 2.31 58.21
N ALA A 1717 14.77 2.97 58.78
CA ALA A 1717 14.58 3.94 59.85
C ALA A 1717 13.77 5.16 59.39
N GLN A 1718 13.97 5.62 58.15
CA GLN A 1718 13.20 6.70 57.55
C GLN A 1718 11.75 6.29 57.29
N MET A 1719 11.51 5.10 56.71
CA MET A 1719 10.18 4.53 56.52
C MET A 1719 9.44 4.37 57.85
N LYS A 1720 10.11 3.89 58.90
CA LYS A 1720 9.54 3.81 60.25
C LYS A 1720 9.17 5.20 60.79
N ARG A 1721 10.03 6.20 60.64
CA ARG A 1721 9.72 7.61 61.01
C ARG A 1721 8.56 8.17 60.19
N GLU A 1722 8.48 7.89 58.90
CA GLU A 1722 7.43 8.41 58.02
C GLU A 1722 6.08 7.75 58.31
N LEU A 1723 6.06 6.46 58.64
CA LEU A 1723 4.85 5.75 59.08
C LEU A 1723 4.33 6.29 60.42
N TYR A 1724 5.18 6.44 61.44
CA TYR A 1724 4.77 6.95 62.76
C TYR A 1724 4.52 8.46 62.81
N ASN A 1725 5.44 9.27 62.26
CA ASN A 1725 5.50 10.73 62.46
C ASN A 1725 5.29 11.53 61.17
N GLY A 1726 5.16 10.89 60.00
CA GLY A 1726 4.96 11.58 58.73
C GLY A 1726 3.57 12.20 58.65
N THR A 1727 3.52 13.50 58.34
CA THR A 1727 2.28 14.27 58.17
C THR A 1727 1.70 14.16 56.75
N ALA A 1728 2.54 13.85 55.75
CA ALA A 1728 2.11 13.58 54.38
C ALA A 1728 1.55 12.15 54.23
N ASP A 1729 0.61 11.96 53.31
CA ASP A 1729 0.11 10.63 52.94
C ASP A 1729 1.22 9.77 52.32
N ILE A 1730 1.41 8.55 52.84
CA ILE A 1730 2.39 7.61 52.29
C ILE A 1730 1.69 6.68 51.31
N THR A 1731 2.05 6.75 50.03
CA THR A 1731 1.37 6.06 48.94
C THR A 1731 1.75 4.59 48.89
N LEU A 1732 0.81 3.71 49.19
CA LEU A 1732 0.97 2.27 48.99
C LEU A 1732 0.57 1.93 47.55
N ARG A 1733 1.57 1.62 46.72
CA ARG A 1733 1.40 1.32 45.30
C ARG A 1733 1.47 -0.18 45.05
N PHE A 1734 0.36 -0.76 44.62
CA PHE A 1734 0.29 -2.14 44.13
C PHE A 1734 0.37 -2.10 42.60
N THR A 1735 1.37 -2.74 41.99
CA THR A 1735 1.57 -2.77 40.53
C THR A 1735 1.50 -4.19 40.01
N TRP A 1736 0.91 -4.38 38.84
CA TRP A 1736 0.94 -5.63 38.09
C TRP A 1736 1.44 -5.36 36.67
N ASN A 1737 2.21 -6.29 36.14
CA ASN A 1737 2.80 -6.23 34.81
C ASN A 1737 2.82 -7.63 34.19
N PHE A 1738 2.16 -7.74 33.04
CA PHE A 1738 1.93 -8.99 32.34
C PHE A 1738 2.84 -9.05 31.11
N GLN A 1739 3.80 -9.97 31.11
CA GLN A 1739 4.63 -10.25 29.93
C GLN A 1739 3.88 -11.23 29.02
N ARG A 1740 3.84 -10.93 27.72
CA ARG A 1740 3.17 -11.79 26.76
C ARG A 1740 4.11 -12.32 25.68
N ASP A 1741 3.70 -13.37 24.99
CA ASP A 1741 4.50 -13.98 23.94
C ASP A 1741 4.33 -13.23 22.60
N LEU A 1742 5.33 -12.44 22.20
CA LEU A 1742 5.31 -11.77 20.89
C LEU A 1742 5.24 -12.75 19.71
N ALA A 1743 5.69 -14.01 19.87
CA ALA A 1743 5.57 -15.02 18.82
C ALA A 1743 4.13 -15.53 18.63
N LYS A 1744 3.23 -15.31 19.61
CA LYS A 1744 1.77 -15.53 19.46
C LYS A 1744 1.05 -14.32 18.84
N GLY A 1745 1.74 -13.20 18.66
CA GLY A 1745 1.22 -11.97 18.03
C GLY A 1745 0.85 -10.86 19.01
N GLY A 1746 0.45 -9.72 18.46
CA GLY A 1746 0.36 -8.45 19.17
C GLY A 1746 1.65 -7.64 19.07
N THR A 1747 1.57 -6.34 19.35
CA THR A 1747 2.69 -5.39 19.23
C THR A 1747 3.27 -4.93 20.57
N VAL A 1748 2.70 -5.42 21.68
CA VAL A 1748 3.02 -4.98 23.05
C VAL A 1748 3.34 -6.20 23.91
N GLU A 1749 4.61 -6.36 24.26
CA GLU A 1749 5.09 -7.45 25.13
C GLU A 1749 4.61 -7.28 26.58
N TYR A 1750 4.56 -6.05 27.08
CA TYR A 1750 4.25 -5.75 28.48
C TYR A 1750 2.97 -4.93 28.61
N ALA A 1751 1.95 -5.47 29.28
CA ALA A 1751 0.77 -4.73 29.72
C ALA A 1751 0.83 -4.54 31.24
N ASN A 1752 0.84 -3.31 31.73
CA ASN A 1752 0.98 -2.98 33.15
C ASN A 1752 0.00 -1.90 33.60
N GLU A 1753 -0.27 -1.86 34.90
CA GLU A 1753 -0.98 -0.76 35.56
C GLU A 1753 -0.66 -0.74 37.07
N LYS A 1754 -1.12 0.31 37.78
CA LYS A 1754 -0.90 0.52 39.22
C LYS A 1754 -2.17 0.96 39.95
N HIS A 1755 -2.43 0.35 41.10
CA HIS A 1755 -3.30 0.92 42.14
C HIS A 1755 -2.46 1.69 43.17
N MET A 1756 -3.02 2.74 43.77
CA MET A 1756 -2.32 3.62 44.71
C MET A 1756 -3.25 4.05 45.86
N LEU A 1757 -3.11 3.44 47.03
CA LEU A 1757 -3.81 3.86 48.24
C LEU A 1757 -2.99 4.88 49.03
N ALA A 1758 -3.61 6.01 49.38
CA ALA A 1758 -3.04 7.00 50.29
C ALA A 1758 -3.24 6.54 51.75
N LEU A 1759 -2.17 6.06 52.40
CA LEU A 1759 -2.23 5.71 53.83
C LEU A 1759 -2.18 6.98 54.67
N ALA A 1760 -3.36 7.53 54.98
CA ALA A 1760 -3.53 8.77 55.72
C ALA A 1760 -2.73 8.83 57.03
N PRO A 1761 -2.18 9.99 57.43
CA PRO A 1761 -1.49 10.15 58.70
C PRO A 1761 -2.41 9.73 59.86
N ASN A 1762 -1.84 9.10 60.89
CA ASN A 1762 -2.57 8.52 62.02
C ASN A 1762 -3.61 7.41 61.72
N SER A 1763 -3.78 6.95 60.48
CA SER A 1763 -4.66 5.82 60.17
C SER A 1763 -4.22 4.51 60.84
N THR A 1764 -5.17 3.63 61.13
CA THR A 1764 -4.92 2.32 61.77
C THR A 1764 -3.94 1.48 60.98
N ALA A 1765 -4.15 1.35 59.67
CA ALA A 1765 -3.24 0.64 58.77
C ALA A 1765 -1.82 1.22 58.79
N ARG A 1766 -1.67 2.55 58.75
CA ARG A 1766 -0.35 3.20 58.80
C ARG A 1766 0.38 2.91 60.12
N ARG A 1767 -0.31 2.95 61.27
CA ARG A 1767 0.26 2.62 62.58
C ARG A 1767 0.59 1.13 62.72
N GLN A 1768 -0.25 0.23 62.22
CA GLN A 1768 -0.01 -1.22 62.28
C GLN A 1768 1.14 -1.65 61.36
N LEU A 1769 1.29 -1.02 60.19
CA LEU A 1769 2.46 -1.24 59.34
C LEU A 1769 3.73 -0.62 59.97
N ALA A 1770 3.60 0.43 60.79
CA ALA A 1770 4.69 0.96 61.61
C ALA A 1770 5.11 0.00 62.75
N SER A 1771 4.17 -0.65 63.43
CA SER A 1771 4.48 -1.62 64.49
C SER A 1771 5.08 -2.93 63.95
N LEU A 1772 4.66 -3.38 62.77
CA LEU A 1772 5.33 -4.50 62.07
C LEU A 1772 6.84 -4.28 61.91
N LEU A 1773 7.29 -3.04 61.62
CA LEU A 1773 8.72 -2.72 61.50
C LEU A 1773 9.51 -2.83 62.81
N GLU A 1774 8.84 -2.84 63.97
CA GLU A 1774 9.46 -3.05 65.27
C GLU A 1774 9.79 -4.52 65.53
N GLY A 1775 9.08 -5.44 64.88
CA GLY A 1775 9.29 -6.88 65.03
C GLY A 1775 8.97 -7.41 66.44
N THR A 1776 8.13 -6.68 67.18
CA THR A 1776 7.63 -7.01 68.53
C THR A 1776 6.22 -7.60 68.52
N SER A 1777 5.56 -7.65 67.36
CA SER A 1777 4.17 -8.06 67.19
C SER A 1777 3.97 -9.12 66.11
N ASP A 1778 3.38 -10.26 66.48
CA ASP A 1778 2.84 -11.24 65.52
C ASP A 1778 1.56 -10.75 64.80
N GLN A 1779 1.24 -9.46 64.92
CA GLN A 1779 0.02 -8.84 64.38
C GLN A 1779 0.23 -8.49 62.90
N SER A 1780 -0.63 -9.02 62.05
CA SER A 1780 -0.75 -8.58 60.66
C SER A 1780 -1.50 -7.25 60.53
N VAL A 1781 -1.05 -6.36 59.65
CA VAL A 1781 -1.87 -5.20 59.23
C VAL A 1781 -2.83 -5.63 58.13
N VAL A 1782 -4.11 -5.23 58.22
CA VAL A 1782 -5.06 -5.39 57.11
C VAL A 1782 -5.21 -4.05 56.42
N ILE A 1783 -4.93 -4.03 55.12
CA ILE A 1783 -5.11 -2.87 54.25
C ILE A 1783 -6.30 -3.17 53.32
N PRO A 1784 -7.46 -2.54 53.54
CA PRO A 1784 -8.63 -2.75 52.68
C PRO A 1784 -8.37 -2.22 51.27
N ASN A 1785 -9.19 -2.63 50.30
CA ASN A 1785 -9.30 -1.98 48.99
C ASN A 1785 -8.01 -1.98 48.14
N LEU A 1786 -7.10 -2.97 48.32
CA LEU A 1786 -5.76 -2.96 47.73
C LEU A 1786 -5.59 -3.91 46.52
N PHE A 1787 -6.23 -5.09 46.53
CA PHE A 1787 -6.02 -6.13 45.52
C PHE A 1787 -7.21 -6.22 44.55
N PRO A 1788 -7.13 -5.65 43.32
CA PRO A 1788 -8.11 -5.92 42.28
C PRO A 1788 -8.04 -7.40 41.87
N LYS A 1789 -9.06 -8.19 42.21
CA LYS A 1789 -9.11 -9.62 41.84
C LYS A 1789 -9.30 -9.81 40.33
N TYR A 1790 -9.98 -8.88 39.65
CA TYR A 1790 -10.39 -9.04 38.25
C TYR A 1790 -9.76 -7.95 37.39
N ILE A 1791 -8.82 -8.32 36.51
CA ILE A 1791 -8.02 -7.38 35.72
C ILE A 1791 -8.11 -7.72 34.24
N ARG A 1792 -8.35 -6.73 33.37
CA ARG A 1792 -8.25 -6.90 31.93
C ARG A 1792 -6.80 -6.65 31.49
N ALA A 1793 -6.28 -7.57 30.69
CA ALA A 1793 -5.04 -7.40 29.97
C ALA A 1793 -5.38 -7.17 28.48
N PRO A 1794 -5.54 -5.92 28.03
CA PRO A 1794 -5.89 -5.61 26.64
C PRO A 1794 -4.68 -5.67 25.70
N ASN A 1795 -4.90 -5.62 24.39
CA ASN A 1795 -3.82 -5.60 23.38
C ASN A 1795 -2.90 -4.35 23.45
N GLY A 1796 -3.24 -3.42 24.36
CA GLY A 1796 -2.38 -2.26 24.59
C GLY A 1796 -1.84 -2.39 26.01
N PRO A 1797 -0.77 -1.67 26.36
CA PRO A 1797 -0.13 -1.79 27.68
C PRO A 1797 -0.89 -1.30 28.92
N GLU A 1798 -2.18 -1.02 28.84
CA GLU A 1798 -2.87 -0.48 30.00
C GLU A 1798 -3.64 -1.60 30.68
N ALA A 1799 -3.04 -2.25 31.68
CA ALA A 1799 -3.71 -3.42 32.28
C ALA A 1799 -4.83 -3.05 33.28
N ASN A 1800 -5.91 -2.46 32.80
CA ASN A 1800 -6.98 -1.89 33.63
C ASN A 1800 -7.80 -2.94 34.45
N PRO A 1801 -8.14 -2.67 35.73
CA PRO A 1801 -9.10 -3.47 36.50
C PRO A 1801 -10.50 -3.50 35.86
N VAL A 1802 -11.25 -4.61 36.04
CA VAL A 1802 -12.53 -4.82 35.36
C VAL A 1802 -13.67 -4.12 36.11
N LYS A 1803 -13.98 -2.89 35.71
CA LYS A 1803 -15.09 -2.08 36.24
C LYS A 1803 -16.47 -2.76 36.15
N GLN A 1804 -16.65 -3.75 35.28
CA GLN A 1804 -17.90 -4.53 35.16
C GLN A 1804 -18.03 -5.61 36.25
N LEU A 1805 -16.91 -6.12 36.78
CA LEU A 1805 -16.84 -7.12 37.86
C LEU A 1805 -16.58 -6.48 39.23
N GLN A 1806 -16.04 -5.26 39.21
CA GLN A 1806 -15.72 -4.43 40.37
C GLN A 1806 -16.38 -3.05 40.17
N PRO A 1807 -17.74 -2.96 40.13
CA PRO A 1807 -18.49 -1.74 39.81
C PRO A 1807 -18.32 -0.59 40.80
N ASN A 1808 -17.92 -0.86 42.04
CA ASN A 1808 -17.58 0.16 43.04
C ASN A 1808 -16.08 0.53 43.02
N GLU A 1809 -15.37 0.09 41.97
CA GLU A 1809 -13.93 0.25 41.75
C GLU A 1809 -13.11 -0.13 42.99
N GLU A 1810 -12.50 0.84 43.67
CA GLU A 1810 -11.67 0.61 44.87
C GLU A 1810 -12.41 -0.16 45.97
N ALA A 1811 -13.71 0.04 46.15
CA ALA A 1811 -14.47 -0.59 47.23
C ALA A 1811 -14.76 -2.09 46.99
N ASP A 1812 -14.59 -2.58 45.76
CA ASP A 1812 -14.68 -4.00 45.42
C ASP A 1812 -13.29 -4.68 45.35
N TYR A 1813 -12.21 -3.96 45.64
CA TYR A 1813 -10.87 -4.53 45.71
C TYR A 1813 -10.67 -5.24 47.05
N LEU A 1814 -10.06 -6.43 47.01
CA LEU A 1814 -9.91 -7.24 48.21
C LEU A 1814 -8.93 -6.60 49.19
N GLY A 1815 -9.26 -6.69 50.48
CA GLY A 1815 -8.33 -6.34 51.55
C GLY A 1815 -7.15 -7.31 51.59
N VAL A 1816 -5.95 -6.77 51.77
CA VAL A 1816 -4.71 -7.54 51.87
C VAL A 1816 -4.22 -7.48 53.30
N ARG A 1817 -4.04 -8.66 53.90
CA ARG A 1817 -3.36 -8.84 55.18
C ARG A 1817 -1.85 -8.92 54.90
N ILE A 1818 -1.08 -7.99 55.45
CA ILE A 1818 0.38 -7.92 55.31
C ILE A 1818 1.03 -8.32 56.63
N GLN A 1819 2.10 -9.11 56.54
CA GLN A 1819 2.95 -9.55 57.65
C GLN A 1819 4.42 -9.29 57.29
N LEU A 1820 5.25 -9.03 58.31
CA LEU A 1820 6.72 -9.02 58.16
C LEU A 1820 7.27 -10.33 58.73
N ARG A 1821 7.88 -11.17 57.89
CA ARG A 1821 8.63 -12.35 58.35
C ARG A 1821 10.08 -11.95 58.60
N ARG A 1822 10.61 -12.35 59.75
CA ARG A 1822 11.96 -11.91 60.13
C ARG A 1822 12.84 -13.03 60.61
N GLU A 1823 13.33 -13.87 59.71
CA GLU A 1823 14.27 -14.90 60.12
C GLU A 1823 15.47 -14.21 60.74
N GLN A 1824 15.84 -14.61 61.94
CA GLN A 1824 17.01 -14.02 62.58
C GLN A 1824 18.08 -15.09 62.69
N GLY A 1825 17.70 -16.27 63.17
CA GLY A 1825 18.68 -17.31 63.39
C GLY A 1825 19.06 -17.24 64.85
N ALA A 1826 18.18 -16.68 65.68
CA ALA A 1826 18.44 -16.54 67.12
C ALA A 1826 19.84 -16.06 67.50
N GLY A 1827 20.20 -14.86 67.04
CA GLY A 1827 21.51 -14.33 67.34
C GLY A 1827 21.88 -13.12 66.52
N ALA A 1828 22.44 -12.09 67.15
CA ALA A 1828 22.82 -10.84 66.47
C ALA A 1828 21.68 -10.07 65.79
N THR A 1829 22.01 -9.25 64.80
CA THR A 1829 21.00 -8.46 64.13
C THR A 1829 20.90 -8.90 62.68
N GLY A 1830 21.47 -10.06 62.37
CA GLY A 1830 21.36 -10.59 61.02
C GLY A 1830 19.91 -10.88 60.76
N PHE A 1831 19.24 -10.00 60.02
CA PHE A 1831 17.82 -10.16 59.85
C PHE A 1831 17.38 -10.46 58.44
N LEU A 1832 17.12 -11.72 58.16
CA LEU A 1832 16.59 -12.08 56.86
C LEU A 1832 15.16 -11.64 56.92
N GLU A 1833 14.87 -10.48 56.34
CA GLU A 1833 13.51 -9.95 56.40
C GLU A 1833 12.84 -9.99 55.02
N TRP A 1834 11.59 -10.39 54.99
CA TRP A 1834 10.75 -10.37 53.79
C TRP A 1834 9.28 -10.19 54.19
N TRP A 1835 8.49 -9.64 53.28
CA TRP A 1835 7.07 -9.46 53.54
C TRP A 1835 6.27 -10.63 53.00
N VAL A 1836 5.20 -10.95 53.73
CA VAL A 1836 4.16 -11.89 53.30
C VAL A 1836 2.88 -11.11 53.16
N ILE A 1837 2.14 -11.38 52.08
CA ILE A 1837 0.81 -10.88 51.83
C ILE A 1837 -0.16 -12.05 51.73
N GLU A 1838 -1.35 -11.89 52.30
CA GLU A 1838 -2.46 -12.84 52.27
C GLU A 1838 -3.73 -12.06 51.93
N LEU A 1839 -4.76 -12.70 51.36
CA LEU A 1839 -6.07 -12.05 51.24
C LEU A 1839 -6.80 -12.06 52.58
N GLN A 1840 -7.47 -10.96 52.93
CA GLN A 1840 -8.21 -10.79 54.19
C GLN A 1840 -9.21 -11.93 54.44
N GLU A 1841 -9.83 -12.43 53.39
CA GLU A 1841 -10.84 -13.51 53.41
C GLU A 1841 -10.32 -14.88 52.95
N CYS A 1842 -9.00 -15.11 52.98
CA CYS A 1842 -8.46 -16.42 52.62
C CYS A 1842 -9.02 -17.54 53.53
N ARG A 1843 -9.41 -18.67 52.92
CA ARG A 1843 -9.99 -19.85 53.62
C ARG A 1843 -9.22 -21.13 53.29
N THR A 1844 -8.95 -21.32 52.01
CA THR A 1844 -8.03 -22.31 51.45
C THR A 1844 -6.87 -21.55 50.81
N ASP A 1845 -5.68 -22.16 50.80
CA ASP A 1845 -4.49 -21.65 50.12
C ASP A 1845 -4.17 -20.17 50.43
N CYS A 1846 -4.16 -19.78 51.71
CA CYS A 1846 -3.78 -18.42 52.14
C CYS A 1846 -2.40 -17.94 51.64
N ASN A 1847 -1.52 -18.88 51.26
CA ASN A 1847 -0.23 -18.61 50.62
C ASN A 1847 -0.36 -18.22 49.13
N LEU A 1848 -1.55 -18.18 48.54
CA LEU A 1848 -1.80 -17.84 47.14
C LEU A 1848 -2.81 -16.68 47.03
N LEU A 1849 -2.51 -15.73 46.14
CA LEU A 1849 -3.38 -14.61 45.80
C LEU A 1849 -3.87 -14.82 44.35
N PRO A 1850 -5.07 -15.41 44.15
CA PRO A 1850 -5.61 -15.66 42.81
C PRO A 1850 -6.03 -14.35 42.14
N MET A 1851 -5.19 -13.87 41.22
CA MET A 1851 -5.50 -12.74 40.33
C MET A 1851 -6.10 -13.29 39.03
N VAL A 1852 -7.34 -12.90 38.72
CA VAL A 1852 -8.10 -13.34 37.55
C VAL A 1852 -7.90 -12.32 36.43
N ILE A 1853 -7.18 -12.75 35.38
CA ILE A 1853 -6.74 -11.90 34.28
C ILE A 1853 -7.50 -12.28 33.01
N PHE A 1854 -8.22 -11.32 32.44
CA PHE A 1854 -8.94 -11.44 31.17
C PHE A 1854 -8.04 -10.92 30.06
N SER A 1855 -7.35 -11.82 29.33
CA SER A 1855 -6.46 -11.44 28.24
C SER A 1855 -7.26 -11.27 26.93
N ASP A 1856 -7.15 -10.10 26.31
CA ASP A 1856 -7.69 -9.89 24.97
C ASP A 1856 -6.94 -10.77 23.93
N LYS A 1857 -7.66 -11.24 22.91
CA LYS A 1857 -7.05 -12.00 21.80
C LYS A 1857 -6.29 -11.08 20.85
N VAL A 1858 -5.10 -11.48 20.43
CA VAL A 1858 -4.34 -10.67 19.48
C VAL A 1858 -4.70 -11.07 18.05
N SER A 1859 -4.37 -10.25 17.06
CA SER A 1859 -4.77 -10.56 15.69
C SER A 1859 -3.71 -10.29 14.62
N PRO A 1860 -3.21 -11.36 13.98
CA PRO A 1860 -2.24 -11.19 12.90
C PRO A 1860 -2.76 -11.68 11.53
N PRO A 1861 -3.26 -10.76 10.69
CA PRO A 1861 -3.76 -11.12 9.36
C PRO A 1861 -2.65 -11.34 8.34
N SER A 1862 -2.94 -12.10 7.28
CA SER A 1862 -1.95 -12.36 6.24
C SER A 1862 -2.21 -11.54 5.00
N LEU A 1863 -3.48 -11.37 4.66
CA LEU A 1863 -3.83 -10.57 3.49
C LEU A 1863 -4.47 -9.27 3.92
N GLY A 1864 -3.90 -8.62 4.93
CA GLY A 1864 -4.49 -7.39 5.44
C GLY A 1864 -4.23 -6.14 4.63
N PHE A 1865 -3.76 -6.30 3.40
CA PHE A 1865 -3.53 -5.15 2.53
C PHE A 1865 -4.87 -4.68 1.99
N LEU A 1866 -5.85 -5.57 1.96
CA LEU A 1866 -7.19 -5.20 1.49
C LEU A 1866 -8.06 -4.72 2.65
N ALA A 1867 -7.59 -3.71 3.38
CA ALA A 1867 -8.34 -3.20 4.52
C ALA A 1867 -8.45 -1.68 4.44
N GLY A 1868 -9.44 -1.11 5.12
CA GLY A 1868 -9.59 0.33 5.14
C GLY A 1868 -10.71 0.84 4.27
N TYR A 1869 -11.18 2.05 4.53
CA TYR A 1869 -12.23 2.63 3.70
C TYR A 1869 -11.62 3.17 2.43
N GLY A 1870 -10.31 3.22 2.37
CA GLY A 1870 -9.64 3.62 1.14
C GLY A 1870 -9.78 2.48 0.17
N ILE A 1871 -9.81 1.24 0.67
CA ILE A 1871 -10.01 0.09 -0.20
C ILE A 1871 -11.44 0.04 -0.72
N MET A 1872 -12.38 0.56 0.05
CA MET A 1872 -13.76 0.61 -0.41
C MET A 1872 -13.85 1.61 -1.54
N GLY A 1873 -13.24 2.77 -1.36
CA GLY A 1873 -13.25 3.78 -2.40
C GLY A 1873 -12.54 3.30 -3.64
N LEU A 1874 -11.47 2.54 -3.46
CA LEU A 1874 -10.73 2.03 -4.60
C LEU A 1874 -11.63 1.13 -5.43
N TYR A 1875 -12.35 0.23 -4.79
CA TYR A 1875 -13.25 -0.66 -5.51
C TYR A 1875 -14.21 0.14 -6.39
N VAL A 1876 -14.87 1.13 -5.82
CA VAL A 1876 -15.83 1.92 -6.57
C VAL A 1876 -15.16 2.49 -7.81
N SER A 1877 -14.01 3.13 -7.64
CA SER A 1877 -13.29 3.69 -8.77
C SER A 1877 -12.98 2.65 -9.86
N ILE A 1878 -12.57 1.45 -9.48
CA ILE A 1878 -12.33 0.41 -10.48
C ILE A 1878 -13.58 0.17 -11.32
N VAL A 1879 -14.72 -0.06 -10.67
CA VAL A 1879 -15.96 -0.27 -11.40
C VAL A 1879 -16.19 0.83 -12.43
N LEU A 1880 -16.11 2.08 -12.02
CA LEU A 1880 -16.30 3.18 -12.95
C LEU A 1880 -15.43 3.07 -14.19
N VAL A 1881 -14.13 2.88 -14.01
CA VAL A 1881 -13.23 2.76 -15.15
C VAL A 1881 -13.61 1.60 -16.07
N ILE A 1882 -13.81 0.41 -15.52
CA ILE A 1882 -14.21 -0.72 -16.34
C ILE A 1882 -15.52 -0.42 -17.04
N GLY A 1883 -16.44 0.26 -16.35
CA GLY A 1883 -17.71 0.62 -16.96
C GLY A 1883 -17.55 1.43 -18.23
N LYS A 1884 -16.68 2.42 -18.22
CA LYS A 1884 -16.46 3.23 -19.40
C LYS A 1884 -15.79 2.42 -20.51
N PHE A 1885 -14.97 1.45 -20.15
CA PHE A 1885 -14.35 0.60 -21.15
C PHE A 1885 -15.40 -0.25 -21.86
N VAL A 1886 -16.33 -0.83 -21.11
CA VAL A 1886 -17.38 -1.64 -21.72
C VAL A 1886 -18.28 -0.77 -22.58
N ARG A 1887 -18.55 0.44 -22.12
CA ARG A 1887 -19.37 1.33 -22.92
C ARG A 1887 -18.75 1.48 -24.30
N GLY A 1888 -17.43 1.58 -24.37
CA GLY A 1888 -16.78 1.67 -25.66
C GLY A 1888 -17.33 0.74 -26.72
N PHE A 1889 -17.57 -0.51 -26.36
CA PHE A 1889 -18.03 -1.47 -27.35
C PHE A 1889 -19.48 -1.29 -27.72
N PHE A 1890 -20.27 -0.70 -26.83
CA PHE A 1890 -21.70 -0.57 -27.08
C PHE A 1890 -22.14 0.83 -27.45
N SER A 1891 -21.24 1.79 -27.49
CA SER A 1891 -21.65 3.16 -27.74
C SER A 1891 -21.65 3.58 -29.17
N GLU A 1892 -20.54 4.11 -29.66
CA GLU A 1892 -20.51 4.61 -31.02
C GLU A 1892 -20.07 3.55 -31.98
N ILE A 1893 -20.95 2.61 -32.28
CA ILE A 1893 -20.64 1.55 -33.20
C ILE A 1893 -21.38 1.84 -34.46
N SER A 1894 -22.02 2.99 -34.52
CA SER A 1894 -22.77 3.37 -35.68
C SER A 1894 -21.96 4.31 -36.49
N HIS A 1895 -20.83 4.72 -35.99
CA HIS A 1895 -20.01 5.69 -36.68
C HIS A 1895 -19.07 5.00 -37.62
N SER A 1896 -18.85 3.71 -37.42
CA SER A 1896 -17.99 2.95 -38.28
C SER A 1896 -18.79 1.86 -38.92
N ILE A 1897 -19.76 2.23 -39.76
CA ILE A 1897 -20.61 1.26 -40.41
C ILE A 1897 -20.19 1.42 -41.84
N MET A 1898 -19.59 2.55 -42.15
CA MET A 1898 -19.21 2.81 -43.52
C MET A 1898 -17.98 2.06 -43.85
N PHE A 1899 -17.19 1.72 -42.84
CA PHE A 1899 -15.92 1.07 -43.07
C PHE A 1899 -15.89 -0.34 -42.55
N GLU A 1900 -17.03 -0.88 -42.17
CA GLU A 1900 -17.07 -2.22 -41.60
C GLU A 1900 -18.22 -3.08 -42.05
N GLU A 1901 -19.05 -2.57 -42.94
CA GLU A 1901 -20.17 -3.35 -43.43
C GLU A 1901 -20.10 -3.48 -44.91
N LEU A 1902 -18.90 -3.60 -45.44
CA LEU A 1902 -18.73 -3.68 -46.88
C LEU A 1902 -19.17 -5.01 -47.46
N PRO A 1903 -20.05 -4.99 -48.47
CA PRO A 1903 -20.54 -6.21 -49.09
C PRO A 1903 -19.54 -7.17 -49.73
N CYS A 1904 -18.71 -6.72 -50.66
CA CYS A 1904 -17.69 -7.56 -51.29
C CYS A 1904 -16.32 -6.94 -51.21
N VAL A 1905 -15.48 -7.41 -50.31
CA VAL A 1905 -14.17 -6.80 -50.11
C VAL A 1905 -13.08 -7.45 -50.91
N ASP A 1906 -13.29 -7.64 -52.21
CA ASP A 1906 -12.32 -8.36 -53.00
C ASP A 1906 -11.49 -7.47 -53.86
N ARG A 1907 -12.07 -6.39 -54.33
CA ARG A 1907 -11.35 -5.50 -55.19
C ARG A 1907 -10.38 -4.67 -54.38
N ILE A 1908 -10.65 -4.48 -53.10
CA ILE A 1908 -9.73 -3.77 -52.23
C ILE A 1908 -8.59 -4.67 -51.83
N LEU A 1909 -8.82 -5.97 -51.78
CA LEU A 1909 -7.77 -6.92 -51.44
C LEU A 1909 -6.78 -7.01 -52.57
N LYS A 1910 -7.21 -6.79 -53.79
CA LYS A 1910 -6.27 -6.78 -54.87
C LYS A 1910 -5.37 -5.56 -54.84
N LEU A 1911 -5.90 -4.38 -54.51
CA LEU A 1911 -5.05 -3.20 -54.39
C LEU A 1911 -4.08 -3.35 -53.26
N CYS A 1912 -4.48 -3.97 -52.16
CA CYS A 1912 -3.59 -4.04 -51.03
C CYS A 1912 -2.48 -5.03 -51.31
N GLN A 1913 -2.78 -6.07 -52.06
CA GLN A 1913 -1.75 -7.05 -52.40
C GLN A 1913 -0.87 -6.63 -53.57
N ASP A 1914 -1.27 -5.60 -54.31
CA ASP A 1914 -0.43 -5.10 -55.39
C ASP A 1914 0.52 -4.06 -54.88
N ILE A 1915 0.24 -3.46 -53.74
CA ILE A 1915 1.17 -2.53 -53.16
C ILE A 1915 2.30 -3.41 -52.69
N PHE A 1916 1.98 -4.59 -52.17
CA PHE A 1916 3.02 -5.46 -51.64
C PHE A 1916 3.92 -6.05 -52.71
N LEU A 1917 3.36 -6.48 -53.84
CA LEU A 1917 4.19 -6.99 -54.94
C LEU A 1917 5.16 -5.94 -55.43
N VAL A 1918 4.74 -4.70 -55.51
CA VAL A 1918 5.61 -3.66 -56.01
C VAL A 1918 6.75 -3.44 -55.03
N ARG A 1919 6.50 -3.52 -53.74
CA ARG A 1919 7.56 -3.37 -52.75
C ARG A 1919 8.61 -4.46 -52.88
N GLU A 1920 8.21 -5.65 -53.31
CA GLU A 1920 9.14 -6.76 -53.48
C GLU A 1920 10.08 -6.54 -54.63
N THR A 1921 9.53 -6.25 -55.80
CA THR A 1921 10.35 -6.06 -56.99
C THR A 1921 10.95 -4.69 -57.09
N ARG A 1922 10.88 -3.93 -56.01
CA ARG A 1922 11.40 -2.57 -55.98
C ARG A 1922 11.11 -1.71 -57.18
N GLU A 1923 9.82 -1.47 -57.46
CA GLU A 1923 9.46 -0.57 -58.53
C GLU A 1923 8.76 0.52 -57.79
N LEU A 1924 9.45 1.18 -56.89
CA LEU A 1924 8.83 2.17 -56.01
C LEU A 1924 8.03 3.34 -56.57
N GLU A 1925 8.02 3.56 -57.88
CA GLU A 1925 7.18 4.62 -58.43
C GLU A 1925 5.73 4.20 -58.42
N LEU A 1926 5.46 2.91 -58.53
CA LEU A 1926 4.10 2.44 -58.53
C LEU A 1926 3.60 2.21 -57.13
N GLU A 1927 4.46 2.28 -56.14
CA GLU A 1927 3.96 2.17 -54.78
C GLU A 1927 3.25 3.47 -54.48
N GLU A 1928 3.80 4.59 -54.95
CA GLU A 1928 3.15 5.88 -54.75
C GLU A 1928 1.84 5.99 -55.48
N GLU A 1929 1.76 5.51 -56.72
CA GLU A 1929 0.54 5.68 -57.45
C GLU A 1929 -0.57 4.76 -56.98
N LEU A 1930 -0.21 3.63 -56.39
CA LEU A 1930 -1.24 2.74 -55.87
C LEU A 1930 -1.62 3.13 -54.45
N TYR A 1931 -0.83 3.95 -53.78
CA TYR A 1931 -1.22 4.43 -52.47
C TYR A 1931 -2.23 5.52 -52.70
N ALA A 1932 -2.13 6.25 -53.79
CA ALA A 1932 -3.11 7.26 -54.07
C ALA A 1932 -4.48 6.71 -54.38
N LYS A 1933 -4.58 5.52 -54.93
CA LYS A 1933 -5.89 4.96 -55.13
C LYS A 1933 -6.50 4.53 -53.83
N LEU A 1934 -5.72 3.95 -52.93
CA LEU A 1934 -6.27 3.44 -51.68
C LEU A 1934 -6.71 4.58 -50.81
N ILE A 1935 -6.00 5.69 -50.84
CA ILE A 1935 -6.36 6.84 -50.04
C ILE A 1935 -7.56 7.59 -50.62
N PHE A 1936 -7.87 7.45 -51.90
CA PHE A 1936 -9.03 8.16 -52.40
C PHE A 1936 -10.20 7.27 -52.48
N LEU A 1937 -10.17 6.13 -51.82
CA LEU A 1937 -11.34 5.28 -51.77
C LEU A 1937 -11.82 5.53 -50.40
N TYR A 1938 -10.90 5.73 -49.48
CA TYR A 1938 -11.27 5.92 -48.10
C TYR A 1938 -11.54 7.38 -47.81
N ARG A 1939 -11.56 8.23 -48.83
CA ARG A 1939 -11.83 9.65 -48.67
C ARG A 1939 -13.06 10.02 -49.42
N SER A 1940 -13.75 9.06 -49.99
CA SER A 1940 -14.99 9.32 -50.68
C SER A 1940 -15.90 8.20 -50.38
N PRO A 1941 -16.78 8.35 -49.41
CA PRO A 1941 -17.68 7.28 -49.01
C PRO A 1941 -18.52 6.67 -50.11
N GLU A 1942 -18.81 7.38 -51.20
CA GLU A 1942 -19.60 6.87 -52.31
C GLU A 1942 -18.87 6.13 -53.39
N THR A 1943 -17.55 6.17 -53.41
CA THR A 1943 -16.80 5.39 -54.38
C THR A 1943 -16.43 4.11 -53.71
N MET A 1944 -16.77 3.96 -52.45
CA MET A 1944 -16.56 2.69 -51.82
C MET A 1944 -17.83 1.93 -51.96
N ILE A 1945 -18.96 2.58 -52.19
CA ILE A 1945 -20.19 1.82 -52.45
C ILE A 1945 -20.29 1.43 -53.90
N LYS A 1946 -19.30 1.78 -54.70
CA LYS A 1946 -19.29 1.32 -56.08
C LYS A 1946 -18.25 0.24 -56.19
N TRP A 1947 -17.11 0.39 -55.54
CA TRP A 1947 -16.05 -0.59 -55.59
C TRP A 1947 -16.40 -1.82 -54.78
N THR A 1948 -17.12 -1.66 -53.69
CA THR A 1948 -17.52 -2.80 -52.88
C THR A 1948 -18.95 -3.21 -53.08
N ARG A 1949 -19.36 -3.51 -54.30
CA ARG A 1949 -20.69 -4.02 -54.50
C ARG A 1949 -20.61 -5.41 -55.03
N GLU A 1950 -21.62 -6.22 -54.74
CA GLU A 1950 -21.59 -7.62 -55.14
C GLU A 1950 -21.85 -7.72 -56.61
N LYS A 1951 -20.82 -8.08 -57.36
CA LYS A 1951 -20.96 -8.15 -58.80
C LYS A 1951 -21.56 -9.47 -59.22
N GLU A 1952 -22.88 -9.54 -59.25
CA GLU A 1952 -23.55 -10.77 -59.64
C GLU A 1952 -24.30 -10.57 -60.95
N GLU B 1 95.27 45.62 -16.75
CA GLU B 1 95.18 46.81 -15.92
C GLU B 1 93.74 47.16 -15.61
N LEU B 2 92.81 46.33 -16.08
CA LEU B 2 91.40 46.57 -15.81
C LEU B 2 91.17 46.48 -14.32
N VAL B 3 91.65 45.40 -13.69
CA VAL B 3 91.45 45.22 -12.26
C VAL B 3 92.31 46.18 -11.47
N LYS B 4 93.42 46.62 -12.04
CA LYS B 4 94.24 47.62 -11.36
C LYS B 4 93.46 48.91 -11.29
N GLY B 5 92.72 49.23 -12.35
CA GLY B 5 91.89 50.43 -12.35
C GLY B 5 90.68 50.26 -11.46
N VAL B 6 90.19 49.04 -11.33
CA VAL B 6 89.08 48.77 -10.44
C VAL B 6 89.58 49.08 -9.03
N TYR B 7 90.81 48.65 -8.75
CA TYR B 7 91.38 48.91 -7.43
C TYR B 7 91.82 50.35 -7.31
N ALA B 8 91.93 51.06 -8.42
CA ALA B 8 92.28 52.48 -8.39
C ALA B 8 91.01 53.31 -8.39
N LYS B 9 89.94 52.80 -7.78
CA LYS B 9 88.72 53.57 -7.65
C LYS B 9 87.80 52.95 -6.61
N TYR B 10 87.68 51.63 -6.61
CA TYR B 10 86.74 50.98 -5.69
C TYR B 10 87.40 49.98 -4.76
N TRP B 11 88.41 50.41 -4.01
CA TRP B 11 89.12 49.47 -3.15
C TRP B 11 89.90 50.19 -2.06
N ILE B 12 89.92 51.51 -2.12
CA ILE B 12 90.59 52.29 -1.08
C ILE B 12 89.75 52.11 0.16
N TYR B 13 88.45 51.86 -0.03
CA TYR B 13 87.53 51.70 1.09
C TYR B 13 87.73 50.39 1.82
N VAL B 14 88.45 49.46 1.20
CA VAL B 14 88.75 48.21 1.89
C VAL B 14 89.70 48.55 3.02
N CYS B 15 90.69 49.41 2.75
CA CYS B 15 91.60 49.83 3.81
C CYS B 15 90.84 50.51 4.94
N ALA B 16 89.88 51.35 4.58
CA ALA B 16 89.12 52.06 5.60
C ALA B 16 88.28 51.10 6.44
N GLY B 17 87.65 50.13 5.79
CA GLY B 17 86.85 49.16 6.52
C GLY B 17 87.72 48.36 7.46
N MET B 18 88.93 48.03 7.01
CA MET B 18 89.84 47.26 7.83
C MET B 18 90.28 48.03 9.06
N PHE B 19 90.41 49.36 8.92
CA PHE B 19 90.76 50.19 10.06
C PHE B 19 89.79 49.90 11.17
N ILE B 20 88.50 49.96 10.86
CA ILE B 20 87.48 49.67 11.85
C ILE B 20 87.63 48.27 12.44
N VAL B 21 87.84 47.27 11.60
CA VAL B 21 87.96 45.89 12.08
C VAL B 21 89.02 45.78 13.17
N VAL B 22 90.20 46.36 12.93
CA VAL B 22 91.26 46.36 13.95
C VAL B 22 90.77 47.00 15.24
N SER B 23 90.23 48.21 15.14
CA SER B 23 89.75 48.93 16.32
C SER B 23 88.69 48.17 17.10
N PHE B 24 87.93 47.33 16.42
CA PHE B 24 86.87 46.59 17.09
C PHE B 24 87.18 45.11 17.12
N ALA B 25 88.39 44.76 17.50
CA ALA B 25 88.76 43.35 17.60
C ALA B 25 88.79 42.91 19.06
N GLY B 26 87.61 42.71 19.65
CA GLY B 26 87.55 42.29 21.03
C GLY B 26 87.68 43.45 21.98
N ARG B 27 88.15 43.18 23.20
CA ARG B 27 88.29 44.23 24.21
C ARG B 27 89.13 45.35 23.65
N LEU B 28 88.52 46.51 23.47
CA LEU B 28 89.24 47.64 22.94
C LEU B 28 89.96 48.38 24.04
N VAL B 29 91.28 48.32 24.02
CA VAL B 29 92.04 49.07 25.00
C VAL B 29 92.46 50.34 24.28
N VAL B 30 93.17 51.21 24.98
CA VAL B 30 93.56 52.49 24.40
C VAL B 30 94.06 52.42 22.98
N TYR B 31 94.97 51.50 22.69
CA TYR B 31 95.55 51.46 21.34
C TYR B 31 94.52 51.20 20.25
N LYS B 32 93.56 50.32 20.52
CA LYS B 32 92.53 50.03 19.54
C LYS B 32 91.61 51.23 19.37
N ILE B 33 91.40 51.98 20.44
CA ILE B 33 90.59 53.18 20.36
C ILE B 33 91.34 54.26 19.55
N VAL B 34 92.66 54.32 19.67
CA VAL B 34 93.42 55.28 18.88
C VAL B 34 93.38 54.84 17.43
N TYR B 35 93.31 53.54 17.19
CA TYR B 35 93.18 53.06 15.82
C TYR B 35 91.91 53.65 15.23
N MET B 36 90.83 53.63 16.00
CA MET B 36 89.59 54.21 15.53
C MET B 36 89.79 55.67 15.23
N PHE B 37 90.40 56.42 16.14
CA PHE B 37 90.64 57.85 15.94
C PHE B 37 91.35 58.13 14.61
N LEU B 38 92.28 57.27 14.23
CA LEU B 38 92.98 57.44 12.97
C LEU B 38 92.04 57.23 11.80
N PHE B 39 91.21 56.20 11.85
CA PHE B 39 90.21 56.01 10.79
C PHE B 39 89.36 57.26 10.68
N LEU B 40 88.86 57.72 11.82
CA LEU B 40 88.02 58.90 11.83
C LEU B 40 88.75 60.09 11.21
N LEU B 41 90.00 60.32 11.59
CA LEU B 41 90.73 61.48 11.08
C LEU B 41 90.76 61.51 9.58
N CYS B 42 90.99 60.36 8.96
CA CYS B 42 91.01 60.28 7.51
C CYS B 42 89.70 60.74 6.92
N LEU B 43 88.60 60.11 7.32
CA LEU B 43 87.30 60.45 6.78
C LEU B 43 86.86 61.89 7.08
N THR B 44 87.25 62.42 8.24
CA THR B 44 86.90 63.78 8.55
C THR B 44 87.58 64.80 7.64
N LEU B 45 88.87 64.63 7.40
CA LEU B 45 89.57 65.55 6.52
C LEU B 45 89.02 65.49 5.10
N PHE B 46 88.54 64.33 4.68
CA PHE B 46 87.93 64.20 3.35
C PHE B 46 86.86 65.25 3.18
N GLN B 47 86.00 65.39 4.18
CA GLN B 47 84.97 66.41 4.11
C GLN B 47 85.55 67.80 4.22
N VAL B 48 86.23 68.10 5.32
CA VAL B 48 86.73 69.46 5.54
C VAL B 48 87.57 70.04 4.39
N TYR B 49 88.65 69.37 4.04
CA TYR B 49 89.54 69.88 3.00
C TYR B 49 89.85 68.78 2.01
N TYR B 50 89.09 68.71 0.91
CA TYR B 50 89.29 67.63 -0.05
C TYR B 50 90.69 67.62 -0.62
N SER B 51 91.18 68.79 -1.00
CA SER B 51 92.52 68.89 -1.57
C SER B 51 93.56 68.33 -0.63
N LEU B 52 93.52 68.76 0.63
CA LEU B 52 94.49 68.29 1.60
C LEU B 52 94.32 66.80 1.90
N TRP B 53 93.09 66.29 1.88
CA TRP B 53 92.88 64.86 2.09
C TRP B 53 93.60 64.10 1.02
N ARG B 54 93.40 64.51 -0.22
CA ARG B 54 94.09 63.86 -1.33
C ARG B 54 95.61 63.96 -1.17
N LYS B 55 96.09 65.08 -0.66
CA LYS B 55 97.52 65.25 -0.47
C LYS B 55 98.14 64.27 0.53
N LEU B 56 97.41 63.94 1.60
CA LEU B 56 97.92 62.94 2.55
C LEU B 56 97.12 61.65 2.49
N LEU B 57 96.98 61.06 1.30
CA LEU B 57 96.17 59.86 1.16
C LEU B 57 96.91 58.62 1.62
N LYS B 58 97.84 58.16 0.78
CA LYS B 58 98.60 56.95 1.09
C LYS B 58 99.58 57.19 2.23
N ALA B 59 99.86 58.45 2.56
CA ALA B 59 100.73 58.71 3.69
C ALA B 59 100.07 58.21 4.96
N PHE B 60 98.75 58.32 5.01
CA PHE B 60 98.02 57.84 6.18
C PHE B 60 98.07 56.32 6.28
N TRP B 61 97.99 55.62 5.15
CA TRP B 61 98.13 54.16 5.21
C TRP B 61 99.56 53.73 5.48
N TRP B 62 100.52 54.61 5.21
CA TRP B 62 101.90 54.30 5.52
C TRP B 62 102.04 54.44 7.02
N LEU B 63 101.36 55.44 7.59
CA LEU B 63 101.39 55.60 9.04
C LEU B 63 100.63 54.45 9.67
N VAL B 64 99.75 53.83 8.88
CA VAL B 64 99.02 52.67 9.36
C VAL B 64 100.01 51.55 9.47
N VAL B 65 100.75 51.30 8.40
CA VAL B 65 101.70 50.20 8.41
C VAL B 65 102.51 50.48 9.65
N ALA B 66 102.78 51.76 9.89
CA ALA B 66 103.59 52.13 11.06
C ALA B 66 102.95 51.76 12.40
N TYR B 67 101.70 52.18 12.61
CA TYR B 67 101.00 51.86 13.85
C TYR B 67 100.85 50.36 14.03
N THR B 68 100.31 49.69 13.01
CA THR B 68 100.08 48.26 13.11
C THR B 68 101.35 47.51 13.46
N MET B 69 102.48 47.89 12.87
CA MET B 69 103.75 47.26 13.15
C MET B 69 104.04 47.20 14.64
N LEU B 70 104.16 48.36 15.27
CA LEU B 70 104.50 48.40 16.69
C LEU B 70 103.61 47.51 17.51
N VAL B 71 102.31 47.58 17.26
CA VAL B 71 101.36 46.75 17.99
C VAL B 71 101.70 45.29 17.92
N LEU B 72 101.72 44.73 16.71
CA LEU B 72 101.96 43.29 16.60
C LEU B 72 103.30 42.87 17.18
N ILE B 73 104.34 43.68 16.97
CA ILE B 73 105.66 43.36 17.51
C ILE B 73 105.60 43.17 19.01
N ALA B 74 105.07 44.16 19.73
CA ALA B 74 105.02 44.08 21.18
C ALA B 74 104.05 43.02 21.67
N VAL B 75 102.81 43.08 21.19
CA VAL B 75 101.80 42.13 21.63
C VAL B 75 101.89 40.84 20.84
N SER B 109 95.82 31.59 18.75
CA SER B 109 96.21 32.02 20.09
C SER B 109 95.68 33.41 20.37
N GLU B 110 95.43 33.70 21.65
CA GLU B 110 94.90 35.02 22.02
C GLU B 110 95.82 36.15 21.59
N LEU B 111 97.06 36.11 22.05
CA LEU B 111 98.01 37.16 21.71
C LEU B 111 98.29 37.20 20.22
N PHE B 112 98.30 36.03 19.58
CA PHE B 112 98.59 35.97 18.17
C PHE B 112 97.43 36.45 17.31
N SER B 113 96.22 36.42 17.85
CA SER B 113 95.07 36.92 17.11
C SER B 113 95.12 38.43 17.13
N SER B 114 95.74 38.99 18.16
CA SER B 114 95.91 40.44 18.23
C SER B 114 97.12 40.88 17.42
N ILE B 115 97.75 39.95 16.71
CA ILE B 115 98.89 40.26 15.87
C ILE B 115 98.38 40.02 14.46
N LEU B 116 97.56 38.97 14.33
CA LEU B 116 97.01 38.62 13.02
C LEU B 116 96.27 39.75 12.36
N VAL B 117 95.28 40.30 13.06
CA VAL B 117 94.49 41.37 12.49
C VAL B 117 95.29 42.62 12.06
N PRO B 118 96.18 43.13 12.93
CA PRO B 118 96.99 44.26 12.41
C PRO B 118 97.79 43.88 11.18
N GLY B 119 98.29 42.66 11.11
CA GLY B 119 99.00 42.23 9.92
C GLY B 119 98.12 42.27 8.70
N PHE B 120 96.89 41.77 8.82
CA PHE B 120 95.97 41.75 7.68
C PHE B 120 95.74 43.16 7.22
N PHE B 121 95.58 44.08 8.16
CA PHE B 121 95.34 45.48 7.82
C PHE B 121 96.47 46.05 6.99
N LEU B 122 97.71 45.88 7.44
CA LEU B 122 98.83 46.46 6.72
C LEU B 122 98.99 45.87 5.33
N LEU B 123 98.63 44.60 5.17
CA LEU B 123 98.75 43.95 3.88
C LEU B 123 97.87 44.63 2.85
N ALA B 124 96.63 44.91 3.21
CA ALA B 124 95.71 45.55 2.28
C ALA B 124 96.23 46.92 1.90
N CYS B 125 96.73 47.66 2.88
CA CYS B 125 97.28 48.98 2.61
C CYS B 125 98.36 48.89 1.55
N ILE B 126 99.33 48.01 1.75
CA ILE B 126 100.44 47.85 0.80
C ILE B 126 100.00 47.83 -0.64
N LEU B 127 99.01 47.00 -0.96
CA LEU B 127 98.55 46.90 -2.33
C LEU B 127 98.12 48.25 -2.90
N GLN B 128 97.23 48.97 -2.22
CA GLN B 128 96.88 50.31 -2.69
C GLN B 128 98.11 51.21 -2.60
N LEU B 129 98.66 51.37 -1.40
CA LEU B 129 99.84 52.22 -1.16
C LEU B 129 100.73 52.52 -2.34
N HIS B 130 101.30 51.50 -2.94
CA HIS B 130 102.24 51.76 -4.01
C HIS B 130 101.72 51.41 -5.39
N TYR B 131 100.80 50.45 -5.47
CA TYR B 131 100.38 50.00 -6.79
C TYR B 131 99.11 50.64 -7.36
N PHE B 132 98.18 51.04 -6.51
CA PHE B 132 96.93 51.62 -7.00
C PHE B 132 96.69 53.03 -6.49
N HIS B 133 97.51 53.51 -5.57
CA HIS B 133 97.28 54.82 -4.98
C HIS B 133 97.42 55.95 -6.00
N ARG B 134 98.44 55.86 -6.85
CA ARG B 134 98.66 56.92 -7.84
C ARG B 134 97.63 56.92 -8.95
N PRO B 135 97.27 55.72 -9.50
CA PRO B 135 96.19 55.79 -10.48
C PRO B 135 94.85 56.16 -9.84
N PHE B 136 94.72 56.07 -8.52
CA PHE B 136 93.50 56.51 -7.86
C PHE B 136 93.57 58.02 -7.76
N MET B 137 94.74 58.56 -7.47
CA MET B 137 94.90 60.00 -7.44
C MET B 137 94.66 60.52 -8.84
N GLN B 138 94.61 59.61 -9.81
CA GLN B 138 94.34 60.00 -11.19
C GLN B 138 92.87 59.80 -11.51
N LEU B 139 92.20 58.91 -10.80
CA LEU B 139 90.77 58.75 -11.03
C LEU B 139 90.04 59.89 -10.33
N THR B 140 90.61 60.42 -9.26
CA THR B 140 90.01 61.53 -8.55
C THR B 140 90.46 62.86 -9.11
N ASP B 141 91.32 62.83 -10.10
CA ASP B 141 91.79 64.06 -10.70
C ASP B 141 90.76 64.63 -11.66
N MET B 142 89.90 65.51 -11.17
CA MET B 142 88.92 66.15 -12.05
C MET B 142 89.55 67.41 -12.60
N GLU B 143 90.61 67.86 -11.97
CA GLU B 143 91.31 69.05 -12.47
C GLU B 143 92.52 68.64 -13.29
N LEU B 220 77.40 39.75 -25.76
CA LEU B 220 77.91 40.58 -26.85
C LEU B 220 76.86 41.52 -27.38
N GLU B 221 75.95 40.98 -28.19
CA GLU B 221 74.89 41.80 -28.79
C GLU B 221 74.08 42.51 -27.72
N LEU B 222 73.41 41.74 -26.88
CA LEU B 222 72.58 42.32 -25.84
C LEU B 222 73.41 42.94 -24.73
N ALA B 223 74.68 42.58 -24.63
CA ALA B 223 75.54 43.18 -23.62
C ALA B 223 75.75 44.66 -23.92
N ALA B 224 75.92 45.00 -25.19
CA ALA B 224 76.06 46.41 -25.57
C ALA B 224 74.76 47.15 -25.28
N GLY B 225 73.63 46.53 -25.62
CA GLY B 225 72.35 47.14 -25.31
C GLY B 225 72.20 47.35 -23.82
N PHE B 226 72.52 46.32 -23.03
CA PHE B 226 72.43 46.42 -21.58
C PHE B 226 73.32 47.53 -21.08
N SER B 227 74.54 47.60 -21.59
CA SER B 227 75.47 48.62 -21.16
C SER B 227 74.89 50.01 -21.36
N ASP B 228 74.22 50.23 -22.49
CA ASP B 228 73.60 51.52 -22.74
C ASP B 228 72.43 51.77 -21.81
N VAL B 229 71.58 50.77 -21.61
CA VAL B 229 70.47 50.91 -20.68
C VAL B 229 71.01 51.27 -19.30
N LEU B 230 71.97 50.47 -18.82
CA LEU B 230 72.54 50.72 -17.50
C LEU B 230 73.17 52.11 -17.42
N SER B 231 73.81 52.54 -18.51
CA SER B 231 74.39 53.88 -18.54
C SER B 231 73.34 54.95 -18.29
N ARG B 232 72.20 54.86 -18.99
CA ARG B 232 71.13 55.83 -18.79
C ARG B 232 70.71 55.88 -17.34
N VAL B 233 70.46 54.72 -16.76
CA VAL B 233 70.06 54.65 -15.36
C VAL B 233 71.07 55.36 -14.47
N GLN B 234 72.32 54.97 -14.57
CA GLN B 234 73.37 55.57 -13.74
C GLN B 234 73.38 57.08 -13.76
N VAL B 235 73.38 57.65 -14.95
CA VAL B 235 73.42 59.11 -15.08
C VAL B 235 72.22 59.75 -14.39
N PHE B 236 71.03 59.23 -14.66
CA PHE B 236 69.83 59.79 -14.04
C PHE B 236 69.87 59.72 -12.52
N LEU B 237 70.24 58.57 -11.98
CA LEU B 237 70.24 58.40 -10.53
C LEU B 237 71.23 59.33 -9.87
N ARG B 238 72.33 59.62 -10.54
CA ARG B 238 73.27 60.58 -9.99
C ARG B 238 72.61 61.94 -9.85
N ARG B 239 71.93 62.41 -10.89
CA ARG B 239 71.31 63.72 -10.83
C ARG B 239 70.39 63.79 -9.62
N LEU B 240 69.50 62.81 -9.47
CA LEU B 240 68.54 62.83 -8.36
C LEU B 240 69.21 62.90 -7.02
N LEU B 241 70.20 62.04 -6.80
CA LEU B 241 70.90 62.00 -5.52
C LEU B 241 71.81 63.17 -5.29
N GLU B 242 71.93 64.06 -6.26
CA GLU B 242 72.73 65.24 -6.07
C GLU B 242 71.90 66.26 -5.33
N LEU B 243 70.62 66.32 -5.65
CA LEU B 243 69.75 67.31 -5.01
C LEU B 243 68.93 66.79 -3.84
N HIS B 244 68.68 65.48 -3.80
CA HIS B 244 67.86 64.92 -2.74
C HIS B 244 68.69 64.14 -1.74
N VAL B 245 69.70 64.78 -1.15
CA VAL B 245 70.56 64.08 -0.21
C VAL B 245 70.68 64.83 1.10
N PHE B 246 70.50 66.14 1.10
CA PHE B 246 70.50 66.84 2.37
C PHE B 246 69.29 66.36 3.13
N LYS B 247 68.24 65.94 2.41
CA LYS B 247 67.08 65.36 3.05
C LYS B 247 67.42 64.13 3.89
N LEU B 248 67.98 63.11 3.27
CA LEU B 248 68.30 61.89 4.00
C LEU B 248 69.34 62.06 5.09
N VAL B 249 70.28 62.97 4.90
CA VAL B 249 71.24 63.23 5.96
C VAL B 249 70.46 63.81 7.11
N ALA B 250 69.74 64.89 6.88
CA ALA B 250 69.02 65.55 7.97
C ALA B 250 68.04 64.63 8.66
N LEU B 251 67.30 63.82 7.92
CA LEU B 251 66.40 62.88 8.55
C LEU B 251 67.08 61.81 9.41
N TYR B 252 68.16 61.20 8.95
CA TYR B 252 68.84 60.25 9.79
C TYR B 252 69.45 60.87 11.04
N THR B 253 70.15 61.99 10.95
CA THR B 253 70.66 62.57 12.19
C THR B 253 69.57 62.98 13.15
N VAL B 254 68.35 63.18 12.67
CA VAL B 254 67.27 63.46 13.59
C VAL B 254 66.73 62.17 14.21
N TRP B 255 66.49 61.13 13.43
CA TRP B 255 66.06 59.85 14.01
C TRP B 255 67.01 59.30 15.06
N VAL B 256 68.31 59.45 14.87
CA VAL B 256 69.29 59.01 15.88
C VAL B 256 69.15 59.85 17.14
N ALA B 257 69.14 61.16 17.02
CA ALA B 257 69.08 62.00 18.21
C ALA B 257 67.70 62.15 18.73
N LEU B 258 66.72 61.44 18.19
CA LEU B 258 65.39 61.48 18.77
C LEU B 258 65.24 60.20 19.57
N LYS B 259 66.06 59.19 19.29
CA LYS B 259 66.01 57.98 20.09
C LYS B 259 66.92 58.13 21.30
N GLU B 260 68.16 58.54 21.11
CA GLU B 260 69.11 58.65 22.21
C GLU B 260 69.15 60.01 22.85
N VAL B 261 68.04 60.47 23.37
CA VAL B 261 67.97 61.81 23.94
C VAL B 261 69.07 62.14 24.93
N SER B 262 69.85 63.16 24.66
CA SER B 262 70.94 63.54 25.53
C SER B 262 71.30 65.00 25.43
N VAL B 263 72.49 65.36 25.90
CA VAL B 263 72.95 66.74 25.73
C VAL B 263 74.25 66.75 24.95
N MET B 264 74.48 65.72 24.15
CA MET B 264 75.65 65.71 23.29
C MET B 264 75.19 65.27 21.92
N ASN B 265 73.93 64.86 21.80
CA ASN B 265 73.39 64.55 20.48
C ASN B 265 72.37 65.66 20.24
N LEU B 266 72.18 66.53 21.22
CA LEU B 266 71.24 67.64 21.08
C LEU B 266 71.79 68.63 20.11
N LEU B 267 73.07 68.94 20.21
CA LEU B 267 73.68 69.84 19.25
C LEU B 267 73.45 69.39 17.80
N LEU B 268 73.46 68.09 17.52
CA LEU B 268 73.14 67.62 16.17
C LEU B 268 71.73 67.99 15.73
N VAL B 269 70.73 67.89 16.62
CA VAL B 269 69.40 68.34 16.25
C VAL B 269 69.47 69.82 15.90
N VAL B 270 69.98 70.65 16.80
CA VAL B 270 70.16 72.06 16.49
C VAL B 270 70.74 72.31 15.09
N LEU B 271 71.83 71.63 14.74
CA LEU B 271 72.45 71.81 13.43
C LEU B 271 71.51 71.49 12.30
N TRP B 272 71.03 70.27 12.20
CA TRP B 272 70.07 70.00 11.14
C TRP B 272 68.63 70.38 11.43
N ALA B 273 68.38 71.54 12.04
CA ALA B 273 67.01 72.01 12.25
C ALA B 273 67.05 73.49 12.31
N PHE B 274 68.21 74.06 12.05
CA PHE B 274 68.29 75.50 11.97
C PHE B 274 69.05 75.75 10.70
N ALA B 275 69.35 74.67 9.99
CA ALA B 275 70.02 74.82 8.71
C ALA B 275 69.08 74.34 7.64
N LEU B 276 67.97 73.73 8.02
CA LEU B 276 66.97 73.36 7.03
C LEU B 276 66.09 74.57 6.72
N PRO B 277 65.63 75.32 7.73
CA PRO B 277 64.90 76.52 7.36
C PRO B 277 65.75 77.50 6.59
N TYR B 278 66.85 77.97 7.17
CA TYR B 278 67.77 78.89 6.48
C TYR B 278 68.76 78.05 5.72
N PRO B 279 68.60 77.94 4.39
CA PRO B 279 69.45 77.02 3.63
C PRO B 279 70.76 77.56 3.12
N ARG B 280 71.35 78.53 3.77
CA ARG B 280 72.66 79.02 3.38
C ARG B 280 73.67 78.34 4.28
N PHE B 281 73.20 77.81 5.41
CA PHE B 281 74.08 77.20 6.36
C PHE B 281 74.41 75.77 5.98
N ARG B 282 73.70 75.19 5.01
CA ARG B 282 73.92 73.77 4.68
C ARG B 282 75.37 73.28 4.59
N PRO B 283 76.28 74.02 3.95
CA PRO B 283 77.67 73.57 4.00
C PRO B 283 78.24 73.50 5.43
N MET B 284 78.13 74.57 6.20
CA MET B 284 78.64 74.55 7.56
C MET B 284 77.91 73.56 8.45
N ALA B 285 76.64 73.27 8.16
CA ALA B 285 75.95 72.25 8.94
C ALA B 285 76.70 70.98 8.76
N SER B 286 76.88 70.56 7.51
CA SER B 286 77.60 69.33 7.24
C SER B 286 78.92 69.29 7.95
N CYS B 287 79.71 70.35 7.84
CA CYS B 287 81.03 70.38 8.45
C CYS B 287 81.00 70.14 9.94
N LEU B 288 80.23 70.93 10.66
CA LEU B 288 80.22 70.81 12.09
C LEU B 288 79.62 69.49 12.56
N SER B 289 78.64 68.95 11.83
CA SER B 289 78.10 67.65 12.18
C SER B 289 79.21 66.62 12.13
N THR B 290 80.01 66.59 11.07
CA THR B 290 81.03 65.55 10.97
C THR B 290 81.99 65.54 12.15
N VAL B 291 82.55 66.70 12.49
CA VAL B 291 83.44 66.77 13.64
C VAL B 291 82.72 66.31 14.90
N TRP B 292 81.54 66.86 15.16
CA TRP B 292 80.82 66.53 16.38
C TRP B 292 80.37 65.08 16.47
N THR B 293 79.91 64.48 15.38
CA THR B 293 79.57 63.07 15.43
C THR B 293 80.79 62.28 15.84
N CYS B 294 81.97 62.66 15.34
CA CYS B 294 83.19 61.97 15.74
C CYS B 294 83.58 62.23 17.19
N VAL B 295 83.30 63.40 17.72
CA VAL B 295 83.56 63.63 19.15
C VAL B 295 82.68 62.67 19.93
N ILE B 296 81.41 62.57 19.58
CA ILE B 296 80.53 61.63 20.23
C ILE B 296 81.12 60.21 20.15
N ILE B 297 81.49 59.76 18.96
CA ILE B 297 82.00 58.40 18.80
C ILE B 297 83.21 58.15 19.70
N VAL B 298 84.16 59.08 19.70
CA VAL B 298 85.37 58.92 20.52
C VAL B 298 85.06 58.84 22.00
N CYS B 299 84.28 59.80 22.53
CA CYS B 299 83.95 59.79 23.96
C CYS B 299 83.23 58.52 24.38
N LYS B 300 82.22 58.11 23.63
CA LYS B 300 81.48 56.91 23.96
C LYS B 300 82.35 55.67 23.92
N MET B 301 83.39 55.67 23.09
CA MET B 301 84.31 54.54 23.09
C MET B 301 85.23 54.58 24.30
N LEU B 302 85.74 55.77 24.64
CA LEU B 302 86.59 55.90 25.81
C LEU B 302 85.73 55.78 27.05
N TYR B 303 84.59 55.12 26.93
CA TYR B 303 83.76 54.88 28.10
C TYR B 303 83.54 53.39 28.20
N GLN B 304 84.10 52.66 27.24
CA GLN B 304 84.01 51.21 27.29
C GLN B 304 85.32 50.69 27.83
N LEU B 305 86.03 51.52 28.59
CA LEU B 305 87.33 51.12 29.13
C LEU B 305 87.19 50.48 30.50
N LYS B 306 88.29 49.97 31.05
CA LYS B 306 88.23 49.28 32.34
C LYS B 306 88.33 50.22 33.52
N VAL B 307 88.89 51.41 33.31
CA VAL B 307 89.00 52.40 34.38
C VAL B 307 87.78 53.32 34.35
N VAL B 308 86.94 53.15 33.35
CA VAL B 308 85.75 53.98 33.23
C VAL B 308 84.53 53.17 33.66
N ASN B 309 84.27 53.11 34.96
CA ASN B 309 83.16 52.31 35.47
C ASN B 309 82.39 53.05 36.55
N PRO B 310 81.12 52.67 36.78
CA PRO B 310 80.38 53.28 37.89
C PRO B 310 81.11 53.15 39.21
N ASN B 346 75.15 59.57 31.74
CA ASN B 346 74.12 59.11 30.82
C ASN B 346 73.30 60.26 30.25
N TRP B 347 73.03 61.28 31.06
CA TRP B 347 72.31 62.46 30.59
C TRP B 347 73.13 63.05 29.50
N PHE B 348 74.43 63.17 29.71
CA PHE B 348 75.32 63.72 28.71
C PHE B 348 75.64 62.76 27.56
N GLY B 349 74.88 61.69 27.39
CA GLY B 349 75.09 60.80 26.26
C GLY B 349 75.98 59.62 26.53
N VAL B 350 77.23 59.87 26.93
CA VAL B 350 78.17 58.81 27.23
C VAL B 350 77.65 57.74 28.19
N ARG B 351 77.53 56.50 27.72
CA ARG B 351 77.14 55.41 28.63
C ARG B 351 77.88 54.13 28.28
N LYS B 352 77.63 53.07 29.05
CA LYS B 352 78.29 51.78 28.79
C LYS B 352 77.32 50.69 28.36
N GLY B 353 77.81 49.71 27.62
CA GLY B 353 76.98 48.61 27.15
C GLY B 353 77.86 47.53 26.58
N PHE B 354 77.44 46.28 26.71
CA PHE B 354 78.27 45.16 26.25
C PHE B 354 78.70 45.19 24.77
N PRO B 355 77.76 45.25 23.81
CA PRO B 355 78.34 45.20 22.46
C PRO B 355 78.84 46.57 22.02
N ASN B 356 80.15 46.78 22.02
CA ASN B 356 80.71 48.08 21.68
C ASN B 356 80.44 48.51 20.25
N LEU B 357 80.38 47.55 19.33
CA LEU B 357 80.04 47.88 17.96
C LEU B 357 78.59 48.35 17.92
N GLY B 358 77.66 47.47 18.26
CA GLY B 358 76.25 47.81 18.30
C GLY B 358 76.00 49.12 19.00
N TYR B 359 76.81 49.43 19.99
CA TYR B 359 76.61 50.65 20.75
C TYR B 359 76.97 51.86 19.92
N ILE B 360 78.16 51.86 19.33
CA ILE B 360 78.59 52.98 18.52
C ILE B 360 78.36 52.70 17.05
N GLN B 361 77.26 52.05 16.73
CA GLN B 361 76.94 51.78 15.34
C GLN B 361 76.07 52.92 14.82
N ASN B 362 75.09 53.32 15.61
CA ASN B 362 74.22 54.42 15.23
C ASN B 362 74.99 55.64 14.78
N HIS B 363 75.79 56.22 15.67
CA HIS B 363 76.53 57.41 15.32
C HIS B 363 77.56 57.19 14.24
N LEU B 364 77.95 55.95 14.00
CA LEU B 364 78.87 55.66 12.91
C LEU B 364 78.16 55.76 11.57
N GLN B 365 76.94 55.24 11.49
CA GLN B 365 76.20 55.36 10.26
C GLN B 365 75.93 56.83 9.89
N VAL B 366 75.77 57.71 10.88
CA VAL B 366 75.61 59.15 10.58
C VAL B 366 76.87 59.65 9.90
N LEU B 367 78.04 59.37 10.48
CA LEU B 367 79.28 59.79 9.87
C LEU B 367 79.29 59.28 8.45
N LEU B 368 78.82 58.05 8.28
CA LEU B 368 78.76 57.47 6.94
C LEU B 368 77.88 58.27 5.99
N LEU B 369 76.62 58.46 6.33
CA LEU B 369 75.74 59.28 5.50
C LEU B 369 76.48 60.55 5.12
N LEU B 370 76.88 61.33 6.09
CA LEU B 370 77.53 62.60 5.79
C LEU B 370 78.62 62.45 4.73
N VAL B 371 79.53 61.50 4.91
CA VAL B 371 80.63 61.35 3.97
C VAL B 371 80.16 60.86 2.61
N PHE B 372 79.23 59.91 2.57
CA PHE B 372 78.68 59.44 1.30
C PHE B 372 78.08 60.59 0.50
N GLU B 373 77.43 61.52 1.17
CA GLU B 373 76.88 62.68 0.49
C GLU B 373 77.95 63.43 -0.26
N ALA B 374 79.06 63.71 0.43
CA ALA B 374 80.16 64.42 -0.23
C ALA B 374 80.73 63.64 -1.42
N ILE B 375 80.84 62.33 -1.30
CA ILE B 375 81.29 61.53 -2.43
C ILE B 375 80.37 61.79 -3.62
N VAL B 376 79.06 61.70 -3.44
CA VAL B 376 78.12 61.89 -4.56
C VAL B 376 78.24 63.27 -5.18
N TYR B 377 78.41 64.29 -4.35
CA TYR B 377 78.59 65.62 -4.87
C TYR B 377 79.79 65.67 -5.80
N ARG B 378 80.94 65.22 -5.33
CA ARG B 378 82.15 65.28 -6.14
C ARG B 378 82.18 64.33 -7.32
N ARG B 379 81.51 63.18 -7.21
CA ARG B 379 81.48 62.22 -8.30
C ARG B 379 80.68 62.81 -9.44
N GLN B 380 79.55 63.44 -9.10
CA GLN B 380 78.73 64.06 -10.11
C GLN B 380 79.49 65.25 -10.69
N GLU B 381 80.21 65.96 -9.83
CA GLU B 381 81.02 67.08 -10.32
C GLU B 381 81.98 66.54 -11.37
N HIS B 382 82.71 65.48 -11.05
CA HIS B 382 83.65 64.88 -11.98
C HIS B 382 83.02 64.50 -13.30
N TYR B 383 81.86 63.84 -13.24
CA TYR B 383 81.20 63.40 -14.45
C TYR B 383 81.07 64.55 -15.44
N ARG B 384 80.43 65.64 -15.03
CA ARG B 384 80.22 66.73 -15.95
C ARG B 384 81.47 67.57 -16.18
N ARG B 385 82.36 67.62 -15.21
CA ARG B 385 83.63 68.35 -15.38
C ARG B 385 84.39 67.74 -16.54
N GLN B 386 84.44 66.41 -16.59
CA GLN B 386 85.11 65.74 -17.67
C GLN B 386 84.22 65.75 -18.90
N HIS B 387 83.25 64.85 -18.95
CA HIS B 387 82.35 64.78 -20.08
C HIS B 387 81.62 66.11 -20.25
N GLY B 401 60.36 67.85 -20.37
CA GLY B 401 59.95 68.18 -19.02
C GLY B 401 59.71 69.66 -18.82
N THR B 402 59.20 70.33 -19.84
CA THR B 402 58.89 71.74 -19.71
C THR B 402 57.40 71.93 -19.74
N ARG B 403 56.94 73.16 -19.56
CA ARG B 403 55.51 73.44 -19.63
C ARG B 403 54.94 72.96 -20.95
N GLN B 404 55.64 73.26 -22.04
CA GLN B 404 55.17 72.87 -23.37
C GLN B 404 54.98 71.38 -23.49
N GLN B 405 55.90 70.61 -22.92
CA GLN B 405 55.80 69.16 -22.99
C GLN B 405 54.54 68.62 -22.37
N LEU B 406 54.01 69.30 -21.36
CA LEU B 406 52.79 68.84 -20.69
C LEU B 406 51.67 68.66 -21.69
N ASP B 407 51.52 69.62 -22.61
CA ASP B 407 50.43 69.54 -23.55
C ASP B 407 50.78 68.86 -24.86
N GLN B 408 51.47 67.74 -24.79
CA GLN B 408 51.84 67.01 -25.99
C GLN B 408 51.45 65.56 -25.86
N ASP B 409 52.28 64.77 -25.21
CA ASP B 409 51.98 63.36 -25.01
C ASP B 409 51.94 63.02 -23.53
N LEU B 410 51.52 61.80 -23.22
CA LEU B 410 51.43 61.37 -21.84
C LEU B 410 52.80 61.41 -21.20
N LEU B 411 53.81 60.93 -21.90
CA LEU B 411 55.16 60.95 -21.37
C LEU B 411 55.63 62.37 -21.16
N GLY B 412 55.18 63.29 -22.01
CA GLY B 412 55.55 64.68 -21.83
C GLY B 412 55.08 65.18 -20.49
N CYS B 413 53.83 64.88 -20.15
CA CYS B 413 53.29 65.31 -18.86
C CYS B 413 53.99 64.63 -17.70
N LEU B 414 54.27 63.34 -17.85
CA LEU B 414 54.96 62.61 -16.79
C LEU B 414 56.23 63.33 -16.44
N LYS B 415 57.00 63.67 -17.46
CA LYS B 415 58.25 64.36 -17.22
C LYS B 415 58.07 65.68 -16.51
N TYR B 416 57.04 66.44 -16.88
CA TYR B 416 56.87 67.75 -16.27
C TYR B 416 56.71 67.60 -14.77
N PHE B 417 56.01 66.56 -14.34
CA PHE B 417 55.75 66.40 -12.92
C PHE B 417 56.92 65.82 -12.13
N ILE B 418 57.73 64.97 -12.74
CA ILE B 418 58.91 64.49 -12.04
C ILE B 418 59.84 65.66 -11.86
N ASN B 419 59.87 66.55 -12.84
CA ASN B 419 60.68 67.75 -12.69
C ASN B 419 60.06 68.63 -11.62
N PHE B 420 58.80 69.01 -11.79
CA PHE B 420 58.17 69.91 -10.84
C PHE B 420 56.86 69.39 -10.31
N PHE B 421 56.82 69.01 -9.04
CA PHE B 421 55.60 68.54 -8.42
C PHE B 421 55.51 69.36 -7.18
N PHE B 422 56.63 69.46 -6.47
CA PHE B 422 56.64 70.28 -5.28
C PHE B 422 56.79 71.72 -5.68
N TYR B 423 57.00 72.00 -6.95
CA TYR B 423 57.02 73.38 -7.34
C TYR B 423 55.59 73.87 -7.25
N LYS B 424 54.67 73.12 -7.85
CA LYS B 424 53.29 73.56 -7.90
C LYS B 424 52.48 73.14 -6.69
N PHE B 425 52.30 71.84 -6.49
CA PHE B 425 51.52 71.35 -5.35
C PHE B 425 52.32 71.33 -4.06
N GLY B 426 52.65 72.50 -3.55
CA GLY B 426 53.47 72.56 -2.37
C GLY B 426 52.76 73.13 -1.18
N LEU B 427 51.98 74.18 -1.35
CA LEU B 427 51.22 74.66 -0.21
C LEU B 427 50.27 73.58 0.22
N GLU B 428 49.77 72.81 -0.71
CA GLU B 428 48.87 71.74 -0.37
C GLU B 428 49.53 70.63 0.41
N ILE B 429 50.81 70.36 0.20
CA ILE B 429 51.48 69.25 0.89
C ILE B 429 52.01 69.66 2.24
N CYS B 430 52.22 70.94 2.48
CA CYS B 430 52.61 71.36 3.80
C CYS B 430 51.41 71.37 4.71
N PHE B 431 50.22 71.45 4.14
CA PHE B 431 49.00 71.46 4.93
C PHE B 431 48.61 70.04 5.19
N LEU B 432 48.90 69.13 4.29
CA LEU B 432 48.60 67.74 4.58
C LEU B 432 49.65 67.10 5.46
N MET B 433 50.72 67.80 5.78
CA MET B 433 51.69 67.27 6.73
C MET B 433 51.29 67.76 8.10
N ALA B 434 50.73 68.96 8.22
CA ALA B 434 50.27 69.39 9.53
C ALA B 434 49.11 68.55 9.99
N VAL B 435 48.25 68.09 9.09
CA VAL B 435 47.18 67.19 9.51
C VAL B 435 47.76 65.89 10.06
N ASN B 436 48.87 65.40 9.53
CA ASN B 436 49.51 64.20 10.08
C ASN B 436 50.05 64.38 11.51
N VAL B 437 50.68 65.50 11.83
CA VAL B 437 51.13 65.72 13.19
C VAL B 437 49.94 65.58 14.12
N ILE B 438 48.85 66.32 13.89
CA ILE B 438 47.65 66.27 14.75
C ILE B 438 46.79 65.09 14.43
N GLY B 439 47.38 63.92 14.37
CA GLY B 439 46.64 62.73 14.08
C GLY B 439 47.46 61.56 14.53
N GLN B 440 48.73 61.79 14.78
CA GLN B 440 49.59 60.74 15.25
C GLN B 440 50.09 61.07 16.64
N ARG B 441 49.91 62.30 17.07
CA ARG B 441 50.40 62.70 18.35
C ARG B 441 49.24 62.95 19.31
N MET B 442 48.26 63.74 18.90
CA MET B 442 47.07 64.03 19.72
C MET B 442 47.27 64.48 21.17
N ASN B 443 48.34 65.20 21.46
CA ASN B 443 48.55 65.71 22.80
C ASN B 443 48.05 67.13 22.94
N PHE B 444 48.82 67.97 23.61
CA PHE B 444 48.39 69.33 23.83
C PHE B 444 49.34 70.27 23.14
N LEU B 445 50.58 69.84 22.96
CA LEU B 445 51.48 70.68 22.22
C LEU B 445 51.24 70.56 20.71
N VAL B 446 50.36 69.66 20.31
CA VAL B 446 50.04 69.48 18.90
C VAL B 446 48.88 70.40 18.52
N THR B 447 48.25 71.02 19.51
CA THR B 447 47.15 71.92 19.21
C THR B 447 47.60 73.26 18.69
N LEU B 448 48.85 73.63 18.89
CA LEU B 448 49.31 74.88 18.32
C LEU B 448 49.63 74.70 16.86
N HIS B 449 49.88 73.47 16.42
CA HIS B 449 50.07 73.21 15.00
C HIS B 449 48.71 73.37 14.39
N GLY B 450 47.68 72.96 15.11
CA GLY B 450 46.34 73.17 14.63
C GLY B 450 46.01 74.63 14.41
N CYS B 451 46.36 75.50 15.34
CA CYS B 451 45.99 76.90 15.21
C CYS B 451 46.77 77.60 14.13
N TRP B 452 47.93 77.08 13.76
CA TRP B 452 48.67 77.69 12.69
C TRP B 452 48.01 77.34 11.37
N LEU B 453 47.56 76.10 11.22
CA LEU B 453 46.87 75.70 10.00
C LEU B 453 45.69 76.60 9.79
N VAL B 454 44.91 76.89 10.81
CA VAL B 454 43.70 77.67 10.64
C VAL B 454 43.89 79.14 10.78
N ALA B 455 45.09 79.63 10.49
CA ALA B 455 45.35 81.06 10.51
C ALA B 455 46.21 81.31 9.32
N ILE B 456 46.56 80.24 8.61
CA ILE B 456 47.34 80.39 7.39
C ILE B 456 46.32 80.10 6.30
N LEU B 457 45.52 79.07 6.50
CA LEU B 457 44.53 78.73 5.51
C LEU B 457 43.58 79.89 5.35
N THR B 458 43.23 80.59 6.42
CA THR B 458 42.23 81.64 6.33
C THR B 458 42.63 82.82 5.47
N ARG B 459 43.91 83.12 5.35
CA ARG B 459 44.31 84.16 4.42
C ARG B 459 44.30 83.39 3.14
N ARG B 460 43.23 83.43 2.37
CA ARG B 460 43.12 82.58 1.18
C ARG B 460 44.01 82.86 -0.03
N HIS B 461 44.79 83.91 -0.01
CA HIS B 461 45.57 84.25 -1.19
C HIS B 461 46.99 83.74 -1.08
N ARG B 462 47.50 83.11 -2.14
CA ARG B 462 48.85 82.58 -2.12
C ARG B 462 49.85 83.66 -1.76
N GLN B 463 49.65 84.87 -2.25
CA GLN B 463 50.55 85.96 -1.95
C GLN B 463 50.55 86.34 -0.48
N ALA B 464 49.39 86.42 0.14
CA ALA B 464 49.37 86.70 1.57
C ALA B 464 50.02 85.58 2.39
N ILE B 465 49.84 84.34 1.97
CA ILE B 465 50.41 83.22 2.69
C ILE B 465 51.91 83.32 2.61
N ALA B 466 52.42 83.81 1.49
CA ALA B 466 53.86 83.96 1.32
C ALA B 466 54.51 85.02 2.19
N ARG B 467 53.71 85.76 2.94
CA ARG B 467 54.28 86.72 3.87
C ARG B 467 54.26 86.16 5.30
N LEU B 468 53.49 85.10 5.53
CA LEU B 468 53.46 84.47 6.85
C LEU B 468 54.36 83.26 6.89
N TRP B 469 54.78 82.75 5.76
CA TRP B 469 55.71 81.65 5.74
C TRP B 469 57.00 81.96 6.49
N PRO B 470 57.51 83.21 6.46
CA PRO B 470 58.68 83.45 7.32
C PRO B 470 58.51 83.06 8.77
N ASN B 471 57.33 83.30 9.33
CA ASN B 471 57.09 82.93 10.70
C ASN B 471 56.68 81.49 10.90
N TYR B 472 55.94 80.89 9.98
CA TYR B 472 55.61 79.48 10.11
C TYR B 472 56.88 78.71 10.21
N CYS B 473 57.88 79.01 9.39
CA CYS B 473 59.11 78.25 9.41
C CYS B 473 59.94 78.48 10.66
N LEU B 474 60.00 79.70 11.17
CA LEU B 474 60.71 79.90 12.42
C LEU B 474 60.04 79.15 13.55
N PHE B 475 58.72 79.28 13.69
CA PHE B 475 57.99 78.54 14.72
C PHE B 475 58.29 77.06 14.65
N LEU B 476 58.12 76.41 13.51
CA LEU B 476 58.30 74.97 13.48
C LEU B 476 59.69 74.53 13.87
N ALA B 477 60.69 75.38 13.71
CA ALA B 477 62.03 75.04 14.14
C ALA B 477 62.29 75.26 15.63
N LEU B 478 61.72 76.31 16.21
CA LEU B 478 61.86 76.54 17.63
C LEU B 478 60.97 75.62 18.44
N PHE B 479 59.97 75.03 17.81
CA PHE B 479 59.14 74.07 18.51
C PHE B 479 59.79 72.70 18.56
N LEU B 480 60.48 72.26 17.52
CA LEU B 480 61.16 70.98 17.60
C LEU B 480 62.23 71.08 18.65
N LEU B 481 62.98 72.16 18.71
CA LEU B 481 64.01 72.18 19.73
C LEU B 481 63.42 72.22 21.12
N TYR B 482 62.41 73.03 21.35
CA TYR B 482 61.87 73.13 22.69
C TYR B 482 61.21 71.84 23.12
N GLN B 483 60.55 71.15 22.21
CA GLN B 483 59.96 69.88 22.56
C GLN B 483 61.02 68.83 22.82
N TYR B 484 62.21 68.96 22.27
CA TYR B 484 63.27 68.01 22.59
C TYR B 484 64.11 68.44 23.76
N LEU B 485 63.89 69.65 24.28
CA LEU B 485 64.58 70.07 25.48
C LEU B 485 63.69 69.52 26.56
N LEU B 486 62.40 69.46 26.29
CA LEU B 486 61.47 68.89 27.24
C LEU B 486 61.36 67.40 27.05
N CYS B 487 62.33 66.79 26.39
CA CYS B 487 62.32 65.34 26.29
C CYS B 487 63.63 64.88 26.81
N LEU B 488 64.48 65.82 27.19
CA LEU B 488 65.75 65.46 27.78
C LEU B 488 65.61 65.84 29.23
N GLY B 489 64.81 66.87 29.49
CA GLY B 489 64.60 67.31 30.86
C GLY B 489 64.89 68.78 31.05
N SER B 527 59.18 60.80 22.33
CA SER B 527 60.29 61.49 21.70
C SER B 527 60.64 60.78 20.44
N THR B 528 59.71 60.02 19.91
CA THR B 528 59.92 59.38 18.62
C THR B 528 58.65 59.64 17.87
N ASN B 529 57.96 60.71 18.23
CA ASN B 529 56.76 61.10 17.54
C ASN B 529 57.02 62.53 17.20
N LEU B 530 58.13 63.06 17.68
CA LEU B 530 58.53 64.40 17.33
C LEU B 530 59.11 64.38 15.92
N ILE B 531 59.22 63.22 15.29
CA ILE B 531 59.68 63.15 13.91
C ILE B 531 58.63 63.66 12.95
N SER B 532 57.38 63.83 13.39
CA SER B 532 56.37 64.41 12.52
C SER B 532 56.50 65.92 12.53
N ASP B 533 57.09 66.48 13.57
CA ASP B 533 57.36 67.91 13.57
C ASP B 533 58.60 68.19 12.73
N PHE B 534 59.36 67.16 12.40
CA PHE B 534 60.49 67.38 11.51
C PHE B 534 59.98 67.23 10.12
N LEU B 535 59.38 66.10 9.78
CA LEU B 535 58.99 65.95 8.40
C LEU B 535 58.34 67.23 7.94
N LEU B 536 57.75 68.02 8.84
CA LEU B 536 57.03 69.25 8.44
C LEU B 536 57.91 70.49 8.44
N LEU B 537 59.02 70.49 9.16
CA LEU B 537 59.91 71.63 9.07
C LEU B 537 60.64 71.44 7.81
N LEU B 538 60.75 70.20 7.32
CA LEU B 538 61.38 70.01 6.01
C LEU B 538 60.42 70.51 4.94
N CYS B 539 59.21 69.94 4.85
CA CYS B 539 58.32 70.35 3.80
C CYS B 539 58.15 71.84 3.77
N ALA B 540 58.06 72.51 4.90
CA ALA B 540 57.80 73.93 4.85
C ALA B 540 59.01 74.75 4.56
N SER B 541 60.21 74.25 4.82
CA SER B 541 61.37 75.02 4.44
C SER B 541 61.53 74.95 2.96
N GLN B 542 61.09 73.86 2.36
CA GLN B 542 61.15 73.74 0.91
C GLN B 542 60.11 74.59 0.19
N GLN B 543 58.96 74.87 0.79
CA GLN B 543 57.99 75.77 0.17
C GLN B 543 58.38 77.21 0.38
N TRP B 544 59.31 77.47 1.27
CA TRP B 544 59.76 78.83 1.40
C TRP B 544 60.68 79.07 0.26
N GLN B 545 61.25 77.99 -0.27
CA GLN B 545 62.13 78.14 -1.43
C GLN B 545 61.33 78.40 -2.70
N VAL B 546 60.24 77.69 -2.91
CA VAL B 546 59.40 77.95 -4.07
C VAL B 546 58.90 79.36 -3.99
N PHE B 547 58.54 79.83 -2.78
CA PHE B 547 57.99 81.18 -2.61
C PHE B 547 58.96 82.30 -2.92
N SER B 548 60.23 81.99 -3.11
CA SER B 548 61.18 83.00 -3.51
C SER B 548 61.91 82.60 -4.78
N ALA B 549 61.38 81.62 -5.50
CA ALA B 549 61.96 81.22 -6.78
C ALA B 549 60.97 81.33 -7.92
N GLU B 550 59.68 81.42 -7.58
CA GLU B 550 58.69 81.64 -8.61
C GLU B 550 58.83 83.10 -8.96
N ARG B 551 59.36 83.89 -8.02
CA ARG B 551 59.56 85.32 -8.27
C ARG B 551 60.69 85.58 -9.25
N THR B 552 61.53 84.58 -9.51
CA THR B 552 62.59 84.75 -10.49
C THR B 552 62.08 84.41 -11.89
N TYR B 585 45.49 60.50 -25.98
CA TYR B 585 44.96 59.90 -24.77
C TYR B 585 45.18 60.79 -23.56
N LEU B 586 46.08 61.76 -23.67
CA LEU B 586 46.28 62.69 -22.58
C LEU B 586 45.06 63.58 -22.54
N ASP B 587 44.43 63.78 -23.68
CA ASP B 587 43.24 64.58 -23.73
C ASP B 587 42.10 63.90 -22.98
N MET B 588 42.06 62.57 -23.01
CA MET B 588 41.05 61.87 -22.24
C MET B 588 41.22 62.10 -20.75
N LEU B 589 42.45 61.98 -20.27
CA LEU B 589 42.71 62.19 -18.85
C LEU B 589 42.31 63.58 -18.39
N LYS B 590 42.58 64.60 -19.20
CA LYS B 590 42.30 65.95 -18.76
C LYS B 590 40.81 66.19 -18.60
N VAL B 591 39.97 65.48 -19.34
CA VAL B 591 38.53 65.62 -19.15
C VAL B 591 38.11 64.92 -17.85
N ALA B 592 38.62 63.72 -17.60
CA ALA B 592 38.31 63.03 -16.36
C ALA B 592 39.02 63.54 -15.13
N VAL B 593 39.58 64.74 -15.18
CA VAL B 593 40.20 65.32 -14.00
C VAL B 593 39.58 66.70 -13.87
N PHE B 594 39.27 67.34 -14.99
CA PHE B 594 38.75 68.69 -14.92
C PHE B 594 37.26 68.77 -15.11
N ARG B 595 36.59 67.63 -15.17
CA ARG B 595 35.14 67.61 -15.32
C ARG B 595 34.45 66.62 -14.42
N TYR B 596 34.81 65.34 -14.53
CA TYR B 596 34.22 64.33 -13.66
C TYR B 596 35.05 64.05 -12.43
N LEU B 597 35.52 65.08 -11.74
CA LEU B 597 36.21 64.87 -10.49
C LEU B 597 35.39 65.51 -9.42
N PHE B 598 34.72 66.61 -9.72
CA PHE B 598 33.84 67.22 -8.72
C PHE B 598 32.90 66.17 -8.25
N TRP B 599 32.46 65.31 -9.14
CA TRP B 599 31.53 64.27 -8.77
C TRP B 599 32.13 63.18 -7.92
N LEU B 600 33.42 62.91 -8.02
CA LEU B 600 34.06 61.93 -7.15
C LEU B 600 34.36 62.52 -5.78
N VAL B 601 34.68 63.80 -5.71
CA VAL B 601 34.87 64.42 -4.42
C VAL B 601 33.61 64.24 -3.63
N LEU B 602 32.45 64.42 -4.27
CA LEU B 602 31.17 64.31 -3.57
C LEU B 602 30.86 62.90 -3.06
N VAL B 603 31.36 61.86 -3.70
CA VAL B 603 31.16 60.52 -3.14
C VAL B 603 32.06 60.36 -1.94
N VAL B 604 33.32 60.78 -2.01
CA VAL B 604 34.20 60.74 -0.83
C VAL B 604 33.60 61.48 0.36
N VAL B 605 33.00 62.65 0.18
CA VAL B 605 32.36 63.33 1.31
C VAL B 605 31.32 62.44 1.98
N PHE B 606 30.56 61.69 1.22
CA PHE B 606 29.61 60.76 1.82
C PHE B 606 30.34 59.69 2.58
N VAL B 607 31.31 59.01 1.98
CA VAL B 607 31.99 57.92 2.67
C VAL B 607 33.03 58.38 3.69
N THR B 608 33.07 59.66 4.02
CA THR B 608 33.95 60.14 5.05
C THR B 608 33.06 60.21 6.23
N GLY B 609 31.79 60.46 5.99
CA GLY B 609 30.85 60.61 7.07
C GLY B 609 29.89 59.49 7.34
N ALA B 610 30.04 58.37 6.66
CA ALA B 610 29.19 57.23 6.93
C ALA B 610 30.01 56.01 7.25
N THR B 611 31.31 56.18 7.47
CA THR B 611 32.14 55.08 7.88
C THR B 611 32.47 55.34 9.34
N ARG B 612 32.50 56.60 9.73
CA ARG B 612 32.78 56.96 11.10
C ARG B 612 31.53 57.52 11.75
N ILE B 613 30.73 56.68 12.38
CA ILE B 613 29.47 57.11 12.98
C ILE B 613 29.62 58.00 14.20
N SER B 614 29.40 59.30 14.04
CA SER B 614 29.52 60.23 15.14
C SER B 614 28.60 61.39 14.85
N ILE B 615 28.82 62.52 15.52
CA ILE B 615 28.00 63.69 15.25
C ILE B 615 28.64 64.43 14.10
N PHE B 616 29.96 64.43 14.04
CA PHE B 616 30.67 65.12 12.98
C PHE B 616 30.39 64.46 11.68
N GLY B 617 30.28 63.14 11.70
CA GLY B 617 29.96 62.41 10.50
C GLY B 617 28.63 62.77 9.87
N LEU B 618 27.61 63.09 10.66
CA LEU B 618 26.36 63.53 10.09
C LEU B 618 26.53 64.80 9.34
N GLY B 619 27.38 65.70 9.81
CA GLY B 619 27.64 66.91 9.05
C GLY B 619 28.11 66.67 7.63
N TYR B 620 28.98 65.70 7.42
CA TYR B 620 29.43 65.37 6.08
C TYR B 620 28.29 64.85 5.23
N LEU B 621 27.50 63.93 5.77
CA LEU B 621 26.36 63.40 5.03
C LEU B 621 25.49 64.54 4.55
N LEU B 622 25.23 65.52 5.40
CA LEU B 622 24.33 66.59 5.00
C LEU B 622 24.96 67.61 4.08
N ALA B 623 26.28 67.66 3.99
CA ALA B 623 26.89 68.57 3.03
C ALA B 623 26.90 67.93 1.67
N CYS B 624 27.00 66.61 1.60
CA CYS B 624 26.93 65.93 0.33
C CYS B 624 25.58 66.21 -0.26
N PHE B 625 24.53 66.12 0.54
CA PHE B 625 23.18 66.32 0.01
C PHE B 625 22.99 67.71 -0.56
N TYR B 626 23.51 68.72 0.12
CA TYR B 626 23.39 70.08 -0.39
C TYR B 626 24.15 70.24 -1.67
N LEU B 627 25.38 69.78 -1.71
CA LEU B 627 26.18 70.02 -2.90
C LEU B 627 25.83 69.13 -4.07
N LEU B 628 24.97 68.15 -3.90
CA LEU B 628 24.54 67.37 -5.02
C LEU B 628 23.38 68.10 -5.65
N LEU B 629 22.51 68.65 -4.82
CA LEU B 629 21.33 69.36 -5.31
C LEU B 629 21.68 70.66 -6.00
N PHE B 630 22.50 71.48 -5.37
CA PHE B 630 22.85 72.76 -5.93
C PHE B 630 24.22 72.66 -6.53
N GLY B 631 24.49 71.56 -7.21
CA GLY B 631 25.80 71.35 -7.76
C GLY B 631 25.92 71.90 -9.15
N THR B 632 24.92 71.67 -9.98
CA THR B 632 24.99 72.10 -11.37
C THR B 632 25.18 73.60 -11.44
N ALA B 633 24.48 74.32 -10.58
CA ALA B 633 24.62 75.77 -10.54
C ALA B 633 25.99 76.20 -10.08
N LEU B 634 26.59 75.46 -9.17
CA LEU B 634 27.91 75.81 -8.70
C LEU B 634 28.95 75.62 -9.79
N LEU B 635 28.86 74.53 -10.55
CA LEU B 635 29.87 74.26 -11.57
C LEU B 635 29.79 75.29 -12.68
N GLN B 636 28.86 76.23 -12.59
CA GLN B 636 28.67 77.22 -13.64
C GLN B 636 28.95 78.62 -13.19
N ARG B 637 28.74 78.91 -11.91
CA ARG B 637 28.91 80.28 -11.42
C ARG B 637 30.32 80.81 -11.62
N ASP B 638 30.47 82.12 -11.58
CA ASP B 638 31.80 82.72 -11.73
C ASP B 638 32.69 82.28 -10.58
N THR B 639 34.01 82.38 -10.74
CA THR B 639 34.94 81.91 -9.71
C THR B 639 34.66 82.41 -8.31
N ARG B 640 34.60 83.72 -8.13
CA ARG B 640 34.24 84.22 -6.81
C ARG B 640 33.44 83.19 -6.05
N ALA B 641 32.20 82.92 -6.46
CA ALA B 641 31.38 82.01 -5.70
C ALA B 641 31.84 80.56 -5.77
N ARG B 642 32.10 79.96 -6.93
CA ARG B 642 32.62 78.58 -6.90
C ARG B 642 33.67 78.44 -5.76
N LEU B 643 34.65 79.32 -5.82
CA LEU B 643 35.71 79.31 -4.81
C LEU B 643 35.19 79.49 -3.41
N VAL B 644 34.30 80.46 -3.21
CA VAL B 644 33.77 80.71 -1.88
C VAL B 644 33.21 79.41 -1.30
N LEU B 645 32.39 78.72 -2.06
CA LEU B 645 31.77 77.51 -1.53
C LEU B 645 32.80 76.44 -1.27
N TRP B 646 33.73 76.23 -2.19
CA TRP B 646 34.75 75.23 -1.85
C TRP B 646 35.53 75.56 -0.56
N ASP B 647 35.84 76.84 -0.37
CA ASP B 647 36.59 77.23 0.81
C ASP B 647 35.78 77.00 2.06
N CYS B 648 34.50 77.31 1.99
CA CYS B 648 33.65 77.09 3.13
C CYS B 648 33.56 75.61 3.45
N LEU B 649 33.50 74.76 2.43
CA LEU B 649 33.51 73.34 2.73
C LEU B 649 34.80 72.95 3.42
N ILE B 650 35.94 73.41 2.90
CA ILE B 650 37.22 73.11 3.58
C ILE B 650 37.23 73.38 5.09
N LEU B 651 36.75 74.55 5.51
CA LEU B 651 36.82 74.90 6.90
C LEU B 651 36.10 73.89 7.75
N TYR B 652 35.01 73.33 7.27
CA TYR B 652 34.35 72.29 8.05
C TYR B 652 35.35 71.19 8.34
N ASN B 653 36.01 70.71 7.31
CA ASN B 653 36.96 69.64 7.50
C ASN B 653 38.01 70.03 8.53
N VAL B 654 38.58 71.22 8.40
CA VAL B 654 39.64 71.59 9.32
C VAL B 654 39.15 71.67 10.75
N THR B 655 37.95 72.22 10.97
CA THR B 655 37.41 72.26 12.32
C THR B 655 37.21 70.87 12.86
N VAL B 656 36.62 69.98 12.08
CA VAL B 656 36.50 68.60 12.55
C VAL B 656 37.86 68.09 12.99
N ILE B 657 38.86 68.22 12.13
CA ILE B 657 40.17 67.69 12.47
C ILE B 657 40.74 68.28 13.75
N ILE B 658 40.65 69.59 13.92
CA ILE B 658 41.25 70.21 15.10
C ILE B 658 40.45 69.98 16.39
N SER B 659 39.18 69.62 16.25
CA SER B 659 38.36 69.36 17.43
C SER B 659 38.42 67.91 17.88
N LYS B 660 38.35 66.96 16.94
CA LYS B 660 38.51 65.59 17.34
C LYS B 660 39.72 65.49 18.24
N ASN B 661 40.66 66.41 18.10
CA ASN B 661 41.83 66.42 18.99
C ASN B 661 41.53 67.04 20.37
N MET B 662 41.16 68.30 20.42
CA MET B 662 40.82 68.95 21.69
C MET B 662 39.94 68.08 22.57
N LEU B 663 39.18 67.17 21.98
CA LEU B 663 38.37 66.27 22.77
C LEU B 663 38.88 64.85 22.67
N SER B 664 40.19 64.67 22.80
CA SER B 664 40.76 63.33 22.79
C SER B 664 42.26 63.38 22.65
N ALA B 714 37.94 55.38 16.05
CA ALA B 714 37.47 56.53 15.29
C ALA B 714 38.51 57.63 15.31
N GLY B 715 38.98 58.06 14.14
CA GLY B 715 40.03 59.05 14.09
C GLY B 715 40.08 60.08 12.99
N ILE B 716 41.27 60.36 12.48
CA ILE B 716 41.42 61.41 11.49
C ILE B 716 41.67 60.88 10.06
N ILE B 717 41.92 59.59 9.88
CA ILE B 717 42.25 59.08 8.55
C ILE B 717 41.24 59.43 7.49
N TRP B 718 39.95 59.20 7.72
CA TRP B 718 38.99 59.46 6.67
C TRP B 718 38.75 60.94 6.47
N ASP B 719 39.04 61.77 7.46
CA ASP B 719 38.94 63.21 7.25
C ASP B 719 40.20 63.72 6.60
N SER B 720 41.20 62.89 6.43
CA SER B 720 42.39 63.34 5.72
C SER B 720 42.35 62.93 4.27
N VAL B 721 41.66 61.85 3.92
CA VAL B 721 41.49 61.53 2.52
C VAL B 721 40.66 62.68 1.99
N CYS B 722 39.63 63.06 2.72
CA CYS B 722 38.78 64.15 2.30
C CYS B 722 39.52 65.45 2.19
N PHE B 723 40.41 65.80 3.11
CA PHE B 723 41.06 67.10 3.00
C PHE B 723 41.91 67.14 1.76
N PHE B 724 42.43 66.01 1.33
CA PHE B 724 43.19 66.00 0.09
C PHE B 724 42.25 66.33 -1.05
N PHE B 725 41.24 65.53 -1.29
CA PHE B 725 40.38 65.76 -2.43
C PHE B 725 39.86 67.17 -2.54
N LEU B 726 39.47 67.77 -1.44
CA LEU B 726 38.90 69.09 -1.52
C LEU B 726 39.96 70.11 -1.82
N LEU B 727 41.21 69.86 -1.48
CA LEU B 727 42.23 70.81 -1.83
C LEU B 727 42.65 70.62 -3.27
N LEU B 728 42.41 69.44 -3.84
CA LEU B 728 42.70 69.23 -5.24
C LEU B 728 41.64 69.92 -6.10
N GLN B 729 40.38 69.89 -5.70
CA GLN B 729 39.34 70.50 -6.50
C GLN B 729 39.38 71.99 -6.38
N ARG B 730 40.01 72.53 -5.37
CA ARG B 730 40.11 73.98 -5.34
C ARG B 730 41.06 74.39 -6.43
N ARG B 731 42.01 73.52 -6.78
CA ARG B 731 42.92 73.82 -7.86
C ARG B 731 42.30 73.62 -9.23
N VAL B 732 41.48 72.59 -9.44
CA VAL B 732 40.78 72.44 -10.71
C VAL B 732 39.88 73.66 -10.94
N PHE B 733 39.14 74.12 -9.94
CA PHE B 733 38.24 75.27 -10.04
C PHE B 733 38.94 76.60 -10.09
N LEU B 734 40.25 76.61 -10.22
CA LEU B 734 40.96 77.86 -10.35
C LEU B 734 41.97 77.75 -11.47
N SER B 735 41.72 76.85 -12.41
CA SER B 735 42.67 76.66 -13.47
C SER B 735 42.28 77.45 -14.68
N HIS B 736 42.92 77.18 -15.80
CA HIS B 736 42.59 77.85 -17.04
C HIS B 736 42.01 76.80 -17.93
N TYR B 737 42.16 75.55 -17.54
CA TYR B 737 41.59 74.46 -18.31
C TYR B 737 40.16 74.25 -17.88
N TYR B 738 39.74 74.86 -16.78
CA TYR B 738 38.37 74.73 -16.34
C TYR B 738 37.56 75.76 -17.03
N LEU B 739 38.17 76.87 -17.41
CA LEU B 739 37.43 77.85 -18.16
C LEU B 739 36.72 77.21 -19.34
N HIS B 740 37.38 76.26 -20.00
CA HIS B 740 36.78 75.57 -21.12
C HIS B 740 35.59 74.68 -20.75
N VAL B 741 35.63 74.05 -19.58
CA VAL B 741 34.52 73.23 -19.16
C VAL B 741 33.40 74.09 -18.65
N ARG B 742 33.69 75.27 -18.14
CA ARG B 742 32.61 76.14 -17.74
C ARG B 742 31.85 76.52 -18.98
N ALA B 743 32.55 76.80 -20.07
CA ALA B 743 31.90 77.18 -21.32
C ALA B 743 30.92 76.13 -21.76
N ASP B 744 31.36 74.89 -21.85
CA ASP B 744 30.47 73.82 -22.27
C ASP B 744 29.24 73.75 -21.42
N LEU B 745 29.41 73.79 -20.11
CA LEU B 745 28.27 73.67 -19.21
C LEU B 745 27.31 74.85 -19.35
N GLN B 746 27.83 76.05 -19.57
CA GLN B 746 26.98 77.21 -19.75
C GLN B 746 26.17 77.07 -21.03
N ALA B 747 26.80 76.60 -22.09
CA ALA B 747 26.12 76.42 -23.36
C ALA B 747 24.97 75.46 -23.27
N THR B 748 25.11 74.39 -22.51
CA THR B 748 24.05 73.40 -22.47
C THR B 748 22.79 73.97 -21.86
N ALA B 749 22.92 74.89 -20.93
CA ALA B 749 21.75 75.52 -20.35
C ALA B 749 21.01 76.39 -21.34
N LEU B 750 21.73 76.97 -22.29
CA LEU B 750 21.09 77.79 -23.31
C LEU B 750 20.40 76.91 -24.34
N LEU B 751 21.10 75.88 -24.81
CA LEU B 751 20.55 74.98 -25.82
C LEU B 751 19.57 73.94 -25.28
N ALA B 752 19.06 74.15 -24.07
CA ALA B 752 18.10 73.22 -23.50
C ALA B 752 16.81 73.26 -24.27
N SER B 753 16.38 74.45 -24.66
CA SER B 753 15.11 74.60 -25.36
C SER B 753 15.14 73.84 -26.65
N ARG B 754 16.23 73.93 -27.38
CA ARG B 754 16.36 73.18 -28.62
C ARG B 754 16.21 71.71 -28.29
N GLY B 755 16.93 71.23 -27.30
CA GLY B 755 16.78 69.85 -26.90
C GLY B 755 15.35 69.42 -26.73
N PHE B 756 14.54 70.21 -26.03
CA PHE B 756 13.15 69.84 -25.80
C PHE B 756 12.44 69.70 -27.11
N ALA B 757 12.64 70.67 -28.00
CA ALA B 757 12.02 70.61 -29.32
C ALA B 757 12.42 69.35 -30.05
N LEU B 758 13.71 69.07 -30.17
CA LEU B 758 14.14 67.84 -30.81
C LEU B 758 13.38 66.63 -30.27
N TYR B 759 13.39 66.46 -28.95
CA TYR B 759 12.71 65.34 -28.33
C TYR B 759 11.23 65.31 -28.68
N ASN B 760 10.53 66.42 -28.47
CA ASN B 760 9.10 66.45 -28.70
C ASN B 760 8.75 66.18 -30.14
N ALA B 761 9.56 66.67 -31.07
CA ALA B 761 9.32 66.39 -32.47
C ALA B 761 9.41 64.90 -32.70
N ALA B 762 10.45 64.27 -32.19
CA ALA B 762 10.60 62.84 -32.35
C ALA B 762 9.40 62.08 -31.79
N ASN B 763 8.89 62.51 -30.64
CA ASN B 763 7.75 61.85 -30.06
C ASN B 763 6.54 61.97 -30.96
N LEU B 764 6.26 63.17 -31.44
CA LEU B 764 5.11 63.37 -32.30
C LEU B 764 5.20 62.60 -33.60
N LYS B 765 6.41 62.47 -34.14
CA LYS B 765 6.58 61.70 -35.35
C LYS B 765 6.20 60.25 -35.13
N SER B 766 6.69 59.66 -34.05
CA SER B 766 6.39 58.26 -33.77
C SER B 766 4.91 58.08 -33.50
N ILE B 767 4.29 59.05 -32.84
CA ILE B 767 2.86 58.98 -32.59
C ILE B 767 2.14 58.85 -33.92
N ASP B 768 2.47 59.71 -34.87
CA ASP B 768 1.81 59.67 -36.16
C ASP B 768 1.98 58.37 -36.89
N PHE B 769 3.18 57.80 -36.85
CA PHE B 769 3.42 56.57 -37.57
C PHE B 769 2.56 55.47 -37.00
N HIS B 770 2.49 55.38 -35.68
CA HIS B 770 1.69 54.35 -35.06
C HIS B 770 0.22 54.56 -35.35
N ARG B 771 -0.23 55.80 -35.29
CA ARG B 771 -1.62 56.10 -35.56
C ARG B 771 -1.98 55.69 -36.98
N ARG B 772 -1.11 55.97 -37.93
CA ARG B 772 -1.35 55.55 -39.31
C ARG B 772 -1.58 54.06 -39.40
N ILE B 773 -0.67 53.29 -38.82
CA ILE B 773 -0.80 51.83 -38.86
C ILE B 773 -2.12 51.32 -38.32
N GLU B 774 -2.59 51.90 -37.23
CA GLU B 774 -3.87 51.48 -36.67
C GLU B 774 -5.02 51.79 -37.60
N GLU B 775 -5.00 52.95 -38.24
CA GLU B 775 -6.06 53.28 -39.18
C GLU B 775 -6.06 52.37 -40.39
N LYS B 776 -4.89 51.95 -40.84
CA LYS B 776 -4.82 51.00 -41.94
C LYS B 776 -5.53 49.72 -41.57
N SER B 777 -5.28 49.23 -40.37
CA SER B 777 -5.92 48.00 -39.93
C SER B 777 -7.42 48.16 -39.92
N LEU B 778 -7.91 49.30 -39.49
CA LEU B 778 -9.35 49.45 -39.40
C LEU B 778 -9.98 49.55 -40.76
N ALA B 779 -9.23 50.04 -41.74
CA ALA B 779 -9.75 50.07 -43.09
C ALA B 779 -9.84 48.66 -43.61
N GLN B 780 -8.80 47.88 -43.42
CA GLN B 780 -8.82 46.51 -43.89
C GLN B 780 -9.95 45.74 -43.26
N LEU B 781 -10.18 45.92 -41.97
CA LEU B 781 -11.22 45.18 -41.30
C LEU B 781 -12.54 45.48 -41.94
N LYS B 782 -12.79 46.75 -42.22
CA LYS B 782 -14.06 47.14 -42.80
C LYS B 782 -14.21 46.65 -44.23
N ARG B 783 -13.12 46.62 -44.98
CA ARG B 783 -13.20 46.09 -46.34
C ARG B 783 -13.55 44.63 -46.30
N GLN B 784 -12.91 43.87 -45.43
CA GLN B 784 -13.16 42.45 -45.36
C GLN B 784 -14.60 42.20 -45.02
N MET B 785 -15.17 42.98 -44.12
CA MET B 785 -16.53 42.70 -43.74
C MET B 785 -17.50 43.02 -44.86
N GLU B 786 -17.14 43.92 -45.76
CA GLU B 786 -18.02 44.16 -46.90
C GLU B 786 -18.04 42.97 -47.82
N ARG B 787 -16.90 42.32 -48.02
CA ARG B 787 -16.89 41.11 -48.83
C ARG B 787 -17.79 40.04 -48.25
N ILE B 788 -17.71 39.81 -46.94
CA ILE B 788 -18.54 38.81 -46.29
C ILE B 788 -19.98 39.14 -46.57
N ARG B 789 -20.41 40.36 -46.28
CA ARG B 789 -21.82 40.71 -46.46
C ARG B 789 -22.29 40.64 -47.89
N ALA B 790 -21.41 40.86 -48.85
CA ALA B 790 -21.79 40.75 -50.24
C ALA B 790 -22.15 39.32 -50.59
N LYS B 791 -21.30 38.36 -50.22
CA LYS B 791 -21.59 36.97 -50.50
C LYS B 791 -22.88 36.54 -49.86
N GLN B 792 -23.14 36.96 -48.63
CA GLN B 792 -24.34 36.51 -47.97
C GLN B 792 -25.57 37.00 -48.69
N GLU B 793 -25.51 38.20 -49.24
CA GLU B 793 -26.65 38.73 -49.98
C GLU B 793 -26.87 38.01 -51.29
N LYS B 794 -25.80 37.65 -51.97
CA LYS B 794 -25.93 36.91 -53.22
C LYS B 794 -26.66 35.61 -52.95
N HIS B 795 -26.30 34.94 -51.86
CA HIS B 795 -26.91 33.67 -51.53
C HIS B 795 -28.33 33.85 -51.03
N ARG B 796 -28.64 35.01 -50.47
CA ARG B 796 -29.99 35.27 -50.02
C ARG B 796 -30.86 35.39 -51.23
N GLN B 797 -30.36 36.09 -52.25
CA GLN B 797 -31.12 36.23 -53.49
C GLN B 797 -31.21 34.91 -54.23
N GLY B 798 -30.18 34.08 -54.09
CA GLY B 798 -30.23 32.76 -54.71
C GLY B 798 -31.35 31.95 -54.11
N ARG B 799 -31.48 31.98 -52.79
CA ARG B 799 -32.57 31.27 -52.13
C ARG B 799 -33.92 31.86 -52.54
N VAL B 800 -33.98 33.17 -52.73
CA VAL B 800 -35.20 33.81 -53.18
C VAL B 800 -35.60 33.28 -54.56
N ASP B 801 -34.65 33.22 -55.49
CA ASP B 801 -34.95 32.70 -56.81
C ASP B 801 -35.24 31.21 -56.76
N ASP B 839 -35.44 32.75 -36.48
CA ASP B 839 -35.09 31.93 -35.33
C ASP B 839 -33.67 31.44 -35.42
N HIS B 840 -32.95 31.43 -34.31
CA HIS B 840 -31.55 31.04 -34.30
C HIS B 840 -31.35 29.65 -34.83
N ALA B 841 -32.12 28.69 -34.36
CA ALA B 841 -31.88 27.32 -34.76
C ALA B 841 -32.40 26.94 -36.12
N THR B 842 -32.90 27.89 -36.89
CA THR B 842 -33.30 27.60 -38.23
C THR B 842 -32.34 28.30 -39.13
N VAL B 843 -31.35 28.98 -38.56
CA VAL B 843 -30.32 29.64 -39.35
C VAL B 843 -29.10 28.77 -39.24
N ILE B 844 -28.85 28.25 -38.05
CA ILE B 844 -27.72 27.36 -37.84
C ILE B 844 -27.92 26.11 -38.67
N HIS B 845 -29.14 25.58 -38.70
CA HIS B 845 -29.41 24.36 -39.44
C HIS B 845 -30.04 24.61 -40.80
N SER B 846 -29.41 25.43 -41.63
CA SER B 846 -29.92 25.66 -42.96
C SER B 846 -28.83 25.97 -43.96
N GLY B 847 -27.98 25.00 -44.24
CA GLY B 847 -26.97 25.20 -45.25
C GLY B 847 -27.36 24.31 -46.39
N ASP B 848 -26.97 24.62 -47.60
CA ASP B 848 -27.24 23.72 -48.69
C ASP B 848 -26.03 23.61 -49.56
N TYR B 849 -26.18 23.04 -50.74
CA TYR B 849 -25.04 22.81 -51.57
C TYR B 849 -24.77 23.95 -52.47
N PHE B 850 -25.57 24.99 -52.37
CA PHE B 850 -25.42 26.14 -53.27
C PHE B 850 -24.43 27.15 -52.75
N LEU B 851 -24.20 27.16 -51.45
CA LEU B 851 -23.26 28.07 -50.88
C LEU B 851 -21.87 27.64 -51.27
N PHE B 852 -21.63 26.34 -51.29
CA PHE B 852 -20.30 25.83 -51.56
C PHE B 852 -20.12 25.72 -53.03
N GLU B 853 -20.69 26.67 -53.77
CA GLU B 853 -20.64 26.60 -55.22
C GLU B 853 -19.34 27.13 -55.79
N SER B 854 -19.42 28.11 -56.67
CA SER B 854 -18.21 28.65 -57.29
C SER B 854 -17.35 29.34 -56.27
N PHE B 944 43.46 30.89 -28.60
CA PHE B 944 42.43 31.23 -29.57
C PHE B 944 41.19 31.76 -28.86
N LEU B 945 40.91 31.22 -27.68
CA LEU B 945 39.69 31.61 -26.96
C LEU B 945 39.62 33.09 -26.67
N TRP B 946 40.76 33.72 -26.40
CA TRP B 946 40.78 35.15 -26.17
C TRP B 946 40.27 35.89 -27.41
N MET B 947 40.79 35.51 -28.58
CA MET B 947 40.36 36.16 -29.82
C MET B 947 38.91 35.83 -30.15
N LEU B 948 38.48 34.61 -29.82
CA LEU B 948 37.09 34.24 -30.05
C LEU B 948 36.20 35.10 -29.17
N GLY B 949 36.61 35.30 -27.92
CA GLY B 949 35.85 36.14 -27.02
C GLY B 949 35.77 37.56 -27.50
N GLN B 950 36.86 38.04 -28.10
CA GLN B 950 36.88 39.40 -28.63
C GLN B 950 35.86 39.57 -29.74
N ALA B 951 35.67 38.54 -30.56
CA ALA B 951 34.65 38.62 -31.60
C ALA B 951 33.27 38.81 -31.00
N LEU B 952 32.96 38.05 -29.95
CA LEU B 952 31.66 38.20 -29.29
C LEU B 952 31.49 39.55 -28.63
N VAL B 953 32.60 40.13 -28.16
CA VAL B 953 32.55 41.45 -27.55
C VAL B 953 32.08 42.43 -28.61
N ASP B 954 32.65 42.30 -29.81
CA ASP B 954 32.25 43.20 -30.89
C ASP B 954 30.79 43.03 -31.24
N GLU B 955 30.28 41.80 -31.21
CA GLU B 955 28.86 41.58 -31.47
C GLU B 955 28.00 42.32 -30.45
N LEU B 956 28.35 42.21 -29.17
CA LEU B 956 27.61 42.92 -28.14
C LEU B 956 27.67 44.41 -28.38
N THR B 957 28.87 44.93 -28.65
CA THR B 957 29.02 46.35 -28.91
C THR B 957 28.11 46.81 -30.03
N ARG B 958 28.01 46.03 -31.09
CA ARG B 958 27.12 46.37 -32.19
C ARG B 958 25.67 46.47 -31.74
N TRP B 959 25.22 45.49 -30.97
CA TRP B 959 23.85 45.51 -30.48
C TRP B 959 23.60 46.74 -29.62
N LEU B 960 24.52 47.05 -28.72
CA LEU B 960 24.36 48.20 -27.84
C LEU B 960 24.32 49.49 -28.63
N GLN B 961 25.10 49.55 -29.70
CA GLN B 961 25.11 50.76 -30.51
C GLN B 961 23.78 50.95 -31.20
N GLU B 962 23.13 49.85 -31.57
CA GLU B 962 21.82 49.94 -32.18
C GLU B 962 20.76 50.29 -31.16
N PHE B 963 20.97 49.87 -29.92
CA PHE B 963 20.02 50.18 -28.86
C PHE B 963 20.07 51.65 -28.46
N THR B 964 21.17 52.33 -28.76
CA THR B 964 21.31 53.73 -28.41
C THR B 964 21.31 54.62 -29.63
N ARG B 965 20.93 54.08 -30.78
CA ARG B 965 21.01 54.87 -32.00
C ARG B 965 20.28 56.19 -31.99
N HIS B 966 19.00 56.19 -31.64
CA HIS B 966 18.22 57.42 -31.66
C HIS B 966 18.84 58.47 -30.76
N HIS B 967 19.22 58.07 -29.56
CA HIS B 967 19.86 59.01 -28.64
C HIS B 967 21.11 59.59 -29.26
N GLY B 968 21.92 58.74 -29.87
CA GLY B 968 23.14 59.21 -30.52
C GLY B 968 22.89 60.33 -31.50
N THR B 969 21.90 60.18 -32.35
CA THR B 969 21.64 61.19 -33.35
C THR B 969 21.26 62.50 -32.69
N MET B 970 20.38 62.46 -31.71
CA MET B 970 19.93 63.68 -31.05
C MET B 970 21.11 64.38 -30.43
N SER B 971 21.99 63.60 -29.82
CA SER B 971 23.18 64.17 -29.21
C SER B 971 24.05 64.88 -30.22
N ASP B 972 24.34 64.25 -31.36
CA ASP B 972 25.22 64.85 -32.34
C ASP B 972 24.72 66.15 -32.90
N VAL B 973 23.41 66.27 -33.08
CA VAL B 973 22.86 67.54 -33.53
C VAL B 973 23.19 68.59 -32.50
N LEU B 974 22.98 68.27 -31.23
CA LEU B 974 23.22 69.26 -30.19
C LEU B 974 24.68 69.54 -29.91
N ARG B 975 25.56 68.57 -30.19
CA ARG B 975 26.98 68.78 -29.98
C ARG B 975 27.52 69.77 -30.98
N ALA B 976 27.12 69.59 -32.24
CA ALA B 976 27.57 70.50 -33.29
C ALA B 976 27.09 71.89 -32.99
N GLU B 977 25.84 72.02 -32.56
CA GLU B 977 25.31 73.33 -32.22
C GLU B 977 26.09 73.94 -31.10
N ARG B 978 26.46 73.13 -30.10
CA ARG B 978 27.21 73.65 -28.96
C ARG B 978 28.60 74.12 -29.35
N TYR B 979 29.22 73.45 -30.29
CA TYR B 979 30.54 73.84 -30.74
C TYR B 979 30.53 75.30 -31.13
N LEU B 980 29.60 75.67 -31.99
CA LEU B 980 29.57 77.03 -32.46
C LEU B 980 29.13 77.96 -31.35
N LEU B 981 28.18 77.51 -30.54
CA LEU B 981 27.65 78.38 -29.50
C LEU B 981 28.78 78.85 -28.60
N THR B 982 29.62 77.91 -28.16
CA THR B 982 30.71 78.27 -27.27
C THR B 982 31.70 79.22 -27.88
N GLN B 983 31.95 79.10 -29.18
CA GLN B 983 32.85 80.04 -29.85
C GLN B 983 32.40 81.46 -29.60
N GLU B 984 31.14 81.75 -29.85
CA GLU B 984 30.64 83.11 -29.67
C GLU B 984 30.74 83.54 -28.22
N LEU B 985 30.40 82.65 -27.31
CA LEU B 985 30.51 82.97 -25.90
C LEU B 985 31.95 83.32 -25.55
N LEU B 986 32.90 82.52 -26.02
CA LEU B 986 34.31 82.77 -25.72
C LEU B 986 34.80 84.06 -26.33
N GLN B 987 34.26 84.44 -27.48
CA GLN B 987 34.63 85.71 -28.08
C GLN B 987 34.22 86.82 -27.14
N GLY B 988 33.04 86.70 -26.55
CA GLY B 988 32.55 87.72 -25.67
C GLY B 988 31.35 88.36 -26.34
N GLY B 989 30.90 87.76 -27.43
CA GLY B 989 29.75 88.29 -28.14
C GLY B 989 28.48 87.55 -27.81
N GLU B 990 27.39 87.93 -28.46
CA GLU B 990 26.10 87.31 -28.18
C GLU B 990 25.85 86.07 -29.01
N VAL B 991 25.06 85.15 -28.47
CA VAL B 991 24.72 83.95 -29.21
C VAL B 991 23.38 84.18 -29.91
N HIS B 992 23.43 84.48 -31.20
CA HIS B 992 22.20 84.76 -31.94
C HIS B 992 21.68 83.52 -32.65
N ARG B 993 20.61 83.67 -33.42
CA ARG B 993 20.07 82.54 -34.17
C ARG B 993 20.95 82.28 -35.36
N GLY B 994 21.61 83.31 -35.87
CA GLY B 994 22.50 83.17 -37.01
C GLY B 994 23.62 82.18 -36.76
N VAL B 995 24.05 82.07 -35.51
CA VAL B 995 25.08 81.10 -35.17
C VAL B 995 24.61 79.72 -35.59
N LEU B 996 23.41 79.34 -35.16
CA LEU B 996 22.87 78.04 -35.50
C LEU B 996 22.56 77.92 -36.98
N ASP B 997 22.23 79.04 -37.62
CA ASP B 997 21.87 79.02 -39.02
C ASP B 997 23.06 78.68 -39.91
N GLN B 998 24.26 78.99 -39.45
CA GLN B 998 25.46 78.64 -40.21
C GLN B 998 25.54 77.16 -40.47
N LEU B 999 25.14 76.36 -39.49
CA LEU B 999 25.16 74.92 -39.63
C LEU B 999 24.33 74.48 -40.84
N ALA B 1076 15.71 65.33 -35.83
CA ALA B 1076 17.08 65.01 -35.44
C ALA B 1076 17.83 64.45 -36.61
N SER B 1077 17.39 63.31 -37.12
CA SER B 1077 18.04 62.70 -38.26
C SER B 1077 17.99 63.64 -39.44
N GLU B 1078 16.82 64.24 -39.66
CA GLU B 1078 16.68 65.19 -40.75
C GLU B 1078 17.68 66.33 -40.63
N LEU B 1079 17.80 66.92 -39.45
CA LEU B 1079 18.68 68.07 -39.26
C LEU B 1079 20.13 67.74 -39.51
N LEU B 1080 20.51 66.50 -39.29
CA LEU B 1080 21.88 66.11 -39.59
C LEU B 1080 22.13 66.23 -41.07
N LEU B 1081 21.21 65.69 -41.87
CA LEU B 1081 21.37 65.75 -43.32
C LEU B 1081 21.34 67.18 -43.83
N ASP B 1082 20.38 67.97 -43.35
CA ASP B 1082 20.25 69.36 -43.82
C ASP B 1082 21.51 70.16 -43.57
N ARG B 1083 22.03 70.08 -42.36
CA ARG B 1083 23.26 70.78 -42.03
C ARG B 1083 24.38 70.29 -42.92
N ARG B 1084 25.13 71.21 -43.51
CA ARG B 1084 26.24 70.83 -44.36
C ARG B 1084 27.53 71.50 -43.96
N LEU B 1085 27.49 72.31 -42.90
CA LEU B 1085 28.71 72.94 -42.40
C LEU B 1085 29.57 71.91 -41.67
N ARG B 1086 30.42 71.21 -42.40
CA ARG B 1086 31.24 70.17 -41.81
C ARG B 1086 32.29 70.75 -40.88
N ILE B 1087 32.23 70.38 -39.60
CA ILE B 1087 33.17 70.94 -38.63
C ILE B 1087 34.45 70.11 -38.55
N PRO B 1088 35.56 70.76 -38.15
CA PRO B 1088 36.85 70.06 -38.12
C PRO B 1088 37.09 69.19 -36.90
N GLU B 1089 37.32 69.81 -35.76
CA GLU B 1089 37.62 69.07 -34.53
C GLU B 1089 36.73 67.87 -34.30
N LEU B 1090 35.42 68.07 -34.38
CA LEU B 1090 34.49 66.98 -34.07
C LEU B 1090 34.70 65.74 -34.95
N GLU B 1091 35.07 65.94 -36.21
CA GLU B 1091 35.29 64.81 -37.12
C GLU B 1091 36.54 64.03 -36.76
N GLU B 1092 37.62 64.74 -36.43
CA GLU B 1092 38.84 64.08 -36.03
C GLU B 1092 38.64 63.32 -34.74
N ALA B 1093 37.79 63.86 -33.87
CA ALA B 1093 37.51 63.21 -32.60
C ALA B 1093 36.84 61.88 -32.83
N GLU B 1094 35.92 61.85 -33.80
CA GLU B 1094 35.23 60.62 -34.11
C GLU B 1094 36.21 59.56 -34.62
N LEU B 1095 37.20 59.98 -35.40
CA LEU B 1095 38.20 59.04 -35.88
C LEU B 1095 38.99 58.43 -34.74
N PHE B 1096 39.39 59.25 -33.78
CA PHE B 1096 40.11 58.75 -32.60
C PHE B 1096 39.27 57.70 -31.93
N ALA B 1097 37.99 57.99 -31.77
CA ALA B 1097 37.08 57.05 -31.12
C ALA B 1097 37.01 55.73 -31.87
N GLU B 1098 36.88 55.79 -33.19
CA GLU B 1098 36.80 54.56 -33.98
C GLU B 1098 38.10 53.80 -33.91
N GLY B 1099 39.22 54.53 -33.80
CA GLY B 1099 40.52 53.90 -33.74
C GLY B 1099 40.98 53.62 -32.34
N GLN B 1100 40.05 53.35 -31.42
CA GLN B 1100 40.43 52.98 -30.07
C GLN B 1100 40.44 51.48 -29.95
N GLY B 1101 40.91 50.98 -28.82
CA GLY B 1101 40.90 49.55 -28.60
C GLY B 1101 39.49 49.04 -28.38
N ARG B 1102 39.28 47.75 -28.58
CA ARG B 1102 37.95 47.17 -28.40
C ARG B 1102 37.48 47.35 -26.98
N ALA B 1103 38.38 47.26 -26.01
CA ALA B 1103 38.00 47.44 -24.61
C ALA B 1103 37.43 48.82 -24.39
N LEU B 1104 38.17 49.84 -24.78
CA LEU B 1104 37.70 51.20 -24.61
C LEU B 1104 36.36 51.39 -25.28
N ARG B 1105 36.20 50.82 -26.47
CA ARG B 1105 34.97 51.00 -27.21
C ARG B 1105 33.80 50.28 -26.57
N LEU B 1106 34.05 49.10 -25.99
CA LEU B 1106 32.97 48.38 -25.32
C LEU B 1106 32.48 49.15 -24.10
N LEU B 1107 33.39 49.81 -23.40
CA LEU B 1107 33.00 50.54 -22.21
C LEU B 1107 32.25 51.79 -22.62
N ARG B 1108 32.60 52.37 -23.76
CA ARG B 1108 31.88 53.53 -24.23
C ARG B 1108 30.47 53.10 -24.55
N ALA B 1109 30.33 51.93 -25.13
CA ALA B 1109 29.01 51.42 -25.46
C ALA B 1109 28.13 51.28 -24.24
N VAL B 1110 28.70 50.77 -23.15
CA VAL B 1110 27.93 50.64 -21.91
C VAL B 1110 27.49 51.99 -21.36
N TYR B 1111 28.40 52.97 -21.29
CA TYR B 1111 28.00 54.28 -20.83
C TYR B 1111 26.90 54.83 -21.70
N GLN B 1112 26.99 54.61 -23.00
CA GLN B 1112 25.98 55.16 -23.88
C GLN B 1112 24.62 54.58 -23.57
N CYS B 1113 24.57 53.29 -23.32
CA CYS B 1113 23.31 52.66 -23.00
C CYS B 1113 22.69 53.20 -21.72
N VAL B 1114 23.48 53.34 -20.67
CA VAL B 1114 22.98 53.86 -19.41
C VAL B 1114 22.48 55.28 -19.58
N ALA B 1115 23.24 56.11 -20.26
CA ALA B 1115 22.85 57.49 -20.43
C ALA B 1115 21.71 57.66 -21.39
N ALA B 1116 21.36 56.62 -22.12
CA ALA B 1116 20.21 56.70 -22.99
C ALA B 1116 19.00 56.36 -22.19
N HIS B 1117 18.97 55.15 -21.65
CA HIS B 1117 17.83 54.71 -20.86
C HIS B 1117 18.15 54.85 -19.39
N SER B 1118 18.05 56.07 -18.86
CA SER B 1118 18.34 56.30 -17.46
C SER B 1118 17.17 55.93 -16.59
N GLU B 1119 15.96 56.03 -17.13
CA GLU B 1119 14.79 55.77 -16.32
C GLU B 1119 14.79 54.35 -15.87
N LEU B 1120 15.11 53.42 -16.76
CA LEU B 1120 15.06 52.03 -16.41
C LEU B 1120 16.10 51.68 -15.38
N LEU B 1121 17.14 52.51 -15.26
CA LEU B 1121 18.12 52.26 -14.22
C LEU B 1121 17.54 52.67 -12.88
N CYS B 1122 17.14 53.92 -12.74
CA CYS B 1122 16.52 54.34 -11.50
C CYS B 1122 15.56 53.29 -11.01
N TYR B 1123 14.77 52.70 -11.90
CA TYR B 1123 13.76 51.74 -11.46
C TYR B 1123 14.37 50.43 -11.03
N PHE B 1124 15.33 49.93 -11.79
CA PHE B 1124 15.93 48.67 -11.45
C PHE B 1124 16.51 48.76 -10.07
N ILE B 1125 17.18 49.86 -9.75
CA ILE B 1125 17.84 49.98 -8.46
C ILE B 1125 16.85 50.15 -7.31
N ILE B 1126 15.77 50.90 -7.49
CA ILE B 1126 14.76 51.04 -6.44
C ILE B 1126 14.22 49.66 -6.08
N ILE B 1127 13.94 48.83 -7.06
CA ILE B 1127 13.42 47.50 -6.80
C ILE B 1127 14.49 46.58 -6.23
N LEU B 1128 15.73 46.70 -6.68
CA LEU B 1128 16.80 45.87 -6.10
C LEU B 1128 17.07 46.18 -4.64
N ASN B 1129 16.88 47.41 -4.22
CA ASN B 1129 17.07 47.74 -2.82
C ASN B 1129 16.11 46.95 -1.97
N HIS B 1130 14.85 46.86 -2.38
CA HIS B 1130 13.86 46.14 -1.61
C HIS B 1130 14.09 44.65 -1.59
N MET B 1131 14.83 44.14 -2.55
CA MET B 1131 15.16 42.72 -2.54
C MET B 1131 16.27 42.44 -1.56
N VAL B 1132 17.19 43.38 -1.38
CA VAL B 1132 18.27 43.20 -0.42
C VAL B 1132 17.85 43.58 1.00
N THR B 1133 17.53 44.85 1.22
CA THR B 1133 17.15 45.30 2.55
C THR B 1133 15.90 44.67 3.10
N ALA B 1134 14.89 44.47 2.26
CA ALA B 1134 13.63 43.85 2.69
C ALA B 1134 13.07 44.41 3.98
N SER B 1135 12.86 45.72 4.02
CA SER B 1135 12.34 46.34 5.22
C SER B 1135 10.92 46.77 5.03
N ALA B 1136 10.56 47.87 5.66
CA ALA B 1136 9.23 48.41 5.49
C ALA B 1136 9.39 49.85 5.09
N GLY B 1137 10.63 50.31 5.08
CA GLY B 1137 10.89 51.66 4.64
C GLY B 1137 11.12 51.59 3.16
N SER B 1138 11.81 50.54 2.72
CA SER B 1138 12.07 50.38 1.31
C SER B 1138 10.92 49.73 0.58
N LEU B 1139 9.70 49.95 1.06
CA LEU B 1139 8.54 49.38 0.41
C LEU B 1139 7.82 50.53 -0.22
N VAL B 1140 7.98 51.71 0.34
CA VAL B 1140 7.24 52.85 -0.16
C VAL B 1140 7.60 53.12 -1.59
N LEU B 1141 8.88 53.22 -1.88
CA LEU B 1141 9.28 53.56 -3.23
C LEU B 1141 8.90 52.53 -4.30
N PRO B 1142 9.10 51.22 -4.06
CA PRO B 1142 8.62 50.29 -5.09
C PRO B 1142 7.13 50.39 -5.36
N VAL B 1143 6.30 50.61 -4.35
CA VAL B 1143 4.88 50.78 -4.62
C VAL B 1143 4.65 51.99 -5.50
N LEU B 1144 5.27 53.11 -5.16
CA LEU B 1144 5.07 54.32 -5.94
C LEU B 1144 5.62 54.23 -7.36
N VAL B 1145 6.63 53.41 -7.60
CA VAL B 1145 7.12 53.24 -8.96
C VAL B 1145 5.97 52.64 -9.75
N PHE B 1146 5.39 51.54 -9.28
CA PHE B 1146 4.34 50.86 -10.02
C PHE B 1146 2.99 51.55 -10.10
N LEU B 1147 2.75 52.57 -9.28
CA LEU B 1147 1.44 53.20 -9.25
C LEU B 1147 1.41 54.73 -9.41
N TRP B 1148 2.54 55.37 -9.63
CA TRP B 1148 2.56 56.80 -9.86
C TRP B 1148 3.49 57.10 -11.02
N ALA B 1149 4.56 56.36 -11.14
CA ALA B 1149 5.51 56.65 -12.19
C ALA B 1149 5.10 55.98 -13.45
N MET B 1150 4.99 54.67 -13.40
CA MET B 1150 4.70 53.93 -14.60
C MET B 1150 3.31 54.13 -15.18
N LEU B 1151 2.39 54.71 -14.41
CA LEU B 1151 1.05 54.96 -14.90
C LEU B 1151 0.83 56.40 -15.26
N SER B 1152 1.89 57.19 -15.36
CA SER B 1152 1.72 58.59 -15.79
C SER B 1152 2.04 58.74 -17.26
N ILE B 1153 1.08 59.23 -18.04
CA ILE B 1153 1.25 59.32 -19.48
C ILE B 1153 2.38 60.24 -19.96
N PRO B 1154 2.37 61.53 -19.59
CA PRO B 1154 3.43 62.28 -20.26
C PRO B 1154 4.66 62.38 -19.39
N ARG B 1155 5.43 61.30 -19.21
CA ARG B 1155 6.66 61.28 -18.40
C ARG B 1155 6.52 61.44 -16.85
N PRO B 1156 7.15 60.53 -16.03
CA PRO B 1156 7.07 60.83 -14.61
C PRO B 1156 7.48 62.26 -14.32
N SER B 1157 6.66 63.00 -13.61
CA SER B 1157 6.93 64.41 -13.38
C SER B 1157 8.03 64.74 -12.41
N LYS B 1158 8.30 66.04 -12.25
CA LYS B 1158 9.31 66.48 -11.31
C LYS B 1158 9.02 65.96 -9.95
N ARG B 1159 7.76 66.01 -9.53
CA ARG B 1159 7.41 65.58 -8.20
C ARG B 1159 7.74 64.14 -7.90
N PHE B 1160 7.68 63.24 -8.87
CA PHE B 1160 8.09 61.87 -8.58
C PHE B 1160 9.56 61.87 -8.27
N TRP B 1161 10.36 62.43 -9.16
CA TRP B 1161 11.77 62.35 -8.95
C TRP B 1161 12.19 63.04 -7.67
N MET B 1162 11.62 64.20 -7.36
CA MET B 1162 11.96 64.87 -6.12
C MET B 1162 11.51 64.10 -4.88
N THR B 1163 10.38 63.41 -4.95
CA THR B 1163 9.96 62.59 -3.83
C THR B 1163 10.98 61.50 -3.60
N ALA B 1164 11.42 60.83 -4.66
CA ALA B 1164 12.34 59.74 -4.49
C ALA B 1164 13.64 60.20 -3.89
N ILE B 1165 14.15 61.33 -4.35
CA ILE B 1165 15.38 61.86 -3.80
C ILE B 1165 15.20 62.16 -2.32
N VAL B 1166 14.15 62.88 -1.94
CA VAL B 1166 13.95 63.24 -0.55
C VAL B 1166 13.77 62.03 0.35
N PHE B 1167 12.93 61.08 -0.04
CA PHE B 1167 12.78 59.87 0.75
C PHE B 1167 14.08 59.10 0.95
N THR B 1168 14.91 58.96 -0.08
CA THR B 1168 16.12 58.18 0.09
C THR B 1168 17.11 58.90 0.97
N GLU B 1169 17.09 60.22 0.96
CA GLU B 1169 17.97 60.96 1.85
C GLU B 1169 17.52 60.76 3.28
N ILE B 1170 16.23 60.80 3.52
CA ILE B 1170 15.71 60.63 4.87
C ILE B 1170 16.12 59.29 5.41
N ALA B 1171 15.88 58.22 4.67
CA ALA B 1171 16.18 56.91 5.19
C ALA B 1171 17.64 56.79 5.53
N VAL B 1172 18.52 57.39 4.75
CA VAL B 1172 19.94 57.37 5.06
C VAL B 1172 20.17 57.99 6.44
N VAL B 1173 19.67 59.20 6.68
CA VAL B 1173 19.84 59.85 7.98
C VAL B 1173 19.24 59.04 9.11
N VAL B 1174 18.01 58.57 8.97
CA VAL B 1174 17.35 57.79 10.01
C VAL B 1174 18.13 56.54 10.39
N LYS B 1175 18.58 55.76 9.42
CA LYS B 1175 19.34 54.58 9.74
C LYS B 1175 20.71 54.93 10.31
N TYR B 1176 21.22 56.12 10.00
CA TYR B 1176 22.49 56.55 10.56
C TYR B 1176 22.35 56.83 12.04
N LEU B 1177 21.25 57.44 12.42
CA LEU B 1177 21.04 57.81 13.80
C LEU B 1177 20.71 56.63 14.69
N PHE B 1178 20.47 55.47 14.11
CA PHE B 1178 20.24 54.30 14.94
C PHE B 1178 21.49 53.43 15.00
N THR B 1210 23.84 47.32 12.69
CA THR B 1210 24.79 46.38 12.10
C THR B 1210 25.85 47.11 11.30
N ASP B 1211 26.64 46.35 10.55
CA ASP B 1211 27.68 46.96 9.73
C ASP B 1211 27.07 47.45 8.43
N GLY B 1212 26.40 46.55 7.70
CA GLY B 1212 25.81 46.93 6.44
C GLY B 1212 24.54 47.72 6.64
N TYR B 1213 24.48 48.92 6.08
CA TYR B 1213 23.28 49.74 6.21
C TYR B 1213 23.10 50.76 5.08
N ILE B 1214 24.16 51.44 4.67
CA ILE B 1214 23.99 52.48 3.66
C ILE B 1214 24.95 52.30 2.54
N LYS B 1215 24.85 51.21 1.79
CA LYS B 1215 25.69 51.02 0.61
C LYS B 1215 24.79 51.06 -0.62
N TYR B 1216 23.70 50.33 -0.58
CA TYR B 1216 22.79 50.31 -1.70
C TYR B 1216 22.08 51.62 -1.82
N ASP B 1217 21.89 52.31 -0.72
CA ASP B 1217 21.24 53.61 -0.76
C ASP B 1217 22.16 54.68 -1.32
N LEU B 1218 23.46 54.46 -1.33
CA LEU B 1218 24.36 55.42 -1.94
C LEU B 1218 24.19 55.28 -3.43
N VAL B 1219 24.19 54.05 -3.94
CA VAL B 1219 23.94 53.87 -5.36
C VAL B 1219 22.60 54.50 -5.76
N GLN B 1220 21.53 54.18 -5.05
CA GLN B 1220 20.24 54.75 -5.37
C GLN B 1220 20.33 56.25 -5.52
N LEU B 1221 20.75 56.95 -4.48
CA LEU B 1221 20.75 58.42 -4.54
C LEU B 1221 21.55 58.95 -5.70
N MET B 1222 22.63 58.29 -6.07
CA MET B 1222 23.46 58.80 -7.14
C MET B 1222 22.88 58.48 -8.49
N ALA B 1223 22.05 57.46 -8.59
CA ALA B 1223 21.40 57.17 -9.84
C ALA B 1223 20.28 58.15 -10.09
N LEU B 1224 19.60 58.58 -9.04
CA LEU B 1224 18.47 59.49 -9.20
C LEU B 1224 18.97 60.87 -9.53
N PHE B 1225 20.17 61.20 -9.11
CA PHE B 1225 20.72 62.49 -9.45
C PHE B 1225 21.34 62.47 -10.84
N PHE B 1226 21.62 61.28 -11.39
CA PHE B 1226 22.10 61.21 -12.76
C PHE B 1226 20.94 61.50 -13.68
N HIS B 1227 19.82 60.82 -13.45
CA HIS B 1227 18.64 61.09 -14.24
C HIS B 1227 18.40 62.56 -14.30
N ARG B 1228 18.34 63.23 -13.15
CA ARG B 1228 18.06 64.66 -13.12
C ARG B 1228 18.92 65.41 -14.08
N SER B 1229 20.21 65.12 -14.13
CA SER B 1229 21.11 65.81 -15.04
C SER B 1229 20.79 65.60 -16.50
N GLN B 1230 20.37 64.40 -16.90
CA GLN B 1230 19.94 64.21 -18.29
C GLN B 1230 18.64 64.93 -18.55
N LEU B 1231 17.67 64.81 -17.64
CA LEU B 1231 16.38 65.48 -17.79
C LEU B 1231 16.50 66.96 -17.55
N LEU B 1232 17.70 67.51 -17.68
CA LEU B 1232 17.89 68.94 -17.51
C LEU B 1232 18.77 69.44 -18.62
N CYS B 1233 19.41 68.51 -19.31
CA CYS B 1233 20.24 68.88 -20.44
C CYS B 1233 19.43 68.83 -21.71
N TYR B 1234 18.30 68.13 -21.68
CA TYR B 1234 17.42 68.07 -22.84
C TYR B 1234 16.14 68.85 -22.60
N ARG B 1371 -8.99 66.23 -5.35
CA ARG B 1371 -8.95 66.92 -6.64
C ARG B 1371 -7.78 66.51 -7.55
N PRO B 1372 -6.52 66.59 -7.06
CA PRO B 1372 -5.48 66.13 -7.99
C PRO B 1372 -5.58 64.64 -8.32
N LEU B 1373 -6.04 63.82 -7.37
CA LEU B 1373 -6.19 62.39 -7.61
C LEU B 1373 -7.15 62.16 -8.75
N ARG B 1374 -8.30 62.82 -8.71
CA ARG B 1374 -9.29 62.67 -9.75
C ARG B 1374 -8.68 63.02 -11.09
N ARG B 1375 -7.98 64.13 -11.17
CA ARG B 1375 -7.38 64.53 -12.43
C ARG B 1375 -6.38 63.51 -12.94
N PHE B 1376 -5.49 63.03 -12.08
CA PHE B 1376 -4.54 62.01 -12.50
C PHE B 1376 -5.26 60.84 -13.14
N PHE B 1377 -6.23 60.30 -12.42
CA PHE B 1377 -6.96 59.13 -12.91
C PHE B 1377 -7.65 59.43 -14.22
N HIS B 1378 -8.17 60.63 -14.36
CA HIS B 1378 -8.91 60.98 -15.55
C HIS B 1378 -8.03 60.96 -16.80
N ASP B 1379 -6.78 61.36 -16.66
CA ASP B 1379 -5.88 61.31 -17.79
C ASP B 1379 -5.78 59.89 -18.27
N ILE B 1380 -5.38 58.99 -17.38
CA ILE B 1380 -5.22 57.59 -17.77
C ILE B 1380 -6.51 57.03 -18.35
N LEU B 1381 -7.63 57.27 -17.70
CA LEU B 1381 -8.90 56.71 -18.15
C LEU B 1381 -9.36 57.29 -19.48
N HIS B 1382 -9.16 58.57 -19.69
CA HIS B 1382 -9.55 59.19 -20.95
C HIS B 1382 -8.42 60.06 -21.46
N THR B 1383 -7.55 59.49 -22.28
CA THR B 1383 -6.48 60.27 -22.88
C THR B 1383 -6.74 60.51 -24.35
N LYS B 1384 -5.72 60.95 -25.07
CA LYS B 1384 -5.85 61.18 -26.50
C LYS B 1384 -4.64 60.60 -27.20
N TYR B 1385 -3.46 60.79 -26.62
CA TYR B 1385 -2.24 60.24 -27.20
C TYR B 1385 -2.02 58.85 -26.67
N ARG B 1386 -2.55 57.85 -27.36
CA ARG B 1386 -2.44 56.48 -26.88
C ARG B 1386 -2.21 55.50 -28.02
N ALA B 1387 -0.95 55.21 -28.33
CA ALA B 1387 -0.67 54.30 -29.43
C ALA B 1387 -0.94 52.94 -28.87
N ALA B 1388 -1.86 52.17 -29.45
CA ALA B 1388 -2.25 50.90 -28.84
C ALA B 1388 -1.39 49.70 -29.13
N THR B 1389 -1.17 48.85 -28.13
CA THR B 1389 -0.34 47.66 -28.29
C THR B 1389 -0.96 46.51 -27.55
N ASP B 1390 -0.53 45.29 -27.85
CA ASP B 1390 -1.04 44.11 -27.17
C ASP B 1390 0.09 43.37 -26.52
N VAL B 1391 0.19 43.48 -25.21
CA VAL B 1391 1.23 42.76 -24.49
C VAL B 1391 0.62 41.69 -23.60
N TYR B 1392 -0.41 40.98 -24.05
CA TYR B 1392 -0.93 39.90 -23.22
C TYR B 1392 -0.03 38.69 -23.36
N ALA B 1393 0.27 38.29 -24.58
CA ALA B 1393 1.17 37.18 -24.72
C ALA B 1393 2.21 37.19 -23.62
N LEU B 1394 3.01 38.23 -23.52
CA LEU B 1394 4.09 38.27 -22.54
C LEU B 1394 3.67 38.42 -21.07
N MET B 1395 2.70 39.26 -20.77
CA MET B 1395 2.23 39.35 -19.40
C MET B 1395 1.97 37.94 -18.94
N PHE B 1396 1.53 37.07 -19.83
CA PHE B 1396 1.19 35.72 -19.44
C PHE B 1396 2.41 34.86 -19.23
N LEU B 1397 3.39 34.95 -20.12
CA LEU B 1397 4.62 34.20 -19.93
C LEU B 1397 5.24 34.46 -18.58
N ALA B 1398 5.23 35.71 -18.10
CA ALA B 1398 5.76 35.99 -16.78
C ALA B 1398 4.99 35.22 -15.75
N ASP B 1399 3.67 35.21 -15.87
CA ASP B 1399 2.87 34.43 -14.95
C ASP B 1399 3.15 32.93 -15.00
N VAL B 1400 3.42 32.38 -16.17
CA VAL B 1400 3.78 30.97 -16.25
C VAL B 1400 5.07 30.76 -15.50
N VAL B 1401 6.10 31.53 -15.80
CA VAL B 1401 7.38 31.36 -15.14
C VAL B 1401 7.22 31.41 -13.63
N ASP B 1402 6.47 32.37 -13.12
CA ASP B 1402 6.23 32.39 -11.69
C ASP B 1402 5.64 31.05 -11.25
N PHE B 1403 4.49 30.67 -11.78
CA PHE B 1403 3.90 29.38 -11.45
C PHE B 1403 5.00 28.35 -11.27
N ILE B 1404 5.84 28.17 -12.27
CA ILE B 1404 6.89 27.16 -12.18
C ILE B 1404 7.77 27.33 -10.95
N ILE B 1405 8.28 28.53 -10.70
CA ILE B 1405 9.08 28.77 -9.49
C ILE B 1405 8.38 28.30 -8.22
N ILE B 1406 7.17 28.77 -7.97
CA ILE B 1406 6.40 28.31 -6.80
C ILE B 1406 6.39 26.79 -6.72
N ILE B 1407 6.02 26.13 -7.81
CA ILE B 1407 5.93 24.67 -7.79
C ILE B 1407 7.28 24.01 -7.61
N PHE B 1408 8.22 24.25 -8.50
CA PHE B 1408 9.51 23.57 -8.44
C PHE B 1408 10.17 23.81 -7.11
N GLY B 1409 10.34 25.07 -6.75
CA GLY B 1409 10.91 25.38 -5.46
C GLY B 1409 9.83 25.48 -4.42
N PHE B 1410 9.24 24.35 -4.04
CA PHE B 1410 8.23 24.35 -3.00
C PHE B 1410 8.88 24.45 -1.64
N TRP B 1411 10.17 24.13 -1.56
CA TRP B 1411 10.88 24.17 -0.29
C TRP B 1411 11.01 25.60 0.24
N PRO B 1432 2.61 21.79 2.44
CA PRO B 1432 2.85 23.10 3.04
C PRO B 1432 1.79 24.13 2.67
N GLU B 1433 1.09 24.66 3.67
CA GLU B 1433 0.03 25.61 3.41
C GLU B 1433 0.47 26.85 2.63
N ALA B 1434 1.64 27.39 2.92
CA ALA B 1434 2.13 28.56 2.20
C ALA B 1434 2.13 28.33 0.70
N PHE B 1435 2.84 27.31 0.26
CA PHE B 1435 2.91 27.00 -1.16
C PHE B 1435 1.51 26.78 -1.71
N LEU B 1436 0.69 26.02 -1.01
CA LEU B 1436 -0.65 25.72 -1.49
C LEU B 1436 -1.46 26.96 -1.75
N VAL B 1437 -1.49 27.87 -0.79
CA VAL B 1437 -2.28 29.07 -0.94
C VAL B 1437 -1.73 29.91 -2.09
N MET B 1438 -0.41 30.06 -2.13
CA MET B 1438 0.18 30.88 -3.18
C MET B 1438 -0.11 30.33 -4.58
N LEU B 1439 -0.13 29.02 -4.73
CA LEU B 1439 -0.39 28.43 -6.03
C LEU B 1439 -1.77 28.80 -6.47
N LEU B 1440 -2.75 28.67 -5.58
CA LEU B 1440 -4.09 29.07 -5.92
C LEU B 1440 -4.17 30.55 -6.28
N ILE B 1441 -3.46 31.39 -5.54
CA ILE B 1441 -3.46 32.81 -5.83
C ILE B 1441 -3.00 33.06 -7.26
N GLN B 1442 -1.86 32.50 -7.64
CA GLN B 1442 -1.33 32.75 -8.97
C GLN B 1442 -2.32 32.28 -10.02
N PHE B 1443 -2.89 31.10 -9.84
CA PHE B 1443 -3.89 30.62 -10.78
C PHE B 1443 -5.04 31.60 -10.90
N SER B 1444 -5.56 32.07 -9.78
CA SER B 1444 -6.71 32.96 -9.84
C SER B 1444 -6.40 34.31 -10.48
N THR B 1445 -5.19 34.82 -10.34
CA THR B 1445 -4.86 36.07 -11.01
C THR B 1445 -4.88 35.88 -12.51
N MET B 1446 -4.38 34.74 -12.99
CA MET B 1446 -4.35 34.49 -14.41
C MET B 1446 -5.74 34.47 -15.02
N VAL B 1447 -6.70 33.88 -14.33
CA VAL B 1447 -8.07 33.86 -14.83
C VAL B 1447 -8.64 35.26 -14.94
N VAL B 1448 -8.48 36.08 -13.91
CA VAL B 1448 -9.00 37.44 -13.96
C VAL B 1448 -8.34 38.22 -15.09
N ASP B 1449 -7.06 38.01 -15.29
CA ASP B 1449 -6.36 38.70 -16.36
C ASP B 1449 -6.97 38.42 -17.72
N ARG B 1450 -7.25 37.16 -18.02
CA ARG B 1450 -7.87 36.81 -19.29
C ARG B 1450 -9.18 37.53 -19.45
N ALA B 1451 -9.94 37.64 -18.38
CA ALA B 1451 -11.25 38.26 -18.48
C ALA B 1451 -11.17 39.70 -18.90
N LEU B 1452 -10.27 40.44 -18.31
CA LEU B 1452 -10.11 41.85 -18.65
C LEU B 1452 -9.52 42.05 -20.03
N TYR B 1453 -8.81 41.07 -20.56
CA TYR B 1453 -8.28 41.17 -21.89
C TYR B 1453 -9.42 41.00 -22.86
N LEU B 1454 -10.17 39.93 -22.74
CA LEU B 1454 -11.25 39.64 -23.69
C LEU B 1454 -12.39 40.63 -23.63
N ARG B 1455 -12.59 41.27 -22.49
CA ARG B 1455 -13.65 42.25 -22.35
C ARG B 1455 -13.13 43.66 -22.57
N LYS B 1456 -11.84 43.79 -22.83
CA LYS B 1456 -11.22 45.10 -23.10
C LYS B 1456 -11.58 46.23 -22.16
N THR B 1457 -11.19 46.12 -20.90
CA THR B 1457 -11.47 47.18 -19.93
C THR B 1457 -10.17 47.75 -19.42
N VAL B 1458 -9.97 49.05 -19.54
CA VAL B 1458 -8.75 49.66 -19.01
C VAL B 1458 -8.97 50.06 -17.57
N LEU B 1459 -10.20 50.41 -17.22
CA LEU B 1459 -10.50 50.75 -15.85
C LEU B 1459 -10.37 49.54 -14.96
N GLY B 1460 -10.77 48.38 -15.47
CA GLY B 1460 -10.65 47.17 -14.71
C GLY B 1460 -9.22 46.77 -14.50
N LYS B 1461 -8.39 46.96 -15.51
CA LYS B 1461 -6.99 46.63 -15.39
C LYS B 1461 -6.31 47.58 -14.41
N LEU B 1462 -6.71 48.84 -14.39
CA LEU B 1462 -6.16 49.78 -13.41
C LEU B 1462 -6.45 49.31 -12.02
N ALA B 1463 -7.70 48.98 -11.73
CA ALA B 1463 -8.06 48.49 -10.42
C ALA B 1463 -7.36 47.20 -10.02
N PHE B 1464 -7.22 46.27 -10.95
CA PHE B 1464 -6.51 45.03 -10.67
C PHE B 1464 -5.05 45.31 -10.34
N GLN B 1465 -4.43 46.24 -11.06
CA GLN B 1465 -3.06 46.60 -10.75
C GLN B 1465 -2.96 47.17 -9.35
N VAL B 1466 -3.76 48.18 -9.03
CA VAL B 1466 -3.69 48.81 -7.72
C VAL B 1466 -3.80 47.76 -6.64
N ALA B 1467 -4.84 46.94 -6.69
CA ALA B 1467 -5.02 45.91 -5.71
C ALA B 1467 -3.83 45.00 -5.61
N LEU B 1468 -3.44 44.38 -6.71
CA LEU B 1468 -2.35 43.42 -6.66
C LEU B 1468 -1.02 43.99 -6.18
N VAL B 1469 -0.69 45.22 -6.57
CA VAL B 1469 0.59 45.79 -6.18
C VAL B 1469 0.61 45.86 -4.67
N LEU B 1470 -0.41 46.46 -4.09
CA LEU B 1470 -0.47 46.60 -2.64
C LEU B 1470 -0.47 45.26 -1.95
N ALA B 1471 -1.30 44.35 -2.42
CA ALA B 1471 -1.42 43.06 -1.76
C ALA B 1471 -0.13 42.24 -1.73
N ILE B 1472 0.56 42.16 -2.85
CA ILE B 1472 1.76 41.35 -2.90
C ILE B 1472 2.85 42.01 -2.07
N HIS B 1473 2.93 43.32 -2.15
CA HIS B 1473 3.94 44.04 -1.41
C HIS B 1473 3.73 43.97 0.10
N LEU B 1474 2.52 43.64 0.53
CA LEU B 1474 2.27 43.49 1.94
C LEU B 1474 2.42 42.03 2.33
N TRP B 1475 1.77 41.13 1.62
CA TRP B 1475 1.82 39.72 1.97
C TRP B 1475 3.21 39.15 1.99
N MET B 1476 4.02 39.48 1.00
CA MET B 1476 5.34 38.89 0.91
C MET B 1476 6.35 39.60 1.77
N PHE B 1477 5.97 40.69 2.41
CA PHE B 1477 6.94 41.45 3.17
C PHE B 1477 6.55 41.67 4.60
N PHE B 1478 5.43 41.10 5.02
CA PHE B 1478 5.00 41.21 6.42
C PHE B 1478 4.49 39.86 6.85
N ILE B 1479 3.42 39.39 6.23
CA ILE B 1479 2.82 38.12 6.60
C ILE B 1479 3.73 36.93 6.37
N LEU B 1480 3.96 36.57 5.12
CA LEU B 1480 4.81 35.44 4.80
C LEU B 1480 6.12 35.36 5.57
N PRO B 1481 6.94 36.43 5.59
CA PRO B 1481 8.16 36.25 6.38
C PRO B 1481 7.91 36.59 7.84
N ASN B 1491 16.39 33.52 1.02
CA ASN B 1491 15.37 32.83 0.25
C ASN B 1491 15.48 33.23 -1.21
N VAL B 1492 16.24 32.48 -1.99
CA VAL B 1492 16.42 32.79 -3.40
C VAL B 1492 15.14 32.60 -4.19
N VAL B 1493 14.35 31.60 -3.83
CA VAL B 1493 13.10 31.37 -4.50
C VAL B 1493 12.19 32.59 -4.38
N ALA B 1494 11.95 33.08 -3.17
CA ALA B 1494 11.04 34.20 -3.04
C ALA B 1494 11.64 35.47 -3.57
N GLN B 1495 12.96 35.52 -3.67
CA GLN B 1495 13.60 36.69 -4.25
C GLN B 1495 13.30 36.73 -5.73
N LEU B 1496 13.36 35.58 -6.39
CA LEU B 1496 13.00 35.55 -7.80
C LEU B 1496 11.51 35.83 -7.92
N TRP B 1497 10.67 34.97 -7.40
CA TRP B 1497 9.26 35.20 -7.58
C TRP B 1497 9.05 36.69 -7.63
N TYR B 1498 9.72 37.45 -6.78
CA TYR B 1498 9.46 38.88 -6.76
C TYR B 1498 9.94 39.57 -8.02
N PHE B 1499 11.16 39.30 -8.45
CA PHE B 1499 11.64 39.90 -9.68
C PHE B 1499 10.72 39.61 -10.85
N VAL B 1500 10.25 38.39 -10.98
CA VAL B 1500 9.42 38.05 -12.13
C VAL B 1500 8.05 38.68 -11.99
N LYS B 1501 7.54 38.85 -10.78
CA LYS B 1501 6.26 39.53 -10.62
C LYS B 1501 6.43 41.02 -10.84
N CYS B 1502 7.62 41.56 -10.64
CA CYS B 1502 7.85 42.96 -10.93
C CYS B 1502 7.81 43.21 -12.40
N ILE B 1503 8.32 42.27 -13.19
CA ILE B 1503 8.22 42.40 -14.64
C ILE B 1503 6.76 42.35 -15.08
N TYR B 1504 5.93 41.56 -14.41
CA TYR B 1504 4.51 41.55 -14.75
C TYR B 1504 3.88 42.89 -14.48
N PHE B 1505 4.22 43.53 -13.37
CA PHE B 1505 3.56 44.79 -13.03
C PHE B 1505 4.00 45.88 -13.96
N ALA B 1506 5.19 45.76 -14.52
CA ALA B 1506 5.67 46.76 -15.47
C ALA B 1506 4.97 46.64 -16.80
N LEU B 1507 4.85 45.42 -17.31
CA LEU B 1507 4.21 45.20 -18.59
C LEU B 1507 2.73 45.52 -18.50
N SER B 1508 2.11 45.26 -17.36
CA SER B 1508 0.72 45.59 -17.20
C SER B 1508 0.52 47.06 -17.31
N ALA B 1509 1.38 47.85 -16.67
CA ALA B 1509 1.26 49.30 -16.70
C ALA B 1509 1.43 49.87 -18.07
N TYR B 1510 2.23 49.23 -18.91
CA TYR B 1510 2.36 49.67 -20.28
C TYR B 1510 1.01 49.54 -20.97
N GLN B 1511 0.30 48.44 -20.75
CA GLN B 1511 -1.02 48.25 -21.35
C GLN B 1511 -2.08 49.24 -20.84
N ILE B 1512 -2.08 49.57 -19.55
CA ILE B 1512 -3.04 50.57 -19.05
C ILE B 1512 -2.73 51.97 -19.55
N ARG B 1513 -1.49 52.21 -19.95
CA ARG B 1513 -1.12 53.51 -20.47
C ARG B 1513 -1.29 53.57 -21.97
N CYS B 1514 -1.20 52.44 -22.64
CA CYS B 1514 -1.25 52.45 -24.09
C CYS B 1514 -2.62 52.13 -24.67
N GLY B 1515 -3.41 51.34 -23.97
CA GLY B 1515 -4.74 51.02 -24.44
C GLY B 1515 -4.78 49.74 -25.24
N TYR B 1516 -5.93 49.08 -25.29
CA TYR B 1516 -6.05 47.83 -26.00
C TYR B 1516 -6.30 48.13 -27.46
N PRO B 1517 -5.89 47.23 -28.36
CA PRO B 1517 -6.09 47.45 -29.80
C PRO B 1517 -7.52 47.17 -30.26
N THR B 1518 -7.71 46.86 -31.54
CA THR B 1518 -9.04 46.53 -32.05
C THR B 1518 -9.22 45.04 -32.21
N ARG B 1519 -8.23 44.39 -32.80
CA ARG B 1519 -8.30 42.96 -32.98
C ARG B 1519 -7.54 42.21 -31.90
N ILE B 1520 -8.25 41.74 -30.89
CA ILE B 1520 -7.63 40.99 -29.83
C ILE B 1520 -7.87 39.50 -29.94
N LEU B 1521 -8.75 39.06 -30.83
CA LEU B 1521 -9.07 37.64 -30.85
C LEU B 1521 -8.10 36.87 -31.73
N GLY B 1522 -8.02 35.57 -31.52
CA GLY B 1522 -7.13 34.74 -32.32
C GLY B 1522 -6.24 33.92 -31.42
N ASN B 1523 -5.09 33.52 -31.92
CA ASN B 1523 -4.15 32.78 -31.09
C ASN B 1523 -2.83 33.51 -31.17
N PHE B 1524 -1.79 32.89 -30.63
CA PHE B 1524 -0.49 33.51 -30.66
C PHE B 1524 0.44 32.71 -31.54
N LEU B 1525 0.20 31.41 -31.67
CA LEU B 1525 1.16 30.61 -32.39
C LEU B 1525 0.64 30.29 -33.77
N THR B 1526 -0.60 30.67 -34.07
CA THR B 1526 -1.17 30.36 -35.36
C THR B 1526 -1.14 31.52 -36.32
N LYS B 1527 -0.04 32.23 -36.37
CA LYS B 1527 0.04 33.38 -37.23
C LYS B 1527 0.99 33.10 -38.36
N LYS B 1528 2.01 32.32 -38.08
CA LYS B 1528 2.92 31.96 -39.13
C LYS B 1528 2.94 30.47 -39.24
N TYR B 1529 3.05 29.96 -40.45
CA TYR B 1529 2.97 28.53 -40.66
C TYR B 1529 4.32 27.91 -40.92
N ASN B 1530 5.16 27.84 -39.90
CA ASN B 1530 6.49 27.31 -40.10
C ASN B 1530 6.66 25.95 -39.48
N HIS B 1531 7.75 25.76 -38.76
CA HIS B 1531 7.99 24.49 -38.12
C HIS B 1531 8.07 24.73 -36.64
N LEU B 1532 8.58 25.88 -36.24
CA LEU B 1532 8.62 26.22 -34.84
C LEU B 1532 7.20 26.30 -34.35
N ASN B 1533 6.36 27.01 -35.09
CA ASN B 1533 4.98 27.17 -34.69
C ASN B 1533 4.29 25.84 -34.50
N LEU B 1534 4.51 24.89 -35.39
CA LEU B 1534 3.85 23.61 -35.28
C LEU B 1534 4.26 22.94 -34.00
N PHE B 1535 5.53 22.96 -33.67
CA PHE B 1535 5.97 22.25 -32.50
C PHE B 1535 5.56 22.90 -31.20
N LEU B 1536 5.41 24.21 -31.19
CA LEU B 1536 4.94 24.87 -30.00
C LEU B 1536 3.44 24.67 -29.84
N PHE B 1537 2.69 24.71 -30.94
CA PHE B 1537 1.26 24.47 -30.87
C PHE B 1537 1.03 23.11 -30.31
N GLN B 1538 1.67 22.10 -30.88
CA GLN B 1538 1.44 20.74 -30.44
C GLN B 1538 1.86 20.55 -28.99
N GLY B 1539 2.91 21.23 -28.57
CA GLY B 1539 3.32 21.14 -27.18
C GLY B 1539 2.34 21.75 -26.20
N PHE B 1540 1.74 22.87 -26.57
CA PHE B 1540 0.76 23.52 -25.71
C PHE B 1540 -0.45 22.63 -25.54
N ARG B 1541 -0.77 21.85 -26.57
CA ARG B 1541 -1.90 20.95 -26.47
C ARG B 1541 -1.63 19.82 -25.50
N LEU B 1542 -0.36 19.45 -25.31
CA LEU B 1542 -0.03 18.35 -24.42
C LEU B 1542 -0.12 18.64 -22.92
N VAL B 1543 0.13 19.87 -22.51
CA VAL B 1543 -0.01 20.25 -21.10
C VAL B 1543 -1.43 19.95 -20.66
N PRO B 1544 -1.60 19.14 -19.62
CA PRO B 1544 -2.96 18.75 -19.26
C PRO B 1544 -3.92 19.86 -18.82
N PHE B 1545 -4.98 20.10 -19.57
CA PHE B 1545 -6.00 21.06 -19.15
C PHE B 1545 -5.97 22.43 -19.79
N LEU B 1546 -4.83 22.81 -20.36
CA LEU B 1546 -4.70 24.15 -20.93
C LEU B 1546 -5.68 24.38 -22.07
N VAL B 1547 -5.69 23.50 -23.04
CA VAL B 1547 -6.58 23.64 -24.19
C VAL B 1547 -8.03 23.79 -23.76
N GLU B 1548 -8.47 22.97 -22.83
CA GLU B 1548 -9.85 23.03 -22.40
C GLU B 1548 -10.21 24.31 -21.68
N LEU B 1549 -9.38 24.74 -20.74
CA LEU B 1549 -9.68 25.94 -19.96
C LEU B 1549 -9.68 27.16 -20.83
N ARG B 1550 -8.80 27.22 -21.82
CA ARG B 1550 -8.83 28.35 -22.73
C ARG B 1550 -10.17 28.41 -23.38
N ALA B 1551 -10.64 27.32 -23.93
CA ALA B 1551 -11.90 27.33 -24.67
C ALA B 1551 -13.09 27.81 -23.86
N VAL B 1552 -13.27 27.26 -22.67
CA VAL B 1552 -14.41 27.64 -21.86
C VAL B 1552 -14.28 29.10 -21.45
N MET B 1553 -13.09 29.53 -21.06
CA MET B 1553 -12.92 30.90 -20.61
C MET B 1553 -13.24 31.87 -21.72
N ASP B 1554 -12.81 31.57 -22.94
CA ASP B 1554 -13.06 32.48 -24.00
C ASP B 1554 -14.53 32.53 -24.32
N TRP B 1555 -15.26 31.47 -24.03
CA TRP B 1555 -16.65 31.44 -24.36
C TRP B 1555 -17.37 32.35 -23.42
N VAL B 1556 -17.14 32.19 -22.14
CA VAL B 1556 -17.86 32.97 -21.15
C VAL B 1556 -17.73 34.46 -21.42
N TRP B 1557 -16.52 34.93 -21.75
CA TRP B 1557 -16.31 36.37 -21.93
C TRP B 1557 -16.49 36.97 -23.33
N THR B 1558 -16.37 36.20 -24.39
CA THR B 1558 -16.63 36.75 -25.73
C THR B 1558 -18.10 36.64 -26.04
N ASP B 1559 -18.65 37.58 -26.80
CA ASP B 1559 -20.06 37.57 -27.12
C ASP B 1559 -20.35 36.72 -28.33
N THR B 1560 -21.08 35.63 -28.14
CA THR B 1560 -21.32 34.73 -29.24
C THR B 1560 -22.76 34.29 -29.23
N THR B 1561 -23.26 33.80 -30.36
CA THR B 1561 -24.63 33.32 -30.44
C THR B 1561 -24.67 31.84 -30.28
N LEU B 1562 -23.52 31.17 -30.32
CA LEU B 1562 -23.46 29.72 -30.24
C LEU B 1562 -23.36 29.23 -28.82
N SER B 1563 -23.60 27.94 -28.61
CA SER B 1563 -23.56 27.37 -27.28
C SER B 1563 -22.17 26.98 -26.88
N LEU B 1564 -22.01 25.92 -26.11
CA LEU B 1564 -20.66 25.48 -25.81
C LEU B 1564 -20.32 24.32 -26.67
N SER B 1565 -21.29 23.48 -26.98
CA SER B 1565 -21.03 22.39 -27.87
C SER B 1565 -20.56 22.92 -29.18
N SER B 1566 -21.24 23.95 -29.69
CA SER B 1566 -20.89 24.48 -30.98
C SER B 1566 -19.64 25.33 -30.96
N TRP B 1567 -19.37 25.99 -29.87
CA TRP B 1567 -18.15 26.76 -29.78
C TRP B 1567 -17.04 25.78 -29.89
N MET B 1568 -17.07 24.70 -29.14
CA MET B 1568 -15.95 23.79 -29.13
C MET B 1568 -15.78 22.97 -30.39
N CYS B 1569 -16.77 22.97 -31.27
CA CYS B 1569 -16.60 22.27 -32.52
C CYS B 1569 -15.97 23.20 -33.53
N VAL B 1570 -16.12 24.51 -33.38
CA VAL B 1570 -15.44 25.45 -34.26
C VAL B 1570 -13.98 25.52 -33.88
N GLU B 1571 -13.69 25.43 -32.60
CA GLU B 1571 -12.31 25.46 -32.16
C GLU B 1571 -11.53 24.21 -32.51
N ASP B 1572 -12.20 23.08 -32.67
CA ASP B 1572 -11.50 21.86 -33.06
C ASP B 1572 -11.22 21.84 -34.55
N ILE B 1573 -12.17 22.26 -35.36
CA ILE B 1573 -11.92 22.34 -36.77
C ILE B 1573 -10.71 23.22 -37.01
N TYR B 1574 -10.58 24.34 -36.30
CA TYR B 1574 -9.46 25.24 -36.54
C TYR B 1574 -8.13 24.68 -36.13
N ALA B 1575 -8.06 23.98 -35.02
CA ALA B 1575 -6.82 23.37 -34.62
C ALA B 1575 -6.32 22.38 -35.65
N ASN B 1576 -7.19 21.54 -36.17
CA ASN B 1576 -6.75 20.54 -37.12
C ASN B 1576 -6.48 21.08 -38.51
N ILE B 1577 -7.16 22.14 -38.92
CA ILE B 1577 -6.88 22.73 -40.21
C ILE B 1577 -5.55 23.47 -40.12
N PHE B 1578 -5.18 23.96 -38.97
CA PHE B 1578 -3.87 24.59 -38.82
C PHE B 1578 -2.81 23.56 -38.98
N ILE B 1579 -2.90 22.44 -38.28
CA ILE B 1579 -1.83 21.45 -38.36
C ILE B 1579 -1.63 20.93 -39.77
N ILE B 1580 -2.71 20.72 -40.52
CA ILE B 1580 -2.55 20.29 -41.90
C ILE B 1580 -1.88 21.40 -42.68
N LYS B 1581 -2.22 22.65 -42.44
CA LYS B 1581 -1.65 23.74 -43.21
C LYS B 1581 -0.16 23.82 -42.99
N CYS B 1582 0.29 23.69 -41.77
CA CYS B 1582 1.72 23.69 -41.50
C CYS B 1582 2.46 22.60 -42.24
N SER B 1583 1.93 21.39 -42.26
CA SER B 1583 2.56 20.30 -42.97
C SER B 1583 2.55 20.45 -44.46
N ARG B 1584 1.53 21.08 -45.01
CA ARG B 1584 1.48 21.31 -46.44
C ARG B 1584 2.55 22.32 -46.83
N GLU B 1585 2.77 23.31 -45.99
CA GLU B 1585 3.84 24.26 -46.28
C GLU B 1585 5.21 23.60 -46.27
N THR B 1586 5.55 22.85 -45.23
CA THR B 1586 6.88 22.28 -45.18
C THR B 1586 7.16 21.44 -46.41
N GLU B 1587 6.15 20.81 -46.97
CA GLU B 1587 6.38 19.93 -48.11
C GLU B 1587 6.36 20.67 -49.42
N LYS B 1588 6.34 21.98 -49.37
CA LYS B 1588 6.42 22.75 -50.60
C LYS B 1588 7.77 23.43 -50.57
N LYS B 1589 8.27 23.69 -49.37
CA LYS B 1589 9.56 24.32 -49.24
C LYS B 1589 10.64 23.30 -49.42
N TYR B 1590 10.41 22.09 -48.93
CA TYR B 1590 11.40 21.04 -49.04
C TYR B 1590 10.82 19.84 -49.75
N PRO B 1591 10.70 19.90 -51.08
CA PRO B 1591 10.04 18.80 -51.77
C PRO B 1591 10.84 17.52 -51.82
N GLN B 1592 10.19 16.40 -52.10
CA GLN B 1592 10.88 15.12 -52.22
C GLN B 1592 10.57 14.53 -53.58
N PRO B 1593 11.58 14.00 -54.27
CA PRO B 1593 11.36 13.47 -55.62
C PRO B 1593 10.38 12.31 -55.69
N LYS B 1594 9.80 12.13 -56.87
CA LYS B 1594 8.87 11.03 -57.06
C LYS B 1594 9.58 9.72 -56.99
N GLY B 1595 9.13 8.82 -56.13
CA GLY B 1595 9.66 7.47 -56.19
C GLY B 1595 10.99 7.36 -55.49
N GLN B 1596 11.17 8.13 -54.43
CA GLN B 1596 12.42 8.12 -53.73
C GLN B 1596 12.22 7.51 -52.37
N LYS B 1597 12.97 6.46 -52.07
CA LYS B 1597 12.82 5.78 -50.80
C LYS B 1597 13.13 6.67 -49.63
N LYS B 1598 12.40 6.49 -48.53
CA LYS B 1598 12.66 7.26 -47.35
C LYS B 1598 14.04 6.88 -46.86
N LYS B 1599 14.87 7.86 -46.51
CA LYS B 1599 16.24 7.57 -46.13
C LYS B 1599 16.37 6.70 -44.90
N LYS B 1600 17.34 5.79 -44.91
CA LYS B 1600 17.51 4.87 -43.79
C LYS B 1600 17.66 5.50 -42.42
N ILE B 1601 18.33 6.63 -42.34
CA ILE B 1601 18.52 7.30 -41.07
C ILE B 1601 17.18 7.64 -40.41
N VAL B 1602 16.27 8.28 -41.15
CA VAL B 1602 14.97 8.63 -40.61
C VAL B 1602 14.27 7.42 -40.08
N LYS B 1603 14.26 6.35 -40.87
CA LYS B 1603 13.60 5.13 -40.47
C LYS B 1603 14.20 4.60 -39.20
N TYR B 1604 15.51 4.41 -39.16
CA TYR B 1604 16.14 3.80 -37.99
C TYR B 1604 16.01 4.64 -36.75
N GLY B 1605 15.88 5.95 -36.91
CA GLY B 1605 15.71 6.81 -35.77
C GLY B 1605 14.33 6.68 -35.18
N MET B 1606 13.30 6.99 -35.96
CA MET B 1606 11.93 6.93 -35.47
C MET B 1606 11.59 5.54 -35.00
N GLY B 1607 11.75 4.57 -35.89
CA GLY B 1607 11.46 3.20 -35.54
C GLY B 1607 12.22 2.76 -34.32
N GLY B 1608 13.51 3.02 -34.29
CA GLY B 1608 14.33 2.62 -33.17
C GLY B 1608 13.77 3.03 -31.83
N LEU B 1609 13.42 4.30 -31.70
CA LEU B 1609 12.88 4.80 -30.45
C LEU B 1609 11.65 4.05 -30.05
N ILE B 1610 10.72 3.86 -30.97
CA ILE B 1610 9.47 3.19 -30.65
C ILE B 1610 9.73 1.80 -30.12
N ILE B 1611 10.55 1.03 -30.83
CA ILE B 1611 10.86 -0.32 -30.39
C ILE B 1611 11.43 -0.29 -28.98
N LEU B 1612 12.40 0.58 -28.74
CA LEU B 1612 13.00 0.70 -27.41
C LEU B 1612 11.97 0.99 -26.33
N PHE B 1613 11.05 1.90 -26.58
CA PHE B 1613 10.03 2.22 -25.60
C PHE B 1613 9.24 0.99 -25.20
N LEU B 1614 8.93 0.13 -26.17
CA LEU B 1614 8.16 -1.06 -25.88
C LEU B 1614 8.91 -2.03 -24.99
N ILE B 1615 10.20 -2.20 -25.24
CA ILE B 1615 11.00 -3.06 -24.37
C ILE B 1615 11.06 -2.47 -22.96
N ALA B 1616 11.17 -1.16 -22.88
CA ALA B 1616 11.26 -0.50 -21.58
C ALA B 1616 9.92 -0.38 -20.88
N ILE B 1617 8.85 -0.88 -21.48
CA ILE B 1617 7.56 -0.88 -20.80
C ILE B 1617 7.23 -2.30 -20.43
N ILE B 1618 8.12 -3.22 -20.75
CA ILE B 1618 7.92 -4.61 -20.38
C ILE B 1618 9.03 -5.08 -19.45
N TRP B 1619 10.27 -5.09 -19.95
CA TRP B 1619 11.37 -5.61 -19.16
C TRP B 1619 11.83 -4.69 -18.06
N PHE B 1620 12.06 -3.41 -18.36
CA PHE B 1620 12.60 -2.49 -17.33
C PHE B 1620 11.85 -2.44 -15.99
N PRO B 1621 10.51 -2.37 -16.00
CA PRO B 1621 9.86 -2.41 -14.69
C PRO B 1621 10.30 -3.61 -13.87
N LEU B 1622 10.24 -4.81 -14.44
CA LEU B 1622 10.69 -6.00 -13.73
C LEU B 1622 12.10 -5.85 -13.24
N LEU B 1623 13.00 -5.39 -14.10
CA LEU B 1623 14.39 -5.23 -13.71
C LEU B 1623 14.54 -4.36 -12.47
N PHE B 1624 13.86 -3.23 -12.42
CA PHE B 1624 13.98 -2.32 -11.28
C PHE B 1624 13.49 -2.95 -9.99
N MET B 1625 12.40 -3.69 -10.06
CA MET B 1625 11.89 -4.37 -8.88
C MET B 1625 12.90 -5.39 -8.39
N SER B 1626 13.53 -6.12 -9.31
CA SER B 1626 14.53 -7.10 -8.93
C SER B 1626 15.81 -6.46 -8.42
N LEU B 1627 16.08 -5.22 -8.83
CA LEU B 1627 17.25 -4.52 -8.33
C LEU B 1627 17.02 -4.20 -6.87
N VAL B 1628 15.79 -3.81 -6.53
CA VAL B 1628 15.45 -3.49 -5.14
C VAL B 1628 15.74 -4.71 -4.28
N ARG B 1629 15.47 -5.90 -4.82
CA ARG B 1629 15.64 -7.12 -4.04
C ARG B 1629 17.08 -7.51 -3.73
N SER B 1630 18.05 -6.80 -4.31
CA SER B 1630 19.45 -7.08 -4.01
C SER B 1630 19.91 -6.30 -2.78
N VAL B 1631 19.59 -6.80 -1.60
CA VAL B 1631 19.98 -6.12 -0.36
C VAL B 1631 20.65 -7.10 0.60
N VAL B 1632 20.83 -6.68 1.86
CA VAL B 1632 21.51 -7.53 2.84
C VAL B 1632 20.71 -7.74 4.14
N GLY B 1633 21.23 -8.61 5.00
CA GLY B 1633 20.67 -8.83 6.33
C GLY B 1633 21.65 -8.41 7.41
N VAL B 1634 21.16 -8.15 8.62
CA VAL B 1634 22.04 -7.65 9.68
C VAL B 1634 22.31 -8.68 10.78
N VAL B 1635 23.57 -8.82 11.19
CA VAL B 1635 23.94 -9.75 12.25
C VAL B 1635 23.43 -9.19 13.59
N ASN B 1636 22.28 -9.66 14.06
CA ASN B 1636 21.75 -9.29 15.38
C ASN B 1636 22.20 -10.31 16.43
N GLN B 1637 23.45 -10.15 16.87
CA GLN B 1637 24.02 -10.87 18.01
C GLN B 1637 23.25 -10.50 19.29
N PRO B 1638 22.99 -11.46 20.20
CA PRO B 1638 22.42 -11.13 21.50
C PRO B 1638 23.32 -10.17 22.28
N ILE B 1639 22.69 -9.23 23.00
CA ILE B 1639 23.33 -8.31 23.95
C ILE B 1639 23.50 -9.00 25.31
N ASP B 1640 22.48 -9.77 25.72
CA ASP B 1640 22.44 -10.53 26.96
C ASP B 1640 21.92 -11.95 26.67
N VAL B 1641 22.58 -12.93 27.26
CA VAL B 1641 22.20 -14.34 27.26
C VAL B 1641 21.89 -14.73 28.70
N THR B 1642 20.61 -14.63 29.06
CA THR B 1642 20.15 -14.95 30.41
C THR B 1642 19.75 -16.41 30.51
N VAL B 1643 20.36 -17.12 31.45
CA VAL B 1643 20.17 -18.56 31.67
C VAL B 1643 19.76 -18.82 33.10
N THR B 1644 18.72 -19.64 33.29
CA THR B 1644 18.23 -20.02 34.63
C THR B 1644 18.05 -21.53 34.74
N LEU B 1645 18.44 -22.10 35.88
CA LEU B 1645 18.14 -23.48 36.25
C LEU B 1645 17.17 -23.48 37.42
N LYS B 1646 15.93 -23.90 37.18
CA LYS B 1646 14.85 -23.91 38.17
C LYS B 1646 14.42 -25.33 38.50
N LEU B 1647 14.42 -25.69 39.78
CA LEU B 1647 13.84 -26.96 40.23
C LEU B 1647 12.37 -26.76 40.61
N GLY B 1648 11.46 -27.33 39.83
CA GLY B 1648 10.02 -27.31 40.05
C GLY B 1648 9.44 -25.90 40.24
N GLY B 1649 8.63 -25.75 41.28
CA GLY B 1649 8.04 -24.47 41.67
C GLY B 1649 9.04 -23.47 42.28
N TYR B 1650 10.14 -23.95 42.85
CA TYR B 1650 11.05 -23.21 43.74
C TYR B 1650 11.85 -22.10 43.07
N GLU B 1651 12.44 -21.21 43.84
CA GLU B 1651 13.33 -20.16 43.32
C GLU B 1651 14.47 -20.79 42.49
N PRO B 1652 14.87 -20.19 41.34
CA PRO B 1652 15.94 -20.75 40.51
C PRO B 1652 17.20 -21.00 41.34
N LEU B 1653 17.78 -22.18 41.16
CA LEU B 1653 19.02 -22.59 41.82
C LEU B 1653 20.18 -21.73 41.31
N PHE B 1654 20.20 -21.53 40.00
CA PHE B 1654 21.22 -20.78 39.28
C PHE B 1654 20.56 -19.76 38.36
N THR B 1655 21.07 -18.53 38.36
CA THR B 1655 20.77 -17.49 37.37
C THR B 1655 22.05 -16.79 36.94
N MET B 1656 22.31 -16.69 35.64
CA MET B 1656 23.43 -15.92 35.10
C MET B 1656 23.02 -15.19 33.82
N SER B 1657 23.55 -13.98 33.64
CA SER B 1657 23.34 -13.10 32.49
C SER B 1657 24.69 -12.87 31.81
N ALA B 1658 24.95 -13.64 30.76
CA ALA B 1658 26.18 -13.47 30.01
C ALA B 1658 25.99 -12.24 29.15
N GLN B 1659 26.68 -11.16 29.49
CA GLN B 1659 26.53 -9.92 28.74
C GLN B 1659 27.60 -9.77 27.68
N GLN B 1660 27.68 -8.59 27.07
CA GLN B 1660 28.64 -8.35 25.97
C GLN B 1660 30.03 -9.02 25.99
N PRO B 1661 30.83 -8.83 27.05
CA PRO B 1661 32.15 -9.49 26.96
C PRO B 1661 32.05 -11.02 26.93
N SER B 1662 31.22 -11.61 27.78
CA SER B 1662 31.07 -13.05 27.86
C SER B 1662 30.55 -13.57 26.52
N ILE B 1663 29.81 -12.74 25.81
CA ILE B 1663 29.31 -13.14 24.48
C ILE B 1663 30.43 -12.91 23.45
N ILE B 1664 31.07 -13.99 23.00
CA ILE B 1664 32.23 -13.97 22.09
C ILE B 1664 31.80 -14.50 20.71
N PRO B 1665 31.86 -13.71 19.63
CA PRO B 1665 31.61 -14.22 18.27
C PRO B 1665 32.67 -15.23 17.84
N PHE B 1666 32.28 -16.20 17.00
CA PHE B 1666 33.19 -17.23 16.52
C PHE B 1666 34.32 -16.60 15.68
N THR B 1667 35.57 -16.91 16.03
CA THR B 1667 36.70 -16.66 15.15
C THR B 1667 36.63 -17.63 13.96
N ALA B 1668 37.33 -17.30 12.86
CA ALA B 1668 37.47 -18.24 11.74
C ALA B 1668 38.07 -19.59 12.19
N GLN B 1669 38.96 -19.58 13.20
CA GLN B 1669 39.51 -20.79 13.81
C GLN B 1669 38.45 -21.58 14.57
N ALA B 1670 37.63 -20.94 15.41
CA ALA B 1670 36.52 -21.61 16.11
C ALA B 1670 35.47 -22.18 15.13
N TYR B 1671 35.26 -21.51 13.98
CA TYR B 1671 34.38 -21.99 12.91
C TYR B 1671 34.98 -23.21 12.19
N GLU B 1672 36.28 -23.20 11.88
CA GLU B 1672 37.01 -24.37 11.38
C GLU B 1672 37.01 -25.52 12.38
N GLU B 1673 37.08 -25.22 13.67
CA GLU B 1673 37.03 -26.26 14.69
C GLU B 1673 35.67 -26.90 14.70
N LEU B 1674 34.62 -26.08 14.57
CA LEU B 1674 33.26 -26.60 14.53
C LEU B 1674 33.09 -27.46 13.30
N SER B 1675 33.63 -26.99 12.17
CA SER B 1675 33.54 -27.76 10.94
C SER B 1675 34.21 -29.12 11.11
N ARG B 1676 35.38 -29.15 11.74
CA ARG B 1676 36.07 -30.41 11.95
C ARG B 1676 35.28 -31.34 12.86
N GLN B 1677 34.78 -30.82 13.98
CA GLN B 1677 34.04 -31.63 14.93
C GLN B 1677 32.81 -32.27 14.29
N PHE B 1678 32.20 -31.58 13.35
CA PHE B 1678 30.95 -32.07 12.74
C PHE B 1678 31.08 -32.59 11.30
N ASP B 1679 32.28 -32.58 10.72
CA ASP B 1679 32.64 -33.19 9.43
C ASP B 1679 32.06 -34.61 9.23
N PRO B 1680 31.97 -35.49 10.25
CA PRO B 1680 31.31 -36.81 10.13
C PRO B 1680 29.77 -36.78 9.98
N GLN B 1681 29.09 -35.71 10.40
CA GLN B 1681 27.64 -35.54 10.27
C GLN B 1681 27.30 -34.60 9.10
N PRO B 1682 26.89 -35.12 7.92
CA PRO B 1682 26.59 -34.27 6.77
C PRO B 1682 25.43 -33.29 7.03
N LEU B 1683 24.45 -33.67 7.86
CA LEU B 1683 23.35 -32.78 8.28
C LEU B 1683 23.84 -31.63 9.18
N ALA B 1684 24.82 -31.89 10.04
CA ALA B 1684 25.44 -30.88 10.88
C ALA B 1684 26.25 -29.88 10.03
N MET B 1685 27.06 -30.39 9.09
CA MET B 1685 27.81 -29.54 8.15
C MET B 1685 26.88 -28.70 7.26
N GLN B 1686 25.79 -29.29 6.76
CA GLN B 1686 24.75 -28.54 6.05
C GLN B 1686 24.14 -27.42 6.91
N PHE B 1687 23.96 -27.63 8.22
CA PHE B 1687 23.47 -26.59 9.12
C PHE B 1687 24.55 -25.52 9.41
N ILE B 1688 25.77 -25.91 9.79
CA ILE B 1688 26.88 -24.98 10.07
C ILE B 1688 27.14 -24.06 8.87
N SER B 1689 27.14 -24.62 7.66
CA SER B 1689 27.37 -23.85 6.41
C SER B 1689 26.31 -22.79 6.08
N GLN B 1690 25.17 -22.75 6.81
CA GLN B 1690 24.15 -21.69 6.67
C GLN B 1690 24.48 -20.43 7.46
N TYR B 1691 25.43 -20.51 8.41
CA TYR B 1691 25.80 -19.42 9.31
C TYR B 1691 27.24 -18.97 9.08
N SER B 1692 27.48 -17.67 9.20
CA SER B 1692 28.82 -17.04 9.15
C SER B 1692 29.48 -17.13 10.55
N PRO B 1693 30.81 -17.00 10.68
CA PRO B 1693 31.46 -16.91 11.99
C PRO B 1693 30.94 -15.76 12.88
N GLU B 1694 30.43 -14.67 12.29
CA GLU B 1694 29.81 -13.55 13.01
C GLU B 1694 28.40 -13.87 13.55
N ASP B 1695 27.69 -14.81 12.91
CA ASP B 1695 26.32 -15.21 13.29
C ASP B 1695 26.32 -16.21 14.45
N ILE B 1696 27.41 -16.96 14.60
CA ILE B 1696 27.61 -17.92 15.68
C ILE B 1696 28.34 -17.21 16.83
N VAL B 1697 27.72 -17.15 18.01
CA VAL B 1697 28.36 -16.60 19.22
C VAL B 1697 28.48 -17.68 20.29
N THR B 1698 29.60 -17.70 21.00
CA THR B 1698 29.74 -18.45 22.25
C THR B 1698 29.38 -17.52 23.40
N ALA B 1699 28.26 -17.78 24.08
CA ALA B 1699 28.02 -17.21 25.38
C ALA B 1699 28.81 -18.02 26.43
N GLN B 1700 29.86 -17.42 26.97
CA GLN B 1700 30.60 -17.96 28.11
C GLN B 1700 29.82 -17.66 29.39
N ILE B 1701 28.87 -18.53 29.71
CA ILE B 1701 28.05 -18.40 30.91
C ILE B 1701 28.89 -18.81 32.12
N GLU B 1702 29.13 -17.90 33.06
CA GLU B 1702 29.82 -18.22 34.31
C GLU B 1702 29.04 -19.25 35.13
N GLY B 1703 29.71 -20.30 35.58
CA GLY B 1703 29.13 -21.44 36.29
C GLY B 1703 28.74 -21.16 37.74
N SER B 1704 29.20 -20.07 38.35
CA SER B 1704 28.69 -19.62 39.65
C SER B 1704 27.43 -18.78 39.45
N SER B 1705 26.35 -19.07 40.19
CA SER B 1705 25.13 -18.25 40.10
C SER B 1705 25.43 -16.77 40.44
N GLY B 1706 25.05 -15.86 39.54
CA GLY B 1706 25.19 -14.42 39.72
C GLY B 1706 24.25 -13.83 40.78
N ALA B 1707 23.33 -14.64 41.30
CA ALA B 1707 22.51 -14.32 42.46
C ALA B 1707 22.67 -15.37 43.57
N LEU B 1708 22.69 -14.88 44.82
CA LEU B 1708 22.47 -15.70 46.01
C LEU B 1708 21.11 -16.39 45.92
N TRP B 1709 21.04 -17.64 46.38
CA TRP B 1709 19.82 -18.43 46.39
C TRP B 1709 18.93 -18.00 47.56
N ARG B 1710 17.95 -17.12 47.32
CA ARG B 1710 17.16 -16.42 48.35
C ARG B 1710 16.06 -17.27 48.98
N ILE B 1711 16.09 -18.59 48.76
CA ILE B 1711 14.98 -19.49 49.04
C ILE B 1711 14.55 -19.39 50.52
N SER B 1712 13.25 -19.25 50.75
CA SER B 1712 12.75 -19.21 52.13
C SER B 1712 13.08 -20.53 52.86
N PRO B 1713 13.44 -20.51 54.16
CA PRO B 1713 13.66 -21.72 54.93
C PRO B 1713 12.52 -22.77 54.84
N PRO B 1714 11.22 -22.41 54.86
CA PRO B 1714 10.16 -23.39 54.63
C PRO B 1714 10.13 -23.90 53.18
N SER B 1715 10.38 -23.06 52.16
CA SER B 1715 10.51 -23.52 50.76
C SER B 1715 11.68 -24.50 50.58
N ARG B 1716 12.83 -24.24 51.21
CA ARG B 1716 13.99 -25.15 51.21
C ARG B 1716 13.68 -26.47 51.92
N ALA B 1717 12.99 -26.40 53.06
CA ALA B 1717 12.55 -27.60 53.77
C ALA B 1717 11.53 -28.40 52.94
N GLN B 1718 10.63 -27.73 52.21
CA GLN B 1718 9.68 -28.38 51.31
C GLN B 1718 10.38 -29.01 50.10
N MET B 1719 11.31 -28.30 49.45
CA MET B 1719 12.15 -28.83 48.37
C MET B 1719 12.96 -30.05 48.83
N LYS B 1720 13.55 -30.01 50.03
CA LYS B 1720 14.24 -31.18 50.61
C LYS B 1720 13.29 -32.36 50.82
N ARG B 1721 12.08 -32.13 51.36
CA ARG B 1721 11.05 -33.18 51.50
C ARG B 1721 10.59 -33.72 50.15
N GLU B 1722 10.44 -32.88 49.13
CA GLU B 1722 9.97 -33.28 47.80
C GLU B 1722 11.05 -34.07 47.06
N LEU B 1723 12.33 -33.71 47.21
CA LEU B 1723 13.46 -34.47 46.66
C LEU B 1723 13.58 -35.86 47.31
N TYR B 1724 13.54 -35.96 48.65
CA TYR B 1724 13.65 -37.25 49.35
C TYR B 1724 12.38 -38.11 49.31
N ASN B 1725 11.21 -37.53 49.58
CA ASN B 1725 9.96 -38.24 49.84
C ASN B 1725 8.86 -37.98 48.80
N GLY B 1726 9.08 -37.08 47.83
CA GLY B 1726 8.09 -36.76 46.81
C GLY B 1726 7.89 -37.92 45.83
N THR B 1727 6.64 -38.35 45.65
CA THR B 1727 6.26 -39.41 44.72
C THR B 1727 6.04 -38.90 43.28
N ALA B 1728 5.74 -37.61 43.12
CA ALA B 1728 5.64 -36.97 41.81
C ALA B 1728 7.02 -36.62 41.24
N ASP B 1729 7.16 -36.61 39.92
CA ASP B 1729 8.36 -36.15 39.23
C ASP B 1729 8.60 -34.66 39.49
N ILE B 1730 9.82 -34.30 39.93
CA ILE B 1730 10.19 -32.90 40.15
C ILE B 1730 10.91 -32.38 38.89
N THR B 1731 10.30 -31.41 38.22
CA THR B 1731 10.74 -30.92 36.91
C THR B 1731 11.93 -29.97 37.06
N LEU B 1732 13.11 -30.39 36.59
CA LEU B 1732 14.27 -29.53 36.47
C LEU B 1732 14.21 -28.79 35.13
N ARG B 1733 13.91 -27.49 35.19
CA ARG B 1733 13.75 -26.63 34.02
C ARG B 1733 14.99 -25.77 33.80
N PHE B 1734 15.69 -26.00 32.70
CA PHE B 1734 16.77 -25.15 32.22
C PHE B 1734 16.20 -24.20 31.16
N THR B 1735 16.28 -22.89 31.36
CA THR B 1735 15.75 -21.87 30.43
C THR B 1735 16.87 -21.00 29.93
N TRP B 1736 16.80 -20.60 28.66
CA TRP B 1736 17.67 -19.58 28.07
C TRP B 1736 16.81 -18.52 27.39
N ASN B 1737 17.24 -17.27 27.48
CA ASN B 1737 16.55 -16.11 26.92
C ASN B 1737 17.60 -15.11 26.40
N PHE B 1738 17.50 -14.82 25.11
CA PHE B 1738 18.45 -14.01 24.36
C PHE B 1738 17.82 -12.64 24.10
N GLN B 1739 18.37 -11.58 24.70
CA GLN B 1739 17.99 -10.20 24.38
C GLN B 1739 18.78 -9.73 23.16
N ARG B 1740 18.10 -9.16 22.16
CA ARG B 1740 18.68 -8.61 20.92
C ARG B 1740 18.53 -7.11 20.82
N ASP B 1741 19.37 -6.51 19.98
CA ASP B 1741 19.34 -5.08 19.72
C ASP B 1741 18.26 -4.73 18.68
N LEU B 1742 17.13 -4.16 19.11
CA LEU B 1742 16.09 -3.70 18.18
C LEU B 1742 16.59 -2.61 17.22
N ALA B 1743 17.64 -1.85 17.57
CA ALA B 1743 18.23 -0.84 16.67
C ALA B 1743 19.04 -1.48 15.52
N LYS B 1744 19.43 -2.76 15.63
CA LYS B 1744 19.99 -3.56 14.52
C LYS B 1744 18.91 -4.20 13.64
N GLY B 1745 17.64 -4.13 14.04
CA GLY B 1745 16.48 -4.64 13.29
C GLY B 1745 15.93 -5.97 13.82
N GLY B 1746 14.83 -6.41 13.21
CA GLY B 1746 13.96 -7.46 13.74
C GLY B 1746 12.82 -6.89 14.59
N THR B 1747 11.78 -7.68 14.82
CA THR B 1747 10.56 -7.28 15.54
C THR B 1747 10.45 -7.89 16.94
N VAL B 1748 11.42 -8.71 17.33
CA VAL B 1748 11.40 -9.51 18.57
C VAL B 1748 12.70 -9.27 19.34
N GLU B 1749 12.59 -8.56 20.46
CA GLU B 1749 13.72 -8.27 21.36
C GLU B 1749 14.20 -9.53 22.10
N TYR B 1750 13.27 -10.40 22.50
CA TYR B 1750 13.57 -11.59 23.32
C TYR B 1750 13.24 -12.89 22.59
N ALA B 1751 14.25 -13.72 22.35
CA ALA B 1751 14.08 -15.10 21.91
C ALA B 1751 14.41 -16.05 23.07
N ASN B 1752 13.45 -16.88 23.50
CA ASN B 1752 13.61 -17.78 24.64
C ASN B 1752 13.08 -19.19 24.37
N GLU B 1753 13.56 -20.16 25.14
CA GLU B 1753 13.01 -21.52 25.19
C GLU B 1753 13.40 -22.20 26.51
N LYS B 1754 12.84 -23.40 26.77
CA LYS B 1754 13.07 -24.20 27.98
C LYS B 1754 13.28 -25.68 27.67
N HIS B 1755 14.30 -26.28 28.29
CA HIS B 1755 14.39 -27.72 28.49
C HIS B 1755 13.81 -28.12 29.86
N MET B 1756 13.23 -29.32 29.97
CA MET B 1756 12.56 -29.80 31.18
C MET B 1756 12.82 -31.29 31.40
N LEU B 1757 13.74 -31.62 32.32
CA LEU B 1757 13.97 -33.00 32.75
C LEU B 1757 13.08 -33.37 33.94
N ALA B 1758 12.37 -34.49 33.83
CA ALA B 1758 11.64 -35.10 34.94
C ALA B 1758 12.60 -35.89 35.85
N LEU B 1759 12.93 -35.35 37.02
CA LEU B 1759 13.75 -36.08 38.00
C LEU B 1759 12.88 -37.12 38.72
N ALA B 1760 12.84 -38.33 38.17
CA ALA B 1760 12.02 -39.44 38.66
C ALA B 1760 12.19 -39.69 40.17
N PRO B 1761 11.12 -40.08 40.90
CA PRO B 1761 11.21 -40.45 42.30
C PRO B 1761 12.25 -41.56 42.49
N ASN B 1762 12.99 -41.52 43.59
CA ASN B 1762 14.11 -42.44 43.89
C ASN B 1762 15.30 -42.46 42.90
N SER B 1763 15.33 -41.63 41.86
CA SER B 1763 16.50 -41.53 40.96
C SER B 1763 17.76 -41.06 41.69
N THR B 1764 18.93 -41.49 41.20
CA THR B 1764 20.26 -41.13 41.75
C THR B 1764 20.46 -39.63 41.80
N ALA B 1765 20.19 -38.92 40.70
CA ALA B 1765 20.26 -37.48 40.62
C ALA B 1765 19.34 -36.79 41.64
N ARG B 1766 18.08 -37.24 41.79
CA ARG B 1766 17.14 -36.67 42.77
C ARG B 1766 17.64 -36.84 44.20
N ARG B 1767 18.18 -38.02 44.57
CA ARG B 1767 18.77 -38.27 45.90
C ARG B 1767 20.05 -37.47 46.15
N GLN B 1768 20.93 -37.34 45.16
CA GLN B 1768 22.19 -36.58 45.28
C GLN B 1768 21.93 -35.06 45.38
N LEU B 1769 20.92 -34.54 44.66
CA LEU B 1769 20.49 -33.16 44.83
C LEU B 1769 19.79 -32.95 46.19
N ALA B 1770 19.17 -33.99 46.75
CA ALA B 1770 18.66 -33.98 48.12
C ALA B 1770 19.77 -33.95 49.19
N SER B 1771 20.86 -34.69 49.01
CA SER B 1771 22.00 -34.71 49.93
C SER B 1771 22.82 -33.41 49.88
N LEU B 1772 22.94 -32.77 48.71
CA LEU B 1772 23.51 -31.42 48.59
C LEU B 1772 22.82 -30.40 49.52
N LEU B 1773 21.50 -30.48 49.69
CA LEU B 1773 20.75 -29.59 50.59
C LEU B 1773 21.06 -29.79 52.08
N GLU B 1774 21.66 -30.93 52.46
CA GLU B 1774 22.10 -31.19 53.83
C GLU B 1774 23.42 -30.47 54.16
N GLY B 1775 24.23 -30.15 53.15
CA GLY B 1775 25.52 -29.47 53.32
C GLY B 1775 26.55 -30.30 54.09
N THR B 1776 26.39 -31.62 54.10
CA THR B 1776 27.29 -32.61 54.73
C THR B 1776 28.22 -33.30 53.72
N SER B 1777 28.06 -33.02 52.43
CA SER B 1777 28.77 -33.69 51.33
C SER B 1777 29.41 -32.70 50.36
N ASP B 1778 30.72 -32.82 50.15
CA ASP B 1778 31.44 -32.18 49.03
C ASP B 1778 31.12 -32.82 47.66
N GLN B 1779 30.10 -33.68 47.60
CA GLN B 1779 29.71 -34.44 46.41
C GLN B 1779 28.83 -33.58 45.49
N SER B 1780 29.27 -33.42 44.25
CA SER B 1780 28.44 -32.86 43.19
C SER B 1780 27.42 -33.87 42.66
N VAL B 1781 26.20 -33.45 42.37
CA VAL B 1781 25.25 -34.25 41.57
C VAL B 1781 25.54 -34.06 40.09
N VAL B 1782 25.58 -35.13 39.30
CA VAL B 1782 25.62 -35.04 37.83
C VAL B 1782 24.23 -35.33 37.30
N ILE B 1783 23.69 -34.36 36.55
CA ILE B 1783 22.40 -34.49 35.86
C ILE B 1783 22.70 -34.59 34.36
N PRO B 1784 22.55 -35.79 33.75
CA PRO B 1784 22.78 -35.97 32.32
C PRO B 1784 21.75 -35.19 31.50
N ASN B 1785 22.03 -34.98 30.21
CA ASN B 1785 21.04 -34.56 29.22
C ASN B 1785 20.37 -33.18 29.48
N LEU B 1786 21.06 -32.25 30.17
CA LEU B 1786 20.47 -31.00 30.66
C LEU B 1786 20.86 -29.75 29.85
N PHE B 1787 22.10 -29.67 29.35
CA PHE B 1787 22.63 -28.46 28.70
C PHE B 1787 22.73 -28.65 27.17
N PRO B 1788 21.78 -28.11 26.37
CA PRO B 1788 21.95 -28.03 24.92
C PRO B 1788 23.11 -27.07 24.59
N LYS B 1789 24.23 -27.62 24.09
CA LYS B 1789 25.40 -26.81 23.71
C LYS B 1789 25.11 -25.95 22.47
N TYR B 1790 24.25 -26.41 21.57
CA TYR B 1790 24.04 -25.78 20.26
C TYR B 1790 22.59 -25.32 20.12
N ILE B 1791 22.36 -24.00 20.10
CA ILE B 1791 21.01 -23.42 20.13
C ILE B 1791 20.84 -22.44 18.96
N ARG B 1792 19.73 -22.53 18.23
CA ARG B 1792 19.36 -21.51 17.24
C ARG B 1792 18.58 -20.39 17.92
N ALA B 1793 18.98 -19.17 17.64
CA ALA B 1793 18.22 -17.97 17.97
C ALA B 1793 17.61 -17.42 16.67
N PRO B 1794 16.38 -17.81 16.30
CA PRO B 1794 15.75 -17.35 15.06
C PRO B 1794 15.13 -15.95 15.21
N ASN B 1795 14.74 -15.34 14.10
CA ASN B 1795 14.10 -14.02 14.18
C ASN B 1795 12.87 -13.99 15.08
N GLY B 1796 12.46 -15.14 15.62
CA GLY B 1796 11.33 -15.19 16.53
C GLY B 1796 11.68 -15.66 17.93
N PRO B 1797 10.76 -15.51 18.90
CA PRO B 1797 11.01 -15.90 20.30
C PRO B 1797 10.98 -17.39 20.60
N GLU B 1798 11.34 -18.23 19.64
CA GLU B 1798 11.41 -19.66 19.91
C GLU B 1798 12.85 -20.08 19.80
N ALA B 1799 13.63 -19.92 20.87
CA ALA B 1799 15.06 -20.21 20.79
C ALA B 1799 15.39 -21.73 20.77
N ASN B 1800 15.02 -22.43 19.71
CA ASN B 1800 15.09 -23.89 19.62
C ASN B 1800 16.54 -24.47 19.60
N PRO B 1801 16.84 -25.58 20.31
CA PRO B 1801 18.09 -26.33 20.17
C PRO B 1801 18.30 -26.88 18.75
N VAL B 1802 19.56 -26.99 18.31
CA VAL B 1802 19.89 -27.36 16.93
C VAL B 1802 19.85 -28.87 16.74
N LYS B 1803 18.70 -29.39 16.29
CA LYS B 1803 18.47 -30.81 15.97
C LYS B 1803 19.45 -31.39 14.92
N GLN B 1804 20.09 -30.55 14.11
CA GLN B 1804 21.11 -30.97 13.13
C GLN B 1804 22.49 -31.24 13.77
N LEU B 1805 22.80 -30.58 14.89
CA LEU B 1805 24.04 -30.73 15.67
C LEU B 1805 23.86 -31.65 16.88
N GLN B 1806 22.60 -31.81 17.31
CA GLN B 1806 22.16 -32.66 18.41
C GLN B 1806 21.04 -33.60 17.90
N PRO B 1807 21.34 -34.51 16.94
CA PRO B 1807 20.36 -35.37 16.27
C PRO B 1807 19.61 -36.35 17.17
N ASN B 1808 20.16 -36.71 18.33
CA ASN B 1808 19.49 -37.51 19.35
C ASN B 1808 18.72 -36.65 20.38
N GLU B 1809 18.54 -35.36 20.07
CA GLU B 1809 17.91 -34.34 20.91
C GLU B 1809 18.44 -34.37 22.35
N GLU B 1810 17.63 -34.79 23.31
CA GLU B 1810 18.01 -34.84 24.73
C GLU B 1810 19.28 -35.65 25.00
N ALA B 1811 19.53 -36.72 24.25
CA ALA B 1811 20.69 -37.60 24.48
C ALA B 1811 22.02 -36.98 24.03
N ASP B 1812 22.00 -35.92 23.22
CA ASP B 1812 23.19 -35.15 22.83
C ASP B 1812 23.37 -33.88 23.69
N TYR B 1813 22.51 -33.65 24.68
CA TYR B 1813 22.66 -32.53 25.62
C TYR B 1813 23.70 -32.88 26.69
N LEU B 1814 24.57 -31.93 27.01
CA LEU B 1814 25.66 -32.18 27.94
C LEU B 1814 25.14 -32.39 29.36
N GLY B 1815 25.75 -33.34 30.07
CA GLY B 1815 25.53 -33.51 31.50
C GLY B 1815 26.07 -32.32 32.28
N VAL B 1816 25.30 -31.85 33.26
CA VAL B 1816 25.67 -30.74 34.14
C VAL B 1816 25.96 -31.29 35.52
N ARG B 1817 27.16 -31.01 36.01
CA ARG B 1817 27.57 -31.22 37.40
C ARG B 1817 27.11 -30.02 38.22
N ILE B 1818 26.24 -30.23 39.21
CA ILE B 1818 25.71 -29.21 40.10
C ILE B 1818 26.33 -29.37 41.48
N GLN B 1819 26.70 -28.26 42.10
CA GLN B 1819 27.22 -28.15 43.47
C GLN B 1819 26.44 -27.07 44.23
N LEU B 1820 26.32 -27.23 45.55
CA LEU B 1820 25.84 -26.16 46.44
C LEU B 1820 27.05 -25.56 47.16
N ARG B 1821 27.34 -24.28 46.92
CA ARG B 1821 28.33 -23.53 47.70
C ARG B 1821 27.64 -22.88 48.89
N ARG B 1822 28.24 -23.02 50.07
CA ARG B 1822 27.58 -22.54 51.29
C ARG B 1822 28.51 -21.75 52.19
N GLU B 1823 28.80 -20.51 51.82
CA GLU B 1823 29.59 -19.68 52.70
C GLU B 1823 28.84 -19.55 54.01
N GLN B 1824 29.51 -19.82 55.11
CA GLN B 1824 28.87 -19.68 56.40
C GLN B 1824 29.54 -18.56 57.16
N GLY B 1825 30.87 -18.58 57.18
CA GLY B 1825 31.60 -17.59 57.96
C GLY B 1825 31.92 -18.24 59.29
N ALA B 1826 31.96 -19.57 59.32
CA ALA B 1826 32.24 -20.32 60.55
C ALA B 1826 31.54 -19.82 61.80
N GLY B 1827 30.20 -19.84 61.79
CA GLY B 1827 29.45 -19.35 62.94
C GLY B 1827 27.99 -19.16 62.65
N ALA B 1828 27.11 -19.61 63.56
CA ALA B 1828 25.65 -19.50 63.38
C ALA B 1828 25.07 -20.20 62.15
N THR B 1829 23.90 -19.75 61.71
CA THR B 1829 23.25 -20.39 60.57
C THR B 1829 23.19 -19.39 59.42
N GLY B 1830 23.95 -18.31 59.52
CA GLY B 1830 24.00 -17.35 58.44
C GLY B 1830 24.58 -18.04 57.24
N PHE B 1831 23.74 -18.43 56.30
CA PHE B 1831 24.25 -19.22 55.19
C PHE B 1831 24.16 -18.54 53.85
N LEU B 1832 25.28 -17.99 53.39
CA LEU B 1832 25.29 -17.41 52.07
C LEU B 1832 25.34 -18.60 51.16
N GLU B 1833 24.19 -18.96 50.60
CA GLU B 1833 24.13 -20.14 49.74
C GLU B 1833 23.88 -19.75 48.28
N TRP B 1834 24.59 -20.41 47.38
CA TRP B 1834 24.41 -20.27 45.94
C TRP B 1834 24.80 -21.56 45.24
N TRP B 1835 24.24 -21.79 44.06
CA TRP B 1835 24.56 -22.99 43.29
C TRP B 1835 25.67 -22.68 42.29
N VAL B 1836 26.51 -23.69 42.07
CA VAL B 1836 27.51 -23.72 40.99
C VAL B 1836 27.13 -24.85 40.05
N ILE B 1837 27.21 -24.58 38.75
CA ILE B 1837 27.06 -25.54 37.69
C ILE B 1837 28.36 -25.62 36.89
N GLU B 1838 28.75 -26.82 36.50
CA GLU B 1838 29.91 -27.13 35.67
C GLU B 1838 29.46 -28.13 34.59
N LEU B 1839 30.14 -28.20 33.45
CA LEU B 1839 29.89 -29.29 32.50
C LEU B 1839 30.56 -30.57 32.98
N GLN B 1840 29.89 -31.72 32.83
CA GLN B 1840 30.38 -33.04 33.26
C GLN B 1840 31.77 -33.36 32.70
N GLU B 1841 32.05 -32.93 31.47
CA GLU B 1841 33.30 -33.15 30.73
C GLU B 1841 34.23 -31.92 30.69
N CYS B 1842 34.07 -30.95 31.60
CA CYS B 1842 34.96 -29.79 31.62
C CYS B 1842 36.43 -30.21 31.85
N ARG B 1843 37.35 -29.61 31.08
CA ARG B 1843 38.81 -29.90 31.11
C ARG B 1843 39.63 -28.63 31.33
N THR B 1844 39.28 -27.60 30.57
CA THR B 1844 39.71 -26.22 30.74
C THR B 1844 38.48 -25.39 31.10
N ASP B 1845 38.69 -24.32 31.87
CA ASP B 1845 37.65 -23.34 32.22
C ASP B 1845 36.34 -23.95 32.75
N CYS B 1846 36.43 -24.88 33.72
CA CYS B 1846 35.24 -25.48 34.36
C CYS B 1846 34.25 -24.46 34.97
N ASN B 1847 34.71 -23.24 35.24
CA ASN B 1847 33.87 -22.11 35.66
C ASN B 1847 33.07 -21.47 34.51
N LEU B 1848 33.16 -21.96 33.27
CA LEU B 1848 32.46 -21.43 32.10
C LEU B 1848 31.67 -22.54 31.40
N LEU B 1849 30.44 -22.24 31.01
CA LEU B 1849 29.57 -23.12 30.22
C LEU B 1849 29.41 -22.49 28.83
N PRO B 1850 30.21 -22.91 27.83
CA PRO B 1850 30.14 -22.37 26.47
C PRO B 1850 28.86 -22.83 25.77
N MET B 1851 27.87 -21.94 25.70
CA MET B 1851 26.66 -22.11 24.90
C MET B 1851 26.88 -21.49 23.51
N VAL B 1852 26.79 -22.31 22.46
CA VAL B 1852 27.00 -21.93 21.07
C VAL B 1852 25.65 -21.57 20.45
N ILE B 1853 25.46 -20.28 20.15
CA ILE B 1853 24.20 -19.70 19.69
C ILE B 1853 24.33 -19.29 18.24
N PHE B 1854 23.49 -19.86 17.38
CA PHE B 1854 23.38 -19.53 15.95
C PHE B 1854 22.28 -18.49 15.79
N SER B 1855 22.63 -17.20 15.68
CA SER B 1855 21.67 -16.12 15.51
C SER B 1855 21.30 -15.94 14.03
N ASP B 1856 20.02 -16.02 13.71
CA ASP B 1856 19.53 -15.68 12.38
C ASP B 1856 19.75 -14.18 12.09
N LYS B 1857 20.03 -13.83 10.83
CA LYS B 1857 20.16 -12.44 10.38
C LYS B 1857 18.80 -11.76 10.27
N VAL B 1858 18.67 -10.54 10.76
CA VAL B 1858 17.41 -9.81 10.62
C VAL B 1858 17.39 -9.02 9.31
N SER B 1859 16.22 -8.58 8.87
CA SER B 1859 16.14 -7.89 7.58
C SER B 1859 15.24 -6.67 7.54
N PRO B 1860 15.84 -5.48 7.35
CA PRO B 1860 15.04 -4.25 7.24
C PRO B 1860 15.16 -3.57 5.86
N PRO B 1861 14.20 -3.82 4.95
CA PRO B 1861 14.22 -3.20 3.62
C PRO B 1861 13.75 -1.75 3.63
N SER B 1862 14.15 -0.98 2.61
CA SER B 1862 13.76 0.43 2.52
C SER B 1862 12.67 0.62 1.48
N LEU B 1863 12.76 -0.10 0.38
CA LEU B 1863 11.75 0.00 -0.67
C LEU B 1863 10.91 -1.25 -0.72
N GLY B 1864 10.52 -1.76 0.44
CA GLY B 1864 9.76 -2.99 0.49
C GLY B 1864 8.28 -2.89 0.14
N PHE B 1865 7.87 -1.77 -0.44
CA PHE B 1865 6.49 -1.61 -0.86
C PHE B 1865 6.26 -2.39 -2.14
N LEU B 1866 7.33 -2.64 -2.88
CA LEU B 1866 7.23 -3.43 -4.12
C LEU B 1866 7.45 -4.91 -3.84
N ALA B 1867 6.65 -5.48 -2.93
CA ALA B 1867 6.79 -6.88 -2.58
C ALA B 1867 5.44 -7.57 -2.63
N GLY B 1868 5.44 -8.89 -2.78
CA GLY B 1868 4.20 -9.65 -2.79
C GLY B 1868 3.78 -10.11 -4.16
N TYR B 1869 2.92 -11.12 -4.22
CA TYR B 1869 2.41 -11.57 -5.51
C TYR B 1869 1.33 -10.65 -5.99
N GLY B 1870 0.88 -9.75 -5.13
CA GLY B 1870 -0.08 -8.76 -5.55
C GLY B 1870 0.64 -7.76 -6.42
N ILE B 1871 1.93 -7.54 -6.14
CA ILE B 1871 2.73 -6.64 -6.97
C ILE B 1871 3.01 -7.27 -8.34
N MET B 1872 3.08 -8.59 -8.39
CA MET B 1872 3.27 -9.26 -9.67
C MET B 1872 2.03 -9.08 -10.49
N GLY B 1873 0.86 -9.30 -9.88
CA GLY B 1873 -0.38 -9.13 -10.58
C GLY B 1873 -0.58 -7.71 -11.03
N LEU B 1874 -0.15 -6.75 -10.21
CA LEU B 1874 -0.28 -5.35 -10.57
C LEU B 1874 0.49 -5.07 -11.83
N TYR B 1875 1.73 -5.54 -11.91
CA TYR B 1875 2.54 -5.33 -13.11
C TYR B 1875 1.80 -5.80 -14.35
N VAL B 1876 1.30 -7.02 -14.33
CA VAL B 1876 0.61 -7.55 -15.49
C VAL B 1876 -0.52 -6.62 -15.90
N SER B 1877 -1.36 -6.24 -14.96
CA SER B 1877 -2.45 -5.32 -15.26
C SER B 1877 -1.98 -4.01 -15.90
N ILE B 1878 -0.89 -3.43 -15.41
CA ILE B 1878 -0.37 -2.22 -16.03
C ILE B 1878 -0.08 -2.44 -17.51
N VAL B 1879 0.68 -3.50 -17.83
CA VAL B 1879 0.97 -3.81 -19.22
C VAL B 1879 -0.29 -3.83 -20.07
N LEU B 1880 -1.31 -4.57 -19.64
CA LEU B 1880 -2.55 -4.64 -20.39
C LEU B 1880 -3.12 -3.26 -20.70
N VAL B 1881 -3.25 -2.41 -19.69
CA VAL B 1881 -3.79 -1.07 -19.92
C VAL B 1881 -2.96 -0.27 -20.91
N ILE B 1882 -1.65 -0.21 -20.71
CA ILE B 1882 -0.80 0.52 -21.65
C ILE B 1882 -0.92 -0.09 -23.04
N GLY B 1883 -1.04 -1.41 -23.12
CA GLY B 1883 -1.21 -2.06 -24.41
C GLY B 1883 -2.40 -1.55 -25.19
N LYS B 1884 -3.54 -1.41 -24.53
CA LYS B 1884 -4.73 -0.91 -25.19
C LYS B 1884 -4.57 0.56 -25.59
N PHE B 1885 -3.81 1.32 -24.82
CA PHE B 1885 -3.56 2.70 -25.17
C PHE B 1885 -2.74 2.79 -26.45
N VAL B 1886 -1.70 1.98 -26.58
CA VAL B 1886 -0.89 1.99 -27.78
C VAL B 1886 -1.70 1.52 -28.97
N ARG B 1887 -2.55 0.53 -28.76
CA ARG B 1887 -3.38 0.06 -29.85
C ARG B 1887 -4.15 1.23 -30.42
N GLY B 1888 -4.65 2.13 -29.56
CA GLY B 1888 -5.36 3.29 -30.05
C GLY B 1888 -4.73 3.95 -31.25
N PHE B 1889 -3.42 4.14 -31.23
CA PHE B 1889 -2.75 4.83 -32.32
C PHE B 1889 -2.62 4.00 -33.56
N PHE B 1890 -2.63 2.68 -33.42
CA PHE B 1890 -2.42 1.82 -34.57
C PHE B 1890 -3.67 1.13 -35.06
N SER B 1891 -4.80 1.34 -34.42
CA SER B 1891 -6.00 0.59 -34.81
C SER B 1891 -6.85 1.27 -35.83
N GLU B 1892 -7.82 2.07 -35.40
CA GLU B 1892 -8.73 2.68 -36.34
C GLU B 1892 -8.23 4.02 -36.80
N ILE B 1893 -7.24 4.02 -37.67
CA ILE B 1893 -6.70 5.25 -38.18
C ILE B 1893 -7.17 5.36 -39.60
N SER B 1894 -8.03 4.47 -40.01
CA SER B 1894 -8.54 4.48 -41.35
C SER B 1894 -9.89 5.10 -41.34
N HIS B 1895 -10.43 5.37 -40.17
CA HIS B 1895 -11.76 5.91 -40.06
C HIS B 1895 -11.72 7.41 -40.15
N SER B 1896 -10.57 8.00 -39.92
CA SER B 1896 -10.43 9.44 -40.00
C SER B 1896 -9.44 9.75 -41.08
N ILE B 1897 -9.77 9.44 -42.33
CA ILE B 1897 -8.89 9.69 -43.43
C ILE B 1897 -9.64 10.75 -44.18
N MET B 1898 -10.92 10.83 -43.94
CA MET B 1898 -11.72 11.79 -44.66
C MET B 1898 -11.52 13.14 -44.10
N PHE B 1899 -11.09 13.22 -42.85
CA PHE B 1899 -10.96 14.50 -42.18
C PHE B 1899 -9.53 14.82 -41.86
N GLU B 1900 -8.58 14.07 -42.40
CA GLU B 1900 -7.19 14.30 -42.08
C GLU B 1900 -6.23 14.19 -43.24
N GLU B 1901 -6.75 13.93 -44.43
CA GLU B 1901 -5.90 13.81 -45.59
C GLU B 1901 -6.31 14.81 -46.63
N LEU B 1902 -6.71 15.97 -46.21
CA LEU B 1902 -7.19 16.97 -47.14
C LEU B 1902 -6.07 17.62 -47.93
N PRO B 1903 -6.17 17.62 -49.27
CA PRO B 1903 -5.14 18.19 -50.13
C PRO B 1903 -4.79 19.67 -49.96
N CYS B 1904 -5.75 20.58 -50.05
CA CYS B 1904 -5.50 22.01 -49.86
C CYS B 1904 -6.43 22.62 -48.83
N VAL B 1905 -5.94 22.84 -47.62
CA VAL B 1905 -6.79 23.34 -46.56
C VAL B 1905 -6.79 24.83 -46.44
N ASP B 1906 -7.00 25.55 -47.53
CA ASP B 1906 -6.91 27.00 -47.48
C ASP B 1906 -8.24 27.66 -47.49
N ARG B 1907 -9.20 27.08 -48.17
CA ARG B 1907 -10.49 27.69 -48.26
C ARG B 1907 -11.23 27.49 -46.96
N ILE B 1908 -10.89 26.46 -46.20
CA ILE B 1908 -11.51 26.25 -44.89
C ILE B 1908 -10.89 27.18 -43.88
N LEU B 1909 -9.63 27.56 -44.07
CA LEU B 1909 -8.99 28.47 -43.16
C LEU B 1909 -9.57 29.86 -43.31
N LYS B 1910 -10.05 30.19 -44.48
CA LYS B 1910 -10.70 31.47 -44.62
C LYS B 1910 -12.05 31.52 -43.92
N LEU B 1911 -12.83 30.44 -43.97
CA LEU B 1911 -14.10 30.42 -43.24
C LEU B 1911 -13.86 30.47 -41.76
N CYS B 1912 -12.81 29.82 -41.27
CA CYS B 1912 -12.63 29.77 -39.84
C CYS B 1912 -12.15 31.11 -39.35
N GLN B 1913 -11.38 31.83 -40.15
CA GLN B 1913 -10.92 33.15 -39.75
C GLN B 1913 -11.95 34.24 -39.98
N ASP B 1914 -13.00 33.97 -40.73
CA ASP B 1914 -14.05 34.96 -40.92
C ASP B 1914 -15.09 34.84 -39.84
N ILE B 1915 -15.16 33.71 -39.17
CA ILE B 1915 -16.07 33.57 -38.06
C ILE B 1915 -15.44 34.44 -36.99
N PHE B 1916 -14.11 34.43 -36.91
CA PHE B 1916 -13.46 35.20 -35.85
C PHE B 1916 -13.55 36.70 -36.06
N LEU B 1917 -13.38 37.19 -37.28
CA LEU B 1917 -13.54 38.62 -37.54
C LEU B 1917 -14.92 39.11 -37.18
N VAL B 1918 -15.94 38.33 -37.45
CA VAL B 1918 -17.29 38.75 -37.17
C VAL B 1918 -17.49 38.84 -35.66
N ARG B 1919 -16.91 37.93 -34.90
CA ARG B 1919 -17.01 37.99 -33.44
C ARG B 1919 -16.38 39.25 -32.88
N GLU B 1920 -15.35 39.76 -33.53
CA GLU B 1920 -14.67 40.98 -33.09
C GLU B 1920 -15.54 42.20 -33.27
N THR B 1921 -16.03 42.40 -34.48
CA THR B 1921 -16.85 43.58 -34.78
C THR B 1921 -18.27 43.42 -34.36
N ARG B 1922 -18.57 42.40 -33.58
CA ARG B 1922 -19.92 42.14 -33.13
C ARG B 1922 -21.01 42.28 -34.16
N GLU B 1923 -20.96 41.48 -35.22
CA GLU B 1923 -22.02 41.47 -36.20
C GLU B 1923 -22.55 40.09 -36.08
N LEU B 1924 -23.04 39.72 -34.90
CA LEU B 1924 -23.44 38.35 -34.64
C LEU B 1924 -24.45 37.62 -35.53
N GLU B 1925 -25.10 38.30 -36.47
CA GLU B 1925 -25.97 37.60 -37.39
C GLU B 1925 -25.19 36.80 -38.40
N LEU B 1926 -23.99 37.25 -38.73
CA LEU B 1926 -23.18 36.55 -39.69
C LEU B 1926 -22.35 35.48 -39.03
N GLU B 1927 -22.33 35.44 -37.71
CA GLU B 1927 -21.64 34.34 -37.07
C GLU B 1927 -22.49 33.12 -37.26
N GLU B 1928 -23.80 33.26 -37.17
CA GLU B 1928 -24.71 32.14 -37.39
C GLU B 1928 -24.68 31.65 -38.81
N GLU B 1929 -24.65 32.55 -39.79
CA GLU B 1929 -24.70 32.08 -41.15
C GLU B 1929 -23.40 31.47 -41.62
N LEU B 1930 -22.27 31.85 -41.02
CA LEU B 1930 -21.01 31.25 -41.38
C LEU B 1930 -20.77 29.97 -40.59
N TYR B 1931 -21.51 29.75 -39.51
CA TYR B 1931 -21.39 28.49 -38.80
C TYR B 1931 -22.14 27.47 -39.60
N ALA B 1932 -23.19 27.86 -40.28
CA ALA B 1932 -23.91 26.93 -41.10
C ALA B 1932 -23.13 26.43 -42.29
N LYS B 1933 -22.22 27.21 -42.82
CA LYS B 1933 -21.41 26.71 -43.90
C LYS B 1933 -20.41 25.71 -43.39
N LEU B 1934 -19.81 25.96 -42.24
CA LEU B 1934 -18.78 25.07 -41.73
C LEU B 1934 -19.37 23.75 -41.33
N ILE B 1935 -20.58 23.76 -40.81
CA ILE B 1935 -21.24 22.53 -40.40
C ILE B 1935 -21.77 21.73 -41.61
N PHE B 1936 -21.98 22.34 -42.75
CA PHE B 1936 -22.45 21.56 -43.87
C PHE B 1936 -21.35 21.21 -44.78
N LEU B 1937 -20.11 21.34 -44.34
CA LEU B 1937 -18.99 20.90 -45.16
C LEU B 1937 -18.61 19.66 -44.47
N TYR B 1938 -18.75 19.63 -43.16
CA TYR B 1938 -18.35 18.48 -42.40
C TYR B 1938 -19.48 17.49 -42.29
N ARG B 1939 -20.57 17.70 -43.00
CA ARG B 1939 -21.72 16.80 -42.99
C ARG B 1939 -21.95 16.25 -44.35
N SER B 1940 -21.08 16.56 -45.30
CA SER B 1940 -21.19 16.03 -46.63
C SER B 1940 -19.82 15.73 -47.10
N PRO B 1941 -19.38 14.49 -46.98
CA PRO B 1941 -18.03 14.12 -47.37
C PRO B 1941 -17.62 14.49 -48.77
N GLU B 1942 -18.54 14.62 -49.72
CA GLU B 1942 -18.22 14.98 -51.10
C GLU B 1942 -18.14 16.44 -51.43
N THR B 1943 -18.56 17.32 -50.54
CA THR B 1943 -18.41 18.75 -50.78
C THR B 1943 -17.14 19.16 -50.11
N MET B 1944 -16.47 18.25 -49.44
CA MET B 1944 -15.19 18.57 -48.90
C MET B 1944 -14.19 18.14 -49.91
N ILE B 1945 -14.52 17.22 -50.82
CA ILE B 1945 -13.58 16.89 -51.89
C ILE B 1945 -13.70 17.86 -53.03
N LYS B 1946 -14.56 18.86 -52.92
CA LYS B 1946 -14.62 19.88 -53.94
C LYS B 1946 -13.98 21.13 -53.38
N TRP B 1947 -14.22 21.43 -52.12
CA TRP B 1947 -13.67 22.60 -51.48
C TRP B 1947 -12.19 22.42 -51.21
N THR B 1948 -11.76 21.23 -50.89
CA THR B 1948 -10.36 20.97 -50.63
C THR B 1948 -9.63 20.32 -51.78
N ARG B 1949 -9.68 20.90 -52.96
CA ARG B 1949 -8.90 20.34 -54.05
C ARG B 1949 -7.85 21.33 -54.46
N GLU B 1950 -6.74 20.84 -54.98
CA GLU B 1950 -5.63 21.71 -55.33
C GLU B 1950 -5.96 22.46 -56.59
N LYS B 1951 -6.18 23.76 -56.45
CA LYS B 1951 -6.58 24.56 -57.59
C LYS B 1951 -5.37 24.98 -58.38
N GLU B 1952 -4.93 24.15 -59.31
CA GLU B 1952 -3.77 24.46 -60.12
C GLU B 1952 -4.18 24.65 -61.57
N GLU C 1 -73.95 53.84 55.42
CA GLU C 1 -74.70 52.76 56.03
C GLU C 1 -74.49 51.46 55.30
N LEU C 2 -73.65 51.48 54.27
CA LEU C 2 -73.36 50.27 53.51
C LEU C 2 -72.70 49.26 54.43
N VAL C 3 -71.68 49.69 55.16
CA VAL C 3 -70.97 48.78 56.06
C VAL C 3 -71.81 48.47 57.28
N LYS C 4 -72.71 49.36 57.64
CA LYS C 4 -73.61 49.06 58.75
C LYS C 4 -74.53 47.93 58.35
N GLY C 5 -74.95 47.91 57.08
CA GLY C 5 -75.79 46.83 56.59
C GLY C 5 -75.00 45.56 56.40
N VAL C 6 -73.71 45.70 56.09
CA VAL C 6 -72.85 44.53 55.96
C VAL C 6 -72.80 43.90 57.35
N TYR C 7 -72.67 44.74 58.37
CA TYR C 7 -72.61 44.24 59.73
C TYR C 7 -73.99 43.82 60.20
N ALA C 8 -75.04 44.25 59.51
CA ALA C 8 -76.39 43.84 59.85
C ALA C 8 -76.78 42.61 59.03
N LYS C 9 -75.81 41.76 58.72
CA LYS C 9 -76.10 40.52 58.01
C LYS C 9 -74.94 39.55 58.11
N TYR C 10 -73.71 40.05 57.96
CA TYR C 10 -72.55 39.17 57.95
C TYR C 10 -71.52 39.50 59.02
N TRP C 11 -71.94 39.54 60.28
CA TRP C 11 -71.02 39.91 61.34
C TRP C 11 -71.52 39.48 62.71
N ILE C 12 -72.73 38.93 62.75
CA ILE C 12 -73.26 38.42 64.01
C ILE C 12 -72.44 37.19 64.33
N TYR C 13 -71.91 36.55 63.29
CA TYR C 13 -71.13 35.34 63.47
C TYR C 13 -69.77 35.62 64.06
N VAL C 14 -69.34 36.88 64.05
CA VAL C 14 -68.08 37.22 64.69
C VAL C 14 -68.27 37.03 66.18
N CYS C 15 -69.41 37.48 66.70
CA CYS C 15 -69.70 37.28 68.12
C CYS C 15 -69.72 35.79 68.46
N ALA C 16 -70.31 34.99 67.60
CA ALA C 16 -70.38 33.56 67.85
C ALA C 16 -68.99 32.92 67.84
N GLY C 17 -68.16 33.31 66.89
CA GLY C 17 -66.82 32.76 66.82
C GLY C 17 -66.04 33.14 68.06
N MET C 18 -66.23 34.37 68.53
CA MET C 18 -65.52 34.83 69.70
C MET C 18 -65.94 34.06 70.95
N PHE C 19 -67.21 33.65 71.01
CA PHE C 19 -67.67 32.83 72.12
C PHE C 19 -66.75 31.64 72.25
N ILE C 20 -66.54 30.94 71.15
CA ILE C 20 -65.65 29.78 71.16
C ILE C 20 -64.24 30.15 71.61
N VAL C 21 -63.69 31.24 71.08
CA VAL C 21 -62.32 31.64 71.44
C VAL C 21 -62.17 31.75 72.96
N VAL C 22 -63.11 32.43 73.62
CA VAL C 22 -63.06 32.53 75.08
C VAL C 22 -63.05 31.16 75.71
N SER C 23 -64.03 30.33 75.35
CA SER C 23 -64.13 28.98 75.92
C SER C 23 -62.87 28.13 75.72
N PHE C 24 -62.13 28.40 74.66
CA PHE C 24 -60.94 27.61 74.38
C PHE C 24 -59.69 28.46 74.53
N ALA C 25 -59.60 29.20 75.62
CA ALA C 25 -58.41 30.01 75.86
C ALA C 25 -57.52 29.35 76.92
N GLY C 26 -56.81 28.30 76.54
CA GLY C 26 -55.95 27.62 77.48
C GLY C 26 -56.70 26.62 78.32
N ARG C 27 -56.19 26.34 79.52
CA ARG C 27 -56.83 25.37 80.41
C ARG C 27 -58.26 25.77 80.64
N LEU C 28 -59.18 24.95 80.15
CA LEU C 28 -60.59 25.25 80.32
C LEU C 28 -61.07 24.76 81.65
N VAL C 29 -61.42 25.68 82.54
CA VAL C 29 -61.98 25.28 83.81
C VAL C 29 -63.47 25.42 83.65
N VAL C 30 -64.23 25.11 84.69
CA VAL C 30 -65.68 25.14 84.61
C VAL C 30 -66.25 26.36 83.91
N TYR C 31 -65.77 27.56 84.27
CA TYR C 31 -66.36 28.77 83.68
C TYR C 31 -66.20 28.84 82.16
N LYS C 32 -65.05 28.42 81.66
CA LYS C 32 -64.82 28.44 80.22
C LYS C 32 -65.69 27.40 79.54
N ILE C 33 -65.93 26.28 80.22
CA ILE C 33 -66.81 25.26 79.67
C ILE C 33 -68.26 25.77 79.66
N VAL C 34 -68.66 26.56 80.65
CA VAL C 34 -70.01 27.11 80.65
C VAL C 34 -70.09 28.14 79.54
N TYR C 35 -68.98 28.82 79.24
CA TYR C 35 -68.98 29.76 78.13
C TYR C 35 -69.35 29.00 76.87
N MET C 36 -68.75 27.82 76.69
CA MET C 36 -69.07 27.01 75.53
C MET C 36 -70.55 26.68 75.53
N PHE C 37 -71.08 26.21 76.65
CA PHE C 37 -72.50 25.87 76.75
C PHE C 37 -73.40 27.01 76.28
N LEU C 38 -73.04 28.25 76.60
CA LEU C 38 -73.81 29.38 76.15
C LEU C 38 -73.76 29.55 74.65
N PHE C 39 -72.57 29.41 74.06
CA PHE C 39 -72.47 29.45 72.61
C PHE C 39 -73.38 28.40 72.01
N LEU C 40 -73.26 27.19 72.52
CA LEU C 40 -74.08 26.11 72.03
C LEU C 40 -75.56 26.44 72.13
N LEU C 41 -76.01 26.94 73.28
CA LEU C 41 -77.43 27.22 73.48
C LEU C 41 -77.97 28.13 72.40
N CYS C 42 -77.21 29.16 72.05
CA CYS C 42 -77.64 30.07 71.00
C CYS C 42 -77.87 29.34 69.70
N LEU C 43 -76.85 28.64 69.21
CA LEU C 43 -76.97 27.95 67.95
C LEU C 43 -78.03 26.84 67.94
N THR C 44 -78.22 26.17 69.08
CA THR C 44 -79.25 25.14 69.15
C THR C 44 -80.65 25.69 69.00
N LEU C 45 -80.96 26.78 69.70
CA LEU C 45 -82.28 27.37 69.59
C LEU C 45 -82.55 27.87 68.17
N PHE C 46 -81.51 28.31 67.47
CA PHE C 46 -81.67 28.75 66.09
C PHE C 46 -82.37 27.67 65.29
N GLN C 47 -81.91 26.44 65.43
CA GLN C 47 -82.55 25.33 64.74
C GLN C 47 -83.92 25.05 65.29
N VAL C 48 -84.01 24.72 66.57
CA VAL C 48 -85.30 24.32 67.15
C VAL C 48 -86.44 25.31 66.92
N TYR C 49 -86.28 26.55 67.37
CA TYR C 49 -87.34 27.54 67.25
C TYR C 49 -86.79 28.82 66.67
N TYR C 50 -86.87 29.00 65.35
CA TYR C 50 -86.28 30.17 64.73
C TYR C 50 -86.87 31.47 65.27
N SER C 51 -88.19 31.51 65.39
CA SER C 51 -88.86 32.70 65.90
C SER C 51 -88.34 33.08 67.26
N LEU C 52 -88.29 32.12 68.17
CA LEU C 52 -87.81 32.39 69.52
C LEU C 52 -86.33 32.76 69.54
N TRP C 53 -85.53 32.17 68.65
CA TRP C 53 -84.11 32.53 68.59
C TRP C 53 -84.00 33.99 68.25
N ARG C 54 -84.73 34.42 67.24
CA ARG C 54 -84.72 35.83 66.87
C ARG C 54 -85.19 36.70 68.02
N LYS C 55 -86.17 36.23 68.79
CA LYS C 55 -86.67 37.01 69.92
C LYS C 55 -85.62 37.25 71.00
N LEU C 56 -84.76 36.28 71.27
CA LEU C 56 -83.69 36.50 72.26
C LEU C 56 -82.32 36.56 71.60
N LEU C 57 -82.16 37.47 70.64
CA LEU C 57 -80.85 37.66 70.05
C LEU C 57 -80.14 38.63 70.96
N LYS C 58 -80.57 39.88 70.93
CA LYS C 58 -79.91 40.92 71.72
C LYS C 58 -79.75 40.57 73.18
N ALA C 59 -80.80 40.06 73.81
CA ALA C 59 -80.74 39.77 75.24
C ALA C 59 -79.64 38.77 75.54
N PHE C 60 -79.48 37.77 74.67
CA PHE C 60 -78.46 36.76 74.89
C PHE C 60 -77.06 37.34 74.81
N TRP C 61 -76.80 38.22 73.85
CA TRP C 61 -75.49 38.85 73.76
C TRP C 61 -75.28 39.89 74.87
N TRP C 62 -76.36 40.39 75.47
CA TRP C 62 -76.21 41.30 76.59
C TRP C 62 -75.82 40.48 77.80
N LEU C 63 -76.37 39.26 77.89
CA LEU C 63 -76.00 38.38 78.98
C LEU C 63 -74.57 37.93 78.73
N VAL C 64 -74.16 37.98 77.47
CA VAL C 64 -72.80 37.64 77.15
C VAL C 64 -71.91 38.63 77.81
N VAL C 65 -72.12 39.93 77.56
CA VAL C 65 -71.31 40.88 78.30
C VAL C 65 -71.39 40.60 79.80
N ALA C 66 -72.58 40.31 80.30
CA ALA C 66 -72.75 39.99 81.72
C ALA C 66 -71.78 38.93 82.24
N TYR C 67 -71.73 37.79 81.57
CA TYR C 67 -70.82 36.72 81.97
C TYR C 67 -69.38 37.16 81.91
N THR C 68 -68.97 37.71 80.77
CA THR C 68 -67.58 38.12 80.60
C THR C 68 -67.16 39.09 81.68
N MET C 69 -68.03 40.03 82.04
CA MET C 69 -67.72 41.00 83.08
C MET C 69 -67.25 40.33 84.36
N LEU C 70 -68.12 39.53 84.97
CA LEU C 70 -67.77 38.89 86.24
C LEU C 70 -66.44 38.19 86.17
N VAL C 71 -66.21 37.45 85.11
CA VAL C 71 -64.96 36.73 84.95
C VAL C 71 -63.76 37.65 85.04
N LEU C 72 -63.67 38.63 84.15
CA LEU C 72 -62.49 39.50 84.14
C LEU C 72 -62.30 40.23 85.47
N ILE C 73 -63.39 40.70 86.06
CA ILE C 73 -63.31 41.41 87.34
C ILE C 73 -62.61 40.55 88.38
N ALA C 74 -63.11 39.33 88.60
CA ALA C 74 -62.53 38.47 89.61
C ALA C 74 -61.13 38.00 89.25
N VAL C 75 -60.99 37.42 88.06
CA VAL C 75 -59.70 36.90 87.64
C VAL C 75 -58.84 38.00 87.05
N SER C 109 -49.52 39.24 80.87
CA SER C 109 -49.56 38.52 82.13
C SER C 109 -50.55 37.38 82.05
N GLU C 110 -50.32 36.32 82.83
CA GLU C 110 -51.21 35.17 82.81
C GLU C 110 -52.63 35.54 83.19
N LEU C 111 -52.80 36.13 84.37
CA LEU C 111 -54.13 36.49 84.82
C LEU C 111 -54.75 37.55 83.93
N PHE C 112 -53.93 38.45 83.41
CA PHE C 112 -54.43 39.52 82.58
C PHE C 112 -54.82 39.05 81.19
N SER C 113 -54.26 37.92 80.75
CA SER C 113 -54.63 37.37 79.46
C SER C 113 -55.98 36.72 79.59
N SER C 114 -56.32 36.28 80.79
CA SER C 114 -57.64 35.72 81.04
C SER C 114 -58.66 36.83 81.31
N ILE C 115 -58.25 38.08 81.16
CA ILE C 115 -59.15 39.21 81.35
C ILE C 115 -59.25 39.80 79.96
N LEU C 116 -58.13 39.79 79.25
CA LEU C 116 -58.09 40.36 77.90
C LEU C 116 -59.11 39.75 76.97
N VAL C 117 -59.09 38.44 76.84
CA VAL C 117 -60.02 37.77 75.94
C VAL C 117 -61.50 38.02 76.25
N PRO C 118 -61.93 37.87 77.52
CA PRO C 118 -63.34 38.23 77.76
C PRO C 118 -63.66 39.67 77.38
N GLY C 119 -62.72 40.58 77.60
CA GLY C 119 -62.94 41.95 77.20
C GLY C 119 -63.14 42.07 75.71
N PHE C 120 -62.30 41.40 74.94
CA PHE C 120 -62.41 41.46 73.48
C PHE C 120 -63.76 40.97 73.06
N PHE C 121 -64.22 39.89 73.69
CA PHE C 121 -65.52 39.32 73.35
C PHE C 121 -66.63 40.33 73.55
N LEU C 122 -66.69 40.96 74.72
CA LEU C 122 -67.78 41.88 74.99
C LEU C 122 -67.76 43.08 74.06
N LEU C 123 -66.57 43.50 73.63
CA LEU C 123 -66.46 44.63 72.72
C LEU C 123 -67.18 44.35 71.41
N ALA C 124 -66.94 43.17 70.84
CA ALA C 124 -67.57 42.83 69.57
C ALA C 124 -69.08 42.81 69.73
N CYS C 125 -69.54 42.24 70.83
CA CYS C 125 -70.98 42.18 71.08
C CYS C 125 -71.57 43.57 71.04
N ILE C 126 -71.00 44.50 71.81
CA ILE C 126 -71.49 45.87 71.86
C ILE C 126 -71.84 46.46 70.51
N LEU C 127 -70.91 46.34 69.56
CA LEU C 127 -71.16 46.89 68.23
C LEU C 127 -72.43 46.35 67.60
N GLN C 128 -72.59 45.03 67.52
CA GLN C 128 -73.85 44.49 67.02
C GLN C 128 -74.97 44.86 67.98
N LEU C 129 -74.88 44.44 69.24
CA LEU C 129 -75.89 44.71 70.27
C LEU C 129 -76.82 45.88 70.03
N HIS C 130 -76.27 47.08 69.92
CA HIS C 130 -77.14 48.23 69.80
C HIS C 130 -77.14 48.86 68.42
N TYR C 131 -76.05 48.71 67.68
CA TYR C 131 -75.96 49.41 66.41
C TYR C 131 -76.36 48.61 65.16
N PHE C 132 -76.17 47.30 65.17
CA PHE C 132 -76.49 46.51 63.99
C PHE C 132 -77.52 45.42 64.28
N HIS C 133 -77.87 45.22 65.54
CA HIS C 133 -78.79 44.12 65.88
C HIS C 133 -80.17 44.33 65.30
N ARG C 134 -80.68 45.56 65.37
CA ARG C 134 -82.02 45.84 64.86
C ARG C 134 -82.10 45.81 63.34
N PRO C 135 -81.12 46.41 62.63
CA PRO C 135 -81.19 46.24 61.18
C PRO C 135 -80.93 44.79 60.75
N PHE C 136 -80.35 43.97 61.62
CA PHE C 136 -80.19 42.55 61.30
C PHE C 136 -81.52 41.88 61.50
N MET C 137 -82.24 42.26 62.54
CA MET C 137 -83.57 41.71 62.75
C MET C 137 -84.43 42.15 61.60
N GLN C 138 -83.94 43.10 60.80
CA GLN C 138 -84.68 43.57 59.64
C GLN C 138 -84.19 42.86 58.39
N LEU C 139 -82.95 42.38 58.40
CA LEU C 139 -82.48 41.62 57.25
C LEU C 139 -83.04 40.22 57.32
N THR C 140 -83.32 39.74 58.52
CA THR C 140 -83.91 38.42 58.69
C THR C 140 -85.42 38.46 58.66
N ASP C 141 -85.98 39.65 58.53
CA ASP C 141 -87.42 39.77 58.48
C ASP C 141 -87.97 39.41 57.11
N MET C 142 -88.33 38.14 56.93
CA MET C 142 -88.91 37.73 55.66
C MET C 142 -90.41 37.92 55.74
N GLU C 143 -90.92 38.07 56.96
CA GLU C 143 -92.34 38.31 57.14
C GLU C 143 -92.60 39.78 57.34
N LEU C 220 -66.59 49.80 36.32
CA LEU C 220 -67.85 50.43 35.93
C LEU C 220 -68.56 49.62 34.87
N GLU C 221 -68.11 49.73 33.63
CA GLU C 221 -68.74 49.02 32.52
C GLU C 221 -68.78 47.52 32.78
N LEU C 222 -67.61 46.92 32.89
CA LEU C 222 -67.53 45.48 33.12
C LEU C 222 -67.95 45.10 34.52
N ALA C 223 -67.96 46.06 35.45
CA ALA C 223 -68.42 45.77 36.81
C ALA C 223 -69.89 45.44 36.81
N ALA C 224 -70.68 46.15 36.02
CA ALA C 224 -72.11 45.84 35.92
C ALA C 224 -72.31 44.49 35.29
N GLY C 225 -71.54 44.20 34.24
CA GLY C 225 -71.61 42.89 33.62
C GLY C 225 -71.24 41.81 34.61
N PHE C 226 -70.15 41.99 35.34
CA PHE C 226 -69.72 41.02 36.34
C PHE C 226 -70.80 40.85 37.38
N SER C 227 -71.40 41.94 37.85
CA SER C 227 -72.43 41.86 38.86
C SER C 227 -73.57 40.96 38.38
N ASP C 228 -73.96 41.10 37.12
CA ASP C 228 -75.03 40.26 36.58
C ASP C 228 -74.60 38.81 36.48
N VAL C 229 -73.39 38.56 35.99
CA VAL C 229 -72.88 37.21 35.92
C VAL C 229 -72.89 36.60 37.31
N LEU C 230 -72.29 37.28 38.27
CA LEU C 230 -72.23 36.78 39.64
C LEU C 230 -73.62 36.55 40.20
N SER C 231 -74.56 37.42 39.86
CA SER C 231 -75.94 37.24 40.32
C SER C 231 -76.52 35.92 39.84
N ARG C 232 -76.34 35.62 38.55
CA ARG C 232 -76.84 34.35 38.01
C ARG C 232 -76.27 33.19 38.79
N VAL C 233 -74.95 33.18 38.97
CA VAL C 233 -74.31 32.11 39.72
C VAL C 233 -74.94 31.95 41.09
N GLN C 234 -74.99 33.02 41.86
CA GLN C 234 -75.53 32.95 43.21
C GLN C 234 -76.90 32.31 43.28
N VAL C 235 -77.82 32.78 42.45
CA VAL C 235 -79.18 32.24 42.47
C VAL C 235 -79.17 30.74 42.19
N PHE C 236 -78.45 30.32 41.15
CA PHE C 236 -78.40 28.90 40.81
C PHE C 236 -77.84 28.05 41.94
N LEU C 237 -76.73 28.48 42.52
CA LEU C 237 -76.10 27.70 43.57
C LEU C 237 -76.98 27.56 44.78
N ARG C 238 -77.78 28.57 45.06
CA ARG C 238 -78.73 28.46 46.16
C ARG C 238 -79.72 27.32 45.89
N ARG C 239 -80.28 27.28 44.69
CA ARG C 239 -81.26 26.25 44.38
C ARG C 239 -80.65 24.89 44.63
N LEU C 240 -79.46 24.62 44.08
CA LEU C 240 -78.84 23.31 44.23
C LEU C 240 -78.64 22.94 45.68
N LEU C 241 -78.08 23.84 46.46
CA LEU C 241 -77.80 23.57 47.87
C LEU C 241 -79.04 23.53 48.73
N GLU C 242 -80.19 23.81 48.15
CA GLU C 242 -81.42 23.71 48.91
C GLU C 242 -81.85 22.25 48.93
N LEU C 243 -81.64 21.55 47.83
CA LEU C 243 -82.07 20.16 47.76
C LEU C 243 -80.96 19.14 48.02
N HIS C 244 -79.71 19.51 47.80
CA HIS C 244 -78.62 18.58 47.98
C HIS C 244 -77.82 18.89 49.23
N VAL C 245 -78.46 18.93 50.39
CA VAL C 245 -77.78 19.26 51.62
C VAL C 245 -78.04 18.24 52.70
N PHE C 246 -79.16 17.53 52.64
CA PHE C 246 -79.36 16.46 53.62
C PHE C 246 -78.32 15.42 53.31
N LYS C 247 -77.89 15.33 52.05
CA LYS C 247 -76.82 14.41 51.69
C LYS C 247 -75.53 14.69 52.47
N LEU C 248 -74.98 15.89 52.35
CA LEU C 248 -73.73 16.20 53.02
C LEU C 248 -73.82 16.18 54.53
N VAL C 249 -74.97 16.53 55.09
CA VAL C 249 -75.12 16.42 56.53
C VAL C 249 -75.02 14.96 56.87
N ALA C 250 -75.86 14.13 56.27
CA ALA C 250 -75.88 12.72 56.61
C ALA C 250 -74.54 12.04 56.39
N LEU C 251 -73.86 12.35 55.30
CA LEU C 251 -72.53 11.78 55.09
C LEU C 251 -71.49 12.20 56.13
N TYR C 252 -71.40 13.46 56.49
CA TYR C 252 -70.46 13.84 57.52
C TYR C 252 -70.77 13.24 58.89
N THR C 253 -72.01 13.26 59.35
CA THR C 253 -72.26 12.61 60.64
C THR C 253 -71.98 11.12 60.61
N VAL C 254 -71.98 10.51 59.44
CA VAL C 254 -71.60 9.10 59.40
C VAL C 254 -70.08 8.94 59.40
N TRP C 255 -69.33 9.71 58.61
CA TRP C 255 -67.87 9.63 58.67
C TRP C 255 -67.30 9.89 60.06
N VAL C 256 -67.88 10.81 60.81
CA VAL C 256 -67.42 11.06 62.19
C VAL C 256 -67.70 9.85 63.06
N ALA C 257 -68.92 9.32 63.04
CA ALA C 257 -69.25 8.21 63.91
C ALA C 257 -68.82 6.90 63.36
N LEU C 258 -68.08 6.88 62.25
CA LEU C 258 -67.53 5.63 61.77
C LEU C 258 -66.07 5.61 62.17
N LYS C 259 -65.50 6.77 62.48
CA LYS C 259 -64.14 6.81 62.96
C LYS C 259 -64.11 6.63 64.47
N GLU C 260 -64.91 7.39 65.20
CA GLU C 260 -64.90 7.32 66.65
C GLU C 260 -65.91 6.37 67.23
N VAL C 261 -65.83 5.11 66.87
CA VAL C 261 -66.82 4.13 67.31
C VAL C 261 -67.09 4.14 68.81
N SER C 262 -68.33 4.37 69.20
CA SER C 262 -68.68 4.42 70.60
C SER C 262 -70.13 4.08 70.85
N VAL C 263 -70.64 4.44 72.03
CA VAL C 263 -72.06 4.24 72.30
C VAL C 263 -72.71 5.57 72.62
N MET C 264 -72.12 6.66 72.13
CA MET C 264 -72.74 7.96 72.30
C MET C 264 -72.68 8.66 70.97
N ASN C 265 -72.00 8.08 70.00
CA ASN C 265 -72.02 8.62 68.66
C ASN C 265 -72.78 7.61 67.85
N LEU C 266 -73.17 6.49 68.47
CA LEU C 266 -73.95 5.47 67.79
C LEU C 266 -75.32 5.97 67.52
N LEU C 267 -75.94 6.64 68.48
CA LEU C 267 -77.24 7.23 68.25
C LEU C 267 -77.26 8.13 67.01
N LEU C 268 -76.20 8.88 66.74
CA LEU C 268 -76.14 9.69 65.51
C LEU C 268 -76.21 8.83 64.25
N VAL C 269 -75.54 7.68 64.21
CA VAL C 269 -75.69 6.79 63.05
C VAL C 269 -77.15 6.41 62.93
N VAL C 270 -77.74 5.84 63.98
CA VAL C 270 -79.16 5.52 63.96
C VAL C 270 -80.02 6.64 63.35
N LEU C 271 -79.84 7.88 63.80
CA LEU C 271 -80.62 9.00 63.28
C LEU C 271 -80.45 9.18 61.80
N TRP C 272 -79.25 9.46 61.33
CA TRP C 272 -79.10 9.57 59.89
C TRP C 272 -78.92 8.25 59.13
N ALA C 273 -79.69 7.22 59.47
CA ALA C 273 -79.64 5.96 58.72
C ALA C 273 -80.96 5.30 58.87
N PHE C 274 -81.89 5.97 59.51
CA PHE C 274 -83.23 5.45 59.58
C PHE C 274 -84.10 6.61 59.19
N ALA C 275 -83.46 7.71 58.82
CA ALA C 275 -84.22 8.85 58.34
C ALA C 275 -83.89 9.07 56.90
N LEU C 276 -82.90 8.36 56.39
CA LEU C 276 -82.61 8.45 54.96
C LEU C 276 -83.54 7.52 54.21
N PRO C 277 -83.74 6.27 54.67
CA PRO C 277 -84.73 5.47 53.97
C PRO C 277 -86.12 6.07 54.04
N TYR C 278 -86.66 6.26 55.24
CA TYR C 278 -87.97 6.89 55.42
C TYR C 278 -87.77 8.37 55.49
N PRO C 279 -88.08 9.11 54.41
CA PRO C 279 -87.75 10.53 54.39
C PRO C 279 -88.78 11.47 54.94
N ARG C 280 -89.61 11.04 55.87
CA ARG C 280 -90.55 11.96 56.51
C ARG C 280 -89.93 12.39 57.82
N PHE C 281 -88.94 11.64 58.29
CA PHE C 281 -88.31 11.93 59.55
C PHE C 281 -87.26 13.01 59.42
N ARG C 282 -86.87 13.37 58.19
CA ARG C 282 -85.77 14.34 58.02
C ARG C 282 -85.77 15.58 58.92
N PRO C 283 -86.92 16.25 59.11
CA PRO C 283 -86.90 17.34 60.07
C PRO C 283 -86.52 16.92 61.50
N MET C 284 -87.18 15.91 62.05
CA MET C 284 -86.85 15.44 63.38
C MET C 284 -85.45 14.85 63.48
N ALA C 285 -84.92 14.31 62.39
CA ALA C 285 -83.55 13.83 62.43
C ALA C 285 -82.68 15.00 62.73
N SER C 286 -82.79 16.05 61.93
CA SER C 286 -81.98 17.23 62.15
C SER C 286 -82.09 17.72 63.57
N CYS C 287 -83.31 17.85 64.09
CA CYS C 287 -83.50 18.37 65.44
C CYS C 287 -82.77 17.56 66.49
N LEU C 288 -83.02 16.25 66.52
CA LEU C 288 -82.42 15.45 67.55
C LEU C 288 -80.91 15.35 67.41
N SER C 289 -80.39 15.37 66.18
CA SER C 289 -78.95 15.37 65.99
C SER C 289 -78.36 16.59 66.66
N THR C 290 -78.93 17.77 66.44
CA THR C 290 -78.32 18.99 67.00
C THR C 290 -78.19 18.93 68.52
N VAL C 291 -79.27 18.59 69.21
CA VAL C 291 -79.19 18.47 70.65
C VAL C 291 -78.15 17.44 71.06
N TRP C 292 -78.21 16.26 70.47
CA TRP C 292 -77.30 15.19 70.85
C TRP C 292 -75.85 15.48 70.53
N THR C 293 -75.54 16.07 69.38
CA THR C 293 -74.16 16.44 69.11
C THR C 293 -73.67 17.36 70.19
N CYS C 294 -74.52 18.29 70.66
CA CYS C 294 -74.12 19.17 71.75
C CYS C 294 -73.96 18.46 73.09
N VAL C 295 -74.76 17.43 73.35
CA VAL C 295 -74.56 16.65 74.57
C VAL C 295 -73.18 16.03 74.49
N ILE C 296 -72.85 15.42 73.36
CA ILE C 296 -71.53 14.86 73.18
C ILE C 296 -70.46 15.93 73.45
N ILE C 297 -70.56 17.09 72.81
CA ILE C 297 -69.55 18.12 72.97
C ILE C 297 -69.37 18.51 74.43
N VAL C 298 -70.47 18.74 75.13
CA VAL C 298 -70.39 19.13 76.54
C VAL C 298 -69.74 18.06 77.41
N CYS C 299 -70.18 16.82 77.32
CA CYS C 299 -69.60 15.74 78.12
C CYS C 299 -68.11 15.56 77.88
N LYS C 300 -67.71 15.53 76.62
CA LYS C 300 -66.30 15.35 76.28
C LYS C 300 -65.46 16.51 76.78
N MET C 301 -66.05 17.70 76.89
CA MET C 301 -65.29 18.82 77.45
C MET C 301 -65.19 18.70 78.96
N LEU C 302 -66.28 18.32 79.62
CA LEU C 302 -66.25 18.12 81.06
C LEU C 302 -65.47 16.86 81.37
N TYR C 303 -64.59 16.46 80.46
CA TYR C 303 -63.74 15.31 80.74
C TYR C 303 -62.32 15.77 80.58
N GLN C 304 -62.15 17.03 80.23
CA GLN C 304 -60.81 17.58 80.12
C GLN C 304 -60.53 18.38 81.37
N LEU C 305 -61.22 18.03 82.46
CA LEU C 305 -61.05 18.76 83.72
C LEU C 305 -59.97 18.12 84.59
N LYS C 306 -59.65 18.76 85.71
CA LYS C 306 -58.57 18.26 86.57
C LYS C 306 -59.05 17.20 87.55
N VAL C 307 -60.34 17.18 87.84
CA VAL C 307 -60.90 16.18 88.75
C VAL C 307 -61.39 14.98 87.96
N VAL C 308 -61.33 15.08 86.64
CA VAL C 308 -61.77 13.99 85.79
C VAL C 308 -60.56 13.26 85.22
N ASN C 309 -59.99 12.34 85.99
CA ASN C 309 -58.78 11.66 85.56
C ASN C 309 -58.85 10.17 85.86
N PRO C 310 -58.07 9.35 85.14
CA PRO C 310 -58.02 7.92 85.47
C PRO C 310 -57.67 7.68 86.93
N ASN C 346 -64.23 5.29 77.77
CA ASN C 346 -63.83 5.36 76.37
C ASN C 346 -64.82 4.64 75.47
N TRP C 347 -65.40 3.53 75.94
CA TRP C 347 -66.40 2.80 75.17
C TRP C 347 -67.53 3.75 74.96
N PHE C 348 -67.94 4.44 76.01
CA PHE C 348 -69.02 5.39 75.92
C PHE C 348 -68.66 6.70 75.25
N GLY C 349 -67.53 6.78 74.54
CA GLY C 349 -67.18 7.98 73.81
C GLY C 349 -66.29 8.93 74.55
N VAL C 350 -66.74 9.41 75.71
CA VAL C 350 -65.96 10.34 76.51
C VAL C 350 -64.52 9.90 76.79
N ARG C 351 -63.53 10.64 76.30
CA ARG C 351 -62.14 10.32 76.63
C ARG C 351 -61.32 11.59 76.82
N LYS C 352 -60.04 11.43 77.17
CA LYS C 352 -59.19 12.59 77.39
C LYS C 352 -57.80 12.53 76.80
N GLY C 353 -57.55 13.32 75.77
CA GLY C 353 -56.23 13.38 75.18
C GLY C 353 -55.72 14.77 75.50
N PHE C 354 -54.41 14.90 75.69
CA PHE C 354 -53.84 16.21 76.08
C PHE C 354 -54.16 17.39 75.16
N PRO C 355 -54.09 17.22 73.82
CA PRO C 355 -54.65 18.37 73.11
C PRO C 355 -56.17 18.40 73.15
N ASN C 356 -56.74 19.38 73.84
CA ASN C 356 -58.19 19.54 73.86
C ASN C 356 -58.56 20.24 72.59
N LEU C 357 -57.68 21.11 72.10
CA LEU C 357 -57.91 21.74 70.83
C LEU C 357 -57.69 20.64 69.81
N GLY C 358 -58.68 20.35 68.99
CA GLY C 358 -58.56 19.23 68.08
C GLY C 358 -59.43 18.06 68.49
N TYR C 359 -59.62 17.88 69.79
CA TYR C 359 -60.39 16.75 70.27
C TYR C 359 -61.86 16.96 69.98
N ILE C 360 -62.39 18.10 70.36
CA ILE C 360 -63.81 18.39 70.13
C ILE C 360 -63.99 19.23 68.89
N GLN C 361 -63.19 18.97 67.86
CA GLN C 361 -63.33 19.70 66.62
C GLN C 361 -64.27 18.93 65.71
N ASN C 362 -64.08 17.63 65.63
CA ASN C 362 -64.95 16.78 64.82
C ASN C 362 -66.41 17.03 65.09
N HIS C 363 -66.85 16.79 66.31
CA HIS C 363 -68.26 16.95 66.64
C HIS C 363 -68.73 18.38 66.54
N LEU C 364 -67.81 19.33 66.56
CA LEU C 364 -68.18 20.73 66.39
C LEU C 364 -68.52 21.02 64.93
N GLN C 365 -67.73 20.48 64.01
CA GLN C 365 -68.04 20.66 62.61
C GLN C 365 -69.41 20.05 62.25
N VAL C 366 -69.82 18.97 62.90
CA VAL C 366 -71.15 18.40 62.66
C VAL C 366 -72.20 19.42 63.05
N LEU C 367 -72.08 19.98 64.25
CA LEU C 367 -73.03 21.01 64.68
C LEU C 367 -73.04 22.08 63.62
N LEU C 368 -71.87 22.41 63.11
CA LEU C 368 -71.79 23.42 62.06
C LEU C 368 -72.58 23.04 60.81
N LEU C 369 -72.26 21.90 60.21
CA LEU C 369 -73.03 21.46 59.05
C LEU C 369 -74.51 21.62 59.34
N LEU C 370 -75.00 20.96 60.38
CA LEU C 370 -76.42 21.02 60.67
C LEU C 370 -76.96 22.45 60.63
N VAL C 371 -76.31 23.37 61.33
CA VAL C 371 -76.81 24.74 61.39
C VAL C 371 -76.70 25.45 60.06
N PHE C 372 -75.60 25.26 59.34
CA PHE C 372 -75.45 25.86 58.01
C PHE C 372 -76.57 25.43 57.08
N GLU C 373 -76.99 24.18 57.18
CA GLU C 373 -78.09 23.70 56.36
C GLU C 373 -79.34 24.54 56.60
N ALA C 374 -79.68 24.75 57.87
CA ALA C 374 -80.85 25.58 58.19
C ALA C 374 -80.72 27.00 57.66
N ILE C 375 -79.53 27.59 57.75
CA ILE C 375 -79.32 28.91 57.19
C ILE C 375 -79.70 28.90 55.71
N VAL C 376 -79.18 27.94 54.94
CA VAL C 376 -79.46 27.89 53.50
C VAL C 376 -80.94 27.74 53.20
N TYR C 377 -81.62 26.91 53.98
CA TYR C 377 -83.04 26.76 53.80
C TYR C 377 -83.75 28.09 53.94
N ARG C 378 -83.51 28.78 55.05
CA ARG C 378 -84.19 30.05 55.29
C ARG C 378 -83.74 31.20 54.39
N ARG C 379 -82.49 31.18 53.95
CA ARG C 379 -81.99 32.23 53.08
C ARG C 379 -82.67 32.10 51.74
N GLN C 380 -82.80 30.88 51.26
CA GLN C 380 -83.46 30.67 49.99
C GLN C 380 -84.93 30.98 50.15
N GLU C 381 -85.50 30.64 51.31
CA GLU C 381 -86.89 30.99 51.57
C GLU C 381 -87.04 32.49 51.43
N HIS C 382 -86.19 33.26 52.11
CA HIS C 382 -86.25 34.72 52.04
C HIS C 382 -86.17 35.24 50.62
N TYR C 383 -85.22 34.73 49.84
CA TYR C 383 -85.05 35.19 48.47
C TYR C 383 -86.38 35.18 47.73
N ARG C 384 -87.03 34.04 47.66
CA ARG C 384 -88.26 33.96 46.91
C ARG C 384 -89.44 34.57 47.63
N ARG C 385 -89.42 34.57 48.96
CA ARG C 385 -90.49 35.20 49.73
C ARG C 385 -90.56 36.66 49.38
N GLN C 386 -89.40 37.31 49.30
CA GLN C 386 -89.36 38.71 48.94
C GLN C 386 -89.53 38.83 47.44
N HIS C 387 -88.46 38.61 46.69
CA HIS C 387 -88.53 38.71 45.25
C HIS C 387 -89.56 37.74 44.70
N GLY C 401 -85.05 22.77 30.18
CA GLY C 401 -84.77 21.54 30.90
C GLY C 401 -85.95 20.61 30.97
N THR C 402 -86.75 20.58 29.92
CA THR C 402 -87.89 19.68 29.88
C THR C 402 -87.63 18.60 28.85
N ARG C 403 -88.54 17.65 28.73
CA ARG C 403 -88.41 16.60 27.72
C ARG C 403 -88.26 17.22 26.35
N GLN C 404 -89.10 18.21 26.05
CA GLN C 404 -89.06 18.85 24.74
C GLN C 404 -87.72 19.46 24.43
N GLN C 405 -87.10 20.07 25.44
CA GLN C 405 -85.80 20.68 25.25
C GLN C 405 -84.73 19.71 24.79
N LEU C 406 -84.85 18.45 25.21
CA LEU C 406 -83.87 17.44 24.84
C LEU C 406 -83.72 17.35 23.34
N ASP C 407 -84.84 17.38 22.62
CA ASP C 407 -84.79 17.24 21.18
C ASP C 407 -84.72 18.56 20.43
N GLN C 408 -83.88 19.48 20.89
CA GLN C 408 -83.74 20.76 20.23
C GLN C 408 -82.29 21.06 19.97
N ASP C 409 -81.60 21.58 20.98
CA ASP C 409 -80.19 21.88 20.83
C ASP C 409 -79.37 21.12 21.86
N LEU C 410 -78.05 21.20 21.74
CA LEU C 410 -77.17 20.51 22.65
C LEU C 410 -77.38 21.01 24.06
N LEU C 411 -77.47 22.33 24.21
CA LEU C 411 -77.70 22.91 25.51
C LEU C 411 -79.04 22.47 26.07
N GLY C 412 -80.02 22.27 25.20
CA GLY C 412 -81.32 21.80 25.66
C GLY C 412 -81.17 20.47 26.34
N CYS C 413 -80.43 19.56 25.73
CA CYS C 413 -80.23 18.23 26.31
C CYS C 413 -79.42 18.32 27.60
N LEU C 414 -78.40 19.15 27.61
CA LEU C 414 -77.58 19.31 28.81
C LEU C 414 -78.47 19.64 29.97
N LYS C 415 -79.34 20.62 29.77
CA LYS C 415 -80.24 21.02 30.84
C LYS C 415 -81.13 19.88 31.30
N TYR C 416 -81.65 19.08 30.38
CA TYR C 416 -82.56 18.02 30.78
C TYR C 416 -81.87 17.08 31.75
N PHE C 417 -80.60 16.82 31.54
CA PHE C 417 -79.89 15.87 32.38
C PHE C 417 -79.45 16.43 33.73
N ILE C 418 -79.13 17.71 33.78
CA ILE C 418 -78.79 18.32 35.07
C ILE C 418 -80.05 18.32 35.90
N ASN C 419 -81.20 18.52 35.26
CA ASN C 419 -82.45 18.45 35.99
C ASN C 419 -82.71 17.01 36.40
N PHE C 420 -82.73 16.10 35.44
CA PHE C 420 -83.04 14.70 35.74
C PHE C 420 -82.01 13.75 35.21
N PHE C 421 -81.24 13.13 36.09
CA PHE C 421 -80.25 12.14 35.68
C PHE C 421 -80.54 10.99 36.56
N PHE C 422 -80.70 11.26 37.85
CA PHE C 422 -81.05 10.21 38.77
C PHE C 422 -82.51 9.91 38.66
N TYR C 423 -83.25 10.69 37.90
CA TYR C 423 -84.62 10.32 37.71
C TYR C 423 -84.63 9.10 36.82
N LYS C 424 -83.89 9.17 35.71
CA LYS C 424 -83.90 8.07 34.75
C LYS C 424 -82.89 6.99 35.06
N PHE C 425 -81.61 7.33 35.02
CA PHE C 425 -80.56 6.35 35.29
C PHE C 425 -80.33 6.12 36.77
N GLY C 426 -81.29 5.51 37.43
CA GLY C 426 -81.20 5.33 38.85
C GLY C 426 -81.09 3.90 39.27
N LEU C 427 -81.87 3.02 38.67
CA LEU C 427 -81.70 1.62 39.01
C LEU C 427 -80.30 1.19 38.61
N GLU C 428 -79.78 1.76 37.54
CA GLU C 428 -78.45 1.43 37.12
C GLU C 428 -77.39 1.89 38.08
N ILE C 429 -77.59 2.99 38.78
CA ILE C 429 -76.54 3.52 39.68
C ILE C 429 -76.61 2.89 41.05
N CYS C 430 -77.74 2.32 41.44
CA CYS C 430 -77.77 1.61 42.69
C CYS C 430 -77.14 0.25 42.54
N PHE C 431 -77.06 -0.24 41.31
CA PHE C 431 -76.44 -1.52 41.06
C PHE C 431 -74.97 -1.32 40.90
N LEU C 432 -74.54 -0.18 40.39
CA LEU C 432 -73.12 0.05 40.31
C LEU C 432 -72.54 0.51 41.64
N MET C 433 -73.38 0.73 42.65
CA MET C 433 -72.85 1.04 43.97
C MET C 433 -72.71 -0.25 44.72
N ALA C 434 -73.59 -1.23 44.49
CA ALA C 434 -73.39 -2.50 45.15
C ALA C 434 -72.16 -3.19 44.65
N VAL C 435 -71.80 -3.03 43.39
CA VAL C 435 -70.55 -3.59 42.91
C VAL C 435 -69.36 -2.96 43.63
N ASN C 436 -69.42 -1.69 43.97
CA ASN C 436 -68.35 -1.05 44.75
C ASN C 436 -68.18 -1.62 46.17
N VAL C 437 -69.26 -1.88 46.89
CA VAL C 437 -69.11 -2.50 48.20
C VAL C 437 -68.34 -3.78 48.06
N ILE C 438 -68.77 -4.70 47.19
CA ILE C 438 -68.08 -6.00 46.99
C ILE C 438 -66.89 -5.87 46.10
N GLY C 439 -66.03 -4.92 46.40
CA GLY C 439 -64.85 -4.72 45.61
C GLY C 439 -63.88 -3.92 46.44
N GLN C 440 -64.37 -3.32 47.50
CA GLN C 440 -63.52 -2.55 48.38
C GLN C 440 -63.49 -3.19 49.75
N ARG C 441 -64.40 -4.10 50.01
CA ARG C 441 -64.46 -4.73 51.30
C ARG C 441 -64.02 -6.18 51.22
N MET C 442 -64.58 -6.95 50.29
CA MET C 442 -64.22 -8.36 50.09
C MET C 442 -64.19 -9.29 51.31
N ASN C 443 -65.05 -9.07 52.29
CA ASN C 443 -65.11 -9.94 53.44
C ASN C 443 -66.19 -10.99 53.28
N PHE C 444 -66.95 -11.23 54.34
CA PHE C 444 -67.98 -12.26 54.29
C PHE C 444 -69.31 -11.62 54.48
N LEU C 445 -69.35 -10.50 55.18
CA LEU C 445 -70.61 -9.82 55.30
C LEU C 445 -70.94 -9.03 54.03
N VAL C 446 -70.01 -8.98 53.08
CA VAL C 446 -70.24 -8.28 51.83
C VAL C 446 -70.85 -9.24 50.81
N THR C 447 -70.90 -10.52 51.13
CA THR C 447 -71.49 -11.47 50.22
C THR C 447 -72.99 -11.46 50.22
N LEU C 448 -73.62 -10.90 51.24
CA LEU C 448 -75.06 -10.80 51.21
C LEU C 448 -75.48 -9.64 50.35
N HIS C 449 -74.61 -8.66 50.13
CA HIS C 449 -74.92 -7.58 49.22
C HIS C 449 -74.87 -8.20 47.86
N GLY C 450 -73.96 -9.14 47.65
CA GLY C 450 -73.93 -9.84 46.40
C GLY C 450 -75.22 -10.58 46.10
N CYS C 451 -75.78 -11.29 47.06
CA CYS C 451 -76.97 -12.07 46.79
C CYS C 451 -78.20 -11.21 46.58
N TRP C 452 -78.19 -9.99 47.07
CA TRP C 452 -79.31 -9.12 46.83
C TRP C 452 -79.25 -8.61 45.40
N LEU C 453 -78.06 -8.28 44.91
CA LEU C 453 -77.92 -7.84 43.54
C LEU C 453 -78.46 -8.91 42.62
N VAL C 454 -78.14 -10.17 42.85
CA VAL C 454 -78.55 -11.23 41.94
C VAL C 454 -79.88 -11.83 42.26
N ALA C 455 -80.76 -11.07 42.89
CA ALA C 455 -82.11 -11.54 43.16
C ALA C 455 -82.98 -10.36 42.90
N ILE C 456 -82.37 -9.23 42.56
CA ILE C 456 -83.13 -8.05 42.21
C ILE C 456 -82.95 -7.94 40.71
N LEU C 457 -81.73 -8.14 40.25
CA LEU C 457 -81.47 -8.08 38.83
C LEU C 457 -82.29 -9.13 38.13
N THR C 458 -82.45 -10.31 38.71
CA THR C 458 -83.15 -11.40 38.02
C THR C 458 -84.60 -11.13 37.73
N ARG C 459 -85.29 -10.34 38.53
CA ARG C 459 -86.65 -9.97 38.19
C ARG C 459 -86.39 -8.87 37.21
N ARG C 460 -86.38 -9.15 35.92
CA ARG C 460 -85.99 -8.14 34.93
C ARG C 460 -86.90 -6.95 34.67
N HIS C 461 -88.06 -6.90 35.27
CA HIS C 461 -89.00 -5.82 34.97
C HIS C 461 -88.90 -4.71 35.99
N ARG C 462 -88.85 -3.46 35.53
CA ARG C 462 -88.75 -2.32 36.44
C ARG C 462 -89.88 -2.35 37.44
N GLN C 463 -91.08 -2.73 37.01
CA GLN C 463 -92.21 -2.77 37.92
C GLN C 463 -92.06 -3.82 39.01
N ALA C 464 -91.58 -5.00 38.67
CA ALA C 464 -91.34 -5.99 39.71
C ALA C 464 -90.25 -5.56 40.69
N ILE C 465 -89.23 -4.88 40.19
CA ILE C 465 -88.15 -4.43 41.05
C ILE C 465 -88.69 -3.41 42.01
N ALA C 466 -89.66 -2.63 41.57
CA ALA C 466 -90.27 -1.61 42.45
C ALA C 466 -91.11 -2.18 43.58
N ARG C 467 -91.29 -3.48 43.62
CA ARG C 467 -91.99 -4.07 44.74
C ARG C 467 -91.01 -4.70 45.73
N LEU C 468 -89.76 -4.88 45.32
CA LEU C 468 -88.73 -5.41 46.22
C LEU C 468 -87.90 -4.30 46.80
N TRP C 469 -87.94 -3.12 46.23
CA TRP C 469 -87.23 -1.99 46.80
C TRP C 469 -87.62 -1.72 48.24
N PRO C 470 -88.91 -1.90 48.64
CA PRO C 470 -89.17 -1.74 50.07
C PRO C 470 -88.27 -2.54 50.99
N ASN C 471 -87.96 -3.76 50.62
CA ASN C 471 -87.10 -4.59 51.43
C ASN C 471 -85.62 -4.34 51.21
N TYR C 472 -85.19 -4.03 50.00
CA TYR C 472 -83.78 -3.71 49.78
C TYR C 472 -83.42 -2.57 50.69
N CYS C 473 -84.25 -1.55 50.79
CA CYS C 473 -83.92 -0.39 51.60
C CYS C 473 -83.94 -0.69 53.09
N LEU C 474 -84.88 -1.49 53.57
CA LEU C 474 -84.84 -1.84 54.98
C LEU C 474 -83.59 -2.64 55.30
N PHE C 475 -83.28 -3.67 54.51
CA PHE C 475 -82.06 -4.44 54.73
C PHE C 475 -80.84 -3.55 54.79
N LEU C 476 -80.60 -2.70 53.80
CA LEU C 476 -79.38 -1.91 53.83
C LEU C 476 -79.25 -1.03 55.04
N ALA C 477 -80.35 -0.63 55.65
CA ALA C 477 -80.29 0.16 56.86
C ALA C 477 -80.05 -0.65 58.13
N LEU C 478 -80.63 -1.85 58.22
CA LEU C 478 -80.40 -2.70 59.38
C LEU C 478 -79.05 -3.37 59.30
N PHE C 479 -78.43 -3.41 58.13
CA PHE C 479 -77.11 -3.96 58.02
C PHE C 479 -76.04 -2.95 58.42
N LEU C 480 -76.20 -1.68 58.11
CA LEU C 480 -75.23 -0.70 58.56
C LEU C 480 -75.27 -0.66 60.06
N LEU C 481 -76.43 -0.66 60.68
CA LEU C 481 -76.40 -0.58 62.12
C LEU C 481 -75.79 -1.82 62.74
N TYR C 482 -76.16 -3.00 62.27
CA TYR C 482 -75.63 -4.20 62.88
C TYR C 482 -74.14 -4.34 62.66
N GLN C 483 -73.64 -3.93 61.51
CA GLN C 483 -72.21 -3.98 61.29
C GLN C 483 -71.48 -2.96 62.14
N TYR C 484 -72.14 -1.88 62.56
CA TYR C 484 -71.48 -0.94 63.47
C TYR C 484 -71.72 -1.27 64.92
N LEU C 485 -72.54 -2.26 65.21
CA LEU C 485 -72.72 -2.70 66.58
C LEU C 485 -71.61 -3.69 66.73
N LEU C 486 -71.28 -4.37 65.65
CA LEU C 486 -70.17 -5.32 65.68
C LEU C 486 -68.88 -4.62 65.38
N CYS C 487 -68.82 -3.30 65.53
CA CYS C 487 -67.56 -2.61 65.36
C CYS C 487 -67.35 -1.83 66.62
N LEU C 488 -68.31 -1.91 67.52
CA LEU C 488 -68.15 -1.26 68.80
C LEU C 488 -67.96 -2.37 69.78
N GLY C 489 -68.57 -3.52 69.48
CA GLY C 489 -68.44 -4.67 70.36
C GLY C 489 -69.78 -5.23 70.78
N SER C 527 -63.94 -0.35 60.09
CA SER C 527 -65.09 0.45 60.42
C SER C 527 -64.97 1.76 59.70
N THR C 528 -64.20 1.78 58.63
CA THR C 528 -64.14 2.98 57.81
C THR C 528 -64.24 2.44 56.41
N ASN C 529 -64.89 1.30 56.26
CA ASN C 529 -65.12 0.73 54.95
C ASN C 529 -66.60 0.48 54.97
N LEU C 530 -67.24 0.71 56.11
CA LEU C 530 -68.67 0.59 56.20
C LEU C 530 -69.29 1.83 55.57
N ILE C 531 -68.49 2.79 55.11
CA ILE C 531 -69.03 3.95 54.42
C ILE C 531 -69.51 3.60 53.04
N SER C 532 -69.15 2.42 52.51
CA SER C 532 -69.68 2.01 51.23
C SER C 532 -71.06 1.43 51.40
N ASP C 533 -71.39 0.95 52.60
CA ASP C 533 -72.75 0.50 52.85
C ASP C 533 -73.63 1.71 53.10
N PHE C 534 -73.05 2.88 53.34
CA PHE C 534 -73.86 4.07 53.46
C PHE C 534 -74.06 4.63 52.09
N LEU C 535 -72.98 4.92 51.38
CA LEU C 535 -73.21 5.54 50.10
C LEU C 535 -74.34 4.81 49.39
N LEU C 536 -74.56 3.53 49.68
CA LEU C 536 -75.59 2.75 48.97
C LEU C 536 -76.95 2.79 49.64
N LEU C 537 -77.03 3.10 50.93
CA LEU C 537 -78.33 3.26 51.53
C LEU C 537 -78.79 4.59 51.09
N LEU C 538 -77.89 5.49 50.75
CA LEU C 538 -78.34 6.77 50.21
C LEU C 538 -78.87 6.56 48.81
N CYS C 539 -78.05 6.05 47.89
CA CYS C 539 -78.51 5.89 46.53
C CYS C 539 -79.81 5.14 46.48
N ALA C 540 -80.00 4.11 47.28
CA ALA C 540 -81.21 3.35 47.14
C ALA C 540 -82.41 3.97 47.81
N SER C 541 -82.21 4.82 48.79
CA SER C 541 -83.35 5.50 49.35
C SER C 541 -83.84 6.53 48.37
N GLN C 542 -82.93 7.07 47.57
CA GLN C 542 -83.34 8.02 46.56
C GLN C 542 -84.05 7.38 45.36
N GLN C 543 -83.77 6.12 45.04
CA GLN C 543 -84.51 5.44 43.97
C GLN C 543 -85.83 4.96 44.47
N TRP C 544 -86.04 4.93 45.77
CA TRP C 544 -87.34 4.55 46.24
C TRP C 544 -88.21 5.75 46.06
N GLN C 545 -87.58 6.91 46.00
CA GLN C 545 -88.36 8.12 45.76
C GLN C 545 -88.80 8.25 44.31
N VAL C 546 -87.91 7.94 43.37
CA VAL C 546 -88.30 7.96 41.96
C VAL C 546 -89.39 6.95 41.77
N PHE C 547 -89.30 5.79 42.42
CA PHE C 547 -90.29 4.71 42.24
C PHE C 547 -91.68 5.06 42.74
N SER C 548 -91.83 6.17 43.46
CA SER C 548 -93.14 6.60 43.88
C SER C 548 -93.43 8.02 43.42
N ALA C 549 -92.64 8.52 42.48
CA ALA C 549 -92.89 9.85 41.92
C ALA C 549 -93.08 9.81 40.43
N GLU C 550 -92.68 8.71 39.80
CA GLU C 550 -92.94 8.56 38.38
C GLU C 550 -94.40 8.22 38.30
N ARG C 551 -94.94 7.67 39.39
CA ARG C 551 -96.37 7.32 39.43
C ARG C 551 -97.26 8.55 39.50
N THR C 552 -96.70 9.71 39.83
CA THR C 552 -97.48 10.93 39.85
C THR C 552 -97.51 11.57 38.47
N TYR C 585 -76.08 19.37 15.53
CA TYR C 585 -74.98 18.54 16.02
C TYR C 585 -75.43 17.59 17.10
N LEU C 586 -76.60 17.83 17.69
CA LEU C 586 -77.13 16.90 18.67
C LEU C 586 -77.56 15.66 17.92
N ASP C 587 -77.93 15.84 16.66
CA ASP C 587 -78.32 14.70 15.86
C ASP C 587 -77.14 13.80 15.59
N MET C 588 -75.95 14.37 15.47
CA MET C 588 -74.76 13.55 15.29
C MET C 588 -74.52 12.67 16.52
N LEU C 589 -74.60 13.26 17.69
CA LEU C 589 -74.38 12.50 18.92
C LEU C 589 -75.35 11.36 19.06
N LYS C 590 -76.62 11.57 18.71
CA LYS C 590 -77.60 10.51 18.91
C LYS C 590 -77.33 9.32 18.03
N VAL C 591 -76.72 9.51 16.88
CA VAL C 591 -76.35 8.37 16.04
C VAL C 591 -75.16 7.62 16.65
N ALA C 592 -74.16 8.34 17.13
CA ALA C 592 -73.02 7.69 17.77
C ALA C 592 -73.27 7.22 19.19
N VAL C 593 -74.52 7.09 19.60
CA VAL C 593 -74.83 6.54 20.91
C VAL C 593 -75.83 5.45 20.66
N PHE C 594 -76.70 5.62 19.67
CA PHE C 594 -77.74 4.64 19.45
C PHE C 594 -77.43 3.71 18.29
N ARG C 595 -76.24 3.80 17.72
CA ARG C 595 -75.87 2.93 16.63
C ARG C 595 -74.47 2.37 16.75
N TYR C 596 -73.47 3.23 16.84
CA TYR C 596 -72.10 2.77 17.02
C TYR C 596 -71.67 2.71 18.47
N LEU C 597 -72.50 2.16 19.34
CA LEU C 597 -72.08 1.97 20.72
C LEU C 597 -72.05 0.50 20.97
N PHE C 598 -72.96 -0.26 20.36
CA PHE C 598 -72.90 -1.70 20.52
C PHE C 598 -71.53 -2.14 20.16
N TRP C 599 -70.93 -1.54 19.16
CA TRP C 599 -69.62 -1.92 18.74
C TRP C 599 -68.51 -1.55 19.71
N LEU C 600 -68.69 -0.50 20.50
CA LEU C 600 -67.70 -0.17 21.52
C LEU C 600 -67.85 -1.04 22.75
N VAL C 601 -69.06 -1.44 23.09
CA VAL C 601 -69.23 -2.33 24.20
C VAL C 601 -68.44 -3.58 23.90
N LEU C 602 -68.49 -4.06 22.65
CA LEU C 602 -67.79 -5.28 22.29
C LEU C 602 -66.27 -5.18 22.37
N VAL C 603 -65.68 -4.00 22.18
CA VAL C 603 -64.25 -3.87 22.38
C VAL C 603 -63.96 -3.91 23.86
N VAL C 604 -64.72 -3.21 24.70
CA VAL C 604 -64.53 -3.30 26.15
C VAL C 604 -64.63 -4.74 26.65
N VAL C 605 -65.56 -5.56 26.18
CA VAL C 605 -65.60 -6.96 26.59
C VAL C 605 -64.28 -7.67 26.33
N PHE C 606 -63.64 -7.39 25.21
CA PHE C 606 -62.33 -7.98 24.95
C PHE C 606 -61.32 -7.46 25.94
N VAL C 607 -61.20 -6.15 26.13
CA VAL C 607 -60.19 -5.63 27.03
C VAL C 607 -60.56 -5.75 28.51
N THR C 608 -61.60 -6.49 28.85
CA THR C 608 -61.94 -6.71 30.23
C THR C 608 -61.34 -8.05 30.48
N GLY C 609 -61.29 -8.87 29.46
CA GLY C 609 -60.78 -10.21 29.61
C GLY C 609 -59.40 -10.52 29.09
N ALA C 610 -58.68 -9.52 28.63
CA ALA C 610 -57.32 -9.74 28.19
C ALA C 610 -56.36 -8.84 28.91
N THR C 611 -56.82 -8.19 29.97
CA THR C 611 -55.93 -7.39 30.78
C THR C 611 -55.75 -8.14 32.07
N ARG C 612 -56.76 -8.92 32.45
CA ARG C 612 -56.71 -9.71 33.66
C ARG C 612 -56.62 -11.18 33.30
N ILE C 613 -55.42 -11.72 33.17
CA ILE C 613 -55.25 -13.12 32.77
C ILE C 613 -55.67 -14.13 33.82
N SER C 614 -56.83 -14.75 33.62
CA SER C 614 -57.32 -15.74 34.56
C SER C 614 -58.20 -16.70 33.79
N ILE C 615 -59.04 -17.44 34.48
CA ILE C 615 -59.96 -18.34 33.80
C ILE C 615 -61.19 -17.57 33.44
N PHE C 616 -61.59 -16.64 34.29
CA PHE C 616 -62.77 -15.84 34.04
C PHE C 616 -62.54 -14.96 32.87
N GLY C 617 -61.31 -14.46 32.73
CA GLY C 617 -60.97 -13.65 31.60
C GLY C 617 -61.13 -14.33 30.26
N LEU C 618 -60.86 -15.62 30.16
CA LEU C 618 -61.08 -16.31 28.90
C LEU C 618 -62.54 -16.31 28.55
N GLY C 619 -63.42 -16.42 29.52
CA GLY C 619 -64.83 -16.32 29.21
C GLY C 619 -65.23 -15.07 28.48
N TYR C 620 -64.69 -13.91 28.87
CA TYR C 620 -64.98 -12.67 28.19
C TYR C 620 -64.46 -12.71 26.76
N LEU C 621 -63.22 -13.15 26.56
CA LEU C 621 -62.68 -13.24 25.22
C LEU C 621 -63.61 -14.03 24.34
N LEU C 622 -64.12 -15.15 24.82
CA LEU C 622 -64.97 -15.99 23.98
C LEU C 622 -66.37 -15.47 23.80
N ALA C 623 -66.83 -14.55 24.64
CA ALA C 623 -68.14 -13.96 24.41
C ALA C 623 -68.03 -12.87 23.39
N CYS C 624 -66.90 -12.18 23.34
CA CYS C 624 -66.70 -11.16 22.32
C CYS C 624 -66.77 -11.84 20.99
N PHE C 625 -66.12 -12.99 20.84
CA PHE C 625 -66.08 -13.67 19.55
C PHE C 625 -67.47 -14.07 19.08
N TYR C 626 -68.29 -14.57 19.99
CA TYR C 626 -69.65 -14.94 19.62
C TYR C 626 -70.43 -13.74 19.20
N LEU C 627 -70.39 -12.68 19.99
CA LEU C 627 -71.24 -11.54 19.69
C LEU C 627 -70.74 -10.69 18.54
N LEU C 628 -69.56 -10.95 18.02
CA LEU C 628 -69.11 -10.21 16.88
C LEU C 628 -69.64 -10.94 15.67
N LEU C 629 -69.61 -12.27 15.70
CA LEU C 629 -70.08 -13.08 14.58
C LEU C 629 -71.56 -13.01 14.38
N PHE C 630 -72.32 -13.19 15.45
CA PHE C 630 -73.77 -13.19 15.36
C PHE C 630 -74.27 -11.88 15.85
N GLY C 631 -73.59 -10.79 15.48
CA GLY C 631 -73.97 -9.50 15.96
C GLY C 631 -74.96 -8.82 15.06
N THR C 632 -74.75 -8.90 13.76
CA THR C 632 -75.63 -8.21 12.82
C THR C 632 -77.05 -8.71 12.98
N ALA C 633 -77.20 -10.01 13.17
CA ALA C 633 -78.53 -10.58 13.37
C ALA C 633 -79.15 -10.12 14.67
N LEU C 634 -78.35 -9.94 15.71
CA LEU C 634 -78.88 -9.48 16.97
C LEU C 634 -79.39 -8.05 16.87
N LEU C 635 -78.65 -7.18 16.20
CA LEU C 635 -79.04 -5.77 16.13
C LEU C 635 -80.31 -5.62 15.33
N GLN C 636 -80.86 -6.72 14.80
CA GLN C 636 -82.05 -6.65 13.96
C GLN C 636 -83.23 -7.36 14.56
N ARG C 637 -83.00 -8.38 15.37
CA ARG C 637 -84.10 -9.16 15.92
C ARG C 637 -85.05 -8.32 16.77
N ASP C 638 -86.25 -8.83 16.97
CA ASP C 638 -87.22 -8.12 17.80
C ASP C 638 -86.70 -8.00 19.23
N THR C 639 -87.22 -7.07 20.01
CA THR C 639 -86.72 -6.85 21.38
C THR C 639 -86.62 -8.10 22.23
N ARG C 640 -87.71 -8.82 22.39
CA ARG C 640 -87.62 -10.07 23.14
C ARG C 640 -86.20 -10.61 23.09
N ALA C 641 -85.76 -11.12 21.94
CA ALA C 641 -84.44 -11.78 21.86
C ALA C 641 -83.20 -10.94 22.21
N ARG C 642 -83.16 -9.69 21.73
CA ARG C 642 -82.03 -8.84 22.04
C ARG C 642 -81.92 -8.76 23.54
N LEU C 643 -83.04 -8.45 24.18
CA LEU C 643 -83.05 -8.35 25.62
C LEU C 643 -82.53 -9.61 26.26
N VAL C 644 -83.08 -10.76 25.88
CA VAL C 644 -82.58 -12.03 26.40
C VAL C 644 -81.06 -12.11 26.33
N LEU C 645 -80.49 -11.95 25.13
CA LEU C 645 -79.04 -12.10 25.01
C LEU C 645 -78.27 -11.11 25.89
N TRP C 646 -78.70 -9.85 25.89
CA TRP C 646 -77.98 -8.87 26.68
C TRP C 646 -78.04 -9.18 28.16
N ASP C 647 -79.18 -9.65 28.63
CA ASP C 647 -79.31 -10.01 30.03
C ASP C 647 -78.41 -11.18 30.36
N CYS C 648 -78.37 -12.15 29.47
CA CYS C 648 -77.47 -13.25 29.69
C CYS C 648 -76.02 -12.77 29.80
N LEU C 649 -75.61 -11.87 28.93
CA LEU C 649 -74.28 -11.34 29.05
C LEU C 649 -74.07 -10.67 30.41
N ILE C 650 -75.00 -9.82 30.82
CA ILE C 650 -74.90 -9.12 32.11
C ILE C 650 -74.77 -10.11 33.26
N LEU C 651 -75.50 -11.22 33.19
CA LEU C 651 -75.45 -12.17 34.27
C LEU C 651 -74.08 -12.79 34.42
N TYR C 652 -73.40 -13.03 33.31
CA TYR C 652 -72.04 -13.56 33.39
C TYR C 652 -71.18 -12.60 34.17
N ASN C 653 -71.21 -11.34 33.80
CA ASN C 653 -70.47 -10.35 34.55
C ASN C 653 -70.81 -10.43 36.02
N VAL C 654 -72.10 -10.43 36.37
CA VAL C 654 -72.42 -10.43 37.79
C VAL C 654 -71.87 -11.65 38.50
N THR C 655 -72.00 -12.83 37.91
CA THR C 655 -71.42 -14.03 38.53
C THR C 655 -69.93 -13.90 38.73
N VAL C 656 -69.20 -13.47 37.70
CA VAL C 656 -67.77 -13.24 37.87
C VAL C 656 -67.53 -12.35 39.09
N ILE C 657 -68.18 -11.20 39.12
CA ILE C 657 -67.96 -10.28 40.23
C ILE C 657 -68.21 -10.94 41.58
N ILE C 658 -69.33 -11.64 41.73
CA ILE C 658 -69.65 -12.25 43.01
C ILE C 658 -68.64 -13.32 43.40
N SER C 659 -68.21 -14.14 42.44
CA SER C 659 -67.28 -15.22 42.75
C SER C 659 -65.85 -14.78 43.05
N LYS C 660 -65.28 -13.85 42.28
CA LYS C 660 -63.96 -13.38 42.59
C LYS C 660 -63.93 -13.06 44.07
N ASN C 661 -65.07 -12.75 44.67
CA ASN C 661 -65.11 -12.50 46.12
C ASN C 661 -65.11 -13.80 46.94
N MET C 662 -66.12 -14.63 46.81
CA MET C 662 -66.16 -15.90 47.53
C MET C 662 -64.84 -16.63 47.53
N LEU C 663 -64.01 -16.38 46.53
CA LEU C 663 -62.69 -17.01 46.49
C LEU C 663 -61.61 -15.97 46.69
N SER C 664 -61.78 -15.10 47.67
CA SER C 664 -60.75 -14.12 47.98
C SER C 664 -61.27 -13.05 48.90
N ALA C 714 -55.10 -8.49 40.70
CA ALA C 714 -56.24 -8.86 39.89
C ALA C 714 -57.53 -8.66 40.68
N GLY C 715 -58.43 -7.84 40.16
CA GLY C 715 -59.65 -7.54 40.91
C GLY C 715 -60.96 -7.30 40.19
N ILE C 716 -61.72 -6.32 40.65
CA ILE C 716 -63.04 -6.10 40.09
C ILE C 716 -63.13 -4.85 39.19
N ILE C 717 -62.10 -4.00 39.16
CA ILE C 717 -62.19 -2.76 38.39
C ILE C 717 -62.57 -2.96 36.94
N TRP C 718 -61.91 -3.86 36.22
CA TRP C 718 -62.23 -4.00 34.82
C TRP C 718 -63.56 -4.69 34.59
N ASP C 719 -64.05 -5.46 35.55
CA ASP C 719 -65.37 -6.03 35.41
C ASP C 719 -66.42 -5.02 35.82
N SER C 720 -66.02 -3.88 36.34
CA SER C 720 -66.99 -2.85 36.66
C SER C 720 -67.11 -1.85 35.55
N VAL C 721 -66.06 -1.62 34.77
CA VAL C 721 -66.21 -0.76 33.61
C VAL C 721 -67.17 -1.50 32.72
N CYS C 722 -66.97 -2.81 32.58
CA CYS C 722 -67.85 -3.60 31.75
C CYS C 722 -69.27 -3.62 32.25
N PHE C 723 -69.52 -3.71 33.55
CA PHE C 723 -70.91 -3.79 33.98
C PHE C 723 -71.61 -2.50 33.67
N PHE C 724 -70.90 -1.39 33.65
CA PHE C 724 -71.52 -0.14 33.25
C PHE C 724 -71.94 -0.23 31.80
N PHE C 725 -71.01 -0.42 30.89
CA PHE C 725 -71.35 -0.42 29.48
C PHE C 725 -72.50 -1.33 29.13
N LEU C 726 -72.55 -2.50 29.70
CA LEU C 726 -73.60 -3.42 29.33
C LEU C 726 -74.92 -2.98 29.89
N LEU C 727 -74.94 -2.24 30.97
CA LEU C 727 -76.21 -1.76 31.47
C LEU C 727 -76.64 -0.54 30.70
N LEU C 728 -75.71 0.16 30.05
CA LEU C 728 -76.08 1.29 29.22
C LEU C 728 -76.69 0.78 27.91
N GLN C 729 -76.16 -0.29 27.33
CA GLN C 729 -76.68 -0.78 26.08
C GLN C 729 -77.98 -1.48 26.28
N ARG C 730 -78.30 -1.91 27.47
CA ARG C 730 -79.62 -2.49 27.65
C ARG C 730 -80.63 -1.38 27.52
N ARG C 731 -80.24 -0.16 27.87
CA ARG C 731 -81.15 0.98 27.72
C ARG C 731 -81.25 1.46 26.29
N VAL C 732 -80.16 1.48 25.52
CA VAL C 732 -80.26 1.83 24.10
C VAL C 732 -81.16 0.84 23.39
N PHE C 733 -81.02 -0.46 23.64
CA PHE C 733 -81.84 -1.51 23.02
C PHE C 733 -83.25 -1.60 23.53
N LEU C 734 -83.67 -0.65 24.33
CA LEU C 734 -85.05 -0.63 24.80
C LEU C 734 -85.61 0.75 24.66
N SER C 735 -85.06 1.54 23.76
CA SER C 735 -85.51 2.89 23.62
C SER C 735 -86.53 3.00 22.52
N HIS C 736 -86.84 4.23 22.12
CA HIS C 736 -87.76 4.44 21.03
C HIS C 736 -86.96 5.05 19.93
N TYR C 737 -85.76 5.47 20.25
CA TYR C 737 -84.87 6.02 19.24
C TYR C 737 -84.12 4.89 18.56
N TYR C 738 -84.17 3.69 19.11
CA TYR C 738 -83.51 2.56 18.49
C TYR C 738 -84.45 1.98 17.49
N LEU C 739 -85.75 2.12 17.69
CA LEU C 739 -86.66 1.64 16.70
C LEU C 739 -86.29 2.16 15.32
N HIS C 740 -85.84 3.41 15.23
CA HIS C 740 -85.43 3.98 13.96
C HIS C 740 -84.16 3.36 13.37
N VAL C 741 -83.23 2.95 14.22
CA VAL C 741 -82.02 2.33 13.71
C VAL C 741 -82.30 0.89 13.37
N ARG C 742 -83.26 0.26 14.01
CA ARG C 742 -83.60 -1.09 13.61
C ARG C 742 -84.13 -1.02 12.21
N ALA C 743 -84.96 -0.03 11.91
CA ALA C 743 -85.54 0.11 10.58
C ALA C 743 -84.47 0.17 9.53
N ASP C 744 -83.51 1.07 9.69
CA ASP C 744 -82.44 1.20 8.73
C ASP C 744 -81.73 -0.11 8.50
N LEU C 745 -81.37 -0.79 9.57
CA LEU C 745 -80.64 -2.04 9.44
C LEU C 745 -81.47 -3.12 8.75
N GLN C 746 -82.76 -3.17 9.01
CA GLN C 746 -83.62 -4.14 8.36
C GLN C 746 -83.69 -3.86 6.87
N ALA C 747 -83.81 -2.60 6.50
CA ALA C 747 -83.90 -2.22 5.11
C ALA C 747 -82.66 -2.63 4.33
N THR C 748 -81.49 -2.51 4.92
CA THR C 748 -80.29 -2.81 4.17
C THR C 748 -80.23 -4.27 3.78
N ALA C 749 -80.78 -5.14 4.61
CA ALA C 749 -80.81 -6.55 4.26
C ALA C 749 -81.71 -6.84 3.08
N LEU C 750 -82.75 -6.06 2.92
CA LEU C 750 -83.65 -6.24 1.78
C LEU C 750 -83.01 -5.69 0.51
N LEU C 751 -82.45 -4.49 0.58
CA LEU C 751 -81.83 -3.86 -0.58
C LEU C 751 -80.43 -4.38 -0.91
N ALA C 752 -80.06 -5.54 -0.37
CA ALA C 752 -78.76 -6.10 -0.66
C ALA C 752 -78.69 -6.54 -2.09
N SER C 753 -79.76 -7.12 -2.61
CA SER C 753 -79.77 -7.62 -3.97
C SER C 753 -79.53 -6.49 -4.94
N ARG C 754 -80.18 -5.36 -4.72
CA ARG C 754 -79.96 -4.21 -5.58
C ARG C 754 -78.48 -3.87 -5.53
N GLY C 755 -77.92 -3.76 -4.34
CA GLY C 755 -76.51 -3.49 -4.22
C GLY C 755 -75.65 -4.36 -5.10
N PHE C 756 -75.89 -5.67 -5.10
CA PHE C 756 -75.09 -6.58 -5.90
C PHE C 756 -75.20 -6.21 -7.35
N ALA C 757 -76.43 -5.97 -7.81
CA ALA C 757 -76.64 -5.58 -9.19
C ALA C 757 -75.88 -4.32 -9.53
N LEU C 758 -76.04 -3.26 -8.74
CA LEU C 758 -75.28 -2.05 -8.99
C LEU C 758 -73.80 -2.35 -9.18
N TYR C 759 -73.20 -3.05 -8.22
CA TYR C 759 -71.78 -3.38 -8.30
C TYR C 759 -71.46 -4.16 -9.56
N ASN C 760 -72.17 -5.24 -9.82
CA ASN C 760 -71.87 -6.08 -10.97
C ASN C 760 -72.01 -5.33 -12.28
N ALA C 761 -73.00 -4.45 -12.37
CA ALA C 761 -73.15 -3.65 -13.57
C ALA C 761 -71.92 -2.81 -13.76
N ALA C 762 -71.49 -2.13 -12.71
CA ALA C 762 -70.30 -1.30 -12.81
C ALA C 762 -69.09 -2.10 -13.26
N ASN C 763 -68.94 -3.31 -12.75
CA ASN C 763 -67.82 -4.15 -13.14
C ASN C 763 -67.88 -4.47 -14.61
N LEU C 764 -69.04 -4.90 -15.09
CA LEU C 764 -69.18 -5.25 -16.49
C LEU C 764 -68.95 -4.07 -17.41
N LYS C 765 -69.36 -2.88 -16.99
CA LYS C 765 -69.14 -1.71 -17.80
C LYS C 765 -67.66 -1.45 -17.98
N SER C 766 -66.90 -1.51 -16.89
CA SER C 766 -65.47 -1.27 -16.98
C SER C 766 -64.78 -2.34 -17.79
N ILE C 767 -65.26 -3.58 -17.68
CA ILE C 767 -64.70 -4.65 -18.48
C ILE C 767 -64.82 -4.29 -19.96
N ASP C 768 -66.01 -3.88 -20.36
CA ASP C 768 -66.22 -3.54 -21.76
C ASP C 768 -65.35 -2.41 -22.25
N PHE C 769 -65.18 -1.38 -21.43
CA PHE C 769 -64.39 -0.25 -21.86
C PHE C 769 -62.96 -0.67 -22.09
N HIS C 770 -62.41 -1.48 -21.19
CA HIS C 770 -61.05 -1.93 -21.34
C HIS C 770 -60.91 -2.82 -22.54
N ARG C 771 -61.87 -3.72 -22.73
CA ARG C 771 -61.83 -4.62 -23.87
C ARG C 771 -61.84 -3.84 -25.17
N ARG C 772 -62.67 -2.81 -25.25
CA ARG C 772 -62.69 -1.97 -26.44
C ARG C 772 -61.32 -1.41 -26.75
N ILE C 773 -60.68 -0.81 -25.75
CA ILE C 773 -59.37 -0.22 -25.95
C ILE C 773 -58.33 -1.20 -26.48
N GLU C 774 -58.35 -2.44 -25.98
CA GLU C 774 -57.42 -3.43 -26.47
C GLU C 774 -57.67 -3.79 -27.92
N GLU C 775 -58.94 -3.91 -28.31
CA GLU C 775 -59.26 -4.21 -29.70
C GLU C 775 -58.85 -3.08 -30.63
N LYS C 776 -58.96 -1.85 -30.17
CA LYS C 776 -58.51 -0.72 -30.98
C LYS C 776 -57.03 -0.85 -31.27
N SER C 777 -56.25 -1.18 -30.25
CA SER C 777 -54.82 -1.34 -30.44
C SER C 777 -54.52 -2.41 -31.45
N LEU C 778 -55.26 -3.51 -31.41
CA LEU C 778 -54.95 -4.60 -32.32
C LEU C 778 -55.32 -4.25 -33.73
N ALA C 779 -56.31 -3.38 -33.90
CA ALA C 779 -56.64 -2.95 -35.24
C ALA C 779 -55.53 -2.07 -35.76
N GLN C 780 -55.07 -1.14 -34.95
CA GLN C 780 -53.99 -0.27 -35.39
C GLN C 780 -52.75 -1.07 -35.75
N LEU C 781 -52.41 -2.06 -34.95
CA LEU C 781 -51.23 -2.84 -35.21
C LEU C 781 -51.34 -3.47 -36.56
N LYS C 782 -52.50 -4.04 -36.87
CA LYS C 782 -52.67 -4.71 -38.14
C LYS C 782 -52.68 -3.75 -39.30
N ARG C 783 -53.21 -2.54 -39.12
CA ARG C 783 -53.18 -1.56 -40.18
C ARG C 783 -51.76 -1.18 -40.48
N GLN C 784 -50.97 -0.93 -39.45
CA GLN C 784 -49.61 -0.52 -39.65
C GLN C 784 -48.84 -1.58 -40.40
N MET C 785 -49.08 -2.84 -40.10
CA MET C 785 -48.30 -3.85 -40.76
C MET C 785 -48.70 -3.97 -42.21
N GLU C 786 -49.91 -3.60 -42.58
CA GLU C 786 -50.26 -3.62 -44.00
C GLU C 786 -49.50 -2.55 -44.74
N ARG C 787 -49.31 -1.39 -44.14
CA ARG C 787 -48.50 -0.36 -44.80
C ARG C 787 -47.09 -0.84 -45.05
N ILE C 788 -46.47 -1.47 -44.05
CA ILE C 788 -45.11 -1.98 -44.21
C ILE C 788 -45.09 -2.93 -45.38
N ARG C 789 -45.96 -3.92 -45.39
CA ARG C 789 -45.93 -4.91 -46.45
C ARG C 789 -46.21 -4.35 -47.83
N ALA C 790 -46.99 -3.27 -47.91
CA ALA C 790 -47.24 -2.65 -49.19
C ALA C 790 -45.98 -2.06 -49.78
N LYS C 791 -45.24 -1.29 -48.97
CA LYS C 791 -44.01 -0.70 -49.46
C LYS C 791 -43.04 -1.76 -49.90
N GLN C 792 -42.92 -2.85 -49.16
CA GLN C 792 -41.95 -3.85 -49.51
C GLN C 792 -42.27 -4.47 -50.85
N GLU C 793 -43.55 -4.63 -51.15
CA GLU C 793 -43.95 -5.18 -52.43
C GLU C 793 -43.69 -4.24 -53.58
N LYS C 794 -43.90 -2.95 -53.37
CA LYS C 794 -43.62 -1.97 -54.41
C LYS C 794 -42.16 -2.05 -54.77
N HIS C 795 -41.29 -2.15 -53.78
CA HIS C 795 -39.87 -2.20 -54.03
C HIS C 795 -39.45 -3.53 -54.61
N ARG C 796 -40.21 -4.58 -54.35
CA ARG C 796 -39.90 -5.87 -54.94
C ARG C 796 -40.19 -5.80 -56.41
N GLN C 797 -41.29 -5.15 -56.77
CA GLN C 797 -41.61 -4.99 -58.18
C GLN C 797 -40.66 -4.03 -58.85
N GLY C 798 -40.16 -3.05 -58.11
CA GLY C 798 -39.18 -2.14 -58.66
C GLY C 798 -37.92 -2.89 -59.04
N ARG C 799 -37.46 -3.79 -58.16
CA ARG C 799 -36.30 -4.59 -58.46
C ARG C 799 -36.58 -5.51 -59.65
N VAL C 800 -37.80 -6.01 -59.75
CA VAL C 800 -38.17 -6.85 -60.88
C VAL C 800 -38.04 -6.06 -62.19
N ASP C 801 -38.58 -4.85 -62.22
CA ASP C 801 -38.48 -4.03 -63.42
C ASP C 801 -37.04 -3.60 -63.66
N ASP C 839 -31.50 -16.49 -48.93
CA ASP C 839 -30.47 -16.58 -47.91
C ASP C 839 -30.48 -15.35 -47.03
N HIS C 840 -30.30 -15.54 -45.73
CA HIS C 840 -30.35 -14.43 -44.79
C HIS C 840 -29.35 -13.36 -45.11
N ALA C 841 -28.10 -13.74 -45.36
CA ALA C 841 -27.07 -12.73 -45.56
C ALA C 841 -27.05 -12.11 -46.93
N THR C 842 -28.01 -12.41 -47.77
CA THR C 842 -28.08 -11.74 -49.05
C THR C 842 -29.30 -10.87 -49.00
N VAL C 843 -30.01 -10.85 -47.87
CA VAL C 843 -31.15 -9.97 -47.71
C VAL C 843 -30.69 -8.84 -46.84
N ILE C 844 -29.89 -9.15 -45.84
CA ILE C 844 -29.35 -8.13 -44.96
C ILE C 844 -28.46 -7.21 -45.77
N HIS C 845 -27.64 -7.77 -46.66
CA HIS C 845 -26.71 -6.98 -47.45
C HIS C 845 -27.21 -6.71 -48.85
N SER C 846 -28.42 -6.15 -48.98
CA SER C 846 -28.93 -5.80 -50.28
C SER C 846 -29.86 -4.61 -50.25
N GLY C 847 -29.32 -3.45 -49.93
CA GLY C 847 -30.14 -2.26 -49.96
C GLY C 847 -29.61 -1.45 -51.11
N ASP C 848 -30.42 -0.59 -51.70
CA ASP C 848 -29.90 0.27 -52.74
C ASP C 848 -30.44 1.64 -52.55
N TYR C 849 -30.29 2.50 -53.54
CA TYR C 849 -30.68 3.86 -53.39
C TYR C 849 -32.09 4.07 -53.79
N PHE C 850 -32.77 3.02 -54.21
CA PHE C 850 -34.13 3.16 -54.69
C PHE C 850 -35.15 3.06 -53.59
N LEU C 851 -34.79 2.43 -52.48
CA LEU C 851 -35.69 2.32 -51.37
C LEU C 851 -35.83 3.68 -50.74
N PHE C 852 -34.74 4.42 -50.65
CA PHE C 852 -34.76 5.71 -49.97
C PHE C 852 -35.21 6.75 -50.93
N GLU C 853 -36.15 6.39 -51.80
CA GLU C 853 -36.59 7.33 -52.82
C GLU C 853 -37.63 8.30 -52.32
N SER C 854 -38.78 8.33 -52.96
CA SER C 854 -39.82 9.28 -52.56
C SER C 854 -40.35 8.95 -51.19
N PHE C 944 -49.86 32.61 10.58
CA PHE C 944 -50.19 32.34 9.19
C PHE C 944 -50.07 30.86 8.89
N LEU C 945 -49.10 30.21 9.52
CA LEU C 945 -48.86 28.79 9.24
C LEU C 945 -50.08 27.91 9.49
N TRP C 946 -50.87 28.23 10.50
CA TRP C 946 -52.09 27.48 10.76
C TRP C 946 -53.01 27.56 9.55
N MET C 947 -53.22 28.76 9.03
CA MET C 947 -54.09 28.92 7.87
C MET C 947 -53.49 28.31 6.62
N LEU C 948 -52.17 28.35 6.50
CA LEU C 948 -51.52 27.72 5.36
C LEU C 948 -51.74 26.22 5.44
N GLY C 949 -51.61 25.66 6.65
CA GLY C 949 -51.83 24.24 6.83
C GLY C 949 -53.25 23.86 6.51
N GLN C 950 -54.20 24.73 6.84
CA GLN C 950 -55.59 24.47 6.54
C GLN C 950 -55.83 24.36 5.05
N ALA C 951 -55.14 25.17 4.26
CA ALA C 951 -55.26 25.07 2.81
C ALA C 951 -54.83 23.71 2.31
N LEU C 952 -53.72 23.20 2.83
CA LEU C 952 -53.24 21.87 2.43
C LEU C 952 -54.19 20.78 2.87
N VAL C 953 -54.86 20.98 4.00
CA VAL C 953 -55.82 20.00 4.48
C VAL C 953 -56.93 19.90 3.45
N ASP C 954 -57.38 21.04 2.95
CA ASP C 954 -58.43 21.02 1.95
C ASP C 954 -57.98 20.32 0.68
N GLU C 955 -56.73 20.50 0.28
CA GLU C 955 -56.21 19.80 -0.88
C GLU C 955 -56.28 18.29 -0.69
N LEU C 956 -55.84 17.81 0.47
CA LEU C 956 -55.92 16.39 0.76
C LEU C 956 -57.36 15.91 0.71
N THR C 957 -58.25 16.65 1.36
CA THR C 957 -59.66 16.27 1.36
C THR C 957 -60.18 16.13 -0.06
N ARG C 958 -59.81 17.04 -0.94
CA ARG C 958 -60.24 16.96 -2.33
C ARG C 958 -59.76 15.67 -2.98
N TRP C 959 -58.49 15.34 -2.79
CA TRP C 959 -57.95 14.11 -3.36
C TRP C 959 -58.69 12.89 -2.84
N LEU C 960 -58.92 12.84 -1.53
CA LEU C 960 -59.62 11.70 -0.94
C LEU C 960 -61.02 11.58 -1.47
N GLN C 961 -61.68 12.70 -1.71
CA GLN C 961 -63.03 12.67 -2.23
C GLN C 961 -63.05 12.10 -3.63
N GLU C 962 -62.00 12.37 -4.41
CA GLU C 962 -61.91 11.82 -5.74
C GLU C 962 -61.58 10.34 -5.70
N PHE C 963 -60.84 9.93 -4.68
CA PHE C 963 -60.49 8.53 -4.54
C PHE C 963 -61.68 7.67 -4.13
N THR C 964 -62.70 8.30 -3.56
CA THR C 964 -63.88 7.56 -3.13
C THR C 964 -65.09 7.88 -3.97
N ARG C 965 -64.90 8.55 -5.10
CA ARG C 965 -66.03 9.00 -5.89
C ARG C 965 -67.00 7.91 -6.31
N HIS C 966 -66.52 6.84 -6.92
CA HIS C 966 -67.40 5.80 -7.40
C HIS C 966 -68.22 5.21 -6.26
N HIS C 967 -67.56 4.93 -5.15
CA HIS C 967 -68.27 4.40 -3.99
C HIS C 967 -69.36 5.34 -3.56
N GLY C 968 -69.05 6.63 -3.50
CA GLY C 968 -70.03 7.63 -3.11
C GLY C 968 -71.30 7.56 -3.93
N THR C 969 -71.16 7.47 -5.24
CA THR C 969 -72.33 7.43 -6.09
C THR C 969 -73.17 6.21 -5.80
N MET C 970 -72.55 5.05 -5.68
CA MET C 970 -73.29 3.82 -5.43
C MET C 970 -74.05 3.94 -4.14
N SER C 971 -73.41 4.50 -3.14
CA SER C 971 -74.05 4.69 -1.85
C SER C 971 -75.28 5.56 -1.95
N ASP C 972 -75.18 6.71 -2.62
CA ASP C 972 -76.30 7.64 -2.70
C ASP C 972 -77.52 7.04 -3.38
N VAL C 973 -77.31 6.22 -4.40
CA VAL C 973 -78.43 5.56 -5.03
C VAL C 973 -79.12 4.72 -3.99
N LEU C 974 -78.35 3.95 -3.22
CA LEU C 974 -78.95 3.05 -2.25
C LEU C 974 -79.53 3.75 -1.03
N ARG C 975 -79.01 4.92 -0.69
CA ARG C 975 -79.54 5.67 0.44
C ARG C 975 -80.91 6.19 0.13
N ALA C 976 -81.07 6.75 -1.06
CA ALA C 976 -82.35 7.28 -1.47
C ALA C 976 -83.37 6.16 -1.50
N GLU C 977 -82.98 5.01 -2.04
CA GLU C 977 -83.88 3.89 -2.08
C GLU C 977 -84.27 3.46 -0.69
N ARG C 978 -83.33 3.48 0.24
CA ARG C 978 -83.61 3.07 1.61
C ARG C 978 -84.56 4.02 2.30
N TYR C 979 -84.46 5.30 2.00
CA TYR C 979 -85.35 6.28 2.61
C TYR C 979 -86.78 5.86 2.39
N LEU C 980 -87.13 5.60 1.15
CA LEU C 980 -88.50 5.25 0.86
C LEU C 980 -88.83 3.88 1.42
N LEU C 981 -87.89 2.95 1.34
CA LEU C 981 -88.16 1.60 1.78
C LEU C 981 -88.60 1.62 3.23
N THR C 982 -87.86 2.33 4.07
CA THR C 982 -88.18 2.37 5.49
C THR C 982 -89.53 2.99 5.78
N GLN C 983 -89.94 3.99 4.99
CA GLN C 983 -91.26 4.57 5.18
C GLN C 983 -92.33 3.50 5.13
N GLU C 984 -92.31 2.66 4.10
CA GLU C 984 -93.31 1.63 3.96
C GLU C 984 -93.24 0.64 5.11
N LEU C 985 -92.03 0.26 5.50
CA LEU C 985 -91.88 -0.65 6.62
C LEU C 985 -92.49 -0.05 7.87
N LEU C 986 -92.21 1.22 8.14
CA LEU C 986 -92.73 1.88 9.33
C LEU C 986 -94.23 2.01 9.30
N GLN C 987 -94.81 2.16 8.11
CA GLN C 987 -96.26 2.21 7.99
C GLN C 987 -96.81 0.89 8.46
N GLY C 988 -96.16 -0.20 8.08
CA GLY C 988 -96.64 -1.52 8.44
C GLY C 988 -97.09 -2.20 7.17
N GLY C 989 -96.80 -1.59 6.04
CA GLY C 989 -97.18 -2.16 4.77
C GLY C 989 -96.05 -2.90 4.10
N GLU C 990 -96.29 -3.40 2.90
CA GLU C 990 -95.27 -4.16 2.18
C GLU C 990 -94.36 -3.29 1.35
N VAL C 991 -93.13 -3.73 1.14
CA VAL C 991 -92.21 -3.00 0.31
C VAL C 991 -92.27 -3.57 -1.10
N HIS C 992 -92.99 -2.91 -1.99
CA HIS C 992 -93.13 -3.41 -3.36
C HIS C 992 -92.11 -2.79 -4.30
N ARG C 993 -92.21 -3.13 -5.58
CA ARG C 993 -91.30 -2.53 -6.56
C ARG C 993 -91.71 -1.11 -6.84
N GLY C 994 -93.00 -0.83 -6.70
CA GLY C 994 -93.51 0.51 -6.94
C GLY C 994 -92.87 1.54 -6.04
N VAL C 995 -92.47 1.14 -4.84
CA VAL C 995 -91.78 2.06 -3.95
C VAL C 995 -90.55 2.60 -4.65
N LEU C 996 -89.73 1.70 -5.18
CA LEU C 996 -88.51 2.11 -5.87
C LEU C 996 -88.82 2.83 -7.17
N ASP C 997 -89.94 2.50 -7.80
CA ASP C 997 -90.29 3.11 -9.06
C ASP C 997 -90.63 4.59 -8.92
N GLN C 998 -91.10 4.99 -7.74
CA GLN C 998 -91.39 6.39 -7.50
C GLN C 998 -90.17 7.25 -7.72
N LEU C 999 -89.01 6.76 -7.31
CA LEU C 999 -87.78 7.49 -7.49
C LEU C 999 -87.55 7.85 -8.96
N ALA C 1076 -75.18 3.11 -11.71
CA ALA C 1076 -75.15 3.93 -10.51
C ALA C 1076 -75.26 5.39 -10.88
N SER C 1077 -74.29 5.90 -11.61
CA SER C 1077 -74.32 7.28 -12.04
C SER C 1077 -75.54 7.53 -12.88
N GLU C 1078 -75.82 6.61 -13.80
CA GLU C 1078 -77.00 6.75 -14.64
C GLU C 1078 -78.26 6.84 -13.81
N LEU C 1079 -78.43 5.97 -12.83
CA LEU C 1079 -79.64 5.94 -12.03
C LEU C 1079 -79.85 7.20 -11.23
N LEU C 1080 -78.78 7.88 -10.88
CA LEU C 1080 -78.92 9.14 -10.19
C LEU C 1080 -79.59 10.14 -11.09
N LEU C 1081 -79.12 10.24 -12.33
CA LEU C 1081 -79.72 11.18 -13.28
C LEU C 1081 -81.17 10.84 -13.59
N ASP C 1082 -81.44 9.57 -13.84
CA ASP C 1082 -82.79 9.15 -14.20
C ASP C 1082 -83.79 9.49 -13.12
N ARG C 1083 -83.46 9.14 -11.88
CA ARG C 1083 -84.34 9.46 -10.76
C ARG C 1083 -84.52 10.97 -10.68
N ARG C 1084 -85.76 11.41 -10.54
CA ARG C 1084 -86.01 12.83 -10.43
C ARG C 1084 -86.86 13.16 -9.21
N LEU C 1085 -87.22 12.15 -8.42
CA LEU C 1085 -87.95 12.40 -7.19
C LEU C 1085 -87.03 12.99 -6.14
N ARG C 1086 -86.91 14.30 -6.12
CA ARG C 1086 -86.00 14.96 -5.19
C ARG C 1086 -86.51 14.86 -3.76
N ILE C 1087 -85.74 14.22 -2.89
CA ILE C 1087 -86.17 14.03 -1.51
C ILE C 1087 -85.77 15.19 -0.63
N PRO C 1088 -86.53 15.42 0.46
CA PRO C 1088 -86.27 16.58 1.32
C PRO C 1088 -85.15 16.40 2.33
N GLU C 1089 -85.38 15.59 3.35
CA GLU C 1089 -84.39 15.39 4.41
C GLU C 1089 -82.99 15.19 3.90
N LEU C 1090 -82.81 14.27 2.96
CA LEU C 1090 -81.46 13.94 2.49
C LEU C 1090 -80.72 15.15 1.92
N GLU C 1091 -81.42 16.06 1.27
CA GLU C 1091 -80.78 17.25 0.70
C GLU C 1091 -80.32 18.21 1.77
N GLU C 1092 -81.15 18.43 2.78
CA GLU C 1092 -80.77 19.32 3.87
C GLU C 1092 -79.61 18.73 4.64
N ALA C 1093 -79.55 17.41 4.72
CA ALA C 1093 -78.45 16.76 5.41
C ALA C 1093 -77.15 17.03 4.71
N GLU C 1094 -77.19 17.00 3.38
CA GLU C 1094 -75.99 17.28 2.61
C GLU C 1094 -75.50 18.69 2.85
N LEU C 1095 -76.42 19.64 2.98
CA LEU C 1095 -76.02 21.01 3.26
C LEU C 1095 -75.32 21.13 4.60
N PHE C 1096 -75.85 20.46 5.62
CA PHE C 1096 -75.22 20.47 6.94
C PHE C 1096 -73.80 19.96 6.79
N ALA C 1097 -73.63 18.88 6.05
CA ALA C 1097 -72.31 18.30 5.85
C ALA C 1097 -71.36 19.28 5.18
N GLU C 1098 -71.82 19.96 4.13
CA GLU C 1098 -70.97 20.92 3.44
C GLU C 1098 -70.64 22.08 4.34
N GLY C 1099 -71.58 22.44 5.22
CA GLY C 1099 -71.36 23.56 6.11
C GLY C 1099 -70.77 23.15 7.43
N GLN C 1100 -69.95 22.10 7.45
CA GLN C 1100 -69.28 21.72 8.68
C GLN C 1100 -67.90 22.31 8.69
N GLY C 1101 -67.20 22.17 9.80
CA GLY C 1101 -65.84 22.68 9.88
C GLY C 1101 -64.91 21.82 9.05
N ARG C 1102 -63.75 22.36 8.69
CA ARG C 1102 -62.79 21.61 7.88
C ARG C 1102 -62.33 20.36 8.59
N ALA C 1103 -62.18 20.44 9.91
CA ALA C 1103 -61.77 19.28 10.69
C ALA C 1103 -62.77 18.15 10.53
N LEU C 1104 -64.02 18.43 10.81
CA LEU C 1104 -65.05 17.42 10.69
C LEU C 1104 -65.05 16.83 9.29
N ARG C 1105 -64.90 17.68 8.29
CA ARG C 1105 -64.96 17.21 6.92
C ARG C 1105 -63.75 16.37 6.54
N LEU C 1106 -62.59 16.70 7.07
CA LEU C 1106 -61.40 15.90 6.79
C LEU C 1106 -61.54 14.51 7.38
N LEU C 1107 -62.15 14.42 8.55
CA LEU C 1107 -62.29 13.12 9.19
C LEU C 1107 -63.34 12.31 8.45
N ARG C 1108 -64.33 12.97 7.89
CA ARG C 1108 -65.33 12.25 7.12
C ARG C 1108 -64.66 11.68 5.91
N ALA C 1109 -63.75 12.45 5.31
CA ALA C 1109 -63.03 11.98 4.14
C ALA C 1109 -62.24 10.73 4.43
N VAL C 1110 -61.58 10.68 5.58
CA VAL C 1110 -60.82 9.50 5.96
C VAL C 1110 -61.72 8.28 6.13
N TYR C 1111 -62.83 8.42 6.85
CA TYR C 1111 -63.73 7.30 6.99
C TYR C 1111 -64.20 6.83 5.64
N GLN C 1112 -64.47 7.74 4.74
CA GLN C 1112 -64.99 7.36 3.44
C GLN C 1112 -63.96 6.52 2.71
N CYS C 1113 -62.71 6.91 2.78
CA CYS C 1113 -61.67 6.15 2.11
C CYS C 1113 -61.54 4.73 2.65
N VAL C 1114 -61.54 4.58 3.97
CA VAL C 1114 -61.43 3.26 4.57
C VAL C 1114 -62.62 2.40 4.18
N ALA C 1115 -63.82 2.95 4.26
CA ALA C 1115 -65.00 2.18 3.94
C ALA C 1115 -65.15 1.91 2.48
N ALA C 1116 -64.35 2.57 1.65
CA ALA C 1116 -64.40 2.28 0.23
C ALA C 1116 -63.46 1.14 -0.03
N HIS C 1117 -62.19 1.34 0.27
CA HIS C 1117 -61.21 0.30 0.05
C HIS C 1117 -60.93 -0.44 1.34
N SER C 1118 -61.80 -1.36 1.72
CA SER C 1118 -61.63 -2.09 2.96
C SER C 1118 -60.67 -3.23 2.77
N GLU C 1119 -60.59 -3.77 1.56
CA GLU C 1119 -59.74 -4.92 1.33
C GLU C 1119 -58.31 -4.56 1.58
N LEU C 1120 -57.88 -3.42 1.10
CA LEU C 1120 -56.49 -3.04 1.25
C LEU C 1120 -56.15 -2.80 2.69
N LEU C 1121 -57.13 -2.54 3.52
CA LEU C 1121 -56.85 -2.39 4.94
C LEU C 1121 -56.59 -3.75 5.54
N CYS C 1122 -57.55 -4.66 5.44
CA CYS C 1122 -57.33 -5.99 5.95
C CYS C 1122 -55.94 -6.47 5.59
N TYR C 1123 -55.49 -6.21 4.37
CA TYR C 1123 -54.20 -6.73 3.94
C TYR C 1123 -53.05 -6.00 4.60
N PHE C 1124 -53.13 -4.68 4.67
CA PHE C 1124 -52.06 -3.92 5.26
C PHE C 1124 -51.84 -4.39 6.67
N ILE C 1125 -52.91 -4.63 7.42
CA ILE C 1125 -52.78 -5.00 8.82
C ILE C 1125 -52.25 -6.43 8.99
N ILE C 1126 -52.67 -7.37 8.17
CA ILE C 1126 -52.15 -8.73 8.25
C ILE C 1126 -50.64 -8.72 8.06
N ILE C 1127 -50.15 -7.95 7.11
CA ILE C 1127 -48.72 -7.87 6.87
C ILE C 1127 -48.00 -7.09 7.97
N LEU C 1128 -48.61 -6.03 8.48
CA LEU C 1128 -48.00 -5.30 9.59
C LEU C 1128 -47.85 -6.12 10.87
N ASN C 1129 -48.76 -7.04 11.11
CA ASN C 1129 -48.64 -7.89 12.28
C ASN C 1129 -47.37 -8.71 12.20
N HIS C 1130 -47.06 -9.26 11.03
CA HIS C 1130 -45.86 -10.08 10.87
C HIS C 1130 -44.59 -9.26 10.97
N MET C 1131 -44.68 -7.97 10.74
CA MET C 1131 -43.49 -7.14 10.90
C MET C 1131 -43.22 -6.85 12.35
N VAL C 1132 -44.28 -6.76 13.16
CA VAL C 1132 -44.10 -6.52 14.59
C VAL C 1132 -43.85 -7.80 15.36
N THR C 1133 -44.81 -8.71 15.37
CA THR C 1133 -44.66 -9.97 16.11
C THR C 1133 -43.54 -10.87 15.61
N ALA C 1134 -43.36 -10.95 14.30
CA ALA C 1134 -42.30 -11.78 13.73
C ALA C 1134 -42.21 -13.16 14.31
N SER C 1135 -43.29 -13.90 14.27
CA SER C 1135 -43.30 -15.24 14.83
C SER C 1135 -43.34 -16.28 13.74
N ALA C 1136 -44.01 -17.38 14.01
CA ALA C 1136 -44.17 -18.41 13.01
C ALA C 1136 -45.64 -18.69 12.91
N GLY C 1137 -46.41 -18.06 13.78
CA GLY C 1137 -47.84 -18.22 13.71
C GLY C 1137 -48.34 -17.16 12.78
N SER C 1138 -47.76 -15.97 12.87
CA SER C 1138 -48.17 -14.87 12.02
C SER C 1138 -47.50 -14.93 10.66
N LEU C 1139 -47.17 -16.12 10.19
CA LEU C 1139 -46.56 -16.27 8.90
C LEU C 1139 -47.59 -16.89 8.01
N VAL C 1140 -48.51 -17.64 8.59
CA VAL C 1140 -49.48 -18.33 7.79
C VAL C 1140 -50.31 -17.36 7.00
N LEU C 1141 -50.88 -16.37 7.67
CA LEU C 1141 -51.75 -15.44 6.98
C LEU C 1141 -51.07 -14.61 5.89
N PRO C 1142 -49.88 -14.03 6.13
CA PRO C 1142 -49.26 -13.34 4.99
C PRO C 1142 -49.00 -14.23 3.79
N VAL C 1143 -48.62 -15.48 3.96
CA VAL C 1143 -48.46 -16.35 2.80
C VAL C 1143 -49.77 -16.51 2.08
N LEU C 1144 -50.84 -16.80 2.81
CA LEU C 1144 -52.13 -16.99 2.18
C LEU C 1144 -52.69 -15.75 1.52
N VAL C 1145 -52.33 -14.56 1.98
CA VAL C 1145 -52.77 -13.35 1.31
C VAL C 1145 -52.17 -13.38 -0.08
N PHE C 1146 -50.87 -13.57 -0.19
CA PHE C 1146 -50.20 -13.53 -1.49
C PHE C 1146 -50.46 -14.69 -2.43
N LEU C 1147 -51.03 -15.79 -1.94
CA LEU C 1147 -51.21 -16.98 -2.77
C LEU C 1147 -52.62 -17.57 -2.83
N TRP C 1148 -53.60 -16.96 -2.19
CA TRP C 1148 -54.97 -17.44 -2.25
C TRP C 1148 -55.90 -16.26 -2.45
N ALA C 1149 -55.58 -15.14 -1.85
CA ALA C 1149 -56.46 -14.01 -1.95
C ALA C 1149 -56.17 -13.23 -3.18
N MET C 1150 -54.95 -12.76 -3.29
CA MET C 1150 -54.61 -11.91 -4.40
C MET C 1150 -54.58 -12.59 -5.77
N LEU C 1151 -54.69 -13.92 -5.77
CA LEU C 1151 -54.67 -14.67 -7.04
C LEU C 1151 -56.04 -15.17 -7.46
N SER C 1152 -57.01 -15.14 -6.56
CA SER C 1152 -58.36 -15.55 -6.94
C SER C 1152 -58.96 -14.51 -7.85
N ILE C 1153 -59.44 -14.93 -9.02
CA ILE C 1153 -59.95 -13.98 -10.00
C ILE C 1153 -61.11 -13.08 -9.54
N PRO C 1154 -62.29 -13.64 -9.23
CA PRO C 1154 -63.37 -12.66 -9.13
C PRO C 1154 -63.25 -11.80 -7.89
N ARG C 1155 -63.14 -12.42 -6.72
CA ARG C 1155 -63.00 -11.69 -5.46
C ARG C 1155 -62.59 -12.71 -4.40
N PRO C 1156 -61.71 -12.32 -3.41
CA PRO C 1156 -61.47 -13.37 -2.41
C PRO C 1156 -62.78 -13.88 -1.84
N SER C 1157 -62.96 -15.19 -1.84
CA SER C 1157 -64.22 -15.76 -1.41
C SER C 1157 -64.51 -15.75 0.06
N LYS C 1158 -65.70 -16.23 0.44
CA LYS C 1158 -66.07 -16.31 1.84
C LYS C 1158 -65.05 -17.09 2.60
N ARG C 1159 -64.60 -18.20 2.05
CA ARG C 1159 -63.66 -19.05 2.75
C ARG C 1159 -62.37 -18.35 3.12
N PHE C 1160 -61.87 -17.43 2.32
CA PHE C 1160 -60.66 -16.72 2.74
C PHE C 1160 -60.98 -15.91 3.96
N TRP C 1161 -62.01 -15.10 3.89
CA TRP C 1161 -62.27 -14.24 5.01
C TRP C 1161 -62.58 -15.03 6.27
N MET C 1162 -63.35 -16.10 6.17
CA MET C 1162 -63.63 -16.92 7.34
C MET C 1162 -62.39 -17.61 7.89
N THR C 1163 -61.47 -18.02 7.03
CA THR C 1163 -60.23 -18.61 7.51
C THR C 1163 -59.47 -17.58 8.32
N ALA C 1164 -59.35 -16.37 7.81
CA ALA C 1164 -58.58 -15.37 8.50
C ALA C 1164 -59.17 -15.05 9.85
N ILE C 1165 -60.48 -14.94 9.93
CA ILE C 1165 -61.13 -14.67 11.20
C ILE C 1165 -60.85 -15.81 12.18
N VAL C 1166 -61.06 -17.06 11.77
CA VAL C 1166 -60.86 -18.18 12.66
C VAL C 1166 -59.42 -18.30 13.13
N PHE C 1167 -58.46 -18.21 12.22
CA PHE C 1167 -57.06 -18.25 12.63
C PHE C 1167 -56.69 -17.16 13.62
N THR C 1168 -57.14 -15.93 13.42
CA THR C 1168 -56.73 -14.87 14.33
C THR C 1168 -57.36 -15.04 15.69
N GLU C 1169 -58.54 -15.63 15.74
CA GLU C 1169 -59.15 -15.90 17.03
C GLU C 1169 -58.37 -16.96 17.75
N ILE C 1170 -57.94 -18.00 17.05
CA ILE C 1170 -57.20 -19.07 17.68
C ILE C 1170 -55.92 -18.53 18.27
N ALA C 1171 -55.15 -17.79 17.50
CA ALA C 1171 -53.89 -17.30 18.01
C ALA C 1171 -54.08 -16.47 19.25
N VAL C 1172 -55.13 -15.68 19.32
CA VAL C 1172 -55.42 -14.91 20.52
C VAL C 1172 -55.57 -15.84 21.71
N VAL C 1173 -56.43 -16.86 21.61
CA VAL C 1173 -56.62 -17.81 22.71
C VAL C 1173 -55.34 -18.53 23.08
N VAL C 1174 -54.61 -19.05 22.11
CA VAL C 1174 -53.38 -19.78 22.37
C VAL C 1174 -52.34 -18.93 23.12
N LYS C 1175 -52.11 -17.71 22.67
CA LYS C 1175 -51.17 -16.87 23.36
C LYS C 1175 -51.67 -16.44 24.72
N TYR C 1176 -52.99 -16.44 24.91
CA TYR C 1176 -53.56 -16.11 26.22
C TYR C 1176 -53.27 -17.21 27.22
N LEU C 1177 -53.36 -18.45 26.77
CA LEU C 1177 -53.17 -19.57 27.66
C LEU C 1177 -51.72 -19.81 28.01
N PHE C 1178 -50.81 -19.11 27.35
CA PHE C 1178 -49.40 -19.24 27.74
C PHE C 1178 -48.97 -18.05 28.59
N THR C 1210 -44.84 -12.50 28.10
CA THR C 1210 -44.48 -11.10 28.28
C THR C 1210 -45.70 -10.22 28.49
N ASP C 1211 -45.50 -8.92 28.41
CA ASP C 1211 -46.61 -8.00 28.56
C ASP C 1211 -47.34 -7.86 27.23
N GLY C 1212 -46.62 -7.42 26.20
CA GLY C 1212 -47.23 -7.24 24.91
C GLY C 1212 -47.54 -8.56 24.26
N TYR C 1213 -48.80 -8.77 23.88
CA TYR C 1213 -49.18 -10.01 23.21
C TYR C 1213 -50.41 -9.90 22.33
N ILE C 1214 -51.46 -9.22 22.78
CA ILE C 1214 -52.68 -9.21 21.99
C ILE C 1214 -53.17 -7.80 21.82
N LYS C 1215 -52.42 -6.96 21.13
CA LYS C 1215 -52.89 -5.60 20.84
C LYS C 1215 -53.09 -5.49 19.34
N TYR C 1216 -52.10 -5.92 18.58
CA TYR C 1216 -52.20 -5.86 17.14
C TYR C 1216 -53.21 -6.85 16.64
N ASP C 1217 -53.41 -7.93 17.35
CA ASP C 1217 -54.39 -8.91 16.95
C ASP C 1217 -55.81 -8.43 17.23
N LEU C 1218 -55.98 -7.45 18.10
CA LEU C 1218 -57.32 -6.91 18.32
C LEU C 1218 -57.64 -6.07 17.11
N VAL C 1219 -56.72 -5.23 16.67
CA VAL C 1219 -56.96 -4.47 15.46
C VAL C 1219 -57.28 -5.41 14.29
N GLN C 1220 -56.44 -6.41 14.05
CA GLN C 1220 -56.69 -7.34 12.97
C GLN C 1220 -58.10 -7.85 13.00
N LEU C 1221 -58.52 -8.50 14.09
CA LEU C 1221 -59.84 -9.10 14.13
C LEU C 1221 -60.95 -8.11 13.86
N MET C 1222 -60.79 -6.88 14.30
CA MET C 1222 -61.84 -5.89 14.12
C MET C 1222 -61.85 -5.34 12.71
N ALA C 1223 -60.73 -5.40 12.02
CA ALA C 1223 -60.71 -4.96 10.64
C ALA C 1223 -61.35 -5.99 9.76
N LEU C 1224 -61.18 -7.27 10.08
CA LEU C 1224 -61.72 -8.33 9.24
C LEU C 1224 -63.23 -8.42 9.42
N PHE C 1225 -63.72 -8.00 10.56
CA PHE C 1225 -65.15 -7.99 10.76
C PHE C 1225 -65.77 -6.74 10.17
N PHE C 1226 -64.98 -5.71 9.90
CA PHE C 1226 -65.52 -4.52 9.23
C PHE C 1226 -65.75 -4.90 7.78
N HIS C 1227 -64.75 -5.48 7.15
CA HIS C 1227 -64.91 -5.92 5.78
C HIS C 1227 -66.18 -6.70 5.65
N ARG C 1228 -66.38 -7.71 6.48
CA ARG C 1228 -67.56 -8.55 6.39
C ARG C 1228 -68.82 -7.73 6.32
N SER C 1229 -68.93 -6.71 7.15
CA SER C 1229 -70.12 -5.87 7.14
C SER C 1229 -70.33 -5.12 5.85
N GLN C 1230 -69.28 -4.64 5.21
CA GLN C 1230 -69.45 -4.01 3.89
C GLN C 1230 -69.82 -5.05 2.85
N LEU C 1231 -69.12 -6.19 2.84
CA LEU C 1231 -69.40 -7.26 1.89
C LEU C 1231 -70.68 -7.98 2.24
N LEU C 1232 -71.56 -7.33 2.99
CA LEU C 1232 -72.84 -7.94 3.32
C LEU C 1232 -73.91 -6.90 3.14
N CYS C 1233 -73.50 -5.66 3.03
CA CYS C 1233 -74.46 -4.59 2.80
C CYS C 1233 -74.61 -4.35 1.31
N TYR C 1234 -73.64 -4.82 0.51
CA TYR C 1234 -73.72 -4.69 -0.93
C TYR C 1234 -73.98 -6.04 -1.58
N ARG C 1371 -58.56 -32.04 -6.33
CA ARG C 1371 -59.62 -31.54 -7.21
C ARG C 1371 -59.90 -30.04 -7.09
N PRO C 1372 -60.16 -29.52 -5.87
CA PRO C 1372 -60.37 -28.07 -5.87
C PRO C 1372 -59.12 -27.28 -6.26
N LEU C 1373 -57.93 -27.79 -5.92
CA LEU C 1373 -56.70 -27.12 -6.28
C LEU C 1373 -56.60 -26.98 -7.78
N ARG C 1374 -56.85 -28.08 -8.50
CA ARG C 1374 -56.78 -28.04 -9.94
C ARG C 1374 -57.71 -26.99 -10.48
N ARG C 1375 -58.94 -26.96 -10.00
CA ARG C 1375 -59.90 -25.99 -10.48
C ARG C 1375 -59.46 -24.56 -10.23
N PHE C 1376 -58.99 -24.26 -9.02
CA PHE C 1376 -58.50 -22.92 -8.72
C PHE C 1376 -57.44 -22.54 -9.74
N PHE C 1377 -56.50 -23.44 -9.96
CA PHE C 1377 -55.42 -23.12 -10.87
C PHE C 1377 -55.91 -22.92 -12.30
N HIS C 1378 -56.83 -23.77 -12.73
CA HIS C 1378 -57.37 -23.66 -14.07
C HIS C 1378 -57.97 -22.30 -14.32
N ASP C 1379 -58.69 -21.78 -13.34
CA ASP C 1379 -59.30 -20.46 -13.48
C ASP C 1379 -58.23 -19.45 -13.81
N ILE C 1380 -57.24 -19.31 -12.94
CA ILE C 1380 -56.19 -18.32 -13.16
C ILE C 1380 -55.56 -18.50 -14.53
N LEU C 1381 -55.14 -19.73 -14.83
CA LEU C 1381 -54.47 -19.99 -16.10
C LEU C 1381 -55.34 -19.65 -17.29
N HIS C 1382 -56.55 -20.16 -17.32
CA HIS C 1382 -57.43 -19.91 -18.45
C HIS C 1382 -58.72 -19.28 -17.98
N THR C 1383 -58.80 -17.95 -18.08
CA THR C 1383 -60.03 -17.28 -17.70
C THR C 1383 -60.64 -16.58 -18.90
N LYS C 1384 -61.57 -15.66 -18.64
CA LYS C 1384 -62.22 -14.95 -19.73
C LYS C 1384 -62.29 -13.48 -19.39
N TYR C 1385 -62.45 -13.17 -18.11
CA TYR C 1385 -62.49 -11.77 -17.68
C TYR C 1385 -61.08 -11.31 -17.37
N ARG C 1386 -60.33 -10.92 -18.40
CA ARG C 1386 -58.95 -10.53 -18.21
C ARG C 1386 -58.66 -9.21 -18.89
N ALA C 1387 -58.78 -8.08 -18.19
CA ALA C 1387 -58.42 -6.85 -18.86
C ALA C 1387 -56.92 -6.76 -18.71
N ALA C 1388 -56.18 -6.70 -19.80
CA ALA C 1388 -54.73 -6.76 -19.69
C ALA C 1388 -53.99 -5.47 -19.38
N THR C 1389 -52.96 -5.56 -18.56
CA THR C 1389 -52.18 -4.38 -18.17
C THR C 1389 -50.72 -4.73 -18.11
N ASP C 1390 -49.85 -3.72 -18.11
CA ASP C 1390 -48.42 -3.95 -18.03
C ASP C 1390 -47.86 -3.26 -16.82
N VAL C 1391 -47.54 -4.01 -15.80
CA VAL C 1391 -46.95 -3.43 -14.61
C VAL C 1391 -45.52 -3.90 -14.43
N TYR C 1392 -44.74 -4.01 -15.50
CA TYR C 1392 -43.33 -4.37 -15.31
C TYR C 1392 -42.55 -3.16 -14.87
N ALA C 1393 -42.70 -2.05 -15.58
CA ALA C 1393 -42.02 -0.87 -15.12
C ALA C 1393 -41.94 -0.84 -13.62
N LEU C 1394 -43.08 -0.81 -12.94
CA LEU C 1394 -43.09 -0.69 -11.48
C LEU C 1394 -42.61 -1.91 -10.69
N MET C 1395 -42.98 -3.11 -11.08
CA MET C 1395 -42.46 -4.28 -10.41
C MET C 1395 -40.97 -4.11 -10.33
N PHE C 1396 -40.36 -3.50 -11.33
CA PHE C 1396 -38.93 -3.36 -11.34
C PHE C 1396 -38.43 -2.28 -10.41
N LEU C 1397 -39.10 -1.14 -10.39
CA LEU C 1397 -38.70 -0.10 -9.45
C LEU C 1397 -38.67 -0.60 -8.02
N ALA C 1398 -39.62 -1.43 -7.62
CA ALA C 1398 -39.58 -1.99 -6.27
C ALA C 1398 -38.31 -2.78 -6.09
N ASP C 1399 -37.96 -3.59 -7.09
CA ASP C 1399 -36.73 -4.34 -7.00
C ASP C 1399 -35.48 -3.46 -6.93
N VAL C 1400 -35.47 -2.33 -7.63
CA VAL C 1400 -34.34 -1.43 -7.52
C VAL C 1400 -34.26 -0.92 -6.11
N VAL C 1401 -35.35 -0.37 -5.58
CA VAL C 1401 -35.35 0.16 -4.23
C VAL C 1401 -34.83 -0.88 -3.24
N ASP C 1402 -35.31 -2.11 -3.32
CA ASP C 1402 -34.76 -3.12 -2.45
C ASP C 1402 -33.24 -3.19 -2.61
N PHE C 1403 -32.76 -3.48 -3.80
CA PHE C 1403 -31.32 -3.50 -4.03
C PHE C 1403 -30.65 -2.43 -3.21
N ILE C 1404 -31.07 -1.19 -3.37
CA ILE C 1404 -30.44 -0.09 -2.65
C ILE C 1404 -30.43 -0.30 -1.13
N ILE C 1405 -31.56 -0.64 -0.54
CA ILE C 1405 -31.60 -0.93 0.90
C ILE C 1405 -30.55 -1.95 1.32
N ILE C 1406 -30.53 -3.13 0.70
CA ILE C 1406 -29.51 -4.12 1.00
C ILE C 1406 -28.12 -3.51 0.97
N ILE C 1407 -27.78 -2.82 -0.11
CA ILE C 1407 -26.44 -2.25 -0.25
C ILE C 1407 -26.18 -1.16 0.77
N PHE C 1408 -26.97 -0.10 0.78
CA PHE C 1408 -26.71 1.02 1.67
C PHE C 1408 -26.67 0.57 3.10
N GLY C 1409 -27.72 -0.09 3.54
CA GLY C 1409 -27.72 -0.60 4.89
C GLY C 1409 -27.15 -2.00 4.92
N PHE C 1410 -25.84 -2.11 4.73
CA PHE C 1410 -25.20 -3.42 4.79
C PHE C 1410 -25.01 -3.84 6.24
N TRP C 1411 -25.07 -2.88 7.16
CA TRP C 1411 -24.89 -3.17 8.57
C TRP C 1411 -26.01 -4.04 9.13
N PRO C 1432 -19.44 -9.31 4.77
CA PRO C 1432 -20.48 -10.08 5.45
C PRO C 1432 -21.23 -11.01 4.52
N GLU C 1433 -21.17 -12.31 4.80
CA GLU C 1433 -21.80 -13.30 3.94
C GLU C 1433 -23.29 -13.08 3.73
N ALA C 1434 -24.02 -12.72 4.78
CA ALA C 1434 -25.45 -12.46 4.66
C ALA C 1434 -25.76 -11.48 3.55
N PHE C 1435 -25.20 -10.28 3.66
CA PHE C 1435 -25.41 -9.25 2.65
C PHE C 1435 -25.01 -9.77 1.28
N LEU C 1436 -23.85 -10.40 1.19
CA LEU C 1436 -23.35 -10.88 -0.09
C LEU C 1436 -24.33 -11.82 -0.76
N VAL C 1437 -24.80 -12.81 -0.03
CA VAL C 1437 -25.71 -13.77 -0.62
C VAL C 1437 -27.01 -13.10 -1.02
N MET C 1438 -27.54 -12.25 -0.15
CA MET C 1438 -28.79 -11.59 -0.47
C MET C 1438 -28.70 -10.72 -1.71
N LEU C 1439 -27.56 -10.06 -1.91
CA LEU C 1439 -27.40 -9.20 -3.07
C LEU C 1439 -27.48 -10.04 -4.31
N LEU C 1440 -26.78 -11.15 -4.34
CA LEU C 1440 -26.87 -12.04 -5.48
C LEU C 1440 -28.29 -12.52 -5.71
N ILE C 1441 -29.00 -12.85 -4.64
CA ILE C 1441 -30.37 -13.31 -4.78
C ILE C 1441 -31.21 -12.26 -5.49
N GLN C 1442 -31.17 -11.01 -5.01
CA GLN C 1442 -31.99 -9.98 -5.62
C GLN C 1442 -31.64 -9.81 -7.07
N PHE C 1443 -30.36 -9.78 -7.40
CA PHE C 1443 -29.96 -9.68 -8.79
C PHE C 1443 -30.55 -10.82 -9.61
N SER C 1444 -30.45 -12.04 -9.13
CA SER C 1444 -30.93 -13.16 -9.90
C SER C 1444 -32.45 -13.18 -10.08
N THR C 1445 -33.20 -12.67 -9.13
CA THR C 1445 -34.64 -12.60 -9.32
C THR C 1445 -34.98 -11.64 -10.44
N MET C 1446 -34.26 -10.51 -10.51
CA MET C 1446 -34.53 -9.53 -11.54
C MET C 1446 -34.31 -10.09 -12.93
N VAL C 1447 -33.28 -10.89 -13.12
CA VAL C 1447 -33.03 -11.50 -14.41
C VAL C 1447 -34.16 -12.44 -14.82
N VAL C 1448 -34.59 -13.30 -13.91
CA VAL C 1448 -35.68 -14.22 -14.22
C VAL C 1448 -36.96 -13.46 -14.55
N ASP C 1449 -37.20 -12.37 -13.83
CA ASP C 1449 -38.38 -11.57 -14.09
C ASP C 1449 -38.42 -11.05 -15.51
N ARG C 1450 -37.30 -10.50 -16.00
CA ARG C 1450 -37.24 -10.01 -17.36
C ARG C 1450 -37.56 -11.11 -18.33
N ALA C 1451 -37.08 -12.32 -18.07
CA ALA C 1451 -37.30 -13.41 -19.00
C ALA C 1451 -38.76 -13.73 -19.18
N LEU C 1452 -39.48 -13.81 -18.08
CA LEU C 1452 -40.90 -14.12 -18.15
C LEU C 1452 -41.72 -12.99 -18.74
N TYR C 1453 -41.22 -11.76 -18.69
CA TYR C 1453 -41.91 -10.66 -19.30
C TYR C 1453 -41.77 -10.77 -20.79
N LEU C 1454 -40.54 -10.88 -21.28
CA LEU C 1454 -40.30 -10.91 -22.72
C LEU C 1454 -40.84 -12.15 -23.40
N ARG C 1455 -40.98 -13.25 -22.67
CA ARG C 1455 -41.50 -14.48 -23.24
C ARG C 1455 -42.97 -14.61 -22.96
N LYS C 1456 -43.56 -13.65 -22.27
CA LYS C 1456 -45.00 -13.65 -21.97
C LYS C 1456 -45.59 -14.94 -21.46
N THR C 1457 -45.18 -15.40 -20.29
CA THR C 1457 -45.72 -16.62 -19.71
C THR C 1457 -46.43 -16.30 -18.42
N VAL C 1458 -47.69 -16.67 -18.29
CA VAL C 1458 -48.41 -16.44 -17.05
C VAL C 1458 -48.22 -17.61 -16.12
N LEU C 1459 -48.06 -18.79 -16.68
CA LEU C 1459 -47.82 -19.97 -15.87
C LEU C 1459 -46.46 -19.88 -15.21
N GLY C 1460 -45.48 -19.34 -15.92
CA GLY C 1460 -44.17 -19.18 -15.35
C GLY C 1460 -44.15 -18.16 -14.24
N LYS C 1461 -44.91 -17.08 -14.40
CA LYS C 1461 -44.98 -16.07 -13.37
C LYS C 1461 -45.69 -16.63 -12.15
N LEU C 1462 -46.70 -17.46 -12.33
CA LEU C 1462 -47.37 -18.08 -11.19
C LEU C 1462 -46.39 -18.89 -10.40
N ALA C 1463 -45.64 -19.76 -11.06
CA ALA C 1463 -44.65 -20.57 -10.38
C ALA C 1463 -43.57 -19.77 -9.68
N PHE C 1464 -43.08 -18.71 -10.32
CA PHE C 1464 -42.07 -17.85 -9.69
C PHE C 1464 -42.64 -17.20 -8.44
N GLN C 1465 -43.89 -16.76 -8.49
CA GLN C 1465 -44.51 -16.18 -7.31
C GLN C 1465 -44.57 -17.20 -6.19
N VAL C 1466 -45.14 -18.37 -6.45
CA VAL C 1466 -45.28 -19.38 -5.41
C VAL C 1466 -43.94 -19.64 -4.76
N ALA C 1467 -42.93 -19.95 -5.55
CA ALA C 1467 -41.61 -20.21 -5.02
C ALA C 1467 -41.11 -19.06 -4.18
N LEU C 1468 -41.04 -17.87 -4.76
CA LEU C 1468 -40.47 -16.74 -4.03
C LEU C 1468 -41.21 -16.39 -2.74
N VAL C 1469 -42.53 -16.47 -2.73
CA VAL C 1469 -43.29 -16.10 -1.53
C VAL C 1469 -42.83 -17.02 -0.42
N LEU C 1470 -42.89 -18.32 -0.66
CA LEU C 1470 -42.52 -19.27 0.37
C LEU C 1470 -41.08 -19.10 0.79
N ALA C 1471 -40.17 -18.97 -0.17
CA ALA C 1471 -38.77 -18.88 0.16
C ALA C 1471 -38.39 -17.68 1.01
N ILE C 1472 -38.90 -16.50 0.67
CA ILE C 1472 -38.53 -15.31 1.40
C ILE C 1472 -39.16 -15.37 2.79
N HIS C 1473 -40.39 -15.85 2.86
CA HIS C 1473 -41.07 -15.92 4.14
C HIS C 1473 -40.43 -16.93 5.08
N LEU C 1474 -39.65 -17.86 4.54
CA LEU C 1474 -38.96 -18.80 5.40
C LEU C 1474 -37.57 -18.28 5.71
N TRP C 1475 -36.81 -17.90 4.69
CA TRP C 1475 -35.43 -17.45 4.90
C TRP C 1475 -35.33 -16.28 5.84
N MET C 1476 -36.19 -15.29 5.68
CA MET C 1476 -36.07 -14.10 6.48
C MET C 1476 -36.70 -14.24 7.84
N PHE C 1477 -37.36 -15.36 8.11
CA PHE C 1477 -38.06 -15.48 9.37
C PHE C 1477 -37.66 -16.71 10.16
N PHE C 1478 -36.68 -17.46 9.67
CA PHE C 1478 -36.18 -18.62 10.40
C PHE C 1478 -34.68 -18.64 10.29
N ILE C 1479 -34.16 -18.77 9.08
CA ILE C 1479 -32.73 -18.83 8.87
C ILE C 1479 -32.00 -17.56 9.26
N LEU C 1480 -32.18 -16.51 8.47
CA LEU C 1480 -31.51 -15.24 8.76
C LEU C 1480 -31.56 -14.79 10.22
N PRO C 1481 -32.74 -14.73 10.85
CA PRO C 1481 -32.66 -14.30 12.25
C PRO C 1481 -32.40 -15.48 13.16
N ASN C 1491 -34.39 -4.37 13.81
CA ASN C 1491 -33.76 -4.30 12.51
C ASN C 1491 -34.64 -3.53 11.54
N VAL C 1492 -34.44 -2.23 11.46
CA VAL C 1492 -35.24 -1.40 10.57
C VAL C 1492 -34.97 -1.71 9.11
N VAL C 1493 -33.73 -2.01 8.78
CA VAL C 1493 -33.39 -2.35 7.42
C VAL C 1493 -34.19 -3.56 6.96
N ALA C 1494 -34.15 -4.66 7.70
CA ALA C 1494 -34.84 -5.84 7.24
C ALA C 1494 -36.33 -5.68 7.33
N GLN C 1495 -36.80 -4.76 8.17
CA GLN C 1495 -38.22 -4.51 8.24
C GLN C 1495 -38.67 -3.84 6.97
N LEU C 1496 -37.88 -2.90 6.46
CA LEU C 1496 -38.22 -2.30 5.18
C LEU C 1496 -38.10 -3.34 4.10
N TRP C 1497 -36.90 -3.84 3.85
CA TRP C 1497 -36.77 -4.79 2.77
C TRP C 1497 -38.06 -5.55 2.68
N TYR C 1498 -38.63 -5.93 3.79
CA TYR C 1498 -39.84 -6.75 3.72
C TYR C 1498 -41.02 -5.98 3.16
N PHE C 1499 -41.27 -4.79 3.66
CA PHE C 1499 -42.37 -4.00 3.13
C PHE C 1499 -42.24 -3.79 1.63
N VAL C 1500 -41.05 -3.48 1.15
CA VAL C 1500 -40.90 -3.22 -0.27
C VAL C 1500 -41.02 -4.50 -1.07
N LYS C 1501 -40.62 -5.63 -0.53
CA LYS C 1501 -40.82 -6.89 -1.25
C LYS C 1501 -42.27 -7.31 -1.21
N CYS C 1502 -43.02 -6.86 -0.22
CA CYS C 1502 -44.44 -7.15 -0.19
C CYS C 1502 -45.15 -6.40 -1.28
N ILE C 1503 -44.72 -5.18 -1.57
CA ILE C 1503 -45.31 -4.44 -2.67
C ILE C 1503 -44.99 -5.14 -4.00
N TYR C 1504 -43.82 -5.75 -4.12
CA TYR C 1504 -43.51 -6.49 -5.34
C TYR C 1504 -44.44 -7.67 -5.50
N PHE C 1505 -44.73 -8.39 -4.42
CA PHE C 1505 -45.56 -9.58 -4.55
C PHE C 1505 -46.98 -9.21 -4.87
N ALA C 1506 -47.41 -8.03 -4.47
CA ALA C 1506 -48.75 -7.58 -4.78
C ALA C 1506 -48.90 -7.21 -6.23
N LEU C 1507 -47.95 -6.45 -6.75
CA LEU C 1507 -48.00 -6.02 -8.13
C LEU C 1507 -47.83 -7.20 -9.06
N SER C 1508 -47.03 -8.18 -8.67
CA SER C 1508 -46.87 -9.37 -9.48
C SER C 1508 -48.17 -10.08 -9.62
N ALA C 1509 -48.91 -10.23 -8.53
CA ALA C 1509 -50.19 -10.93 -8.55
C ALA C 1509 -51.20 -10.25 -9.40
N TYR C 1510 -51.15 -8.93 -9.50
CA TYR C 1510 -52.04 -8.23 -10.39
C TYR C 1510 -51.76 -8.66 -11.81
N GLN C 1511 -50.50 -8.78 -12.20
CA GLN C 1511 -50.16 -9.23 -13.54
C GLN C 1511 -50.57 -10.68 -13.85
N ILE C 1512 -50.43 -11.60 -12.89
CA ILE C 1512 -50.88 -12.98 -13.12
C ILE C 1512 -52.39 -13.08 -13.20
N ARG C 1513 -53.10 -12.13 -12.63
CA ARG C 1513 -54.54 -12.14 -12.68
C ARG C 1513 -55.07 -11.39 -13.88
N CYS C 1514 -54.31 -10.42 -14.37
CA CYS C 1514 -54.80 -9.60 -15.47
C CYS C 1514 -54.30 -10.03 -16.84
N GLY C 1515 -53.13 -10.64 -16.92
CA GLY C 1515 -52.61 -11.10 -18.19
C GLY C 1515 -51.73 -10.09 -18.86
N TYR C 1516 -50.83 -10.55 -19.72
CA TYR C 1516 -49.91 -9.66 -20.40
C TYR C 1516 -50.60 -9.08 -21.61
N PRO C 1517 -50.22 -7.86 -22.04
CA PRO C 1517 -50.85 -7.24 -23.21
C PRO C 1517 -50.35 -7.80 -24.54
N THR C 1518 -50.45 -7.04 -25.62
CA THR C 1518 -49.94 -7.48 -26.91
C THR C 1518 -48.61 -6.86 -27.24
N ARG C 1519 -48.50 -5.55 -27.03
CA ARG C 1519 -47.26 -4.86 -27.28
C ARG C 1519 -46.44 -4.66 -26.02
N ILE C 1520 -45.47 -5.53 -25.80
CA ILE C 1520 -44.63 -5.41 -24.64
C ILE C 1520 -43.25 -4.86 -24.97
N LEU C 1521 -42.92 -4.71 -26.24
CA LEU C 1521 -41.55 -4.29 -26.56
C LEU C 1521 -41.44 -2.78 -26.58
N GLY C 1522 -40.22 -2.27 -26.43
CA GLY C 1522 -40.01 -0.84 -26.45
C GLY C 1522 -39.25 -0.42 -25.22
N ASN C 1523 -39.31 0.84 -24.86
CA ASN C 1523 -38.66 1.29 -23.65
C ASN C 1523 -39.72 1.91 -22.79
N PHE C 1524 -39.30 2.55 -21.69
CA PHE C 1524 -40.25 3.17 -20.80
C PHE C 1524 -40.11 4.66 -20.84
N LEU C 1525 -38.92 5.16 -21.17
CA LEU C 1525 -38.72 6.59 -21.09
C LEU C 1525 -38.76 7.20 -22.46
N THR C 1526 -38.84 6.38 -23.51
CA THR C 1526 -38.82 6.91 -24.86
C THR C 1526 -40.20 6.98 -25.47
N LYS C 1527 -41.18 7.44 -24.71
CA LYS C 1527 -42.53 7.50 -25.22
C LYS C 1527 -42.93 8.93 -25.41
N LYS C 1528 -42.42 9.80 -24.56
CA LYS C 1528 -42.72 11.20 -24.71
C LYS C 1528 -41.43 11.92 -24.87
N TYR C 1529 -41.42 12.95 -25.70
CA TYR C 1529 -40.18 13.65 -25.99
C TYR C 1529 -40.09 14.98 -25.29
N ASN C 1530 -39.93 14.98 -23.98
CA ASN C 1530 -39.91 16.22 -23.24
C ASN C 1530 -38.53 16.56 -22.76
N HIS C 1531 -38.43 16.95 -21.50
CA HIS C 1531 -37.15 17.29 -20.93
C HIS C 1531 -36.88 16.35 -19.79
N LEU C 1532 -37.93 15.96 -19.08
CA LEU C 1532 -37.75 14.99 -18.02
C LEU C 1532 -37.26 13.71 -18.63
N ASN C 1533 -37.90 13.28 -19.71
CA ASN C 1533 -37.52 12.04 -20.34
C ASN C 1533 -36.06 12.05 -20.75
N LEU C 1534 -35.58 13.15 -21.30
CA LEU C 1534 -34.21 13.21 -21.74
C LEU C 1534 -33.29 13.00 -20.57
N PHE C 1535 -33.56 13.66 -19.46
CA PHE C 1535 -32.65 13.57 -18.35
C PHE C 1535 -32.68 12.22 -17.65
N LEU C 1536 -33.80 11.55 -17.67
CA LEU C 1536 -33.85 10.23 -17.09
C LEU C 1536 -33.20 9.22 -18.00
N PHE C 1537 -33.38 9.36 -19.31
CA PHE C 1537 -32.74 8.46 -20.25
C PHE C 1537 -31.26 8.57 -20.08
N GLN C 1538 -30.73 9.78 -20.11
CA GLN C 1538 -29.30 9.96 -20.02
C GLN C 1538 -28.76 9.46 -18.70
N GLY C 1539 -29.52 9.61 -17.63
CA GLY C 1539 -29.10 9.11 -16.35
C GLY C 1539 -29.03 7.60 -16.27
N PHE C 1540 -29.99 6.94 -16.90
CA PHE C 1540 -30.01 5.48 -16.90
C PHE C 1540 -28.79 4.95 -17.63
N ARG C 1541 -28.34 5.68 -18.65
CA ARG C 1541 -27.18 5.26 -19.40
C ARG C 1541 -25.92 5.36 -18.57
N LEU C 1542 -25.89 6.26 -17.59
CA LEU C 1542 -24.69 6.45 -16.78
C LEU C 1542 -24.42 5.36 -15.73
N VAL C 1543 -25.46 4.73 -15.20
CA VAL C 1543 -25.29 3.64 -14.24
C VAL C 1543 -24.46 2.57 -14.91
N PRO C 1544 -23.33 2.18 -14.31
CA PRO C 1544 -22.47 1.23 -15.00
C PRO C 1544 -23.04 -0.17 -15.27
N PHE C 1545 -23.20 -0.54 -16.54
CA PHE C 1545 -23.62 -1.91 -16.87
C PHE C 1545 -25.08 -2.10 -17.23
N LEU C 1546 -25.94 -1.17 -16.85
CA LEU C 1546 -27.36 -1.33 -17.11
C LEU C 1546 -27.67 -1.41 -18.59
N VAL C 1547 -27.21 -0.44 -19.35
CA VAL C 1547 -27.47 -0.43 -20.79
C VAL C 1547 -27.05 -1.71 -21.46
N GLU C 1548 -25.87 -2.21 -21.13
CA GLU C 1548 -25.38 -3.41 -21.75
C GLU C 1548 -26.19 -4.65 -21.40
N LEU C 1549 -26.49 -4.84 -20.12
CA LEU C 1549 -27.21 -6.03 -19.70
C LEU C 1549 -28.61 -6.06 -20.26
N ARG C 1550 -29.24 -4.91 -20.39
CA ARG C 1550 -30.55 -4.87 -20.99
C ARG C 1550 -30.44 -5.42 -22.39
N ALA C 1551 -29.51 -4.92 -23.17
CA ALA C 1551 -29.42 -5.34 -24.56
C ALA C 1551 -29.23 -6.82 -24.76
N VAL C 1552 -28.29 -7.42 -24.05
CA VAL C 1552 -28.03 -8.83 -24.22
C VAL C 1552 -29.22 -9.63 -23.75
N MET C 1553 -29.82 -9.26 -22.63
CA MET C 1553 -30.94 -10.00 -22.10
C MET C 1553 -32.11 -9.99 -23.07
N ASP C 1554 -32.37 -8.85 -23.69
CA ASP C 1554 -33.47 -8.78 -24.58
C ASP C 1554 -33.19 -9.60 -25.82
N TRP C 1555 -31.93 -9.79 -26.17
CA TRP C 1555 -31.62 -10.52 -27.36
C TRP C 1555 -31.91 -11.96 -27.11
N VAL C 1556 -31.40 -12.50 -26.03
CA VAL C 1556 -31.56 -13.93 -25.76
C VAL C 1556 -33.03 -14.32 -25.78
N TRP C 1557 -33.92 -13.54 -25.17
CA TRP C 1557 -35.32 -13.91 -25.08
C TRP C 1557 -36.28 -13.47 -26.18
N THR C 1558 -35.98 -12.42 -26.92
CA THR C 1558 -36.85 -12.04 -28.04
C THR C 1558 -36.44 -12.79 -29.28
N ASP C 1559 -37.38 -13.11 -30.15
CA ASP C 1559 -37.08 -13.87 -31.35
C ASP C 1559 -36.64 -12.96 -32.48
N THR C 1560 -35.39 -13.09 -32.90
CA THR C 1560 -34.88 -12.20 -33.91
C THR C 1560 -34.07 -12.98 -34.92
N THR C 1561 -33.87 -12.43 -36.11
CA THR C 1561 -33.08 -13.09 -37.12
C THR C 1561 -31.68 -12.55 -37.12
N LEU C 1562 -31.43 -11.47 -36.40
CA LEU C 1562 -30.13 -10.83 -36.38
C LEU C 1562 -29.23 -11.39 -35.31
N SER C 1563 -27.93 -11.11 -35.39
CA SER C 1563 -26.98 -11.63 -34.43
C SER C 1563 -26.90 -10.76 -33.21
N LEU C 1564 -25.73 -10.65 -32.60
CA LEU C 1564 -25.62 -9.73 -31.48
C LEU C 1564 -24.97 -8.48 -31.94
N SER C 1565 -24.05 -8.58 -32.88
CA SER C 1565 -23.44 -7.38 -33.41
C SER C 1565 -24.50 -6.52 -34.01
N SER C 1566 -25.39 -7.12 -34.80
CA SER C 1566 -26.42 -6.35 -35.46
C SER C 1566 -27.53 -5.91 -34.55
N TRP C 1567 -27.84 -6.67 -33.52
CA TRP C 1567 -28.83 -6.23 -32.58
C TRP C 1567 -28.32 -5.00 -31.96
N MET C 1568 -27.08 -4.99 -31.50
CA MET C 1568 -26.59 -3.84 -30.78
C MET C 1568 -26.33 -2.62 -31.62
N CYS C 1569 -26.34 -2.75 -32.94
CA CYS C 1569 -26.19 -1.59 -33.78
C CYS C 1569 -27.54 -0.97 -34.03
N VAL C 1570 -28.62 -1.74 -33.95
CA VAL C 1570 -29.96 -1.17 -34.07
C VAL C 1570 -30.32 -0.45 -32.79
N GLU C 1571 -29.88 -0.98 -31.67
CA GLU C 1571 -30.16 -0.33 -30.40
C GLU C 1571 -29.38 0.97 -30.20
N ASP C 1572 -28.22 1.11 -30.84
CA ASP C 1572 -27.47 2.35 -30.71
C ASP C 1572 -28.04 3.42 -31.60
N ILE C 1573 -28.42 3.09 -32.82
CA ILE C 1573 -29.03 4.06 -33.68
C ILE C 1573 -30.25 4.62 -32.97
N TYR C 1574 -31.05 3.80 -32.31
CA TYR C 1574 -32.27 4.29 -31.66
C TYR C 1574 -32.00 5.19 -30.49
N ALA C 1575 -31.02 4.88 -29.67
CA ALA C 1575 -30.70 5.75 -28.57
C ALA C 1575 -30.31 7.13 -29.02
N ASN C 1576 -29.48 7.23 -30.05
CA ASN C 1576 -29.03 8.53 -30.49
C ASN C 1576 -30.06 9.30 -31.29
N ILE C 1577 -30.95 8.62 -31.99
CA ILE C 1577 -32.00 9.31 -32.71
C ILE C 1577 -33.01 9.84 -31.70
N PHE C 1578 -33.17 9.18 -30.57
CA PHE C 1578 -34.06 9.68 -29.54
C PHE C 1578 -33.49 10.97 -28.99
N ILE C 1579 -32.22 10.98 -28.61
CA ILE C 1579 -31.68 12.17 -27.99
C ILE C 1579 -31.74 13.38 -28.91
N ILE C 1580 -31.50 13.19 -30.20
CA ILE C 1580 -31.63 14.31 -31.13
C ILE C 1580 -33.08 14.73 -31.17
N LYS C 1581 -34.03 13.80 -31.16
CA LYS C 1581 -35.43 14.18 -31.27
C LYS C 1581 -35.85 15.01 -30.09
N CYS C 1582 -35.44 14.64 -28.89
CA CYS C 1582 -35.77 15.44 -27.72
C CYS C 1582 -35.25 16.86 -27.82
N SER C 1583 -34.02 17.05 -28.26
CA SER C 1583 -33.47 18.38 -28.41
C SER C 1583 -34.12 19.19 -29.50
N ARG C 1584 -34.57 18.55 -30.55
CA ARG C 1584 -35.24 19.27 -31.62
C ARG C 1584 -36.58 19.78 -31.12
N GLU C 1585 -37.25 18.99 -30.29
CA GLU C 1585 -38.50 19.46 -29.72
C GLU C 1585 -38.31 20.67 -28.82
N THR C 1586 -37.38 20.60 -27.87
CA THR C 1586 -37.24 21.72 -26.96
C THR C 1586 -36.98 23.01 -27.71
N GLU C 1587 -36.31 22.94 -28.84
CA GLU C 1587 -35.98 24.17 -29.56
C GLU C 1587 -37.07 24.60 -30.49
N LYS C 1588 -38.23 23.98 -30.40
CA LYS C 1588 -39.36 24.42 -31.20
C LYS C 1588 -40.34 25.02 -30.21
N LYS C 1589 -40.32 24.52 -28.99
CA LYS C 1589 -41.20 25.03 -27.97
C LYS C 1589 -40.67 26.32 -27.43
N TYR C 1590 -39.35 26.40 -27.29
CA TYR C 1590 -38.72 27.60 -26.76
C TYR C 1590 -37.73 28.17 -27.74
N PRO C 1591 -38.20 28.85 -28.78
CA PRO C 1591 -37.25 29.30 -29.80
C PRO C 1591 -36.35 30.43 -29.36
N GLN C 1592 -35.26 30.66 -30.07
CA GLN C 1592 -34.35 31.76 -29.75
C GLN C 1592 -34.19 32.61 -30.99
N PRO C 1593 -34.24 33.94 -30.83
CA PRO C 1593 -34.16 34.84 -31.99
C PRO C 1593 -32.87 34.73 -32.78
N LYS C 1594 -32.94 35.11 -34.05
CA LYS C 1594 -31.75 35.09 -34.88
C LYS C 1594 -30.76 36.11 -34.42
N GLY C 1595 -29.53 35.69 -34.15
CA GLY C 1595 -28.50 36.66 -33.90
C GLY C 1595 -28.54 37.20 -32.50
N GLN C 1596 -28.93 36.34 -31.57
CA GLN C 1596 -29.04 36.78 -30.19
C GLN C 1596 -27.98 36.10 -29.37
N LYS C 1597 -27.14 36.88 -28.71
CA LYS C 1597 -26.07 36.33 -27.92
C LYS C 1597 -26.55 35.44 -26.81
N LYS C 1598 -25.81 34.38 -26.52
CA LYS C 1598 -26.17 33.51 -25.43
C LYS C 1598 -26.07 34.31 -24.15
N LYS C 1599 -27.06 34.23 -23.28
CA LYS C 1599 -27.07 35.05 -22.08
C LYS C 1599 -25.91 34.79 -21.15
N LYS C 1600 -25.38 35.84 -20.54
CA LYS C 1600 -24.21 35.70 -19.67
C LYS C 1600 -24.36 34.71 -18.53
N ILE C 1601 -25.55 34.61 -17.95
CA ILE C 1601 -25.77 33.68 -16.85
C ILE C 1601 -25.47 32.24 -17.27
N VAL C 1602 -26.02 31.80 -18.40
CA VAL C 1602 -25.79 30.44 -18.87
C VAL C 1602 -24.32 30.19 -19.03
N LYS C 1603 -23.63 31.13 -19.67
CA LYS C 1603 -22.21 30.98 -19.90
C LYS C 1603 -21.48 30.86 -18.60
N TYR C 1604 -21.66 31.80 -17.68
CA TYR C 1604 -20.91 31.80 -16.44
C TYR C 1604 -21.21 30.60 -15.57
N GLY C 1605 -22.39 30.03 -15.70
CA GLY C 1605 -22.73 28.85 -14.95
C GLY C 1605 -22.01 27.63 -15.47
N MET C 1606 -22.26 27.28 -16.71
CA MET C 1606 -21.65 26.09 -17.30
C MET C 1606 -20.14 26.20 -17.27
N GLY C 1607 -19.62 27.26 -17.86
CA GLY C 1607 -18.19 27.45 -17.88
C GLY C 1607 -17.60 27.44 -16.49
N GLY C 1608 -18.20 28.17 -15.57
CA GLY C 1608 -17.69 28.23 -14.23
C GLY C 1608 -17.45 26.87 -13.61
N LEU C 1609 -18.45 26.01 -13.68
CA LEU C 1609 -18.32 24.68 -13.11
C LEU C 1609 -17.15 23.94 -13.70
N ILE C 1610 -17.02 23.95 -15.03
CA ILE C 1610 -15.96 23.21 -15.67
C ILE C 1610 -14.62 23.69 -15.19
N ILE C 1611 -14.39 25.00 -15.19
CA ILE C 1611 -13.13 25.54 -14.74
C ILE C 1611 -12.84 25.07 -13.31
N LEU C 1612 -13.82 25.18 -12.43
CA LEU C 1612 -13.64 24.75 -11.05
C LEU C 1612 -13.24 23.30 -10.94
N PHE C 1613 -13.88 22.42 -11.71
CA PHE C 1613 -13.54 21.01 -11.67
C PHE C 1613 -12.08 20.79 -11.99
N LEU C 1614 -11.55 21.53 -12.95
CA LEU C 1614 -10.15 21.36 -13.34
C LEU C 1614 -9.21 21.77 -12.22
N ILE C 1615 -9.51 22.86 -11.54
CA ILE C 1615 -8.67 23.26 -10.41
C ILE C 1615 -8.74 22.21 -9.30
N ALA C 1616 -9.92 21.63 -9.11
CA ALA C 1616 -10.09 20.64 -8.06
C ALA C 1616 -9.58 19.27 -8.45
N ILE C 1617 -9.03 19.13 -9.65
CA ILE C 1617 -8.43 17.86 -10.04
C ILE C 1617 -6.93 18.04 -10.07
N ILE C 1618 -6.47 19.23 -9.75
CA ILE C 1618 -5.04 19.49 -9.69
C ILE C 1618 -4.63 19.90 -8.28
N TRP C 1619 -5.15 21.02 -7.80
CA TRP C 1619 -4.74 21.52 -6.50
C TRP C 1619 -5.32 20.76 -5.33
N PHE C 1620 -6.62 20.54 -5.33
CA PHE C 1620 -7.25 19.88 -4.16
C PHE C 1620 -6.64 18.56 -3.69
N PRO C 1621 -6.32 17.63 -4.61
CA PRO C 1621 -5.64 16.43 -4.11
C PRO C 1621 -4.42 16.77 -3.27
N LEU C 1622 -3.52 17.59 -3.79
CA LEU C 1622 -2.34 18.00 -3.04
C LEU C 1622 -2.72 18.59 -1.71
N LEU C 1623 -3.68 19.51 -1.69
CA LEU C 1623 -4.10 20.14 -0.45
C LEU C 1623 -4.49 19.11 0.60
N PHE C 1624 -5.30 18.13 0.24
CA PHE C 1624 -5.76 17.12 1.20
C PHE C 1624 -4.62 16.31 1.77
N MET C 1625 -3.66 15.94 0.93
CA MET C 1625 -2.51 15.20 1.41
C MET C 1625 -1.72 16.04 2.40
N SER C 1626 -1.55 17.32 2.12
CA SER C 1626 -0.84 18.22 3.02
C SER C 1626 -1.61 18.48 4.30
N LEU C 1627 -2.93 18.37 4.25
CA LEU C 1627 -3.73 18.54 5.46
C LEU C 1627 -3.46 17.37 6.39
N VAL C 1628 -3.33 16.17 5.82
CA VAL C 1628 -3.06 14.98 6.61
C VAL C 1628 -1.76 15.20 7.37
N ARG C 1629 -0.79 15.85 6.73
CA ARG C 1629 0.51 16.05 7.34
C ARG C 1629 0.55 17.00 8.53
N SER C 1630 -0.56 17.68 8.81
CA SER C 1630 -0.61 18.57 9.96
C SER C 1630 -1.02 17.81 11.22
N VAL C 1631 -0.09 17.10 11.83
CA VAL C 1631 -0.38 16.33 13.03
C VAL C 1631 0.63 16.63 14.14
N VAL C 1632 0.63 15.83 15.21
CA VAL C 1632 1.52 16.06 16.34
C VAL C 1632 2.38 14.86 16.72
N GLY C 1633 3.30 15.07 17.66
CA GLY C 1633 4.11 13.99 18.24
C GLY C 1633 3.82 13.83 19.71
N VAL C 1634 4.13 12.67 20.28
CA VAL C 1634 3.80 12.41 21.67
C VAL C 1634 5.01 12.39 22.60
N VAL C 1635 4.90 13.05 23.75
CA VAL C 1635 5.99 13.07 24.73
C VAL C 1635 6.10 11.69 25.39
N ASN C 1636 7.01 10.83 24.91
CA ASN C 1636 7.27 9.54 25.53
C ASN C 1636 8.41 9.67 26.56
N GLN C 1637 8.05 10.17 27.73
CA GLN C 1637 8.93 10.18 28.91
C GLN C 1637 9.26 8.75 29.34
N PRO C 1638 10.49 8.46 29.77
CA PRO C 1638 10.81 7.16 30.35
C PRO C 1638 9.94 6.86 31.58
N ILE C 1639 9.54 5.60 31.73
CA ILE C 1639 8.85 5.05 32.91
C ILE C 1639 9.87 4.66 33.98
N ASP C 1640 10.99 4.08 33.54
CA ASP C 1640 12.11 3.65 34.37
C ASP C 1640 13.43 4.10 33.72
N VAL C 1641 14.33 4.63 34.55
CA VAL C 1641 15.70 4.99 34.21
C VAL C 1641 16.62 4.09 35.03
N THR C 1642 17.01 2.97 34.43
CA THR C 1642 17.90 1.99 35.07
C THR C 1642 19.35 2.31 34.79
N VAL C 1643 20.13 2.47 35.85
CA VAL C 1643 21.55 2.86 35.80
C VAL C 1643 22.39 1.84 36.55
N THR C 1644 23.48 1.39 35.93
CA THR C 1644 24.42 0.44 36.55
C THR C 1644 25.86 0.91 36.42
N LEU C 1645 26.64 0.74 37.49
CA LEU C 1645 28.09 0.93 37.47
C LEU C 1645 28.77 -0.41 37.67
N LYS C 1646 29.43 -0.93 36.62
CA LYS C 1646 30.07 -2.24 36.60
C LYS C 1646 31.58 -2.09 36.47
N LEU C 1647 32.34 -2.70 37.38
CA LEU C 1647 33.79 -2.80 37.24
C LEU C 1647 34.17 -4.11 36.53
N GLY C 1648 34.67 -3.99 35.30
CA GLY C 1648 35.15 -5.10 34.48
C GLY C 1648 34.12 -6.22 34.30
N GLY C 1649 34.57 -7.46 34.52
CA GLY C 1649 33.71 -8.64 34.47
C GLY C 1649 32.74 -8.78 35.65
N TYR C 1650 33.04 -8.16 36.80
CA TYR C 1650 32.42 -8.42 38.10
C TYR C 1650 30.97 -7.96 38.22
N GLU C 1651 30.26 -8.42 39.25
CA GLU C 1651 28.89 -7.97 39.53
C GLU C 1651 28.84 -6.43 39.66
N PRO C 1652 27.81 -5.75 39.13
CA PRO C 1652 27.72 -4.29 39.23
C PRO C 1652 27.87 -3.82 40.68
N LEU C 1653 28.69 -2.79 40.88
CA LEU C 1653 28.93 -2.19 42.19
C LEU C 1653 27.65 -1.48 42.65
N PHE C 1654 27.02 -0.77 41.72
CA PHE C 1654 25.81 0.00 41.94
C PHE C 1654 24.78 -0.34 40.87
N THR C 1655 23.53 -0.53 41.29
CA THR C 1655 22.35 -0.60 40.42
C THR C 1655 21.21 0.20 41.02
N MET C 1656 20.59 1.09 40.26
CA MET C 1656 19.41 1.84 40.67
C MET C 1656 18.44 2.00 39.50
N SER C 1657 17.14 1.93 39.80
CA SER C 1657 16.02 2.09 38.87
C SER C 1657 15.20 3.30 39.31
N ALA C 1658 15.46 4.44 38.68
CA ALA C 1658 14.70 5.64 38.98
C ALA C 1658 13.35 5.48 38.30
N GLN C 1659 12.31 5.27 39.08
CA GLN C 1659 11.00 5.06 38.49
C GLN C 1659 10.18 6.34 38.46
N GLN C 1660 8.89 6.24 38.15
CA GLN C 1660 8.03 7.44 38.02
C GLN C 1660 8.24 8.65 38.94
N PRO C 1661 8.19 8.48 40.27
CA PRO C 1661 8.39 9.72 41.05
C PRO C 1661 9.77 10.33 40.88
N SER C 1662 10.83 9.52 40.91
CA SER C 1662 12.19 10.02 40.78
C SER C 1662 12.35 10.70 39.42
N ILE C 1663 11.58 10.25 38.44
CA ILE C 1663 11.63 10.89 37.11
C ILE C 1663 10.75 12.15 37.14
N ILE C 1664 11.39 13.32 37.18
CA ILE C 1664 10.73 14.63 37.32
C ILE C 1664 10.85 15.40 36.00
N PRO C 1665 9.77 15.75 35.29
CA PRO C 1665 9.83 16.60 34.10
C PRO C 1665 10.30 18.02 34.45
N PHE C 1666 10.99 18.69 33.52
CA PHE C 1666 11.48 20.04 33.74
C PHE C 1666 10.32 21.02 33.93
N THR C 1667 10.35 21.77 35.02
CA THR C 1667 9.50 22.97 35.17
C THR C 1667 9.98 24.05 34.21
N ALA C 1668 9.13 25.03 33.89
CA ALA C 1668 9.54 26.21 33.13
C ALA C 1668 10.73 26.94 33.79
N GLN C 1669 10.81 26.92 35.12
CA GLN C 1669 11.93 27.46 35.88
C GLN C 1669 13.21 26.64 35.66
N ALA C 1670 13.15 25.31 35.75
CA ALA C 1670 14.31 24.45 35.46
C ALA C 1670 14.79 24.58 34.00
N TYR C 1671 13.86 24.82 33.06
CA TYR C 1671 14.19 25.08 31.65
C TYR C 1671 14.86 26.45 31.47
N GLU C 1672 14.35 27.49 32.13
CA GLU C 1672 14.99 28.79 32.04
C GLU C 1672 16.36 28.72 32.69
N GLU C 1673 16.52 27.80 33.63
CA GLU C 1673 17.80 27.65 34.31
C GLU C 1673 18.79 26.99 33.38
N LEU C 1674 18.35 26.00 32.62
CA LEU C 1674 19.22 25.35 31.65
C LEU C 1674 19.60 26.39 30.62
N SER C 1675 18.64 27.21 30.23
CA SER C 1675 18.91 28.26 29.26
C SER C 1675 19.96 29.22 29.79
N ARG C 1676 19.87 29.60 31.06
CA ARG C 1676 20.85 30.51 31.64
C ARG C 1676 22.23 29.88 31.71
N GLN C 1677 22.31 28.64 32.18
CA GLN C 1677 23.60 27.97 32.33
C GLN C 1677 24.32 27.81 31.00
N PHE C 1678 23.55 27.58 29.95
CA PHE C 1678 24.14 27.33 28.63
C PHE C 1678 24.09 28.50 27.64
N ASP C 1679 23.53 29.64 28.03
CA ASP C 1679 23.54 30.92 27.30
C ASP C 1679 24.91 31.28 26.68
N PRO C 1680 26.08 30.99 27.31
CA PRO C 1680 27.40 31.20 26.70
C PRO C 1680 27.77 30.26 25.54
N GLN C 1681 27.15 29.08 25.44
CA GLN C 1681 27.38 28.10 24.37
C GLN C 1681 26.23 28.16 23.33
N PRO C 1682 26.41 28.81 22.16
CA PRO C 1682 25.34 28.92 21.17
C PRO C 1682 24.90 27.56 20.62
N LEU C 1683 25.79 26.57 20.54
CA LEU C 1683 25.45 25.20 20.14
C LEU C 1683 24.60 24.47 21.19
N ALA C 1684 24.83 24.73 22.48
CA ALA C 1684 24.03 24.21 23.57
C ALA C 1684 22.62 24.82 23.56
N MET C 1685 22.52 26.14 23.40
CA MET C 1685 21.23 26.83 23.28
C MET C 1685 20.45 26.38 22.04
N GLN C 1686 21.11 26.19 20.90
CA GLN C 1686 20.50 25.59 19.72
C GLN C 1686 19.96 24.18 19.98
N PHE C 1687 20.65 23.37 20.80
CA PHE C 1687 20.15 22.05 21.19
C PHE C 1687 18.99 22.12 22.19
N ILE C 1688 19.11 22.89 23.28
CA ILE C 1688 18.06 23.06 24.30
C ILE C 1688 16.75 23.54 23.65
N SER C 1689 16.84 24.51 22.73
CA SER C 1689 15.67 25.07 22.03
C SER C 1689 14.91 24.07 21.12
N GLN C 1690 15.45 22.87 20.88
CA GLN C 1690 14.75 21.80 20.13
C GLN C 1690 13.79 21.00 21.01
N TYR C 1691 13.91 21.10 22.34
CA TYR C 1691 13.13 20.34 23.32
C TYR C 1691 12.23 21.25 24.15
N SER C 1692 11.03 20.76 24.48
CA SER C 1692 10.08 21.40 25.39
C SER C 1692 10.45 21.05 26.85
N PRO C 1693 9.99 21.82 27.86
CA PRO C 1693 10.16 21.43 29.28
C PRO C 1693 9.58 20.04 29.62
N GLU C 1694 8.56 19.58 28.91
CA GLU C 1694 7.98 18.24 29.07
C GLU C 1694 8.85 17.12 28.49
N ASP C 1695 9.68 17.42 27.48
CA ASP C 1695 10.56 16.46 26.80
C ASP C 1695 11.85 16.20 27.59
N ILE C 1696 12.25 17.18 28.40
CA ILE C 1696 13.42 17.09 29.27
C ILE C 1696 12.97 16.59 30.65
N VAL C 1697 13.48 15.45 31.09
CA VAL C 1697 13.22 14.91 32.44
C VAL C 1697 14.52 14.82 33.24
N THR C 1698 14.46 15.16 34.52
CA THR C 1698 15.51 14.84 35.48
C THR C 1698 15.17 13.51 36.13
N ALA C 1699 15.95 12.47 35.84
CA ALA C 1699 15.95 11.27 36.66
C ALA C 1699 16.80 11.54 37.91
N GLN C 1700 16.16 11.66 39.06
CA GLN C 1700 16.81 11.72 40.37
C GLN C 1700 17.19 10.29 40.78
N ILE C 1701 18.35 9.85 40.32
CA ILE C 1701 18.88 8.53 40.64
C ILE C 1701 19.42 8.55 42.07
N GLU C 1702 18.84 7.75 42.97
CA GLU C 1702 19.36 7.61 44.34
C GLU C 1702 20.79 7.04 44.34
N GLY C 1703 21.68 7.70 45.07
CA GLY C 1703 23.11 7.38 45.13
C GLY C 1703 23.47 6.14 45.93
N SER C 1704 22.56 5.61 46.76
CA SER C 1704 22.74 4.28 47.37
C SER C 1704 22.29 3.19 46.41
N SER C 1705 23.10 2.16 46.20
CA SER C 1705 22.70 1.02 45.35
C SER C 1705 21.41 0.37 45.88
N GLY C 1706 20.39 0.26 45.01
CA GLY C 1706 19.11 -0.40 45.32
C GLY C 1706 19.22 -1.92 45.49
N ALA C 1707 20.39 -2.49 45.20
CA ALA C 1707 20.73 -3.88 45.49
C ALA C 1707 22.00 -3.97 46.36
N LEU C 1708 21.98 -4.91 47.31
CA LEU C 1708 23.18 -5.41 47.98
C LEU C 1708 24.16 -5.97 46.94
N TRP C 1709 25.46 -5.74 47.16
CA TRP C 1709 26.52 -6.21 46.29
C TRP C 1709 26.78 -7.69 46.57
N ARG C 1710 26.19 -8.59 45.76
CA ARG C 1710 26.14 -10.04 46.02
C ARG C 1710 27.44 -10.78 45.67
N ILE C 1711 28.53 -10.06 45.46
CA ILE C 1711 29.76 -10.57 44.86
C ILE C 1711 30.29 -11.78 45.65
N SER C 1712 30.61 -12.86 44.93
CA SER C 1712 31.18 -14.02 45.60
C SER C 1712 32.52 -13.66 46.28
N PRO C 1713 32.83 -14.20 47.48
CA PRO C 1713 34.13 -13.98 48.12
C PRO C 1713 35.36 -14.23 47.22
N PRO C 1714 35.43 -15.28 46.36
CA PRO C 1714 36.53 -15.41 45.41
C PRO C 1714 36.50 -14.35 44.31
N SER C 1715 35.33 -13.94 43.79
CA SER C 1715 35.22 -12.83 42.83
C SER C 1715 35.71 -11.50 43.44
N ARG C 1716 35.36 -11.21 44.70
CA ARG C 1716 35.85 -10.03 45.44
C ARG C 1716 37.36 -10.09 45.68
N ALA C 1717 37.89 -11.25 46.04
CA ALA C 1717 39.33 -11.44 46.18
C ALA C 1717 40.06 -11.29 44.84
N GLN C 1718 39.46 -11.74 43.74
CA GLN C 1718 40.02 -11.56 42.39
C GLN C 1718 39.97 -10.09 41.96
N MET C 1719 38.85 -9.40 42.16
CA MET C 1719 38.71 -7.96 41.91
C MET C 1719 39.73 -7.14 42.73
N LYS C 1720 39.93 -7.48 44.01
CA LYS C 1720 40.96 -6.85 44.84
C LYS C 1720 42.37 -7.10 44.28
N ARG C 1721 42.69 -8.33 43.86
CA ARG C 1721 43.98 -8.65 43.19
C ARG C 1721 44.14 -7.90 41.87
N GLU C 1722 43.08 -7.78 41.07
CA GLU C 1722 43.13 -7.11 39.76
C GLU C 1722 43.27 -5.60 39.92
N LEU C 1723 42.64 -5.00 40.92
CA LEU C 1723 42.82 -3.58 41.24
C LEU C 1723 44.24 -3.27 41.73
N TYR C 1724 44.79 -4.04 42.66
CA TYR C 1724 46.15 -3.82 43.19
C TYR C 1724 47.28 -4.26 42.23
N ASN C 1725 47.18 -5.47 41.67
CA ASN C 1725 48.27 -6.16 40.96
C ASN C 1725 48.00 -6.39 39.47
N GLY C 1726 46.80 -6.07 38.96
CA GLY C 1726 46.46 -6.26 37.56
C GLY C 1726 47.22 -5.29 36.65
N THR C 1727 47.90 -5.84 35.64
CA THR C 1727 48.65 -5.07 34.64
C THR C 1727 47.77 -4.58 33.47
N ALA C 1728 46.65 -5.26 33.22
CA ALA C 1728 45.66 -4.83 32.23
C ALA C 1728 44.76 -3.72 32.78
N ASP C 1729 44.26 -2.84 31.91
CA ASP C 1729 43.26 -1.82 32.26
C ASP C 1729 41.95 -2.47 32.70
N ILE C 1730 41.43 -2.08 33.86
CA ILE C 1730 40.15 -2.57 34.35
C ILE C 1730 39.04 -1.57 33.96
N THR C 1731 38.11 -2.02 33.11
CA THR C 1731 37.10 -1.15 32.49
C THR C 1731 35.97 -0.85 33.46
N LEU C 1732 35.85 0.40 33.90
CA LEU C 1732 34.70 0.86 34.66
C LEU C 1732 33.61 1.30 33.68
N ARG C 1733 32.55 0.49 33.59
CA ARG C 1733 31.42 0.70 32.68
C ARG C 1733 30.22 1.28 33.42
N PHE C 1734 29.85 2.51 33.08
CA PHE C 1734 28.61 3.15 33.51
C PHE C 1734 27.57 2.97 32.40
N THR C 1735 26.44 2.33 32.68
CA THR C 1735 25.37 2.09 31.70
C THR C 1735 24.08 2.75 32.15
N TRP C 1736 23.33 3.28 31.20
CA TRP C 1736 21.97 3.77 31.42
C TRP C 1736 21.03 3.12 30.39
N ASN C 1737 19.81 2.81 30.82
CA ASN C 1737 18.79 2.17 30.01
C ASN C 1737 17.42 2.75 30.40
N PHE C 1738 16.74 3.32 29.41
CA PHE C 1738 15.49 4.05 29.56
C PHE C 1738 14.36 3.18 29.01
N GLN C 1739 13.45 2.72 29.89
CA GLN C 1739 12.22 2.05 29.48
C GLN C 1739 11.16 3.10 29.14
N ARG C 1740 10.50 2.99 27.99
CA ARG C 1740 9.43 3.88 27.52
C ARG C 1740 8.09 3.17 27.42
N ASP C 1741 7.03 3.97 27.42
CA ASP C 1741 5.66 3.47 27.29
C ASP C 1741 5.31 3.22 25.81
N LEU C 1742 5.27 1.95 25.38
CA LEU C 1742 4.84 1.60 24.03
C LEU C 1742 3.40 2.02 23.73
N ALA C 1743 2.55 2.21 24.75
CA ALA C 1743 1.20 2.72 24.49
C ALA C 1743 1.28 4.14 23.94
N LYS C 1744 2.19 4.95 24.50
CA LYS C 1744 2.36 6.34 24.02
C LYS C 1744 2.94 6.43 22.62
N GLY C 1745 3.38 5.31 22.04
CA GLY C 1745 3.92 5.20 20.68
C GLY C 1745 5.45 5.09 20.61
N GLY C 1746 5.96 4.92 19.39
CA GLY C 1746 7.32 4.48 19.12
C GLY C 1746 7.42 2.96 19.00
N THR C 1747 8.51 2.47 18.40
CA THR C 1747 8.75 1.04 18.12
C THR C 1747 9.80 0.40 19.03
N VAL C 1748 10.39 1.18 19.94
CA VAL C 1748 11.53 0.79 20.78
C VAL C 1748 11.20 1.09 22.24
N GLU C 1749 10.97 0.03 23.02
CA GLU C 1749 10.69 0.13 24.46
C GLU C 1749 11.93 0.56 25.26
N TYR C 1750 13.12 0.09 24.87
CA TYR C 1750 14.37 0.32 25.61
C TYR C 1750 15.38 1.11 24.77
N ALA C 1751 15.76 2.30 25.24
CA ALA C 1751 16.90 3.05 24.72
C ALA C 1751 18.05 3.01 25.74
N ASN C 1752 19.21 2.47 25.36
CA ASN C 1752 20.36 2.29 26.24
C ASN C 1752 21.68 2.72 25.60
N GLU C 1753 22.67 3.01 26.44
CA GLU C 1753 24.06 3.21 26.03
C GLU C 1753 25.02 2.98 27.21
N LYS C 1754 26.33 2.98 26.95
CA LYS C 1754 27.40 2.77 27.94
C LYS C 1754 28.56 3.75 27.79
N HIS C 1755 29.00 4.32 28.90
CA HIS C 1755 30.34 4.91 29.03
C HIS C 1755 31.32 3.87 29.60
N MET C 1756 32.60 3.95 29.22
CA MET C 1756 33.64 3.00 29.62
C MET C 1756 34.97 3.69 29.88
N LEU C 1757 35.32 3.90 31.15
CA LEU C 1757 36.63 4.41 31.55
C LEU C 1757 37.63 3.27 31.79
N ALA C 1758 38.79 3.35 31.16
CA ALA C 1758 39.92 2.46 31.43
C ALA C 1758 40.67 2.91 32.70
N LEU C 1759 40.48 2.21 33.82
CA LEU C 1759 41.23 2.50 35.05
C LEU C 1759 42.66 1.94 34.92
N ALA C 1760 43.56 2.77 34.43
CA ALA C 1760 44.96 2.42 34.16
C ALA C 1760 45.66 1.75 35.35
N PRO C 1761 46.56 0.76 35.14
CA PRO C 1761 47.34 0.15 36.20
C PRO C 1761 48.10 1.22 36.98
N ASN C 1762 48.22 1.05 38.30
CA ASN C 1762 48.81 2.02 39.23
C ASN C 1762 48.17 3.42 39.32
N SER C 1763 47.05 3.70 38.63
CA SER C 1763 46.33 4.98 38.78
C SER C 1763 45.79 5.19 40.20
N THR C 1764 45.67 6.46 40.62
CA THR C 1764 45.16 6.86 41.94
C THR C 1764 43.77 6.30 42.20
N ALA C 1765 42.85 6.47 41.25
CA ALA C 1765 41.50 5.91 41.33
C ALA C 1765 41.49 4.38 41.48
N ARG C 1766 42.30 3.67 40.70
CA ARG C 1766 42.39 2.22 40.85
C ARG C 1766 42.82 1.83 42.26
N ARG C 1767 43.92 2.41 42.75
CA ARG C 1767 44.42 2.12 44.10
C ARG C 1767 43.42 2.48 45.21
N GLN C 1768 42.73 3.61 45.09
CA GLN C 1768 41.72 4.04 46.08
C GLN C 1768 40.47 3.14 46.06
N LEU C 1769 40.05 2.66 44.88
CA LEU C 1769 38.98 1.65 44.78
C LEU C 1769 39.46 0.28 45.31
N ALA C 1770 40.77 -0.01 45.24
CA ALA C 1770 41.37 -1.18 45.89
C ALA C 1770 41.39 -1.07 47.43
N SER C 1771 41.67 0.10 48.00
CA SER C 1771 41.67 0.32 49.45
C SER C 1771 40.26 0.32 50.04
N LEU C 1772 39.26 0.82 49.31
CA LEU C 1772 37.84 0.68 49.69
C LEU C 1772 37.45 -0.78 49.95
N LEU C 1773 37.95 -1.73 49.17
CA LEU C 1773 37.67 -3.17 49.36
C LEU C 1773 38.26 -3.76 50.65
N GLU C 1774 39.24 -3.08 51.27
CA GLU C 1774 39.81 -3.49 52.56
C GLU C 1774 38.90 -3.12 53.74
N GLY C 1775 38.04 -2.10 53.56
CA GLY C 1775 37.13 -1.65 54.61
C GLY C 1775 37.82 -1.05 55.83
N THR C 1776 39.06 -0.57 55.66
CA THR C 1776 39.90 0.09 56.67
C THR C 1776 39.90 1.61 56.54
N SER C 1777 39.27 2.16 55.50
CA SER C 1777 39.28 3.58 55.15
C SER C 1777 37.88 4.16 54.93
N ASP C 1778 37.54 5.22 55.67
CA ASP C 1778 36.38 6.08 55.38
C ASP C 1778 36.58 6.97 54.13
N GLN C 1779 37.64 6.69 53.34
CA GLN C 1779 38.02 7.47 52.16
C GLN C 1779 37.20 7.06 50.95
N SER C 1780 36.51 8.02 50.35
CA SER C 1780 35.88 7.85 49.04
C SER C 1780 36.91 7.93 47.90
N VAL C 1781 36.77 7.09 46.88
CA VAL C 1781 37.49 7.28 45.60
C VAL C 1781 36.74 8.27 44.73
N VAL C 1782 37.43 9.24 44.13
CA VAL C 1782 36.84 10.11 43.09
C VAL C 1782 37.31 9.61 41.74
N ILE C 1783 36.35 9.28 40.88
CA ILE C 1783 36.60 8.88 39.49
C ILE C 1783 36.10 10.02 38.60
N PRO C 1784 37.00 10.80 37.98
CA PRO C 1784 36.62 11.89 37.09
C PRO C 1784 35.93 11.34 35.83
N ASN C 1785 35.23 12.20 35.09
CA ASN C 1785 34.80 11.95 33.71
C ASN C 1785 33.84 10.73 33.53
N LEU C 1786 33.06 10.38 34.56
CA LEU C 1786 32.27 9.14 34.58
C LEU C 1786 30.76 9.34 34.32
N PHE C 1787 30.16 10.43 34.81
CA PHE C 1787 28.71 10.64 34.76
C PHE C 1787 28.33 11.69 33.71
N PRO C 1788 27.84 11.31 32.51
CA PRO C 1788 27.23 12.24 31.58
C PRO C 1788 25.93 12.80 32.18
N LYS C 1789 25.93 14.09 32.55
CA LYS C 1789 24.74 14.74 33.12
C LYS C 1789 23.63 14.90 32.07
N TYR C 1790 23.99 15.07 30.79
CA TYR C 1790 23.05 15.44 29.73
C TYR C 1790 23.01 14.33 28.66
N ILE C 1791 21.89 13.61 28.56
CA ILE C 1791 21.75 12.43 27.70
C ILE C 1791 20.54 12.59 26.79
N ARG C 1792 20.68 12.32 25.49
CA ARG C 1792 19.55 12.21 24.58
C ARG C 1792 19.00 10.79 24.60
N ALA C 1793 17.69 10.68 24.73
CA ALA C 1793 16.94 9.45 24.53
C ALA C 1793 16.18 9.57 23.19
N PRO C 1794 16.77 9.14 22.06
CA PRO C 1794 16.11 9.24 20.75
C PRO C 1794 15.09 8.12 20.51
N ASN C 1795 14.28 8.25 19.47
CA ASN C 1795 13.30 7.20 19.17
C ASN C 1795 13.94 5.82 18.99
N GLY C 1796 15.27 5.73 19.05
CA GLY C 1796 15.94 4.45 18.93
C GLY C 1796 16.74 4.06 20.17
N PRO C 1797 17.20 2.80 20.25
CA PRO C 1797 17.95 2.30 21.41
C PRO C 1797 19.40 2.76 21.53
N GLU C 1798 19.73 3.95 21.04
CA GLU C 1798 21.08 4.47 21.19
C GLU C 1798 21.00 5.69 22.07
N ALA C 1799 21.00 5.50 23.39
CA ALA C 1799 20.81 6.63 24.29
C ALA C 1799 22.07 7.53 24.42
N ASN C 1800 22.45 8.23 23.35
CA ASN C 1800 23.71 8.98 23.26
C ASN C 1800 23.80 10.21 24.20
N PRO C 1801 24.95 10.47 24.86
CA PRO C 1801 25.22 11.74 25.57
C PRO C 1801 25.17 12.97 24.65
N VAL C 1802 24.75 14.12 25.18
CA VAL C 1802 24.52 15.33 24.39
C VAL C 1802 25.83 16.08 24.13
N LYS C 1803 26.47 15.79 22.99
CA LYS C 1803 27.69 16.47 22.52
C LYS C 1803 27.58 18.00 22.40
N GLN C 1804 26.37 18.54 22.29
CA GLN C 1804 26.12 20.00 22.25
C GLN C 1804 26.18 20.66 23.64
N LEU C 1805 25.88 19.91 24.71
CA LEU C 1805 25.92 20.35 26.11
C LEU C 1805 27.21 19.90 26.81
N GLN C 1806 27.86 18.88 26.26
CA GLN C 1806 29.11 18.30 26.72
C GLN C 1806 30.11 18.26 25.52
N PRO C 1807 30.52 19.44 24.98
CA PRO C 1807 31.34 19.57 23.77
C PRO C 1807 32.75 18.96 23.86
N ASN C 1808 33.29 18.78 25.07
CA ASN C 1808 34.56 18.09 25.30
C ASN C 1808 34.35 16.58 25.58
N GLU C 1809 33.15 16.07 25.31
CA GLU C 1809 32.69 14.71 25.54
C GLU C 1809 33.05 14.21 26.95
N GLU C 1810 33.99 13.28 27.07
CA GLU C 1810 34.41 12.71 28.36
C GLU C 1810 34.86 13.76 29.38
N ALA C 1811 35.50 14.85 28.94
CA ALA C 1811 36.02 15.87 29.86
C ALA C 1811 34.94 16.78 30.47
N ASP C 1812 33.72 16.77 29.93
CA ASP C 1812 32.56 17.46 30.50
C ASP C 1812 31.66 16.52 31.32
N TYR C 1813 32.03 15.24 31.46
CA TYR C 1813 31.30 14.29 32.31
C TYR C 1813 31.69 14.50 33.78
N LEU C 1814 30.69 14.47 34.66
CA LEU C 1814 30.91 14.77 36.07
C LEU C 1814 31.73 13.65 36.73
N GLY C 1815 32.65 14.07 37.61
CA GLY C 1815 33.34 13.14 38.50
C GLY C 1815 32.38 12.52 39.51
N VAL C 1816 32.52 11.21 39.73
CA VAL C 1816 31.72 10.45 40.68
C VAL C 1816 32.60 10.06 41.85
N ARG C 1817 32.16 10.45 43.05
CA ARG C 1817 32.71 9.99 44.32
C ARG C 1817 32.04 8.66 44.67
N ILE C 1818 32.82 7.59 44.78
CA ILE C 1818 32.35 6.25 45.13
C ILE C 1818 32.79 5.90 46.55
N GLN C 1819 31.89 5.30 47.32
CA GLN C 1819 32.11 4.79 48.67
C GLN C 1819 31.63 3.34 48.75
N LEU C 1820 32.25 2.53 49.62
CA LEU C 1820 31.73 1.21 50.01
C LEU C 1820 31.08 1.33 51.39
N ARG C 1821 29.77 1.10 51.49
CA ARG C 1821 29.08 0.98 52.78
C ARG C 1821 29.10 -0.48 53.21
N ARG C 1822 29.46 -0.72 54.47
CA ARG C 1822 29.63 -2.11 54.93
C ARG C 1822 28.96 -2.37 56.26
N GLU C 1823 27.64 -2.49 56.26
CA GLU C 1823 26.96 -2.85 57.49
C GLU C 1823 27.50 -4.19 57.94
N GLN C 1824 27.94 -4.29 59.18
CA GLN C 1824 28.43 -5.55 59.69
C GLN C 1824 27.49 -6.04 60.77
N GLY C 1825 27.13 -5.16 61.69
CA GLY C 1825 26.30 -5.56 62.81
C GLY C 1825 27.23 -5.85 63.95
N ALA C 1826 28.43 -5.26 63.93
CA ALA C 1826 29.44 -5.47 64.98
C ALA C 1826 29.61 -6.92 65.44
N GLY C 1827 30.00 -7.80 64.52
CA GLY C 1827 30.18 -9.19 64.87
C GLY C 1827 30.34 -10.09 63.67
N ALA C 1828 31.29 -11.02 63.71
CA ALA C 1828 31.55 -11.95 62.59
C ALA C 1828 31.93 -11.29 61.26
N THR C 1829 31.71 -12.02 60.16
CA THR C 1829 32.08 -11.50 58.85
C THR C 1829 30.82 -11.28 58.03
N GLY C 1830 29.66 -11.31 58.68
CA GLY C 1830 28.42 -11.06 57.98
C GLY C 1830 28.47 -9.64 57.47
N PHE C 1831 28.75 -9.48 56.19
CA PHE C 1831 28.93 -8.13 55.68
C PHE C 1831 27.89 -7.69 54.68
N LEU C 1832 26.93 -6.91 55.14
CA LEU C 1832 25.95 -6.36 54.22
C LEU C 1832 26.70 -5.27 53.52
N GLU C 1833 27.16 -5.55 52.32
CA GLU C 1833 27.95 -4.56 51.57
C GLU C 1833 27.17 -4.03 50.37
N TRP C 1834 27.25 -2.72 50.16
CA TRP C 1834 26.68 -2.05 49.00
C TRP C 1834 27.49 -0.80 48.68
N TRP C 1835 27.48 -0.37 47.42
CA TRP C 1835 28.19 0.83 47.01
C TRP C 1835 27.26 2.04 47.06
N VAL C 1836 27.84 3.18 47.42
CA VAL C 1836 27.22 4.50 47.32
C VAL C 1836 28.02 5.30 46.31
N ILE C 1837 27.31 6.01 45.44
CA ILE C 1837 27.86 6.97 44.50
C ILE C 1837 27.28 8.35 44.80
N GLU C 1838 28.12 9.37 44.72
CA GLU C 1838 27.78 10.79 44.89
C GLU C 1838 28.44 11.56 43.74
N LEU C 1839 27.92 12.73 43.36
CA LEU C 1839 28.65 13.62 42.44
C LEU C 1839 29.77 14.35 43.18
N GLN C 1840 30.94 14.48 42.55
CA GLN C 1840 32.12 15.14 43.12
C GLN C 1840 31.82 16.56 43.64
N GLU C 1841 30.94 17.28 42.97
CA GLU C 1841 30.53 18.66 43.27
C GLU C 1841 29.14 18.76 43.94
N CYS C 1842 28.62 17.69 44.55
CA CYS C 1842 27.34 17.76 45.24
C CYS C 1842 27.37 18.81 46.39
N ARG C 1843 26.31 19.63 46.49
CA ARG C 1843 26.17 20.70 47.49
C ARG C 1843 24.86 20.57 48.28
N THR C 1844 23.78 20.33 47.55
CA THR C 1844 22.47 19.90 48.04
C THR C 1844 22.21 18.50 47.51
N ASP C 1845 21.45 17.71 48.27
CA ASP C 1845 20.99 16.37 47.87
C ASP C 1845 22.09 15.45 47.33
N CYS C 1846 23.23 15.33 48.04
CA CYS C 1846 24.33 14.42 47.67
C CYS C 1846 23.91 12.95 47.49
N ASN C 1847 22.76 12.55 48.07
CA ASN C 1847 22.13 11.24 47.87
C ASN C 1847 21.42 11.10 46.51
N LEU C 1848 21.39 12.12 45.66
CA LEU C 1848 20.74 12.12 44.35
C LEU C 1848 21.72 12.49 43.24
N LEU C 1849 21.67 11.76 42.12
CA LEU C 1849 22.44 12.03 40.91
C LEU C 1849 21.46 12.49 39.82
N PRO C 1850 21.26 13.81 39.62
CA PRO C 1850 20.33 14.32 38.61
C PRO C 1850 20.88 14.09 37.20
N MET C 1851 20.34 13.07 36.52
CA MET C 1851 20.56 12.80 35.10
C MET C 1851 19.49 13.52 34.28
N VAL C 1852 19.89 14.44 33.41
CA VAL C 1852 19.01 15.24 32.56
C VAL C 1852 18.88 14.54 31.20
N ILE C 1853 17.67 14.03 30.93
CA ILE C 1853 17.36 13.20 29.77
C ILE C 1853 16.46 13.97 28.82
N PHE C 1854 16.92 14.17 27.59
CA PHE C 1854 16.18 14.80 26.49
C PHE C 1854 15.50 13.70 25.68
N SER C 1855 14.21 13.44 25.91
CA SER C 1855 13.46 12.41 25.19
C SER C 1855 12.91 12.97 23.88
N ASP C 1856 13.24 12.33 22.76
CA ASP C 1856 12.62 12.65 21.48
C ASP C 1856 11.11 12.31 21.49
N LYS C 1857 10.29 13.10 20.79
CA LYS C 1857 8.85 12.83 20.64
C LYS C 1857 8.61 11.69 19.66
N VAL C 1858 7.71 10.77 20.00
CA VAL C 1858 7.38 9.69 19.08
C VAL C 1858 6.24 10.10 18.15
N SER C 1859 6.03 9.38 17.05
CA SER C 1859 5.00 9.80 16.10
C SER C 1859 4.14 8.68 15.53
N PRO C 1860 2.85 8.67 15.87
CA PRO C 1860 1.94 7.66 15.31
C PRO C 1860 0.82 8.26 14.42
N PRO C 1861 1.02 8.26 13.09
CA PRO C 1861 0.00 8.80 12.17
C PRO C 1861 -1.16 7.84 11.94
N SER C 1862 -2.31 8.37 11.51
CA SER C 1862 -3.48 7.55 11.26
C SER C 1862 -3.69 7.34 9.76
N LEU C 1863 -3.46 8.39 8.99
CA LEU C 1863 -3.61 8.29 7.54
C LEU C 1863 -2.26 8.30 6.86
N GLY C 1864 -1.30 7.57 7.40
CA GLY C 1864 0.04 7.58 6.85
C GLY C 1864 0.25 6.76 5.60
N PHE C 1865 -0.83 6.34 4.96
CA PHE C 1865 -0.71 5.58 3.71
C PHE C 1865 -0.39 6.54 2.59
N LEU C 1866 -0.72 7.81 2.76
CA LEU C 1866 -0.40 8.81 1.75
C LEU C 1866 0.96 9.44 2.01
N ALA C 1867 2.00 8.63 2.10
CA ALA C 1867 3.34 9.13 2.37
C ALA C 1867 4.33 8.55 1.38
N GLY C 1868 5.46 9.23 1.20
CA GLY C 1868 6.49 8.74 0.30
C GLY C 1868 6.56 9.47 -1.01
N TYR C 1869 7.69 9.37 -1.70
CA TYR C 1869 7.82 10.01 -3.01
C TYR C 1869 7.12 9.16 -4.05
N GLY C 1870 6.74 7.94 -3.68
CA GLY C 1870 5.99 7.10 -4.59
C GLY C 1870 4.59 7.69 -4.67
N ILE C 1871 4.12 8.28 -3.58
CA ILE C 1871 2.81 8.91 -3.59
C ILE C 1871 2.83 10.19 -4.42
N MET C 1872 3.98 10.86 -4.49
CA MET C 1872 4.08 12.04 -5.32
C MET C 1872 4.01 11.61 -6.77
N GLY C 1873 4.74 10.57 -7.12
CA GLY C 1873 4.71 10.07 -8.48
C GLY C 1873 3.34 9.57 -8.86
N LEU C 1874 2.63 8.97 -7.92
CA LEU C 1874 1.30 8.47 -8.19
C LEU C 1874 0.40 9.62 -8.56
N TYR C 1875 0.44 10.70 -7.80
CA TYR C 1875 -0.39 11.86 -8.11
C TYR C 1875 -0.18 12.31 -9.55
N VAL C 1876 1.07 12.50 -9.95
CA VAL C 1876 1.35 12.96 -11.29
C VAL C 1876 0.69 12.04 -12.30
N SER C 1877 0.91 10.75 -12.17
CA SER C 1877 0.30 9.80 -13.08
C SER C 1877 -1.22 9.91 -13.16
N ILE C 1878 -1.89 10.10 -12.02
CA ILE C 1878 -3.33 10.28 -12.05
C ILE C 1878 -3.71 11.46 -12.94
N VAL C 1879 -3.09 12.61 -12.72
CA VAL C 1879 -3.37 13.78 -13.54
C VAL C 1879 -3.27 13.45 -15.03
N LEU C 1880 -2.18 12.84 -15.45
CA LEU C 1880 -2.02 12.48 -16.85
C LEU C 1880 -3.19 11.68 -17.38
N VAL C 1881 -3.57 10.61 -16.70
CA VAL C 1881 -4.69 9.80 -17.15
C VAL C 1881 -5.98 10.60 -17.27
N ILE C 1882 -6.36 11.32 -16.22
CA ILE C 1882 -7.56 12.14 -16.28
C ILE C 1882 -7.45 13.14 -17.41
N GLY C 1883 -6.27 13.70 -17.63
CA GLY C 1883 -6.07 14.63 -18.72
C GLY C 1883 -6.44 14.08 -20.07
N LYS C 1884 -6.02 12.86 -20.36
CA LYS C 1884 -6.36 12.23 -21.63
C LYS C 1884 -7.84 11.93 -21.73
N PHE C 1885 -8.49 11.64 -20.60
CA PHE C 1885 -9.92 11.41 -20.61
C PHE C 1885 -10.67 12.68 -20.98
N VAL C 1886 -10.28 13.81 -20.41
CA VAL C 1886 -10.93 15.08 -20.72
C VAL C 1886 -10.68 15.45 -22.17
N ARG C 1887 -9.48 15.19 -22.65
CA ARG C 1887 -9.19 15.49 -24.04
C ARG C 1887 -10.20 14.79 -24.93
N GLY C 1888 -10.57 13.56 -24.59
CA GLY C 1888 -11.58 12.87 -25.36
C GLY C 1888 -12.76 13.70 -25.77
N PHE C 1889 -13.30 14.48 -24.84
CA PHE C 1889 -14.49 15.27 -25.15
C PHE C 1889 -14.19 16.47 -26.01
N PHE C 1890 -12.96 16.97 -25.99
CA PHE C 1890 -12.64 18.18 -26.73
C PHE C 1890 -11.83 17.93 -27.98
N SER C 1891 -11.47 16.69 -28.28
CA SER C 1891 -10.59 16.45 -29.42
C SER C 1891 -11.30 16.18 -30.70
N GLU C 1892 -11.58 14.93 -31.01
CA GLU C 1892 -12.19 14.62 -32.28
C GLU C 1892 -13.68 14.63 -32.20
N ILE C 1893 -14.27 15.82 -32.16
CA ILE C 1893 -15.70 15.95 -32.09
C ILE C 1893 -16.15 16.41 -33.43
N SER C 1894 -15.23 16.47 -34.38
CA SER C 1894 -15.56 16.93 -35.70
C SER C 1894 -15.72 15.73 -36.58
N HIS C 1895 -15.42 14.57 -36.08
CA HIS C 1895 -15.48 13.36 -36.88
C HIS C 1895 -16.86 12.78 -36.83
N SER C 1896 -17.65 13.15 -35.85
CA SER C 1896 -19.00 12.67 -35.72
C SER C 1896 -19.93 13.84 -35.82
N ILE C 1897 -19.97 14.49 -36.97
CA ILE C 1897 -20.83 15.64 -37.16
C ILE C 1897 -21.81 15.11 -38.16
N MET C 1898 -21.45 14.07 -38.85
CA MET C 1898 -22.31 13.54 -39.87
C MET C 1898 -23.39 12.75 -39.25
N PHE C 1899 -23.16 12.26 -38.04
CA PHE C 1899 -24.11 11.38 -37.39
C PHE C 1899 -24.72 12.01 -36.16
N GLU C 1900 -24.50 13.29 -35.95
CA GLU C 1900 -24.98 13.94 -34.76
C GLU C 1900 -25.55 15.32 -34.96
N GLU C 1901 -25.58 15.80 -36.19
CA GLU C 1901 -26.11 17.12 -36.46
C GLU C 1901 -27.23 17.03 -37.44
N LEU C 1902 -28.02 15.98 -37.34
CA LEU C 1902 -29.10 15.78 -38.29
C LEU C 1902 -30.27 16.72 -38.07
N PRO C 1903 -30.69 17.45 -39.12
CA PRO C 1903 -31.78 18.40 -39.01
C PRO C 1903 -33.15 17.88 -38.56
N CYS C 1904 -33.73 16.90 -39.22
CA CYS C 1904 -35.02 16.31 -38.84
C CYS C 1904 -34.94 14.81 -38.69
N VAL C 1905 -34.88 14.31 -37.47
CA VAL C 1905 -34.72 12.89 -37.24
C VAL C 1905 -36.01 12.16 -37.07
N ASP C 1906 -36.96 12.36 -37.97
CA ASP C 1906 -38.27 11.75 -37.79
C ASP C 1906 -38.49 10.57 -38.67
N ARG C 1907 -37.92 10.59 -39.85
CA ARG C 1907 -38.12 9.50 -40.77
C ARG C 1907 -37.29 8.31 -40.33
N ILE C 1908 -36.21 8.55 -39.61
CA ILE C 1908 -35.40 7.46 -39.09
C ILE C 1908 -36.06 6.85 -37.87
N LEU C 1909 -36.83 7.64 -37.14
CA LEU C 1909 -37.54 7.12 -35.97
C LEU C 1909 -38.66 6.22 -36.40
N LYS C 1910 -39.21 6.44 -37.57
CA LYS C 1910 -40.22 5.53 -38.05
C LYS C 1910 -39.64 4.19 -38.45
N LEU C 1911 -38.47 4.17 -39.09
CA LEU C 1911 -37.84 2.89 -39.42
C LEU C 1911 -37.45 2.15 -38.17
N CYS C 1912 -37.00 2.84 -37.14
CA CYS C 1912 -36.53 2.13 -35.98
C CYS C 1912 -37.70 1.57 -35.21
N GLN C 1913 -38.83 2.25 -35.24
CA GLN C 1913 -40.01 1.75 -34.56
C GLN C 1913 -40.78 0.71 -35.36
N ASP C 1914 -40.49 0.56 -36.64
CA ASP C 1914 -41.13 -0.46 -37.44
C ASP C 1914 -40.36 -1.75 -37.37
N ILE C 1915 -39.10 -1.69 -37.00
CA ILE C 1915 -38.34 -2.91 -36.82
C ILE C 1915 -38.93 -3.49 -35.56
N PHE C 1916 -39.28 -2.67 -34.59
CA PHE C 1916 -39.80 -3.19 -33.33
C PHE C 1916 -41.19 -3.79 -33.46
N LEU C 1917 -42.09 -3.16 -34.21
CA LEU C 1917 -43.41 -3.75 -34.43
C LEU C 1917 -43.33 -5.11 -35.08
N VAL C 1918 -42.43 -5.28 -36.02
CA VAL C 1918 -42.32 -6.54 -36.71
C VAL C 1918 -41.83 -7.62 -35.75
N ARG C 1919 -40.93 -7.27 -34.84
CA ARG C 1919 -40.46 -8.24 -33.85
C ARG C 1919 -41.58 -8.71 -32.94
N GLU C 1920 -42.56 -7.85 -32.68
CA GLU C 1920 -43.70 -8.20 -31.83
C GLU C 1920 -44.60 -9.20 -32.48
N THR C 1921 -45.06 -8.91 -33.68
CA THR C 1921 -45.98 -9.79 -34.39
C THR C 1921 -45.28 -10.93 -35.08
N ARG C 1922 -44.02 -11.15 -34.77
CA ARG C 1922 -43.23 -12.21 -35.38
C ARG C 1922 -43.40 -12.39 -36.86
N GLU C 1923 -43.05 -11.36 -37.64
CA GLU C 1923 -43.08 -11.49 -39.09
C GLU C 1923 -41.64 -11.31 -39.43
N LEU C 1924 -40.77 -12.18 -38.94
CA LEU C 1924 -39.34 -12.00 -39.10
C LEU C 1924 -38.70 -11.83 -40.47
N GLU C 1925 -39.44 -11.99 -41.56
CA GLU C 1925 -38.86 -11.73 -42.87
C GLU C 1925 -38.72 -10.24 -43.11
N LEU C 1926 -39.59 -9.45 -42.51
CA LEU C 1926 -39.52 -8.02 -42.69
C LEU C 1926 -38.57 -7.40 -41.71
N GLU C 1927 -38.09 -8.13 -40.73
CA GLU C 1927 -37.09 -7.57 -39.85
C GLU C 1927 -35.81 -7.50 -40.65
N GLU C 1928 -35.54 -8.50 -41.47
CA GLU C 1928 -34.35 -8.47 -42.31
C GLU C 1928 -34.40 -7.40 -43.35
N GLU C 1929 -35.55 -7.18 -43.99
CA GLU C 1929 -35.57 -6.20 -45.05
C GLU C 1929 -35.55 -4.78 -44.53
N LEU C 1930 -36.01 -4.56 -43.31
CA LEU C 1930 -35.95 -3.22 -42.74
C LEU C 1930 -34.62 -2.97 -42.07
N TYR C 1931 -33.84 -4.01 -41.80
CA TYR C 1931 -32.51 -3.80 -41.27
C TYR C 1931 -31.64 -3.37 -42.42
N ALA C 1932 -31.93 -3.86 -43.62
CA ALA C 1932 -31.17 -3.44 -44.76
C ALA C 1932 -31.34 -1.98 -45.12
N LYS C 1933 -32.49 -1.40 -44.84
CA LYS C 1933 -32.63 0.00 -45.11
C LYS C 1933 -31.85 0.82 -44.10
N LEU C 1934 -31.86 0.43 -42.84
CA LEU C 1934 -31.19 1.21 -41.82
C LEU C 1934 -29.69 1.15 -42.01
N ILE C 1935 -29.18 0.02 -42.45
CA ILE C 1935 -27.75 -0.12 -42.67
C ILE C 1935 -27.30 0.59 -43.96
N PHE C 1936 -28.17 0.87 -44.90
CA PHE C 1936 -27.72 1.56 -46.08
C PHE C 1936 -28.02 3.00 -46.01
N LEU C 1937 -28.34 3.52 -44.83
CA LEU C 1937 -28.55 4.94 -44.69
C LEU C 1937 -27.31 5.33 -44.00
N TYR C 1938 -26.81 4.47 -43.14
CA TYR C 1938 -25.63 4.79 -42.38
C TYR C 1938 -24.38 4.41 -43.12
N ARG C 1939 -24.50 4.00 -44.38
CA ARG C 1939 -23.36 3.62 -45.20
C ARG C 1939 -23.26 4.53 -46.38
N SER C 1940 -24.10 5.53 -46.46
CA SER C 1940 -24.04 6.49 -47.54
C SER C 1940 -24.33 7.82 -46.96
N PRO C 1941 -23.31 8.59 -46.64
CA PRO C 1941 -23.49 9.89 -46.02
C PRO C 1941 -24.42 10.85 -46.74
N GLU C 1942 -24.60 10.73 -48.05
CA GLU C 1942 -25.47 11.61 -48.82
C GLU C 1942 -26.92 11.22 -48.93
N THR C 1943 -27.29 10.02 -48.52
CA THR C 1943 -28.69 9.63 -48.51
C THR C 1943 -29.20 9.90 -47.13
N MET C 1944 -28.34 10.36 -46.24
CA MET C 1944 -28.82 10.75 -44.95
C MET C 1944 -29.07 12.22 -45.03
N ILE C 1945 -28.45 12.94 -45.97
CA ILE C 1945 -28.80 14.35 -46.12
C ILE C 1945 -30.01 14.53 -46.98
N LYS C 1946 -30.62 13.45 -47.43
CA LYS C 1946 -31.87 13.55 -48.16
C LYS C 1946 -32.98 13.11 -47.24
N TRP C 1947 -32.75 12.06 -46.47
CA TRP C 1947 -33.74 11.54 -45.57
C TRP C 1947 -33.92 12.43 -44.37
N THR C 1948 -32.86 13.07 -43.91
CA THR C 1948 -32.96 13.97 -42.77
C THR C 1948 -32.96 15.42 -43.16
N ARG C 1949 -33.87 15.85 -44.01
CA ARG C 1949 -33.96 17.26 -44.31
C ARG C 1949 -35.28 17.77 -43.83
N GLU C 1950 -35.35 19.05 -43.48
CA GLU C 1950 -36.56 19.62 -42.93
C GLU C 1950 -37.57 19.81 -44.03
N LYS C 1951 -38.62 19.01 -44.01
CA LYS C 1951 -39.61 19.08 -45.06
C LYS C 1951 -40.61 20.18 -44.78
N GLU C 1952 -40.30 21.38 -45.21
CA GLU C 1952 -41.18 22.51 -44.99
C GLU C 1952 -41.73 23.02 -46.32
N L9Q D . 0.90 11.97 -28.05
P L9Q D . 3.76 13.31 -31.97
C1 L9Q D . 4.99 15.54 -32.69
C2 L9Q D . 5.36 15.93 -34.12
O2 L9Q D . 6.68 15.47 -34.44
C3 L9Q D . 4.28 15.43 -35.08
O3 L9Q D . 4.01 16.45 -36.04
C4 L9Q D . 2.07 12.37 -30.19
C5 L9Q D . 1.56 13.00 -28.90
C11 L9Q D . 4.43 16.26 -37.42
O11 L9Q D . 4.02 15.29 -38.03
C12 L9Q D . 5.36 17.26 -38.08
C13 L9Q D . 6.33 16.52 -38.98
C14 L9Q D . 7.55 16.04 -38.21
C15 L9Q D . 7.70 14.53 -38.32
C16 L9Q D . 7.31 14.06 -39.70
C17 L9Q D . 7.28 12.54 -39.81
C18 L9Q D . 6.16 12.07 -40.72
C19 L9Q D . 5.13 13.17 -40.96
O1P L9Q D . 4.93 13.26 -31.01
C20 L9Q D . 3.70 12.66 -40.87
C21 L9Q D . 3.41 11.96 -39.54
C22 L9Q D . 3.14 12.96 -38.42
C23 L9Q D . 3.92 12.62 -37.17
C24 L9Q D . 4.28 11.14 -37.12
C25 L9Q D . 5.61 10.91 -36.42
C26 L9Q D . 5.45 9.94 -35.25
C27 L9Q D . 4.29 8.98 -35.47
C28 L9Q D . 4.05 8.11 -34.27
O2P L9Q D . 3.58 12.24 -33.02
C31 L9Q D . 6.86 14.17 -35.10
O31 L9Q D . 6.98 14.12 -36.32
C32 L9Q D . 6.96 12.89 -34.30
C33 L9Q D . 8.40 12.38 -34.35
C34 L9Q D . 9.35 13.31 -33.61
C35 L9Q D . 10.68 13.46 -34.36
C36 L9Q D . 10.63 14.62 -35.35
C37 L9Q D . 11.49 14.33 -36.58
C38 L9Q D . 10.76 13.47 -37.59
C39 L9Q D . 9.48 14.14 -38.08
O3P L9Q D . 3.81 14.74 -32.73
C40 L9Q D . 9.76 15.07 -39.25
C41 L9Q D . 10.24 14.30 -40.46
C42 L9Q D . 11.03 15.21 -41.41
C43 L9Q D . 11.96 16.12 -40.62
C44 L9Q D . 13.42 15.85 -40.99
C45 L9Q D . 13.58 15.74 -42.50
C46 L9Q D . 15.01 15.36 -42.86
C47 L9Q D . 16.01 16.01 -41.91
C48 L9Q D . 17.43 15.56 -42.21
O4P L9Q D . 2.40 13.40 -31.11
N L9Q E . -20.48 12.04 -19.15
P L9Q E . -23.83 15.71 -19.97
C1 L9Q E . -26.42 15.98 -19.53
C2 L9Q E . -27.36 16.91 -20.30
O2 L9Q E . -27.44 18.19 -19.65
C3 L9Q E . -26.93 16.98 -21.76
O3 L9Q E . -28.09 16.92 -22.59
C4 L9Q E . -21.90 13.93 -19.88
C5 L9Q E . -21.88 12.53 -19.25
C11 L9Q E . -28.51 18.10 -23.32
O11 L9Q E . -27.73 18.62 -24.10
C12 L9Q E . -29.89 18.68 -23.11
C13 L9Q E . -29.82 20.19 -23.14
C14 L9Q E . -29.47 20.76 -21.78
C15 L9Q E . -28.20 21.60 -21.84
C16 L9Q E . -28.14 22.37 -23.14
C17 L9Q E . -26.81 23.08 -23.32
C18 L9Q E . -26.37 23.07 -24.78
C19 L9Q E . -27.15 22.04 -25.59
O1P L9Q E . -23.79 15.94 -18.48
C20 L9Q E . -26.24 21.25 -26.53
C21 L9Q E . -25.09 20.58 -25.80
C22 L9Q E . -25.53 19.28 -25.11
C23 L9Q E . -25.02 19.22 -23.68
C24 L9Q E . -23.77 20.08 -23.49
C25 L9Q E . -23.72 20.65 -22.08
C26 L9Q E . -22.41 20.28 -21.39
C27 L9Q E . -21.29 20.05 -22.41
C28 L9Q E . -20.03 19.56 -21.73
O2P L9Q E . -23.18 16.68 -20.91
C31 L9Q E . -26.55 19.27 -20.08
O31 L9Q E . -26.95 20.09 -20.89
C32 L9Q E . -25.16 19.44 -19.51
C33 L9Q E . -25.14 20.65 -18.59
C34 L9Q E . -26.00 20.44 -17.35
C35 L9Q E . -26.76 21.71 -16.98
C36 L9Q E . -28.12 21.76 -17.67
C37 L9Q E . -28.53 23.19 -17.99
C38 L9Q E . -27.89 23.68 -19.27
C39 L9Q E . -28.28 22.83 -20.47
O3P L9Q E . -25.38 15.56 -20.41
C40 L9Q E . -29.60 23.29 -21.08
C41 L9Q E . -29.45 24.69 -21.67
C42 L9Q E . -30.81 25.37 -21.78
C43 L9Q E . -31.64 25.13 -20.51
C44 L9Q E . -31.93 26.45 -19.80
C45 L9Q E . -32.40 27.51 -20.79
C46 L9Q E . -32.59 28.85 -20.11
C47 L9Q E . -33.14 28.66 -18.69
C48 L9Q E . -33.24 29.99 -17.97
O4P L9Q E . -23.24 14.24 -20.27
N L9Q F . -11.37 -7.65 -27.26
P L9Q F . -13.98 -11.03 -29.94
C1 L9Q F . -13.33 -13.14 -31.38
C2 L9Q F . -14.15 -13.73 -32.52
O2 L9Q F . -15.06 -14.73 -32.03
C3 L9Q F . -14.83 -12.59 -33.29
O3 L9Q F . -14.72 -12.86 -34.69
C4 L9Q F . -12.91 -8.99 -28.66
C5 L9Q F . -11.46 -8.75 -28.26
C11 L9Q F . -15.91 -13.23 -35.44
O11 L9Q F . -16.86 -12.47 -35.45
C12 L9Q F . -15.95 -14.53 -36.20
C13 L9Q F . -17.35 -15.14 -36.09
C14 L9Q F . -17.49 -15.97 -34.83
C15 L9Q F . -18.63 -15.44 -33.95
C16 L9Q F . -19.78 -14.97 -34.82
C17 L9Q F . -20.86 -14.28 -34.00
C18 L9Q F . -21.48 -13.11 -34.76
C19 L9Q F . -20.60 -12.70 -35.94
O1P L9Q F . -13.70 -11.99 -28.82
C20 L9Q F . -20.48 -11.18 -36.05
C21 L9Q F . -19.95 -10.55 -34.77
C22 L9Q F . -18.44 -10.68 -34.65
C23 L9Q F . -18.03 -11.15 -33.26
C24 L9Q F . -19.11 -10.82 -32.22
C25 L9Q F . -19.16 -11.87 -31.12
C26 L9Q F . -18.96 -11.23 -29.75
C27 L9Q F . -19.42 -9.79 -29.74
C28 L9Q F . -19.12 -9.13 -28.42
O2P L9Q F . -15.36 -10.45 -30.13
C31 L9Q F . -16.43 -14.35 -31.68
O31 L9Q F . -17.33 -14.50 -32.50
C32 L9Q F . -16.78 -13.84 -30.30
C33 L9Q F . -17.56 -14.91 -29.55
C34 L9Q F . -16.70 -16.13 -29.25
C35 L9Q F . -17.50 -17.41 -29.43
C36 L9Q F . -17.39 -17.94 -30.85
C37 L9Q F . -18.66 -18.66 -31.29
C38 L9Q F . -19.73 -17.68 -31.76
C39 L9Q F . -19.24 -16.85 -32.95
O3P L9Q F . -13.55 -11.74 -31.33
C40 L9Q F . -19.49 -17.58 -34.26
C41 L9Q F . -20.98 -17.75 -34.52
C42 L9Q F . -21.24 -18.89 -35.48
C43 L9Q F . -20.35 -20.09 -35.14
C44 L9Q F . -21.21 -21.29 -34.75
C45 L9Q F . -22.37 -21.49 -35.73
C46 L9Q F . -23.28 -22.62 -35.29
C47 L9Q F . -22.47 -23.75 -34.65
C48 L9Q F . -23.39 -24.83 -34.11
O4P L9Q F . -12.94 -9.81 -29.83
#